data_7W0A
#
_entry.id   7W0A
#
_cell.length_a   1.00
_cell.length_b   1.00
_cell.length_c   1.00
_cell.angle_alpha   90.00
_cell.angle_beta   90.00
_cell.angle_gamma   90.00
#
_symmetry.space_group_name_H-M   'P 1'
#
loop_
_entity.id
_entity.type
_entity.pdbx_description
1 polymer 'Dicer-2, isoform A'
2 polymer 'Loquacious, isoform D'
3 polymer 'RNA (30-MER)'
4 polymer 'RNA (32-MER)'
#
loop_
_entity_poly.entity_id
_entity_poly.type
_entity_poly.pdbx_seq_one_letter_code
_entity_poly.pdbx_strand_id
1 'polypeptide(L)'
;MEDVEIKPRGYQLRLVDHLTKSNGIVYLPTGSGKTFVAILVLKRFSQDFDKPIESGGKRALFMCNTVELARQQAMAVRRC
TNFKVGFYVGEQGVDDWTRGMWSDEIKKNQVLVGTAQVFLDMVTQTYVALSSLSVVIIDECHHGTGHHPFREFMRLFTIA
NQTKLPRVVGLTGVLIKGNEITNVATKLKELEITYRGNIITVSDTKEMENVMLYATKPTEVMVSFPHQEQVLTVTRLISA
EIEKFYVSLDLMNIGVQPIRRSKSLQCLRDPSKKSFVKQLFNDFLYQMKEYGIYAASIAIISLIVEFDIKRRQAETLSVK
LMHRTALTLCEKIRHLLVQKLQDMTYDDDDDNVNTEEVIMNFSTPKVQRFLMSLKVSFADKDPKDICCLVFVERRYTCKC
IYGLLLNYIQSTPELRNVLTPQFMVGRNNISPDFESVLERKWQKSAIQQFRDGNANLMICSSVLEEGIDVQACNHVFILD
PVKTFNMYVQSKGRARTTEAKFVLFTADKEREKTIQQIYQYRKAHNDIAEYLKDRVLEKTEPELYEIKGHFQDDIDPFTN
ENGAVLLPNNALAILHRYCQTIPTDAFGFVIPWFHVLQEDERDRIFGVSAKGKHVISINMPVNCMLRDTIYSDPMDNVKT
AKISAAFKACKVLYSLGELNERFVPKTLKERVASIADVHFEHWNKYGDSVTATVNKADKSKDRTYKTECPLEFYDALPRV
GEICYAYEIFLEPQFESCEYTEHMYLNLQTPRNYAILLRNKLPRLAEMPLFSNQGKLHVRVANAPLEVIIQNSEQLELLH
QFHGMVFRDILKIWHPFFVLDRRSKENSYLVVPLILGAGEQKCFDWELMTNFRRLPQSHGSNVQQREQQPAPRPEDFEGK
IVTQWYANYDKPMLVTKVHRELTPLSYMEKNQQDKTYYEFTMSKYGNRIGDVVHKDKFMIEVRDLTEQLTFYVHNRGKFN
AKSKAKMKVILIPELCFNFNFPGDLWLKLIFLPSILNRMYFLLHAEALRKRFNTYLNLHLLPFNGTDYMPRPLEIDYSLK
RNVDPLGNVIPTEDIEEPKSLLEPMPTKSIEASVANLEITEFENPWQKYMEPVDLSRNLLSTYPVELDYYYHFSVGNVCE
MNEMDFEDKEYWAKNQFHMPTGNIYGNRTPAKTNANVPALMPSKPTVRGKVKPLLILQKTVSKEHITPAEQGEFLAAITA
SSAADVFDMERLEILGNSFLKLSATLYLASKYSDWNEGTLTEVKSKLVSNRNLLFCLIDADIPKTLNTIQFTPRYTWLPP
GISLPHNVLALWRENPEFAKIIGPHNLRDLALGDEESLVKGNCSDINYNRFVEGCRANGQSFYAGADFSSEVNFCVGLVT
IPNKVIADTLEALLGVIVKNYGLQHAFKMLEYFKICRADIDKPLTQLLNLELGGKKMRANVNTTEIDGFLINHYYLEKNL
GYTFKDRRYLLQALTHPSYPTNRITGSYQELEFIGNAILDFLISAYIFENNTKMNPGALTDLRSALVNNTTLACICVRHR
LHFFILAENAKLSEIISKFVNFQESQGHRVTNYVRILLEEADVQPTPLDLDDELDMTELPHANKCISQEAEKGVPPKGEF
NMSTNVDVPKALGDVLEALIAAVYLDCRDLQRTWEVIFNLFEPELQEFTRKVPINHIRQLVEHKHAKPVFSSPIVEGETV
MVSCQFTCMEKTIKVYGFGSNKDQAKLSAAKHALQQLSKCDA
;
A,E
2 'polypeptide(L)'
;MDQENFHGSSLPQQLQNLHIQPQQASPNPVQTGFAPRRHYNNLVGLGNGNAVSGSPVKGAPLGQRHVKLKKEKISAQVAQ
LSQPGQLQLSDVGDPALAGGSGLQGGVGLMGVILPSDEALKFVSETDANGLAMKTPVSILQELLSRRGITPGYELVQIEG
AIHEPTFRFRVSFKDKDTPFTAMGAGRSKKEAKHAAARALIDKLIGAQLPESPSSSAGPSVTGLTVAGSGGDGNANATGG
GDASDKTVGNPIGWLQEMCMQRRWPPPSYETETEVGLPHERLFTIACSILNYREMGKGKSKKIAKRLAAHRMWMRLQETP
IDSGKISDSICGELEGEVSIIQDIDRYEQVSKDFEFIKI
;
B,F
3 'polyribonucleotide' AGAGACUUGGGCAAUGUGACUGCUGAUCAGC C,G
4 'polyribonucleotide' GCUGAUCAGCAGUCACAUUGCCCAAGUCUCUU D,H
#
# COMPACT_ATOMS: atom_id res chain seq x y z
N GLU A 2 -20.68 -38.85 -24.75
CA GLU A 2 -20.35 -37.52 -25.24
C GLU A 2 -20.74 -36.44 -24.24
N ASP A 3 -20.07 -36.44 -23.08
CA ASP A 3 -20.32 -35.44 -22.07
C ASP A 3 -19.07 -35.26 -21.22
N VAL A 4 -18.97 -34.10 -20.57
CA VAL A 4 -17.81 -33.77 -19.75
C VAL A 4 -17.98 -34.29 -18.33
N GLU A 5 -19.08 -33.94 -17.68
CA GLU A 5 -19.33 -34.35 -16.31
C GLU A 5 -19.35 -35.88 -16.20
N ILE A 6 -18.75 -36.38 -15.15
CA ILE A 6 -18.69 -37.83 -14.91
C ILE A 6 -19.95 -38.25 -14.16
N LYS A 7 -20.52 -39.36 -14.59
CA LYS A 7 -21.66 -39.91 -13.90
C LYS A 7 -21.23 -41.05 -13.00
N PRO A 8 -21.84 -41.22 -11.84
CA PRO A 8 -21.55 -42.40 -11.02
C PRO A 8 -21.89 -43.68 -11.77
N ARG A 9 -21.07 -44.70 -11.56
CA ARG A 9 -21.30 -45.99 -12.20
C ARG A 9 -22.19 -46.86 -11.30
N GLY A 10 -22.52 -48.05 -11.79
CA GLY A 10 -23.39 -48.93 -11.03
C GLY A 10 -22.75 -49.40 -9.74
N TYR A 11 -21.47 -49.78 -9.79
CA TYR A 11 -20.81 -50.27 -8.59
C TYR A 11 -20.65 -49.16 -7.55
N GLN A 12 -20.37 -47.94 -7.99
CA GLN A 12 -20.27 -46.83 -7.05
C GLN A 12 -21.60 -46.58 -6.36
N LEU A 13 -22.71 -46.63 -7.10
CA LEU A 13 -24.02 -46.44 -6.50
C LEU A 13 -24.35 -47.57 -5.54
N ARG A 14 -23.99 -48.81 -5.89
CA ARG A 14 -24.22 -49.93 -4.98
C ARG A 14 -23.42 -49.76 -3.69
N LEU A 15 -22.17 -49.33 -3.81
CA LEU A 15 -21.34 -49.08 -2.63
C LEU A 15 -21.96 -48.00 -1.76
N VAL A 16 -22.43 -46.91 -2.38
CA VAL A 16 -23.04 -45.84 -1.61
C VAL A 16 -24.31 -46.32 -0.90
N ASP A 17 -25.13 -47.12 -1.59
CA ASP A 17 -26.35 -47.64 -1.00
C ASP A 17 -26.04 -48.55 0.18
N HIS A 18 -25.01 -49.38 0.06
CA HIS A 18 -24.64 -50.24 1.18
C HIS A 18 -24.08 -49.42 2.34
N LEU A 19 -23.29 -48.39 2.04
CA LEU A 19 -22.66 -47.62 3.10
C LEU A 19 -23.66 -46.77 3.86
N THR A 20 -24.66 -46.21 3.17
CA THR A 20 -25.59 -45.30 3.86
C THR A 20 -26.44 -46.02 4.89
N LYS A 21 -26.64 -47.33 4.74
CA LYS A 21 -27.42 -48.08 5.71
C LYS A 21 -26.54 -48.72 6.78
N SER A 22 -25.36 -49.21 6.41
CA SER A 22 -24.44 -49.83 7.35
C SER A 22 -23.03 -49.37 7.05
N ASN A 23 -22.32 -48.93 8.07
CA ASN A 23 -20.95 -48.46 7.90
C ASN A 23 -20.03 -49.62 7.52
N GLY A 24 -18.97 -49.31 6.79
CA GLY A 24 -18.07 -50.36 6.35
C GLY A 24 -16.82 -49.78 5.73
N ILE A 25 -16.03 -50.69 5.13
CA ILE A 25 -14.77 -50.36 4.49
C ILE A 25 -14.87 -50.73 3.02
N VAL A 26 -14.52 -49.80 2.15
CA VAL A 26 -14.49 -50.04 0.71
C VAL A 26 -13.06 -50.32 0.30
N TYR A 27 -12.84 -51.46 -0.36
CA TYR A 27 -11.52 -51.90 -0.79
C TYR A 27 -11.52 -51.92 -2.31
N LEU A 28 -11.07 -50.82 -2.92
CA LEU A 28 -10.99 -50.68 -4.37
C LEU A 28 -9.56 -50.32 -4.75
N PRO A 29 -9.16 -50.62 -5.99
CA PRO A 29 -7.83 -50.21 -6.43
C PRO A 29 -7.70 -48.69 -6.43
N THR A 30 -6.49 -48.21 -6.18
CA THR A 30 -6.24 -46.78 -6.14
C THR A 30 -6.59 -46.14 -7.47
N GLY A 31 -7.32 -45.03 -7.41
CA GLY A 31 -7.71 -44.32 -8.60
C GLY A 31 -8.90 -43.42 -8.33
N SER A 32 -9.56 -43.00 -9.41
CA SER A 32 -10.67 -42.06 -9.29
C SER A 32 -11.91 -42.69 -8.67
N GLY A 33 -12.07 -44.01 -8.78
CA GLY A 33 -13.23 -44.64 -8.18
C GLY A 33 -13.23 -44.53 -6.67
N LYS A 34 -12.07 -44.74 -6.04
CA LYS A 34 -11.99 -44.76 -4.59
C LYS A 34 -12.21 -43.39 -3.98
N THR A 35 -11.90 -42.31 -4.70
CA THR A 35 -12.21 -40.98 -4.20
C THR A 35 -13.61 -40.51 -4.59
N PHE A 36 -14.10 -40.95 -5.75
CA PHE A 36 -15.46 -40.57 -6.14
C PHE A 36 -16.49 -41.21 -5.22
N VAL A 37 -16.24 -42.45 -4.80
CA VAL A 37 -17.17 -43.07 -3.87
C VAL A 37 -17.16 -42.34 -2.54
N ALA A 38 -16.00 -41.85 -2.11
CA ALA A 38 -15.93 -41.05 -0.88
C ALA A 38 -16.71 -39.75 -1.03
N ILE A 39 -16.58 -39.08 -2.17
CA ILE A 39 -17.32 -37.84 -2.39
C ILE A 39 -18.82 -38.10 -2.40
N LEU A 40 -19.25 -39.18 -3.05
CA LEU A 40 -20.67 -39.53 -3.08
C LEU A 40 -21.18 -39.84 -1.68
N VAL A 41 -20.41 -40.58 -0.88
CA VAL A 41 -20.82 -40.86 0.50
C VAL A 41 -20.94 -39.57 1.29
N LEU A 42 -20.00 -38.66 1.11
CA LEU A 42 -20.08 -37.37 1.79
C LEU A 42 -21.34 -36.63 1.38
N LYS A 43 -21.66 -36.65 0.09
CA LYS A 43 -22.87 -35.98 -0.39
C LYS A 43 -24.13 -36.62 0.17
N ARG A 44 -24.10 -37.93 0.40
CA ARG A 44 -25.29 -38.63 0.89
C ARG A 44 -25.70 -38.16 2.28
N PHE A 45 -24.73 -37.91 3.15
CA PHE A 45 -24.98 -37.53 4.54
C PHE A 45 -24.94 -36.02 4.75
N SER A 46 -25.36 -35.24 3.76
CA SER A 46 -25.27 -33.78 3.83
C SER A 46 -26.61 -33.13 4.18
N GLN A 47 -27.48 -33.85 4.88
CA GLN A 47 -28.82 -33.33 5.15
C GLN A 47 -28.81 -32.25 6.24
N ASP A 48 -27.97 -32.41 7.26
CA ASP A 48 -27.95 -31.49 8.39
C ASP A 48 -26.73 -30.57 8.36
N PHE A 49 -26.16 -30.34 7.18
CA PHE A 49 -24.95 -29.51 7.10
C PHE A 49 -25.25 -28.07 7.48
N ASP A 50 -26.34 -27.50 6.96
CA ASP A 50 -26.57 -26.07 7.09
C ASP A 50 -27.02 -25.68 8.50
N LYS A 51 -27.85 -26.51 9.14
CA LYS A 51 -28.36 -26.16 10.46
C LYS A 51 -27.22 -26.16 11.48
N PRO A 52 -27.14 -25.13 12.33
CA PRO A 52 -26.06 -25.08 13.31
C PRO A 52 -26.19 -26.18 14.34
N ILE A 53 -25.07 -26.44 15.03
CA ILE A 53 -24.99 -27.56 15.96
C ILE A 53 -25.98 -27.39 17.10
N GLU A 54 -26.08 -26.16 17.63
CA GLU A 54 -27.01 -25.92 18.73
C GLU A 54 -28.46 -26.13 18.33
N SER A 55 -28.75 -26.19 17.03
CA SER A 55 -30.08 -26.45 16.51
C SER A 55 -30.23 -27.88 15.99
N GLY A 56 -29.39 -28.79 16.46
CA GLY A 56 -29.43 -30.16 16.00
C GLY A 56 -28.67 -30.43 14.71
N GLY A 57 -27.80 -29.53 14.28
CA GLY A 57 -27.06 -29.72 13.06
C GLY A 57 -25.98 -30.79 13.20
N LYS A 58 -25.34 -31.07 12.08
CA LYS A 58 -24.27 -32.07 12.01
C LYS A 58 -23.23 -31.62 11.00
N ARG A 59 -22.07 -32.28 11.04
CA ARG A 59 -20.96 -31.99 10.17
C ARG A 59 -20.40 -33.29 9.61
N ALA A 60 -19.40 -33.17 8.75
CA ALA A 60 -18.73 -34.32 8.16
C ALA A 60 -17.23 -34.20 8.40
N LEU A 61 -16.57 -35.35 8.44
CA LEU A 61 -15.16 -35.40 8.83
C LEU A 61 -14.41 -36.26 7.83
N PHE A 62 -13.41 -35.67 7.16
CA PHE A 62 -12.55 -36.37 6.21
C PHE A 62 -11.16 -36.44 6.82
N MET A 63 -10.84 -37.57 7.44
CA MET A 63 -9.65 -37.69 8.27
C MET A 63 -8.57 -38.46 7.50
N CYS A 64 -7.45 -37.81 7.27
CA CYS A 64 -6.41 -38.34 6.40
C CYS A 64 -5.17 -38.72 7.20
N ASN A 65 -4.28 -39.46 6.53
CA ASN A 65 -3.12 -40.02 7.22
C ASN A 65 -1.98 -39.00 7.33
N THR A 66 -1.64 -38.36 6.22
CA THR A 66 -0.57 -37.36 6.20
C THR A 66 -1.13 -36.00 5.81
N VAL A 67 -0.31 -34.97 5.99
CA VAL A 67 -0.77 -33.60 5.79
C VAL A 67 -1.00 -33.31 4.31
N GLU A 68 -0.10 -33.78 3.44
CA GLU A 68 -0.24 -33.48 2.01
C GLU A 68 -1.44 -34.21 1.41
N LEU A 69 -1.69 -35.44 1.86
CA LEU A 69 -2.90 -36.13 1.44
C LEU A 69 -4.14 -35.41 1.93
N ALA A 70 -4.09 -34.85 3.14
CA ALA A 70 -5.23 -34.08 3.64
C ALA A 70 -5.45 -32.83 2.80
N ARG A 71 -4.37 -32.16 2.39
CA ARG A 71 -4.49 -31.00 1.52
C ARG A 71 -5.11 -31.39 0.19
N GLN A 72 -4.65 -32.49 -0.41
CA GLN A 72 -5.20 -32.94 -1.67
C GLN A 72 -6.68 -33.28 -1.54
N GLN A 73 -7.06 -33.97 -0.47
CA GLN A 73 -8.46 -34.35 -0.31
C GLN A 73 -9.34 -33.14 -0.05
N ALA A 74 -8.83 -32.17 0.72
CA ALA A 74 -9.59 -30.94 0.92
C ALA A 74 -9.80 -30.21 -0.39
N MET A 75 -8.74 -30.11 -1.21
CA MET A 75 -8.89 -29.46 -2.50
C MET A 75 -9.86 -30.20 -3.41
N ALA A 76 -9.81 -31.54 -3.40
CA ALA A 76 -10.72 -32.30 -4.24
C ALA A 76 -12.17 -32.12 -3.81
N VAL A 77 -12.44 -32.18 -2.51
CA VAL A 77 -13.81 -32.00 -2.02
C VAL A 77 -14.28 -30.59 -2.29
N ARG A 78 -13.37 -29.61 -2.21
CA ARG A 78 -13.73 -28.23 -2.49
C ARG A 78 -14.07 -28.02 -3.96
N ARG A 79 -13.29 -28.60 -4.86
CA ARG A 79 -13.47 -28.36 -6.29
C ARG A 79 -14.48 -29.30 -6.93
N CYS A 80 -14.92 -30.35 -6.24
CA CYS A 80 -15.88 -31.30 -6.79
C CYS A 80 -17.26 -31.18 -6.21
N THR A 81 -17.44 -30.45 -5.11
CA THR A 81 -18.72 -30.31 -4.45
C THR A 81 -19.04 -28.85 -4.22
N ASN A 82 -20.29 -28.58 -3.90
CA ASN A 82 -20.74 -27.22 -3.61
C ASN A 82 -20.58 -26.83 -2.15
N PHE A 83 -20.03 -27.71 -1.32
CA PHE A 83 -19.80 -27.39 0.08
C PHE A 83 -18.57 -26.51 0.23
N LYS A 84 -18.29 -26.11 1.47
CA LYS A 84 -17.08 -25.40 1.82
C LYS A 84 -16.34 -26.20 2.88
N VAL A 85 -15.04 -26.38 2.68
CA VAL A 85 -14.25 -27.32 3.47
C VAL A 85 -13.11 -26.58 4.13
N GLY A 86 -12.78 -26.99 5.36
CA GLY A 86 -11.65 -26.42 6.08
C GLY A 86 -10.49 -27.40 6.17
N PHE A 87 -9.29 -26.85 6.29
CA PHE A 87 -8.05 -27.63 6.33
C PHE A 87 -7.41 -27.44 7.69
N TYR A 88 -7.29 -28.52 8.46
CA TYR A 88 -6.86 -28.45 9.85
C TYR A 88 -5.68 -29.39 10.08
N VAL A 89 -4.48 -28.84 10.11
CA VAL A 89 -3.27 -29.60 10.38
C VAL A 89 -2.40 -28.82 11.35
N GLY A 90 -1.31 -29.44 11.79
CA GLY A 90 -0.49 -28.84 12.82
C GLY A 90 0.25 -27.59 12.39
N GLU A 91 0.45 -27.42 11.07
CA GLU A 91 1.14 -26.24 10.58
C GLU A 91 0.36 -24.97 10.86
N GLN A 92 -0.96 -25.09 11.03
CA GLN A 92 -1.83 -23.95 11.28
C GLN A 92 -1.66 -23.36 12.68
N GLY A 93 -0.91 -24.01 13.56
CA GLY A 93 -0.89 -23.61 14.95
C GLY A 93 -2.21 -23.89 15.64
N VAL A 94 -2.83 -25.03 15.35
CA VAL A 94 -4.12 -25.39 15.92
C VAL A 94 -4.04 -25.58 17.43
N ASP A 95 -2.84 -25.81 17.97
CA ASP A 95 -2.72 -26.16 19.39
C ASP A 95 -3.24 -25.04 20.29
N ASP A 96 -2.95 -23.79 19.94
CA ASP A 96 -3.36 -22.66 20.77
C ASP A 96 -4.70 -22.07 20.33
N TRP A 97 -5.58 -22.88 19.75
CA TRP A 97 -6.90 -22.41 19.39
C TRP A 97 -7.83 -22.50 20.60
N THR A 98 -8.49 -21.40 20.93
CA THR A 98 -9.40 -21.38 22.06
C THR A 98 -10.74 -22.01 21.68
N ARG A 99 -11.65 -22.05 22.65
CA ARG A 99 -12.97 -22.64 22.44
C ARG A 99 -13.73 -21.91 21.35
N GLY A 100 -13.69 -20.58 21.38
CA GLY A 100 -14.43 -19.80 20.40
C GLY A 100 -13.91 -19.95 19.00
N MET A 101 -12.59 -19.99 18.83
CA MET A 101 -11.99 -20.14 17.52
C MET A 101 -12.26 -21.50 16.91
N TRP A 102 -12.62 -22.50 17.71
CA TRP A 102 -13.13 -23.75 17.17
C TRP A 102 -14.62 -23.70 16.91
N SER A 103 -15.39 -23.09 17.81
CA SER A 103 -16.83 -23.00 17.61
C SER A 103 -17.19 -22.27 16.33
N ASP A 104 -16.60 -21.09 16.11
CA ASP A 104 -16.89 -20.38 14.87
C ASP A 104 -16.29 -21.11 13.67
N GLU A 105 -15.26 -21.92 13.91
CA GLU A 105 -14.64 -22.65 12.80
C GLU A 105 -15.57 -23.73 12.26
N ILE A 106 -16.14 -24.55 13.14
CA ILE A 106 -17.18 -25.49 12.71
C ILE A 106 -18.40 -24.74 12.19
N LYS A 107 -18.71 -23.59 12.78
CA LYS A 107 -19.87 -22.83 12.33
C LYS A 107 -19.73 -22.42 10.85
N LYS A 108 -18.51 -22.17 10.41
CA LYS A 108 -18.29 -21.75 9.03
C LYS A 108 -18.32 -22.93 8.07
N ASN A 109 -17.49 -23.93 8.31
CA ASN A 109 -17.21 -24.99 7.34
C ASN A 109 -18.12 -26.19 7.60
N GLN A 110 -18.73 -26.71 6.53
CA GLN A 110 -19.56 -27.91 6.66
C GLN A 110 -18.71 -29.19 6.75
N VAL A 111 -17.60 -29.25 6.02
CA VAL A 111 -16.75 -30.44 5.98
C VAL A 111 -15.37 -30.07 6.48
N LEU A 112 -14.83 -30.89 7.39
CA LEU A 112 -13.53 -30.63 8.00
C LEU A 112 -12.54 -31.70 7.55
N VAL A 113 -11.44 -31.27 6.95
CA VAL A 113 -10.40 -32.17 6.45
C VAL A 113 -9.10 -31.86 7.15
N GLY A 114 -8.45 -32.90 7.66
CA GLY A 114 -7.17 -32.71 8.32
C GLY A 114 -6.63 -34.04 8.80
N THR A 115 -5.43 -33.97 9.38
CA THR A 115 -4.76 -35.17 9.85
C THR A 115 -5.48 -35.75 11.05
N ALA A 116 -5.19 -37.03 11.32
CA ALA A 116 -5.91 -37.75 12.36
C ALA A 116 -5.67 -37.17 13.74
N GLN A 117 -4.44 -36.74 14.01
CA GLN A 117 -4.11 -36.24 15.34
C GLN A 117 -4.88 -34.96 15.66
N VAL A 118 -5.04 -34.08 14.67
CA VAL A 118 -5.75 -32.83 14.90
C VAL A 118 -7.18 -33.10 15.34
N PHE A 119 -7.87 -34.00 14.64
CA PHE A 119 -9.24 -34.34 15.01
C PHE A 119 -9.32 -35.13 16.31
N LEU A 120 -8.33 -35.98 16.58
CA LEU A 120 -8.29 -36.69 17.85
C LEU A 120 -8.19 -35.72 19.02
N ASP A 121 -7.28 -34.75 18.90
CA ASP A 121 -7.16 -33.73 19.93
C ASP A 121 -8.42 -32.87 20.01
N MET A 122 -9.04 -32.59 18.87
CA MET A 122 -10.27 -31.79 18.85
C MET A 122 -11.39 -32.48 19.60
N VAL A 123 -11.56 -33.79 19.38
CA VAL A 123 -12.65 -34.50 20.03
C VAL A 123 -12.35 -34.76 21.51
N THR A 124 -11.14 -35.19 21.83
CA THR A 124 -10.82 -35.51 23.21
C THR A 124 -10.87 -34.28 24.11
N GLN A 125 -10.75 -33.08 23.55
CA GLN A 125 -10.86 -31.85 24.32
C GLN A 125 -12.27 -31.26 24.26
N THR A 126 -13.24 -32.03 23.78
CA THR A 126 -14.66 -31.66 23.77
C THR A 126 -14.94 -30.43 22.92
N TYR A 127 -14.11 -30.14 21.91
CA TYR A 127 -14.43 -29.06 21.00
C TYR A 127 -15.58 -29.45 20.08
N VAL A 128 -15.70 -30.74 19.76
CA VAL A 128 -16.89 -31.31 19.15
C VAL A 128 -17.20 -32.62 19.86
N ALA A 129 -18.43 -33.09 19.66
CA ALA A 129 -18.84 -34.39 20.17
C ALA A 129 -19.15 -35.30 19.00
N LEU A 130 -19.05 -36.61 19.22
CA LEU A 130 -19.34 -37.55 18.15
C LEU A 130 -20.79 -37.47 17.69
N SER A 131 -21.69 -36.96 18.54
CA SER A 131 -23.06 -36.71 18.12
C SER A 131 -23.17 -35.51 17.19
N SER A 132 -22.11 -34.71 17.04
CA SER A 132 -22.13 -33.54 16.20
C SER A 132 -21.68 -33.81 14.78
N LEU A 133 -21.26 -35.04 14.48
CA LEU A 133 -20.74 -35.41 13.17
C LEU A 133 -21.67 -36.44 12.53
N SER A 134 -22.10 -36.15 11.30
CA SER A 134 -22.97 -37.09 10.60
C SER A 134 -22.20 -38.27 10.05
N VAL A 135 -20.98 -38.04 9.55
CA VAL A 135 -20.20 -39.08 8.89
C VAL A 135 -18.72 -38.81 9.07
N VAL A 136 -17.95 -39.88 9.23
CA VAL A 136 -16.49 -39.81 9.34
C VAL A 136 -15.91 -40.66 8.22
N ILE A 137 -14.98 -40.08 7.46
CA ILE A 137 -14.32 -40.77 6.35
C ILE A 137 -12.85 -40.93 6.67
N ILE A 138 -12.37 -42.17 6.65
CA ILE A 138 -10.98 -42.49 6.92
C ILE A 138 -10.38 -43.08 5.65
N ASP A 139 -9.44 -42.36 5.05
CA ASP A 139 -8.78 -42.82 3.84
C ASP A 139 -7.40 -43.37 4.19
N GLU A 140 -7.00 -44.43 3.48
CA GLU A 140 -5.86 -45.26 3.84
C GLU A 140 -6.07 -45.82 5.26
N CYS A 141 -7.17 -46.54 5.41
CA CYS A 141 -7.59 -47.06 6.71
C CYS A 141 -6.76 -48.24 7.16
N HIS A 142 -5.93 -48.82 6.30
CA HIS A 142 -5.05 -49.91 6.70
C HIS A 142 -3.96 -49.48 7.66
N HIS A 143 -3.74 -48.17 7.81
CA HIS A 143 -2.77 -47.67 8.77
C HIS A 143 -3.26 -47.77 10.21
N GLY A 144 -4.55 -48.03 10.42
CA GLY A 144 -5.12 -48.06 11.75
C GLY A 144 -4.90 -49.35 12.50
N THR A 145 -3.66 -49.55 12.97
CA THR A 145 -3.33 -50.70 13.80
C THR A 145 -2.44 -50.25 14.95
N GLY A 146 -2.48 -51.00 16.04
CA GLY A 146 -1.70 -50.64 17.20
C GLY A 146 -2.15 -49.31 17.77
N HIS A 147 -1.20 -48.41 17.98
CA HIS A 147 -1.47 -47.12 18.59
C HIS A 147 -1.45 -45.99 17.55
N HIS A 148 -1.67 -46.32 16.29
CA HIS A 148 -1.82 -45.30 15.27
C HIS A 148 -3.05 -44.45 15.59
N PRO A 149 -3.00 -43.15 15.31
CA PRO A 149 -4.12 -42.28 15.69
C PRO A 149 -5.46 -42.68 15.10
N PHE A 150 -5.48 -43.43 14.01
CA PHE A 150 -6.74 -43.96 13.49
C PHE A 150 -7.40 -44.87 14.52
N ARG A 151 -6.64 -45.81 15.08
CA ARG A 151 -7.20 -46.70 16.09
C ARG A 151 -7.53 -45.96 17.37
N GLU A 152 -6.73 -44.96 17.75
CA GLU A 152 -7.06 -44.17 18.93
C GLU A 152 -8.38 -43.44 18.74
N PHE A 153 -8.59 -42.85 17.57
CA PHE A 153 -9.87 -42.21 17.28
C PHE A 153 -11.00 -43.20 17.34
N MET A 154 -10.81 -44.38 16.75
CA MET A 154 -11.86 -45.41 16.80
C MET A 154 -12.14 -45.83 18.24
N ARG A 155 -11.14 -45.76 19.11
CA ARG A 155 -11.35 -46.09 20.51
C ARG A 155 -12.35 -45.15 21.18
N LEU A 156 -12.45 -43.91 20.69
CA LEU A 156 -13.40 -42.96 21.27
C LEU A 156 -14.84 -43.37 21.02
N PHE A 157 -15.08 -44.30 20.10
CA PHE A 157 -16.43 -44.78 19.87
C PHE A 157 -16.92 -45.73 20.96
N THR A 158 -16.00 -46.35 21.70
CA THR A 158 -16.39 -47.28 22.75
C THR A 158 -16.80 -46.60 24.04
N ILE A 159 -16.65 -45.28 24.12
CA ILE A 159 -16.93 -44.54 25.35
C ILE A 159 -18.17 -43.66 25.21
N ALA A 160 -18.31 -42.98 24.07
CA ALA A 160 -19.36 -42.00 23.88
C ALA A 160 -20.73 -42.69 23.80
N ASN A 161 -21.76 -41.89 23.59
CA ASN A 161 -23.10 -42.42 23.44
C ASN A 161 -23.19 -43.32 22.23
N GLN A 162 -23.79 -44.49 22.40
CA GLN A 162 -23.86 -45.48 21.32
C GLN A 162 -24.96 -45.19 20.31
N THR A 163 -25.99 -44.43 20.70
CA THR A 163 -27.09 -44.13 19.81
C THR A 163 -26.86 -42.87 18.99
N LYS A 164 -25.73 -42.18 19.19
CA LYS A 164 -25.40 -40.97 18.47
C LYS A 164 -24.13 -41.12 17.64
N LEU A 165 -23.74 -42.35 17.34
CA LEU A 165 -22.49 -42.58 16.64
C LEU A 165 -22.64 -42.20 15.16
N PRO A 166 -21.61 -41.63 14.55
CA PRO A 166 -21.65 -41.31 13.13
C PRO A 166 -21.41 -42.56 12.28
N ARG A 167 -21.43 -42.35 10.96
CA ARG A 167 -20.99 -43.37 10.03
C ARG A 167 -19.48 -43.29 9.83
N VAL A 168 -18.84 -44.46 9.86
CA VAL A 168 -17.41 -44.57 9.58
C VAL A 168 -17.26 -45.25 8.22
N VAL A 169 -16.53 -44.59 7.32
CA VAL A 169 -16.27 -45.11 5.99
C VAL A 169 -14.76 -45.19 5.82
N GLY A 170 -14.26 -46.37 5.45
CA GLY A 170 -12.84 -46.60 5.34
C GLY A 170 -12.44 -46.83 3.89
N LEU A 171 -11.56 -45.98 3.39
CA LEU A 171 -11.02 -46.10 2.03
C LEU A 171 -9.64 -46.74 2.12
N THR A 172 -9.38 -47.70 1.24
CA THR A 172 -8.07 -48.33 1.20
C THR A 172 -7.86 -48.99 -0.15
N GLY A 173 -6.62 -49.03 -0.59
CA GLY A 173 -6.26 -49.73 -1.81
C GLY A 173 -5.58 -51.03 -1.51
N VAL A 174 -5.05 -51.13 -0.29
CA VAL A 174 -4.46 -52.36 0.23
C VAL A 174 -4.91 -52.51 1.68
N LEU A 175 -5.26 -53.74 2.06
CA LEU A 175 -5.80 -53.97 3.39
C LEU A 175 -4.75 -54.32 4.42
N ILE A 176 -3.70 -55.01 4.03
CA ILE A 176 -2.64 -55.40 4.95
C ILE A 176 -1.55 -54.34 4.93
N LYS A 177 -0.81 -54.24 6.03
CA LYS A 177 0.26 -53.26 6.16
C LYS A 177 1.64 -53.90 6.05
N GLY A 178 1.92 -54.93 6.83
CA GLY A 178 3.21 -55.56 6.88
C GLY A 178 3.27 -56.83 6.04
N ASN A 179 4.08 -57.77 6.51
CA ASN A 179 4.28 -59.05 5.81
C ASN A 179 3.43 -60.16 6.38
N GLU A 180 2.46 -59.85 7.23
CA GLU A 180 1.59 -60.87 7.83
C GLU A 180 0.56 -61.35 6.80
N ILE A 181 1.08 -61.90 5.70
CA ILE A 181 0.24 -62.30 4.58
C ILE A 181 -0.38 -63.67 4.78
N THR A 182 0.17 -64.51 5.66
CA THR A 182 -0.46 -65.78 5.97
C THR A 182 -1.64 -65.55 6.90
N ASN A 183 -2.65 -66.42 6.78
CA ASN A 183 -3.88 -66.32 7.56
C ASN A 183 -4.53 -64.95 7.36
N VAL A 184 -4.94 -64.72 6.10
CA VAL A 184 -5.53 -63.43 5.72
C VAL A 184 -6.80 -63.16 6.51
N ALA A 185 -7.59 -64.20 6.77
CA ALA A 185 -8.89 -64.01 7.39
C ALA A 185 -8.78 -63.38 8.77
N THR A 186 -7.79 -63.80 9.57
CA THR A 186 -7.63 -63.24 10.90
C THR A 186 -7.32 -61.75 10.84
N LYS A 187 -6.39 -61.36 9.98
CA LYS A 187 -6.03 -59.96 9.84
C LYS A 187 -7.21 -59.13 9.34
N LEU A 188 -7.95 -59.64 8.36
CA LEU A 188 -9.10 -58.91 7.85
C LEU A 188 -10.17 -58.76 8.92
N LYS A 189 -10.43 -59.81 9.69
CA LYS A 189 -11.41 -59.71 10.77
C LYS A 189 -10.97 -58.72 11.83
N GLU A 190 -9.67 -58.70 12.16
CA GLU A 190 -9.16 -57.71 13.10
C GLU A 190 -9.37 -56.30 12.59
N LEU A 191 -9.11 -56.07 11.30
CA LEU A 191 -9.32 -54.73 10.74
C LEU A 191 -10.80 -54.36 10.74
N GLU A 192 -11.68 -55.31 10.43
CA GLU A 192 -13.10 -55.03 10.45
C GLU A 192 -13.62 -54.79 11.86
N ILE A 193 -12.94 -55.32 12.88
CA ILE A 193 -13.32 -55.04 14.26
C ILE A 193 -12.74 -53.71 14.73
N THR A 194 -11.57 -53.30 14.22
CA THR A 194 -11.02 -51.99 14.59
C THR A 194 -11.98 -50.88 14.19
N TYR A 195 -12.50 -50.93 12.98
CA TYR A 195 -13.64 -50.11 12.61
C TYR A 195 -14.91 -50.86 12.97
N ARG A 196 -16.05 -50.33 12.53
CA ARG A 196 -17.34 -50.88 12.94
C ARG A 196 -18.13 -51.44 11.78
N GLY A 197 -17.46 -52.02 10.79
CA GLY A 197 -18.14 -52.55 9.63
C GLY A 197 -17.34 -53.65 8.98
N ASN A 198 -17.94 -54.27 7.97
CA ASN A 198 -17.29 -55.30 7.19
C ASN A 198 -16.87 -54.75 5.83
N ILE A 199 -15.93 -55.45 5.21
CA ILE A 199 -15.34 -55.01 3.96
C ILE A 199 -16.29 -55.28 2.80
N ILE A 200 -16.41 -54.32 1.90
CA ILE A 200 -17.18 -54.48 0.67
C ILE A 200 -16.29 -54.16 -0.52
N THR A 201 -16.45 -54.93 -1.59
CA THR A 201 -15.70 -54.70 -2.82
C THR A 201 -16.49 -55.26 -3.99
N VAL A 202 -16.11 -54.83 -5.19
CA VAL A 202 -16.82 -55.26 -6.39
C VAL A 202 -16.58 -56.75 -6.63
N SER A 203 -17.61 -57.44 -7.10
CA SER A 203 -17.51 -58.86 -7.43
C SER A 203 -18.14 -59.23 -8.76
N ASP A 204 -19.08 -58.45 -9.28
CA ASP A 204 -19.67 -58.74 -10.58
C ASP A 204 -18.68 -58.51 -11.70
N THR A 205 -18.81 -59.31 -12.77
CA THR A 205 -17.95 -59.13 -13.93
C THR A 205 -18.16 -57.76 -14.57
N LYS A 206 -19.41 -57.31 -14.65
CA LYS A 206 -19.66 -55.96 -15.13
C LYS A 206 -19.03 -54.92 -14.20
N GLU A 207 -19.17 -55.12 -12.89
CA GLU A 207 -18.57 -54.19 -11.94
C GLU A 207 -17.06 -54.18 -12.05
N MET A 208 -16.43 -55.36 -12.16
CA MET A 208 -14.99 -55.41 -12.28
C MET A 208 -14.51 -54.77 -13.57
N GLU A 209 -15.21 -55.00 -14.69
CA GLU A 209 -14.78 -54.39 -15.94
C GLU A 209 -14.96 -52.88 -15.88
N ASN A 210 -16.03 -52.39 -15.23
CA ASN A 210 -16.17 -50.95 -15.04
C ASN A 210 -15.06 -50.38 -14.17
N VAL A 211 -14.63 -51.13 -13.15
CA VAL A 211 -13.51 -50.68 -12.33
C VAL A 211 -12.24 -50.61 -13.16
N MET A 212 -12.04 -51.57 -14.07
CA MET A 212 -10.81 -51.61 -14.83
C MET A 212 -10.68 -50.47 -15.84
N LEU A 213 -11.67 -49.60 -15.97
CA LEU A 213 -11.51 -48.40 -16.77
C LEU A 213 -10.67 -47.33 -16.08
N TYR A 214 -10.40 -47.46 -14.79
CA TYR A 214 -9.48 -46.57 -14.10
C TYR A 214 -8.28 -47.27 -13.48
N ALA A 215 -8.40 -48.55 -13.14
CA ALA A 215 -7.26 -49.32 -12.67
C ALA A 215 -6.64 -50.11 -13.82
N THR A 216 -5.35 -50.41 -13.70
CA THR A 216 -4.65 -51.13 -14.74
C THR A 216 -3.66 -52.09 -14.10
N LYS A 217 -3.56 -53.29 -14.67
CA LYS A 217 -2.61 -54.29 -14.22
C LYS A 217 -1.35 -54.18 -15.07
N PRO A 218 -0.29 -53.51 -14.59
CA PRO A 218 0.91 -53.36 -15.41
C PRO A 218 1.60 -54.69 -15.61
N THR A 219 2.26 -54.82 -16.75
CA THR A 219 3.09 -56.00 -16.98
C THR A 219 4.36 -55.88 -16.16
N GLU A 220 4.71 -56.94 -15.44
CA GLU A 220 5.82 -56.91 -14.51
C GLU A 220 6.90 -57.87 -14.96
N VAL A 221 8.14 -57.36 -15.00
CA VAL A 221 9.29 -58.10 -15.50
C VAL A 221 10.42 -57.98 -14.51
N MET A 222 11.42 -58.85 -14.68
CA MET A 222 12.60 -58.89 -13.82
C MET A 222 13.85 -58.76 -14.66
N VAL A 223 14.81 -57.99 -14.17
CA VAL A 223 16.04 -57.69 -14.89
C VAL A 223 17.20 -58.15 -14.00
N SER A 224 17.67 -59.37 -14.22
CA SER A 224 18.74 -59.93 -13.41
C SER A 224 20.07 -59.28 -13.76
N PHE A 225 20.92 -59.09 -12.75
CA PHE A 225 22.27 -58.58 -12.93
C PHE A 225 23.24 -59.39 -12.10
N PRO A 226 24.50 -59.49 -12.52
CA PRO A 226 25.47 -60.30 -11.76
C PRO A 226 25.91 -59.57 -10.50
N HIS A 227 25.78 -60.25 -9.35
CA HIS A 227 26.28 -59.73 -8.09
C HIS A 227 27.70 -60.22 -7.86
N GLN A 228 28.56 -59.32 -7.41
CA GLN A 228 29.95 -59.63 -7.10
C GLN A 228 30.31 -59.04 -5.74
N GLU A 229 31.31 -59.64 -5.11
CA GLU A 229 31.69 -59.25 -3.75
C GLU A 229 33.03 -58.54 -3.65
N GLN A 230 33.93 -58.73 -4.60
CA GLN A 230 35.26 -58.12 -4.51
C GLN A 230 35.16 -56.61 -4.59
N VAL A 231 36.09 -55.92 -3.93
CA VAL A 231 36.02 -54.48 -3.76
C VAL A 231 37.39 -53.88 -4.04
N LEU A 232 37.40 -52.58 -4.34
CA LEU A 232 38.61 -51.88 -4.74
C LEU A 232 39.49 -51.55 -3.53
N THR A 233 40.72 -51.11 -3.81
CA THR A 233 41.65 -50.74 -2.75
C THR A 233 41.36 -49.36 -2.19
N VAL A 234 40.90 -48.42 -3.04
CA VAL A 234 40.54 -47.10 -2.55
C VAL A 234 39.44 -47.20 -1.50
N THR A 235 38.53 -48.16 -1.68
CA THR A 235 37.51 -48.38 -0.67
C THR A 235 38.12 -48.79 0.66
N ARG A 236 39.15 -49.64 0.62
CA ARG A 236 39.83 -50.03 1.85
C ARG A 236 40.48 -48.83 2.52
N LEU A 237 41.13 -47.96 1.72
CA LEU A 237 41.74 -46.77 2.30
C LEU A 237 40.69 -45.86 2.94
N ILE A 238 39.56 -45.68 2.26
CA ILE A 238 38.49 -44.83 2.81
C ILE A 238 37.94 -45.42 4.10
N SER A 239 37.74 -46.74 4.12
CA SER A 239 37.23 -47.38 5.32
C SER A 239 38.21 -47.25 6.48
N ALA A 240 39.51 -47.41 6.21
CA ALA A 240 40.50 -47.21 7.27
C ALA A 240 40.48 -45.78 7.79
N GLU A 241 40.36 -44.81 6.88
CA GLU A 241 40.28 -43.41 7.31
C GLU A 241 39.05 -43.17 8.18
N ILE A 242 37.91 -43.76 7.81
CA ILE A 242 36.69 -43.57 8.58
C ILE A 242 36.80 -44.24 9.94
N GLU A 243 37.45 -45.41 10.01
CA GLU A 243 37.67 -46.04 11.30
C GLU A 243 38.53 -45.16 12.21
N LYS A 244 39.62 -44.62 11.65
CA LYS A 244 40.48 -43.74 12.43
C LYS A 244 39.73 -42.50 12.89
N PHE A 245 38.89 -41.95 12.01
CA PHE A 245 38.11 -40.76 12.37
C PHE A 245 37.11 -41.08 13.47
N TYR A 246 36.48 -42.27 13.43
CA TYR A 246 35.58 -42.65 14.51
C TYR A 246 36.32 -42.76 15.83
N VAL A 247 37.50 -43.37 15.81
CA VAL A 247 38.29 -43.50 17.04
C VAL A 247 38.63 -42.12 17.59
N SER A 248 39.02 -41.18 16.72
CA SER A 248 39.28 -39.83 17.16
C SER A 248 38.02 -39.13 17.66
N LEU A 249 36.89 -39.34 16.98
CA LEU A 249 35.64 -38.66 17.30
C LEU A 249 35.08 -39.10 18.65
N ASP A 250 35.31 -40.35 19.04
CA ASP A 250 34.85 -40.79 20.34
C ASP A 250 35.44 -39.94 21.47
N LEU A 251 36.56 -39.27 21.21
CA LEU A 251 37.20 -38.36 22.16
C LEU A 251 37.10 -36.91 21.71
N MET A 252 36.05 -36.56 20.97
CA MET A 252 35.92 -35.21 20.42
C MET A 252 35.81 -34.17 21.53
N ASN A 253 35.17 -34.52 22.64
CA ASN A 253 35.02 -33.64 23.79
C ASN A 253 34.26 -32.36 23.42
N ILE A 254 33.08 -32.53 22.85
CA ILE A 254 32.13 -31.43 22.72
C ILE A 254 31.55 -31.15 24.10
N GLY A 255 30.82 -30.05 24.23
CA GLY A 255 30.24 -29.69 25.52
C GLY A 255 29.36 -30.79 26.08
N VAL A 256 28.92 -30.57 27.32
CA VAL A 256 28.06 -31.56 27.96
C VAL A 256 26.76 -31.69 27.18
N GLN A 257 26.37 -32.92 26.89
CA GLN A 257 25.27 -33.22 25.99
C GLN A 257 24.18 -33.99 26.73
N PRO A 258 22.94 -33.89 26.26
CA PRO A 258 21.86 -34.66 26.89
C PRO A 258 22.11 -36.16 26.77
N ILE A 259 21.66 -36.89 27.79
CA ILE A 259 21.86 -38.33 27.83
C ILE A 259 20.89 -39.00 26.85
N ARG A 260 21.42 -39.83 25.98
CA ARG A 260 20.62 -40.59 25.03
C ARG A 260 20.75 -42.08 25.34
N ARG A 261 19.62 -42.76 25.47
CA ARG A 261 19.59 -44.18 25.77
C ARG A 261 18.73 -44.89 24.72
N SER A 262 18.73 -46.21 24.77
CA SER A 262 18.03 -47.00 23.77
C SER A 262 16.52 -46.87 23.94
N LYS A 263 15.79 -47.61 23.10
CA LYS A 263 14.34 -47.50 23.08
C LYS A 263 13.72 -47.97 24.39
N SER A 264 14.25 -49.04 24.96
CA SER A 264 13.74 -49.59 26.22
C SER A 264 14.61 -49.23 27.41
N LEU A 265 15.47 -48.22 27.26
CA LEU A 265 16.30 -47.66 28.33
C LEU A 265 17.30 -48.65 28.90
N GLN A 266 17.53 -49.77 28.23
CA GLN A 266 18.48 -50.75 28.77
C GLN A 266 19.93 -50.35 28.53
N CYS A 267 20.24 -49.76 27.38
CA CYS A 267 21.62 -49.50 26.98
C CYS A 267 21.84 -48.03 26.65
N LEU A 268 23.03 -47.53 26.98
CA LEU A 268 23.40 -46.16 26.70
C LEU A 268 23.72 -45.99 25.21
N ARG A 269 23.81 -44.72 24.80
CA ARG A 269 24.05 -44.39 23.40
C ARG A 269 24.88 -43.11 23.34
N ASP A 270 25.46 -42.88 22.17
CA ASP A 270 26.23 -41.67 21.93
C ASP A 270 25.32 -40.45 21.86
N PRO A 271 25.86 -39.26 22.11
CA PRO A 271 25.06 -38.04 21.91
C PRO A 271 24.62 -37.91 20.46
N SER A 272 23.44 -37.32 20.27
CA SER A 272 22.84 -37.28 18.95
C SER A 272 23.70 -36.52 17.95
N LYS A 273 24.47 -35.55 18.41
CA LYS A 273 25.34 -34.81 17.50
C LYS A 273 26.42 -35.70 16.92
N LYS A 274 26.97 -36.62 17.72
CA LYS A 274 27.91 -37.59 17.19
C LYS A 274 27.20 -38.68 16.40
N SER A 275 25.98 -39.03 16.81
CA SER A 275 25.22 -40.04 16.08
C SER A 275 24.92 -39.59 14.66
N PHE A 276 24.66 -38.30 14.48
CA PHE A 276 24.38 -37.79 13.14
C PHE A 276 25.58 -37.96 12.22
N VAL A 277 26.77 -37.62 12.71
CA VAL A 277 27.99 -37.75 11.91
C VAL A 277 28.24 -39.22 11.59
N LYS A 278 28.13 -40.08 12.60
CA LYS A 278 28.37 -41.51 12.37
C LYS A 278 27.36 -42.06 11.37
N GLN A 279 26.10 -41.66 11.48
CA GLN A 279 25.08 -42.15 10.57
C GLN A 279 25.37 -41.73 9.14
N LEU A 280 25.77 -40.46 8.94
CA LEU A 280 26.09 -40.03 7.58
C LEU A 280 27.25 -40.81 7.01
N PHE A 281 28.32 -41.00 7.79
CA PHE A 281 29.50 -41.68 7.25
C PHE A 281 29.22 -43.15 6.98
N ASN A 282 28.48 -43.82 7.86
CA ASN A 282 28.11 -45.21 7.60
C ASN A 282 27.23 -45.33 6.35
N ASP A 283 26.32 -44.38 6.17
CA ASP A 283 25.51 -44.38 4.96
C ASP A 283 26.38 -44.21 3.72
N PHE A 284 27.39 -43.33 3.81
CA PHE A 284 28.31 -43.15 2.68
C PHE A 284 29.06 -44.43 2.36
N LEU A 285 29.52 -45.13 3.39
CA LEU A 285 30.19 -46.41 3.14
C LEU A 285 29.26 -47.40 2.47
N TYR A 286 27.99 -47.43 2.90
CA TYR A 286 27.02 -48.30 2.27
C TYR A 286 26.82 -47.95 0.79
N GLN A 287 26.71 -46.66 0.49
CA GLN A 287 26.52 -46.26 -0.91
C GLN A 287 27.72 -46.63 -1.76
N MET A 288 28.92 -46.44 -1.23
CA MET A 288 30.13 -46.82 -1.97
C MET A 288 30.15 -48.33 -2.22
N LYS A 289 29.79 -49.13 -1.21
CA LYS A 289 29.80 -50.57 -1.40
C LYS A 289 28.75 -51.03 -2.40
N GLU A 290 27.60 -50.35 -2.43
CA GLU A 290 26.47 -50.84 -3.22
C GLU A 290 26.50 -50.35 -4.66
N TYR A 291 26.92 -49.11 -4.92
CA TYR A 291 26.73 -48.52 -6.24
C TYR A 291 28.02 -48.12 -6.95
N GLY A 292 29.17 -48.13 -6.29
CA GLY A 292 30.43 -47.94 -6.97
C GLY A 292 31.15 -46.67 -6.57
N ILE A 293 32.28 -46.45 -7.24
CA ILE A 293 33.15 -45.31 -6.92
C ILE A 293 32.51 -44.00 -7.34
N TYR A 294 31.89 -43.95 -8.52
CA TYR A 294 31.26 -42.72 -8.97
C TYR A 294 30.10 -42.31 -8.06
N ALA A 295 29.28 -43.28 -7.66
CA ALA A 295 28.20 -43.00 -6.73
C ALA A 295 28.75 -42.46 -5.42
N ALA A 296 29.87 -43.02 -4.94
CA ALA A 296 30.53 -42.46 -3.77
C ALA A 296 31.00 -41.04 -4.03
N SER A 297 31.40 -40.74 -5.27
CA SER A 297 31.85 -39.39 -5.59
C SER A 297 30.71 -38.37 -5.45
N ILE A 298 29.51 -38.72 -5.89
CA ILE A 298 28.37 -37.83 -5.64
C ILE A 298 27.99 -37.81 -4.15
N ALA A 299 28.04 -38.97 -3.50
CA ALA A 299 27.64 -39.04 -2.10
C ALA A 299 28.54 -38.17 -1.22
N ILE A 300 29.83 -38.11 -1.54
CA ILE A 300 30.74 -37.32 -0.72
C ILE A 300 30.47 -35.83 -0.89
N ILE A 301 30.03 -35.40 -2.06
CA ILE A 301 29.60 -34.01 -2.22
C ILE A 301 28.35 -33.75 -1.40
N SER A 302 27.42 -34.70 -1.39
CA SER A 302 26.22 -34.54 -0.56
C SER A 302 26.61 -34.41 0.92
N LEU A 303 27.57 -35.21 1.36
CA LEU A 303 28.03 -35.10 2.75
C LEU A 303 28.73 -33.77 3.02
N ILE A 304 29.52 -33.29 2.05
CA ILE A 304 30.14 -31.98 2.18
C ILE A 304 29.07 -30.92 2.43
N VAL A 305 28.01 -30.96 1.62
CA VAL A 305 26.93 -29.99 1.76
C VAL A 305 26.27 -30.11 3.13
N GLU A 306 25.98 -31.34 3.56
CA GLU A 306 25.28 -31.52 4.82
C GLU A 306 26.13 -31.05 6.01
N PHE A 307 27.41 -31.41 6.03
CA PHE A 307 28.27 -30.96 7.13
C PHE A 307 28.50 -29.46 7.08
N ASP A 308 28.54 -28.85 5.90
CA ASP A 308 28.64 -27.39 5.85
C ASP A 308 27.40 -26.74 6.44
N ILE A 309 26.21 -27.26 6.10
CA ILE A 309 24.98 -26.71 6.67
C ILE A 309 24.98 -26.88 8.18
N LYS A 310 25.40 -28.06 8.66
CA LYS A 310 25.45 -28.30 10.10
C LYS A 310 26.43 -27.35 10.79
N ARG A 311 27.60 -27.13 10.17
CA ARG A 311 28.59 -26.24 10.76
C ARG A 311 28.08 -24.81 10.84
N ARG A 312 27.40 -24.34 9.80
CA ARG A 312 26.83 -23.00 9.85
C ARG A 312 25.73 -22.91 10.91
N GLN A 313 24.90 -23.95 11.02
CA GLN A 313 23.82 -23.94 12.01
C GLN A 313 24.30 -24.20 13.43
N ALA A 314 25.51 -24.69 13.61
CA ALA A 314 26.01 -25.01 14.95
C ALA A 314 26.21 -23.73 15.76
N GLU A 315 25.95 -23.84 17.07
CA GLU A 315 26.02 -22.69 17.97
C GLU A 315 27.24 -22.68 18.86
N THR A 316 27.80 -23.84 19.18
CA THR A 316 28.96 -23.95 20.05
C THR A 316 30.24 -24.01 19.23
N LEU A 317 31.33 -23.48 19.81
CA LEU A 317 32.62 -23.55 19.14
C LEU A 317 33.09 -24.98 18.97
N SER A 318 32.90 -25.82 19.99
CA SER A 318 33.35 -27.20 19.90
C SER A 318 32.59 -27.97 18.83
N VAL A 319 31.28 -27.73 18.71
CA VAL A 319 30.51 -28.37 17.66
C VAL A 319 30.97 -27.89 16.29
N LYS A 320 31.31 -26.61 16.19
CA LYS A 320 31.86 -26.09 14.93
C LYS A 320 33.17 -26.77 14.58
N LEU A 321 34.03 -27.00 15.58
CA LEU A 321 35.28 -27.71 15.34
C LEU A 321 35.02 -29.16 14.92
N MET A 322 34.05 -29.81 15.56
CA MET A 322 33.63 -31.15 15.17
C MET A 322 33.27 -31.20 13.70
N HIS A 323 32.39 -30.29 13.27
CA HIS A 323 31.98 -30.28 11.87
C HIS A 323 33.12 -29.90 10.94
N ARG A 324 34.07 -29.08 11.41
CA ARG A 324 35.24 -28.77 10.59
C ARG A 324 36.08 -30.01 10.36
N THR A 325 36.32 -30.81 11.41
CA THR A 325 37.08 -32.03 11.23
C THR A 325 36.35 -33.01 10.31
N ALA A 326 35.03 -33.10 10.46
CA ALA A 326 34.26 -33.97 9.57
C ALA A 326 34.34 -33.51 8.13
N LEU A 327 34.25 -32.20 7.90
CA LEU A 327 34.38 -31.66 6.55
C LEU A 327 35.77 -31.92 5.97
N THR A 328 36.80 -31.82 6.80
CA THR A 328 38.16 -32.09 6.33
C THR A 328 38.29 -33.54 5.91
N LEU A 329 37.76 -34.47 6.70
CA LEU A 329 37.79 -35.88 6.31
C LEU A 329 37.01 -36.11 5.02
N CYS A 330 35.84 -35.49 4.89
CA CYS A 330 35.05 -35.63 3.68
C CYS A 330 35.81 -35.11 2.47
N GLU A 331 36.51 -34.00 2.63
CA GLU A 331 37.29 -33.44 1.52
C GLU A 331 38.44 -34.36 1.13
N LYS A 332 39.11 -34.96 2.12
CA LYS A 332 40.15 -35.93 1.79
C LYS A 332 39.58 -37.12 1.02
N ILE A 333 38.42 -37.62 1.46
CA ILE A 333 37.79 -38.74 0.76
C ILE A 333 37.43 -38.34 -0.66
N ARG A 334 36.90 -37.12 -0.84
CA ARG A 334 36.54 -36.65 -2.17
C ARG A 334 37.75 -36.55 -3.07
N HIS A 335 38.87 -36.04 -2.54
CA HIS A 335 40.07 -35.96 -3.33
C HIS A 335 40.57 -37.35 -3.74
N LEU A 336 40.51 -38.31 -2.81
CA LEU A 336 40.91 -39.67 -3.14
C LEU A 336 40.04 -40.26 -4.24
N LEU A 337 38.72 -40.11 -4.13
CA LEU A 337 37.83 -40.67 -5.14
C LEU A 337 38.02 -39.99 -6.49
N VAL A 338 38.20 -38.67 -6.49
CA VAL A 338 38.42 -37.95 -7.74
C VAL A 338 39.72 -38.37 -8.39
N GLN A 339 40.78 -38.56 -7.60
CA GLN A 339 42.03 -39.05 -8.16
C GLN A 339 41.83 -40.44 -8.77
N LYS A 340 41.09 -41.30 -8.09
CA LYS A 340 40.82 -42.63 -8.65
C LYS A 340 40.08 -42.53 -9.97
N LEU A 341 39.07 -41.65 -10.05
CA LEU A 341 38.35 -41.48 -11.30
C LEU A 341 39.26 -40.95 -12.40
N GLN A 342 40.10 -39.97 -12.08
CA GLN A 342 40.97 -39.36 -13.09
C GLN A 342 42.07 -40.29 -13.55
N ASP A 343 42.46 -41.28 -12.74
CA ASP A 343 43.52 -42.18 -13.16
C ASP A 343 42.97 -43.24 -14.11
N MET A 344 42.22 -42.80 -15.12
CA MET A 344 41.85 -43.67 -16.24
C MET A 344 41.89 -42.96 -17.58
N THR A 345 41.90 -41.63 -17.62
CA THR A 345 41.61 -40.78 -18.78
C THR A 345 42.57 -40.98 -19.95
N TYR A 346 43.55 -41.88 -19.87
CA TYR A 346 44.44 -42.12 -20.99
C TYR A 346 43.75 -42.80 -22.15
N ASP A 347 42.51 -43.28 -21.98
CA ASP A 347 41.83 -44.01 -23.04
C ASP A 347 41.63 -43.15 -24.28
N ASP A 348 41.12 -41.94 -24.11
CA ASP A 348 40.87 -41.06 -25.25
C ASP A 348 40.78 -39.62 -24.77
N ASP A 349 40.60 -38.72 -25.73
CA ASP A 349 40.46 -37.30 -25.43
C ASP A 349 39.03 -36.81 -25.43
N ASP A 350 38.12 -37.49 -26.12
CA ASP A 350 36.74 -37.05 -26.23
C ASP A 350 36.06 -37.18 -24.88
N ASP A 351 35.80 -36.03 -24.24
CA ASP A 351 35.28 -36.04 -22.87
C ASP A 351 33.83 -36.49 -22.82
N ASN A 352 33.04 -36.19 -23.85
CA ASN A 352 31.61 -36.49 -23.79
C ASN A 352 31.36 -37.99 -23.70
N VAL A 353 32.07 -38.78 -24.49
CA VAL A 353 32.00 -40.23 -24.35
C VAL A 353 32.87 -40.73 -23.20
N ASN A 354 33.87 -39.93 -22.77
CA ASN A 354 34.68 -40.33 -21.64
C ASN A 354 33.86 -40.38 -20.35
N THR A 355 32.90 -39.46 -20.20
CA THR A 355 32.02 -39.49 -19.04
C THR A 355 31.22 -40.79 -19.00
N GLU A 356 30.62 -41.16 -20.14
CA GLU A 356 29.92 -42.43 -20.22
C GLU A 356 30.84 -43.60 -19.91
N GLU A 357 32.06 -43.56 -20.42
CA GLU A 357 32.98 -44.66 -20.22
C GLU A 357 33.34 -44.81 -18.75
N VAL A 358 33.66 -43.70 -18.07
CA VAL A 358 34.04 -43.78 -16.66
C VAL A 358 32.86 -44.21 -15.81
N ILE A 359 31.65 -43.73 -16.13
CA ILE A 359 30.48 -44.14 -15.37
C ILE A 359 30.24 -45.63 -15.54
N MET A 360 30.39 -46.14 -16.76
CA MET A 360 30.18 -47.55 -17.03
C MET A 360 31.23 -48.44 -16.37
N ASN A 361 32.49 -47.98 -16.29
CA ASN A 361 33.52 -48.80 -15.67
C ASN A 361 33.52 -48.74 -14.15
N PHE A 362 33.19 -47.60 -13.56
CA PHE A 362 33.33 -47.42 -12.12
C PHE A 362 31.99 -47.49 -11.40
N SER A 363 31.15 -48.42 -11.83
CA SER A 363 29.87 -48.67 -11.17
C SER A 363 29.64 -50.17 -11.07
N THR A 364 28.99 -50.59 -9.99
CA THR A 364 28.68 -51.99 -9.80
C THR A 364 27.67 -52.44 -10.86
N PRO A 365 27.64 -53.74 -11.16
CA PRO A 365 26.74 -54.22 -12.23
C PRO A 365 25.28 -53.83 -12.01
N LYS A 366 24.88 -53.59 -10.76
CA LYS A 366 23.53 -53.08 -10.52
C LYS A 366 23.33 -51.74 -11.22
N VAL A 367 24.24 -50.79 -10.99
CA VAL A 367 24.13 -49.49 -11.63
C VAL A 367 24.29 -49.60 -13.13
N GLN A 368 25.20 -50.46 -13.61
CA GLN A 368 25.40 -50.61 -15.04
C GLN A 368 24.13 -51.13 -15.72
N ARG A 369 23.51 -52.15 -15.14
CA ARG A 369 22.29 -52.69 -15.72
C ARG A 369 21.14 -51.70 -15.62
N PHE A 370 21.08 -50.93 -14.53
CA PHE A 370 20.07 -49.89 -14.41
C PHE A 370 20.20 -48.86 -15.52
N LEU A 371 21.43 -48.36 -15.74
CA LEU A 371 21.65 -47.38 -16.79
C LEU A 371 21.40 -47.93 -18.17
N MET A 372 21.79 -49.18 -18.43
CA MET A 372 21.54 -49.77 -19.74
C MET A 372 20.05 -49.98 -19.99
N SER A 373 19.30 -50.42 -18.99
CA SER A 373 17.87 -50.55 -19.14
C SER A 373 17.20 -49.20 -19.35
N LEU A 374 17.70 -48.17 -18.67
CA LEU A 374 17.21 -46.82 -18.91
C LEU A 374 17.47 -46.39 -20.34
N LYS A 375 18.68 -46.63 -20.85
CA LYS A 375 19.04 -46.23 -22.20
C LYS A 375 18.18 -46.93 -23.24
N VAL A 376 17.99 -48.24 -23.09
CA VAL A 376 17.21 -48.97 -24.08
C VAL A 376 15.73 -48.71 -23.92
N SER A 377 15.29 -48.22 -22.76
CA SER A 377 13.88 -47.93 -22.56
C SER A 377 13.47 -46.63 -23.24
N PHE A 378 14.32 -45.61 -23.22
CA PHE A 378 13.99 -44.26 -23.68
C PHE A 378 15.05 -43.75 -24.65
N ALA A 379 15.42 -44.58 -25.62
CA ALA A 379 16.55 -44.26 -26.48
C ALA A 379 16.39 -42.90 -27.16
N ASP A 380 15.39 -42.77 -28.04
CA ASP A 380 15.20 -41.52 -28.76
C ASP A 380 13.77 -41.00 -28.69
N LYS A 381 13.09 -41.13 -27.56
CA LYS A 381 11.67 -40.85 -27.49
C LYS A 381 11.42 -39.38 -27.18
N ASP A 382 10.15 -39.01 -27.24
CA ASP A 382 9.71 -37.66 -26.89
C ASP A 382 9.63 -37.51 -25.38
N PRO A 383 10.26 -36.48 -24.80
CA PRO A 383 10.18 -36.31 -23.34
C PRO A 383 8.76 -36.21 -22.80
N LYS A 384 7.80 -35.77 -23.60
CA LYS A 384 6.41 -35.77 -23.17
C LYS A 384 5.78 -37.15 -23.20
N ASP A 385 6.40 -38.11 -23.86
CA ASP A 385 5.81 -39.44 -24.03
C ASP A 385 6.21 -40.41 -22.92
N ILE A 386 7.03 -39.99 -21.98
CA ILE A 386 7.51 -40.86 -20.92
C ILE A 386 7.27 -40.20 -19.57
N CYS A 387 6.93 -41.02 -18.58
CA CYS A 387 6.70 -40.56 -17.22
C CYS A 387 6.98 -41.74 -16.31
N CYS A 388 8.13 -41.71 -15.62
CA CYS A 388 8.60 -42.90 -14.92
C CYS A 388 9.05 -42.54 -13.51
N LEU A 389 9.00 -43.56 -12.64
CA LEU A 389 9.43 -43.45 -11.25
C LEU A 389 10.53 -44.47 -10.99
N VAL A 390 11.44 -44.12 -10.08
CA VAL A 390 12.47 -45.03 -9.62
C VAL A 390 12.36 -45.11 -8.10
N PHE A 391 12.15 -46.32 -7.59
CA PHE A 391 12.00 -46.54 -6.15
C PHE A 391 13.31 -47.11 -5.61
N VAL A 392 13.94 -46.38 -4.70
CA VAL A 392 15.12 -46.85 -4.00
C VAL A 392 14.86 -46.75 -2.50
N GLU A 393 15.68 -47.46 -1.72
CA GLU A 393 15.39 -47.59 -0.30
C GLU A 393 15.88 -46.38 0.50
N ARG A 394 17.19 -46.15 0.51
CA ARG A 394 17.75 -45.17 1.41
C ARG A 394 17.49 -43.74 0.91
N ARG A 395 17.53 -42.80 1.85
CA ARG A 395 17.30 -41.39 1.50
C ARG A 395 18.43 -40.86 0.64
N TYR A 396 19.67 -41.05 1.06
CA TYR A 396 20.80 -40.49 0.33
C TYR A 396 21.06 -41.22 -0.98
N THR A 397 20.52 -42.43 -1.13
CA THR A 397 20.58 -43.10 -2.42
C THR A 397 19.81 -42.32 -3.47
N CYS A 398 18.69 -41.69 -3.08
CA CYS A 398 17.94 -40.86 -4.02
C CYS A 398 18.82 -39.74 -4.59
N LYS A 399 19.48 -38.99 -3.71
CA LYS A 399 20.32 -37.89 -4.18
C LYS A 399 21.52 -38.39 -4.96
N CYS A 400 22.11 -39.50 -4.52
CA CYS A 400 23.26 -40.06 -5.21
C CYS A 400 22.89 -40.48 -6.64
N ILE A 401 21.79 -41.21 -6.79
CA ILE A 401 21.34 -41.63 -8.11
C ILE A 401 20.89 -40.45 -8.94
N TYR A 402 20.30 -39.44 -8.31
CA TYR A 402 19.90 -38.24 -9.05
C TYR A 402 21.13 -37.54 -9.65
N GLY A 403 22.20 -37.41 -8.87
CA GLY A 403 23.41 -36.81 -9.40
C GLY A 403 24.06 -37.66 -10.48
N LEU A 404 24.12 -38.97 -10.26
CA LEU A 404 24.67 -39.86 -11.28
C LEU A 404 23.87 -39.78 -12.57
N LEU A 405 22.54 -39.68 -12.46
CA LEU A 405 21.70 -39.60 -13.65
C LEU A 405 21.86 -38.26 -14.34
N LEU A 406 22.02 -37.17 -13.58
CA LEU A 406 22.30 -35.89 -14.22
C LEU A 406 23.56 -35.97 -15.06
N ASN A 407 24.64 -36.48 -14.47
CA ASN A 407 25.90 -36.59 -15.20
C ASN A 407 25.78 -37.52 -16.39
N TYR A 408 25.06 -38.63 -16.25
CA TYR A 408 24.92 -39.58 -17.34
C TYR A 408 24.07 -39.02 -18.46
N ILE A 409 23.00 -38.31 -18.13
CA ILE A 409 22.13 -37.72 -19.14
C ILE A 409 22.89 -36.66 -19.93
N GLN A 410 23.66 -35.82 -19.24
CA GLN A 410 24.54 -34.92 -20.00
C GLN A 410 25.86 -35.59 -20.34
N SER A 411 25.75 -36.84 -20.82
CA SER A 411 26.88 -37.55 -21.40
C SER A 411 26.53 -38.33 -22.65
N THR A 412 25.26 -38.65 -22.87
CA THR A 412 24.78 -39.48 -23.95
C THR A 412 24.17 -38.62 -25.05
N PRO A 413 24.53 -38.87 -26.31
CA PRO A 413 23.86 -38.15 -27.41
C PRO A 413 22.37 -38.41 -27.48
N GLU A 414 21.91 -39.60 -27.10
CA GLU A 414 20.50 -39.95 -27.31
C GLU A 414 19.60 -39.60 -26.14
N LEU A 415 20.10 -39.62 -24.91
CA LEU A 415 19.28 -39.33 -23.75
C LEU A 415 19.37 -37.89 -23.28
N ARG A 416 20.12 -37.05 -23.99
CA ARG A 416 20.41 -35.70 -23.51
C ARG A 416 19.17 -34.83 -23.45
N ASN A 417 18.23 -35.03 -24.37
CA ASN A 417 17.06 -34.16 -24.48
C ASN A 417 15.74 -34.90 -24.27
N VAL A 418 15.76 -36.02 -23.56
CA VAL A 418 14.55 -36.80 -23.31
C VAL A 418 14.26 -36.95 -21.82
N LEU A 419 15.29 -37.19 -21.01
CA LEU A 419 15.13 -37.45 -19.58
C LEU A 419 15.49 -36.22 -18.76
N THR A 420 14.64 -35.91 -17.78
CA THR A 420 14.84 -34.79 -16.87
C THR A 420 14.71 -35.30 -15.44
N PRO A 421 15.81 -35.75 -14.84
CA PRO A 421 15.71 -36.39 -13.52
C PRO A 421 15.33 -35.41 -12.43
N GLN A 422 14.70 -35.96 -11.39
CA GLN A 422 14.28 -35.21 -10.22
C GLN A 422 14.15 -36.19 -9.07
N PHE A 423 14.19 -35.69 -7.84
CA PHE A 423 14.16 -36.55 -6.67
C PHE A 423 13.43 -35.87 -5.51
N MET A 424 12.86 -36.70 -4.63
CA MET A 424 12.28 -36.22 -3.39
C MET A 424 12.32 -37.36 -2.38
N VAL A 425 12.38 -36.99 -1.10
CA VAL A 425 12.46 -37.93 0.01
C VAL A 425 11.44 -37.53 1.07
N GLY A 426 11.41 -38.29 2.15
CA GLY A 426 10.41 -38.12 3.19
C GLY A 426 10.66 -36.91 4.07
N ARG A 427 10.26 -37.03 5.33
CA ARG A 427 10.51 -35.98 6.30
C ARG A 427 12.02 -35.88 6.58
N ASN A 428 12.40 -34.79 7.24
CA ASN A 428 13.81 -34.42 7.40
C ASN A 428 14.48 -34.34 6.03
N ASN A 429 13.99 -33.40 5.23
CA ASN A 429 14.40 -33.30 3.83
C ASN A 429 15.90 -33.05 3.71
N ILE A 430 16.54 -33.80 2.82
CA ILE A 430 17.94 -33.58 2.51
C ILE A 430 18.04 -32.36 1.60
N SER A 431 19.18 -31.68 1.68
CA SER A 431 19.38 -30.48 0.89
C SER A 431 19.50 -30.84 -0.59
N PRO A 432 18.73 -30.18 -1.46
CA PRO A 432 18.71 -30.60 -2.87
C PRO A 432 19.80 -29.99 -3.72
N ASP A 433 20.83 -29.43 -3.09
CA ASP A 433 21.90 -28.77 -3.82
C ASP A 433 23.21 -29.53 -3.64
N PHE A 434 24.11 -29.36 -4.60
CA PHE A 434 25.46 -29.91 -4.53
C PHE A 434 26.51 -28.82 -4.37
N GLU A 435 26.12 -27.57 -4.16
CA GLU A 435 27.06 -26.47 -4.09
C GLU A 435 27.08 -25.76 -2.75
N SER A 436 26.14 -26.08 -1.85
CA SER A 436 26.14 -25.54 -0.49
C SER A 436 26.05 -24.01 -0.48
N VAL A 437 25.22 -23.45 -1.36
CA VAL A 437 25.02 -22.01 -1.38
C VAL A 437 24.06 -21.62 -0.26
N LEU A 438 24.21 -20.40 0.24
CA LEU A 438 23.38 -19.96 1.37
C LEU A 438 21.92 -19.81 0.97
N GLU A 439 21.64 -19.55 -0.30
CA GLU A 439 20.25 -19.49 -0.76
C GLU A 439 20.22 -19.63 -2.28
N ARG A 440 19.15 -20.23 -2.80
CA ARG A 440 18.93 -20.39 -4.22
C ARG A 440 17.58 -19.81 -4.62
N LYS A 441 17.48 -19.35 -5.86
CA LYS A 441 16.25 -18.77 -6.37
C LYS A 441 15.30 -19.80 -6.98
N TRP A 442 15.71 -21.06 -7.08
CA TRP A 442 14.80 -22.09 -7.54
C TRP A 442 13.79 -22.41 -6.44
N GLN A 443 12.51 -22.44 -6.81
CA GLN A 443 11.45 -22.51 -5.80
C GLN A 443 10.49 -23.67 -6.05
N LYS A 444 10.29 -24.04 -7.31
CA LYS A 444 9.30 -25.06 -7.65
C LYS A 444 9.70 -26.41 -7.07
N SER A 445 8.76 -27.08 -6.42
CA SER A 445 9.05 -28.33 -5.75
C SER A 445 9.17 -29.47 -6.76
N ALA A 446 9.82 -30.55 -6.33
CA ALA A 446 10.05 -31.69 -7.21
C ALA A 446 8.74 -32.31 -7.67
N ILE A 447 7.80 -32.50 -6.74
CA ILE A 447 6.55 -33.15 -7.11
C ILE A 447 5.72 -32.25 -8.03
N GLN A 448 5.76 -30.94 -7.81
CA GLN A 448 5.08 -30.01 -8.70
C GLN A 448 5.69 -30.05 -10.10
N GLN A 449 7.02 -30.11 -10.18
CA GLN A 449 7.68 -30.23 -11.47
C GLN A 449 7.30 -31.52 -12.17
N PHE A 450 7.23 -32.62 -11.43
CA PHE A 450 6.79 -33.89 -12.02
C PHE A 450 5.36 -33.81 -12.53
N ARG A 451 4.48 -33.17 -11.76
CA ARG A 451 3.09 -33.04 -12.18
C ARG A 451 2.96 -32.19 -13.43
N ASP A 452 3.73 -31.10 -13.50
CA ASP A 452 3.57 -30.14 -14.60
C ASP A 452 4.23 -30.59 -15.89
N GLY A 453 4.92 -31.74 -15.89
CA GLY A 453 5.55 -32.25 -17.09
C GLY A 453 6.98 -31.80 -17.29
N ASN A 454 7.49 -30.90 -16.46
CA ASN A 454 8.87 -30.44 -16.60
C ASN A 454 9.86 -31.58 -16.39
N ALA A 455 9.59 -32.44 -15.42
CA ALA A 455 10.42 -33.60 -15.13
C ALA A 455 9.64 -34.87 -15.45
N ASN A 456 10.35 -35.88 -15.96
CA ASN A 456 9.75 -37.16 -16.27
C ASN A 456 10.49 -38.34 -15.66
N LEU A 457 11.55 -38.10 -14.89
CA LEU A 457 12.32 -39.15 -14.24
C LEU A 457 12.35 -38.85 -12.76
N MET A 458 11.60 -39.64 -11.98
CA MET A 458 11.37 -39.41 -10.57
C MET A 458 12.16 -40.44 -9.78
N ILE A 459 13.09 -39.99 -8.95
CA ILE A 459 13.83 -40.88 -8.06
C ILE A 459 13.31 -40.63 -6.66
N CYS A 460 12.46 -41.54 -6.18
CA CYS A 460 11.78 -41.39 -4.90
C CYS A 460 12.04 -42.60 -4.02
N SER A 461 11.88 -42.41 -2.72
CA SER A 461 12.12 -43.46 -1.73
C SER A 461 10.86 -43.63 -0.88
N SER A 462 9.92 -44.44 -1.37
CA SER A 462 8.75 -44.88 -0.61
C SER A 462 7.82 -43.72 -0.25
N VAL A 463 8.19 -42.50 -0.65
CA VAL A 463 7.35 -41.35 -0.34
C VAL A 463 6.14 -41.32 -1.26
N LEU A 464 6.35 -41.58 -2.54
CA LEU A 464 5.29 -41.52 -3.54
C LEU A 464 4.55 -42.83 -3.70
N GLU A 465 4.86 -43.83 -2.89
CA GLU A 465 4.06 -45.05 -2.87
C GLU A 465 2.65 -44.77 -2.38
N GLU A 466 2.52 -43.90 -1.38
CA GLU A 466 1.27 -43.69 -0.67
C GLU A 466 0.84 -42.23 -0.72
N GLY A 467 -0.47 -42.01 -0.79
CA GLY A 467 -1.02 -40.69 -0.54
C GLY A 467 -0.91 -39.68 -1.66
N ILE A 468 0.33 -39.27 -1.99
CA ILE A 468 0.53 -38.13 -2.87
C ILE A 468 0.01 -38.45 -4.27
N ASP A 469 -0.82 -37.57 -4.80
CA ASP A 469 -1.43 -37.74 -6.11
C ASP A 469 -0.41 -37.44 -7.21
N VAL A 470 -0.13 -38.44 -8.03
CA VAL A 470 0.74 -38.30 -9.20
C VAL A 470 0.01 -38.90 -10.39
N GLN A 471 0.38 -38.41 -11.57
CA GLN A 471 -0.28 -38.89 -12.77
C GLN A 471 0.17 -40.31 -13.10
N ALA A 472 -0.54 -40.94 -14.04
CA ALA A 472 -0.20 -42.28 -14.47
C ALA A 472 1.22 -42.34 -15.01
N CYS A 473 1.95 -43.39 -14.64
CA CYS A 473 3.35 -43.53 -14.99
C CYS A 473 3.55 -44.72 -15.92
N ASN A 474 4.26 -44.50 -17.02
CA ASN A 474 4.49 -45.57 -17.98
C ASN A 474 5.38 -46.65 -17.39
N HIS A 475 6.50 -46.26 -16.79
CA HIS A 475 7.47 -47.19 -16.23
C HIS A 475 7.64 -46.91 -14.75
N VAL A 476 7.79 -47.99 -13.98
CA VAL A 476 8.12 -47.89 -12.57
C VAL A 476 9.27 -48.85 -12.32
N PHE A 477 10.45 -48.31 -12.00
CA PHE A 477 11.65 -49.10 -11.78
C PHE A 477 11.86 -49.29 -10.30
N ILE A 478 11.70 -50.53 -9.81
CA ILE A 478 12.00 -50.87 -8.43
C ILE A 478 13.46 -51.31 -8.41
N LEU A 479 14.35 -50.33 -8.32
CA LEU A 479 15.78 -50.63 -8.37
C LEU A 479 16.22 -51.46 -7.18
N ASP A 480 15.77 -51.09 -5.98
CA ASP A 480 16.06 -51.86 -4.79
C ASP A 480 15.07 -53.01 -4.63
N PRO A 481 15.46 -54.07 -3.91
CA PRO A 481 14.53 -55.20 -3.74
C PRO A 481 13.29 -54.80 -2.97
N VAL A 482 12.15 -55.36 -3.40
CA VAL A 482 10.88 -55.10 -2.73
C VAL A 482 10.88 -55.79 -1.38
N LYS A 483 10.27 -55.15 -0.38
CA LYS A 483 10.32 -55.67 0.97
C LYS A 483 8.97 -56.02 1.57
N THR A 484 7.91 -55.30 1.25
CA THR A 484 6.65 -55.46 1.96
C THR A 484 5.50 -55.64 0.97
N PHE A 485 4.48 -56.37 1.39
CA PHE A 485 3.33 -56.64 0.52
C PHE A 485 2.65 -55.35 0.09
N ASN A 486 2.45 -54.41 1.02
CA ASN A 486 1.79 -53.18 0.65
C ASN A 486 2.61 -52.37 -0.33
N MET A 487 3.93 -52.33 -0.16
CA MET A 487 4.78 -51.61 -1.11
C MET A 487 4.66 -52.20 -2.50
N TYR A 488 4.73 -53.52 -2.60
CA TYR A 488 4.57 -54.16 -3.91
C TYR A 488 3.23 -53.83 -4.54
N VAL A 489 2.15 -54.01 -3.78
CA VAL A 489 0.81 -53.80 -4.35
C VAL A 489 0.60 -52.34 -4.75
N GLN A 490 1.11 -51.39 -3.96
CA GLN A 490 0.82 -49.98 -4.18
C GLN A 490 1.75 -49.34 -5.21
N SER A 491 3.05 -49.66 -5.18
CA SER A 491 3.92 -49.23 -6.26
C SER A 491 3.52 -49.86 -7.59
N LYS A 492 2.97 -51.08 -7.55
CA LYS A 492 2.41 -51.65 -8.76
C LYS A 492 1.22 -50.86 -9.26
N GLY A 493 0.53 -50.14 -8.37
CA GLY A 493 -0.57 -49.30 -8.75
C GLY A 493 -0.19 -47.95 -9.31
N ARG A 494 1.07 -47.55 -9.15
CA ARG A 494 1.53 -46.31 -9.77
C ARG A 494 1.60 -46.43 -11.28
N ALA A 495 1.98 -47.61 -11.79
CA ALA A 495 1.99 -47.87 -13.22
C ALA A 495 0.55 -48.10 -13.69
N ARG A 496 -0.24 -47.03 -13.63
CA ARG A 496 -1.67 -47.09 -13.87
C ARG A 496 -2.04 -46.86 -15.33
N THR A 497 -1.10 -46.46 -16.18
CA THR A 497 -1.44 -46.24 -17.56
C THR A 497 -1.56 -47.57 -18.30
N THR A 498 -2.19 -47.52 -19.48
CA THR A 498 -2.38 -48.73 -20.26
C THR A 498 -1.04 -49.28 -20.72
N GLU A 499 -0.91 -50.61 -20.66
CA GLU A 499 0.29 -51.32 -21.12
C GLU A 499 1.54 -50.83 -20.40
N ALA A 500 1.38 -50.44 -19.14
CA ALA A 500 2.50 -49.91 -18.38
C ALA A 500 3.50 -51.01 -18.07
N LYS A 501 4.75 -50.61 -17.86
CA LYS A 501 5.85 -51.53 -17.60
C LYS A 501 6.31 -51.39 -16.15
N PHE A 502 6.35 -52.52 -15.45
CA PHE A 502 6.80 -52.61 -14.07
C PHE A 502 8.06 -53.45 -14.04
N VAL A 503 9.18 -52.87 -13.62
CA VAL A 503 10.50 -53.48 -13.75
C VAL A 503 11.09 -53.68 -12.37
N LEU A 504 11.56 -54.89 -12.11
CA LEU A 504 12.24 -55.25 -10.87
C LEU A 504 13.70 -55.56 -11.16
N PHE A 505 14.60 -54.99 -10.38
CA PHE A 505 16.02 -55.29 -10.46
C PHE A 505 16.39 -56.24 -9.34
N THR A 506 16.84 -57.44 -9.69
CA THR A 506 17.17 -58.46 -8.71
C THR A 506 18.56 -59.02 -8.99
N ALA A 507 19.29 -59.32 -7.93
CA ALA A 507 20.61 -59.93 -8.05
C ALA A 507 20.47 -61.39 -8.44
N ASP A 508 21.55 -61.94 -9.02
CA ASP A 508 21.54 -63.33 -9.46
C ASP A 508 21.39 -64.28 -8.27
N LYS A 509 22.10 -64.01 -7.18
CA LYS A 509 22.06 -64.91 -6.03
C LYS A 509 20.74 -64.82 -5.29
N GLU A 510 19.92 -63.81 -5.59
CA GLU A 510 18.69 -63.56 -4.85
C GLU A 510 17.44 -63.73 -5.70
N ARG A 511 17.57 -64.31 -6.89
CA ARG A 511 16.43 -64.39 -7.81
C ARG A 511 15.35 -65.31 -7.27
N GLU A 512 15.72 -66.46 -6.74
CA GLU A 512 14.74 -67.41 -6.23
C GLU A 512 13.96 -66.83 -5.05
N LYS A 513 14.67 -66.16 -4.14
CA LYS A 513 14.02 -65.59 -2.97
C LYS A 513 12.97 -64.56 -3.38
N THR A 514 13.33 -63.63 -4.25
CA THR A 514 12.39 -62.59 -4.64
C THR A 514 11.26 -63.14 -5.50
N ILE A 515 11.52 -64.16 -6.32
CA ILE A 515 10.45 -64.78 -7.08
C ILE A 515 9.44 -65.44 -6.13
N GLN A 516 9.94 -66.17 -5.13
CA GLN A 516 9.05 -66.78 -4.16
C GLN A 516 8.28 -65.74 -3.38
N GLN A 517 8.92 -64.63 -3.03
CA GLN A 517 8.24 -63.56 -2.30
C GLN A 517 7.12 -62.93 -3.14
N ILE A 518 7.39 -62.68 -4.42
CA ILE A 518 6.37 -62.10 -5.28
C ILE A 518 5.22 -63.09 -5.49
N TYR A 519 5.54 -64.38 -5.61
CA TYR A 519 4.49 -65.39 -5.71
C TYR A 519 3.64 -65.42 -4.45
N GLN A 520 4.28 -65.27 -3.28
CA GLN A 520 3.53 -65.20 -2.03
C GLN A 520 2.61 -63.99 -2.01
N TYR A 521 3.09 -62.84 -2.47
CA TYR A 521 2.24 -61.65 -2.50
C TYR A 521 1.05 -61.85 -3.42
N ARG A 522 1.27 -62.43 -4.60
CA ARG A 522 0.16 -62.69 -5.52
C ARG A 522 -0.84 -63.66 -4.91
N LYS A 523 -0.33 -64.71 -4.23
CA LYS A 523 -1.23 -65.65 -3.58
C LYS A 523 -2.05 -64.95 -2.49
N ALA A 524 -1.42 -64.09 -1.69
CA ALA A 524 -2.13 -63.40 -0.63
C ALA A 524 -3.21 -62.50 -1.21
N HIS A 525 -2.91 -61.82 -2.32
CA HIS A 525 -3.94 -61.02 -2.98
C HIS A 525 -5.10 -61.89 -3.43
N ASN A 526 -4.80 -63.07 -3.99
CA ASN A 526 -5.85 -64.00 -4.40
C ASN A 526 -6.70 -64.44 -3.21
N ASP A 527 -6.05 -64.75 -2.08
CA ASP A 527 -6.81 -65.13 -0.88
C ASP A 527 -7.68 -63.99 -0.38
N ILE A 528 -7.18 -62.76 -0.40
CA ILE A 528 -8.00 -61.62 -0.01
C ILE A 528 -9.24 -61.56 -0.89
N ALA A 529 -9.04 -61.64 -2.21
CA ALA A 529 -10.17 -61.53 -3.13
C ALA A 529 -11.19 -62.64 -2.91
N GLU A 530 -10.72 -63.89 -2.80
CA GLU A 530 -11.65 -65.00 -2.67
C GLU A 530 -12.34 -65.01 -1.31
N TYR A 531 -11.63 -64.60 -0.25
CA TYR A 531 -12.24 -64.51 1.06
C TYR A 531 -13.32 -63.44 1.09
N LEU A 532 -13.07 -62.30 0.45
CA LEU A 532 -14.10 -61.27 0.37
C LEU A 532 -15.29 -61.74 -0.45
N LYS A 533 -15.03 -62.49 -1.53
CA LYS A 533 -16.13 -62.92 -2.40
C LYS A 533 -16.99 -63.97 -1.73
N ASP A 534 -16.38 -65.01 -1.17
CA ASP A 534 -17.14 -66.17 -0.70
C ASP A 534 -17.85 -65.92 0.62
N ARG A 535 -17.30 -65.04 1.47
CA ARG A 535 -17.88 -64.83 2.79
C ARG A 535 -19.22 -64.12 2.68
N VAL A 536 -20.24 -64.68 3.34
CA VAL A 536 -21.57 -64.08 3.40
C VAL A 536 -21.95 -63.91 4.86
N LEU A 537 -22.46 -62.73 5.21
CA LEU A 537 -22.79 -62.41 6.58
C LEU A 537 -23.99 -61.48 6.61
N GLU A 538 -25.01 -61.87 7.36
CA GLU A 538 -26.22 -61.07 7.45
C GLU A 538 -26.02 -59.86 8.35
N LYS A 539 -25.25 -60.01 9.42
CA LYS A 539 -25.07 -58.92 10.37
C LYS A 539 -24.23 -57.79 9.80
N THR A 540 -23.25 -58.13 8.96
CA THR A 540 -22.38 -57.23 8.19
C THR A 540 -21.74 -56.14 9.04
N GLU A 541 -21.79 -56.30 10.37
CA GLU A 541 -21.15 -55.39 11.31
C GLU A 541 -20.71 -56.21 12.51
N PRO A 542 -19.50 -55.97 13.02
CA PRO A 542 -19.06 -56.67 14.23
C PRO A 542 -19.90 -56.29 15.43
N GLU A 543 -20.03 -57.23 16.37
CA GLU A 543 -20.90 -57.04 17.52
C GLU A 543 -20.19 -56.26 18.62
N LEU A 544 -20.92 -56.03 19.70
CA LEU A 544 -20.40 -55.22 20.80
C LEU A 544 -19.34 -55.96 21.61
N TYR A 545 -19.55 -57.26 21.86
CA TYR A 545 -18.62 -57.98 22.72
C TYR A 545 -17.23 -58.04 22.12
N GLU A 546 -17.13 -58.34 20.82
CA GLU A 546 -15.82 -58.39 20.19
C GLU A 546 -15.18 -57.02 20.08
N ILE A 547 -15.98 -55.98 19.81
CA ILE A 547 -15.44 -54.63 19.76
C ILE A 547 -14.86 -54.23 21.10
N LYS A 548 -15.58 -54.53 22.18
CA LYS A 548 -15.07 -54.22 23.51
C LYS A 548 -13.83 -55.06 23.83
N GLY A 549 -13.80 -56.30 23.36
CA GLY A 549 -12.64 -57.15 23.59
C GLY A 549 -11.41 -56.74 22.81
N HIS A 550 -11.60 -56.01 21.71
CA HIS A 550 -10.47 -55.58 20.90
C HIS A 550 -9.69 -54.47 21.58
N PHE A 551 -10.38 -53.55 22.25
CA PHE A 551 -9.76 -52.39 22.88
C PHE A 551 -9.44 -52.59 24.35
N GLN A 552 -9.80 -53.72 24.95
CA GLN A 552 -9.72 -53.87 26.40
C GLN A 552 -8.34 -54.28 26.89
N ASP A 553 -7.37 -54.53 26.00
CA ASP A 553 -6.06 -54.94 26.46
C ASP A 553 -5.31 -53.80 27.14
N ASP A 554 -5.39 -52.60 26.59
CA ASP A 554 -4.57 -51.49 27.04
C ASP A 554 -5.14 -50.88 28.31
N ILE A 555 -4.44 -49.85 28.82
CA ILE A 555 -4.90 -49.14 30.00
C ILE A 555 -6.21 -48.43 29.69
N ASP A 556 -7.16 -48.54 30.61
CA ASP A 556 -8.44 -47.88 30.42
C ASP A 556 -8.26 -46.36 30.45
N PRO A 557 -9.02 -45.62 29.67
CA PRO A 557 -8.87 -44.16 29.64
C PRO A 557 -9.44 -43.53 30.91
N PHE A 558 -9.33 -42.20 30.96
CA PHE A 558 -9.81 -41.41 32.09
C PHE A 558 -10.67 -40.27 31.56
N THR A 559 -11.88 -40.13 32.10
CA THR A 559 -12.78 -39.06 31.72
C THR A 559 -13.24 -38.33 32.97
N ASN A 560 -13.38 -37.01 32.85
CA ASN A 560 -13.89 -36.20 33.95
C ASN A 560 -15.37 -35.88 33.72
N GLU A 561 -15.92 -35.05 34.60
CA GLU A 561 -17.33 -34.68 34.50
C GLU A 561 -17.61 -33.84 33.25
N ASN A 562 -16.61 -33.17 32.70
CA ASN A 562 -16.82 -32.30 31.56
C ASN A 562 -16.85 -33.04 30.23
N GLY A 563 -16.47 -34.31 30.20
CA GLY A 563 -16.45 -35.09 28.99
C GLY A 563 -15.09 -35.26 28.35
N ALA A 564 -14.08 -34.52 28.80
CA ALA A 564 -12.74 -34.66 28.26
C ALA A 564 -12.20 -36.06 28.55
N VAL A 565 -11.43 -36.60 27.62
CA VAL A 565 -10.83 -37.93 27.75
C VAL A 565 -9.32 -37.78 27.74
N LEU A 566 -8.67 -38.38 28.72
CA LEU A 566 -7.21 -38.46 28.77
C LEU A 566 -6.82 -39.86 28.31
N LEU A 567 -6.47 -39.97 27.04
CA LEU A 567 -6.08 -41.26 26.49
C LEU A 567 -4.70 -41.65 27.00
N PRO A 568 -4.52 -42.88 27.48
CA PRO A 568 -3.20 -43.27 28.01
C PRO A 568 -2.09 -43.18 26.99
N ASN A 569 -2.39 -43.33 25.70
CA ASN A 569 -1.36 -43.20 24.68
C ASN A 569 -1.03 -41.75 24.35
N ASN A 570 -1.86 -40.81 24.78
CA ASN A 570 -1.54 -39.39 24.68
C ASN A 570 -0.88 -38.86 25.93
N ALA A 571 -0.66 -39.71 26.94
CA ALA A 571 -0.11 -39.24 28.20
C ALA A 571 1.30 -38.71 28.05
N LEU A 572 2.15 -39.44 27.31
CA LEU A 572 3.52 -38.98 27.10
C LEU A 572 3.54 -37.65 26.35
N ALA A 573 2.70 -37.52 25.32
CA ALA A 573 2.64 -36.28 24.57
C ALA A 573 2.19 -35.12 25.44
N ILE A 574 1.17 -35.33 26.27
CA ILE A 574 0.67 -34.25 27.12
C ILE A 574 1.73 -33.88 28.15
N LEU A 575 2.43 -34.88 28.69
CA LEU A 575 3.47 -34.62 29.67
C LEU A 575 4.59 -33.78 29.09
N HIS A 576 5.10 -34.17 27.91
CA HIS A 576 6.19 -33.42 27.32
C HIS A 576 5.74 -32.06 26.81
N ARG A 577 4.50 -31.96 26.34
CA ARG A 577 3.97 -30.67 25.91
C ARG A 577 3.85 -29.72 27.09
N TYR A 578 3.42 -30.22 28.25
CA TYR A 578 3.38 -29.38 29.44
C TYR A 578 4.80 -28.98 29.88
N CYS A 579 5.73 -29.93 29.87
CA CYS A 579 7.10 -29.61 30.23
C CYS A 579 7.76 -28.66 29.25
N GLN A 580 7.24 -28.55 28.03
CA GLN A 580 7.75 -27.58 27.06
C GLN A 580 7.23 -26.17 27.29
N THR A 581 6.30 -25.97 28.22
CA THR A 581 5.78 -24.65 28.52
C THR A 581 6.25 -24.09 29.85
N ILE A 582 6.69 -24.94 30.78
CA ILE A 582 7.15 -24.44 32.08
C ILE A 582 8.36 -23.52 31.97
N PRO A 583 9.39 -23.78 31.16
CA PRO A 583 10.59 -22.93 31.22
C PRO A 583 10.29 -21.51 30.79
N THR A 584 10.99 -20.57 31.43
CA THR A 584 10.91 -19.16 31.09
C THR A 584 12.25 -18.63 30.61
N ASP A 585 12.96 -19.45 29.83
CA ASP A 585 14.23 -19.06 29.24
C ASP A 585 14.50 -19.99 28.06
N ALA A 586 15.47 -19.61 27.23
CA ALA A 586 15.88 -20.48 26.13
C ALA A 586 16.60 -21.71 26.65
N PHE A 587 17.34 -21.59 27.74
CA PHE A 587 18.17 -22.67 28.26
C PHE A 587 17.52 -23.39 29.43
N GLY A 588 16.27 -23.09 29.76
CA GLY A 588 15.58 -23.72 30.86
C GLY A 588 14.78 -24.96 30.51
N PHE A 589 14.91 -25.47 29.29
CA PHE A 589 14.09 -26.59 28.83
C PHE A 589 14.76 -27.91 29.16
N VAL A 590 14.13 -28.71 30.01
CA VAL A 590 14.57 -30.06 30.32
C VAL A 590 13.35 -30.96 30.40
N ILE A 591 13.47 -32.14 29.79
CA ILE A 591 12.37 -33.11 29.73
C ILE A 591 12.38 -33.97 30.97
N PRO A 592 11.27 -34.66 31.30
CA PRO A 592 11.28 -35.55 32.47
C PRO A 592 12.32 -36.65 32.31
N TRP A 593 12.90 -37.04 33.43
CA TRP A 593 13.92 -38.09 33.47
C TRP A 593 13.23 -39.42 33.76
N PHE A 594 13.16 -40.28 32.75
CA PHE A 594 12.59 -41.60 32.91
C PHE A 594 13.65 -42.57 33.40
N HIS A 595 13.39 -43.22 34.51
CA HIS A 595 14.31 -44.16 35.12
C HIS A 595 13.59 -45.47 35.39
N VAL A 596 14.19 -46.57 34.95
CA VAL A 596 13.64 -47.91 35.18
C VAL A 596 14.20 -48.45 36.49
N LEU A 597 13.32 -48.92 37.36
CA LEU A 597 13.73 -49.38 38.68
C LEU A 597 14.43 -50.72 38.60
N GLN A 598 15.46 -50.89 39.43
CA GLN A 598 16.16 -52.16 39.51
C GLN A 598 15.38 -53.15 40.38
N GLU A 599 15.88 -54.37 40.47
CA GLU A 599 15.16 -55.42 41.19
C GLU A 599 15.07 -55.10 42.69
N ASP A 600 16.18 -54.69 43.29
CA ASP A 600 16.18 -54.42 44.73
C ASP A 600 15.26 -53.26 45.09
N GLU A 601 15.34 -52.16 44.31
CA GLU A 601 14.46 -51.01 44.57
C GLU A 601 13.00 -51.39 44.36
N ARG A 602 12.70 -52.13 43.30
CA ARG A 602 11.32 -52.54 43.04
C ARG A 602 10.78 -53.41 44.17
N ASP A 603 11.59 -54.34 44.66
CA ASP A 603 11.15 -55.18 45.77
C ASP A 603 10.99 -54.35 47.04
N ARG A 604 11.84 -53.35 47.22
CA ARG A 604 11.74 -52.49 48.40
C ARG A 604 10.48 -51.63 48.37
N ILE A 605 10.05 -51.21 47.19
CA ILE A 605 8.93 -50.27 47.08
C ILE A 605 7.61 -51.01 46.93
N PHE A 606 7.51 -51.87 45.91
CA PHE A 606 6.25 -52.56 45.63
C PHE A 606 6.15 -53.92 46.30
N GLY A 607 7.20 -54.39 46.97
CA GLY A 607 7.12 -55.71 47.57
C GLY A 607 7.08 -56.81 46.53
N VAL A 608 6.59 -57.97 46.96
CA VAL A 608 6.50 -59.13 46.07
C VAL A 608 5.37 -59.02 45.07
N SER A 609 4.52 -58.01 45.19
CA SER A 609 3.41 -57.83 44.26
C SER A 609 3.87 -57.38 42.87
N ALA A 610 5.14 -57.04 42.72
CA ALA A 610 5.72 -56.69 41.42
C ALA A 610 6.92 -57.58 41.10
N LYS A 611 6.79 -58.88 41.34
CA LYS A 611 7.83 -59.83 41.02
C LYS A 611 7.63 -60.34 39.60
N GLY A 612 8.65 -60.18 38.76
CA GLY A 612 8.54 -60.55 37.37
C GLY A 612 7.88 -59.52 36.47
N LYS A 613 7.71 -58.28 36.94
CA LYS A 613 7.09 -57.23 36.17
C LYS A 613 7.95 -55.98 36.19
N HIS A 614 7.74 -55.12 35.20
CA HIS A 614 8.50 -53.90 35.01
C HIS A 614 7.78 -52.71 35.63
N VAL A 615 8.56 -51.79 36.21
CA VAL A 615 8.05 -50.56 36.78
C VAL A 615 8.95 -49.41 36.33
N ILE A 616 8.34 -48.25 36.12
CA ILE A 616 9.05 -47.06 35.65
C ILE A 616 8.79 -45.93 36.64
N SER A 617 9.87 -45.30 37.10
CA SER A 617 9.79 -44.10 37.93
C SER A 617 10.15 -42.90 37.07
N ILE A 618 9.47 -41.78 37.31
CA ILE A 618 9.67 -40.57 36.53
C ILE A 618 9.98 -39.41 37.47
N ASN A 619 11.00 -38.64 37.14
CA ASN A 619 11.41 -37.47 37.90
C ASN A 619 11.16 -36.23 37.06
N MET A 620 10.28 -35.35 37.53
CA MET A 620 9.97 -34.12 36.85
C MET A 620 11.08 -33.10 37.02
N PRO A 621 11.15 -32.09 36.13
CA PRO A 621 12.17 -31.05 36.28
C PRO A 621 11.95 -30.23 37.54
N VAL A 622 12.97 -29.41 37.85
CA VAL A 622 12.99 -28.68 39.12
C VAL A 622 11.92 -27.59 39.17
N ASN A 623 11.57 -27.01 38.03
CA ASN A 623 10.58 -25.93 38.03
C ASN A 623 9.18 -26.42 38.34
N CYS A 624 8.84 -27.65 37.92
CA CYS A 624 7.47 -28.13 38.04
C CYS A 624 7.08 -28.34 39.50
N MET A 625 5.77 -28.28 39.74
CA MET A 625 5.23 -28.56 41.07
C MET A 625 5.38 -30.03 41.45
N LEU A 626 5.46 -30.93 40.49
CA LEU A 626 5.62 -32.35 40.75
C LEU A 626 7.06 -32.62 41.15
N ARG A 627 7.27 -33.06 42.39
CA ARG A 627 8.58 -33.46 42.87
C ARG A 627 8.44 -34.71 43.73
N ASP A 628 7.59 -35.64 43.31
CA ASP A 628 7.27 -36.81 44.11
C ASP A 628 7.65 -38.13 43.44
N THR A 629 8.28 -38.09 42.28
CA THR A 629 8.78 -39.30 41.60
C THR A 629 7.65 -40.31 41.39
N ILE A 630 6.70 -39.94 40.53
CA ILE A 630 5.58 -40.81 40.21
C ILE A 630 6.09 -42.18 39.80
N TYR A 631 5.47 -43.22 40.36
CA TYR A 631 5.82 -44.61 40.06
C TYR A 631 4.73 -45.23 39.21
N SER A 632 5.13 -45.91 38.15
CA SER A 632 4.18 -46.62 37.30
C SER A 632 3.68 -47.89 37.98
N ASP A 633 2.51 -48.33 37.55
CA ASP A 633 1.99 -49.60 38.02
C ASP A 633 2.88 -50.74 37.50
N PRO A 634 2.92 -51.87 38.21
CA PRO A 634 3.72 -52.99 37.72
C PRO A 634 3.17 -53.56 36.42
N MET A 635 3.91 -53.37 35.33
CA MET A 635 3.46 -53.79 34.00
C MET A 635 4.36 -54.88 33.44
N ASP A 636 3.86 -55.52 32.38
CA ASP A 636 4.55 -56.66 31.81
C ASP A 636 5.88 -56.27 31.19
N ASN A 637 5.91 -55.18 30.44
CA ASN A 637 7.08 -54.78 29.67
C ASN A 637 7.31 -53.28 29.80
N VAL A 638 8.47 -52.83 29.32
CA VAL A 638 8.94 -51.48 29.62
C VAL A 638 8.05 -50.44 28.97
N LYS A 639 7.57 -50.70 27.75
CA LYS A 639 6.75 -49.71 27.05
C LYS A 639 5.45 -49.44 27.81
N THR A 640 4.78 -50.49 28.28
CA THR A 640 3.55 -50.31 29.03
C THR A 640 3.81 -49.59 30.35
N ALA A 641 4.93 -49.90 31.01
CA ALA A 641 5.25 -49.21 32.26
C ALA A 641 5.52 -47.74 32.02
N LYS A 642 6.22 -47.41 30.93
CA LYS A 642 6.44 -46.00 30.59
C LYS A 642 5.12 -45.29 30.35
N ILE A 643 4.21 -45.94 29.62
CA ILE A 643 2.89 -45.34 29.39
C ILE A 643 2.16 -45.14 30.71
N SER A 644 2.24 -46.11 31.61
CA SER A 644 1.55 -46.01 32.90
C SER A 644 2.11 -44.87 33.73
N ALA A 645 3.44 -44.72 33.78
CA ALA A 645 4.04 -43.64 34.54
C ALA A 645 3.62 -42.29 33.98
N ALA A 646 3.63 -42.14 32.64
CA ALA A 646 3.18 -40.89 32.05
C ALA A 646 1.71 -40.62 32.35
N PHE A 647 0.89 -41.67 32.30
CA PHE A 647 -0.54 -41.51 32.58
C PHE A 647 -0.76 -41.04 34.01
N LYS A 648 -0.06 -41.64 34.97
CA LYS A 648 -0.22 -41.22 36.35
C LYS A 648 0.27 -39.80 36.56
N ALA A 649 1.39 -39.44 35.93
CA ALA A 649 1.88 -38.07 36.05
C ALA A 649 0.88 -37.07 35.50
N CYS A 650 0.27 -37.39 34.35
CA CYS A 650 -0.72 -36.49 33.78
C CYS A 650 -1.96 -36.38 34.66
N LYS A 651 -2.39 -37.49 35.25
CA LYS A 651 -3.54 -37.44 36.15
C LYS A 651 -3.23 -36.57 37.37
N VAL A 652 -2.03 -36.69 37.93
CA VAL A 652 -1.67 -35.86 39.07
C VAL A 652 -1.60 -34.40 38.67
N LEU A 653 -1.07 -34.11 37.48
CA LEU A 653 -1.04 -32.74 36.99
C LEU A 653 -2.44 -32.16 36.86
N TYR A 654 -3.38 -32.96 36.33
CA TYR A 654 -4.76 -32.50 36.24
C TYR A 654 -5.36 -32.25 37.62
N SER A 655 -5.06 -33.13 38.57
CA SER A 655 -5.57 -32.92 39.92
C SER A 655 -4.99 -31.67 40.57
N LEU A 656 -3.75 -31.31 40.23
CA LEU A 656 -3.11 -30.14 40.79
C LEU A 656 -3.48 -28.85 40.05
N GLY A 657 -4.29 -28.94 39.01
CA GLY A 657 -4.75 -27.76 38.31
C GLY A 657 -3.87 -27.26 37.19
N GLU A 658 -2.79 -27.99 36.85
CA GLU A 658 -1.95 -27.60 35.74
C GLU A 658 -2.56 -27.92 34.39
N LEU A 659 -3.52 -28.84 34.32
CA LEU A 659 -4.28 -29.13 33.11
C LEU A 659 -5.67 -28.55 33.26
N ASN A 660 -6.11 -27.80 32.25
CA ASN A 660 -7.30 -26.95 32.37
C ASN A 660 -8.57 -27.72 32.00
N GLU A 661 -8.84 -28.78 32.77
CA GLU A 661 -10.09 -29.55 32.70
C GLU A 661 -10.38 -30.02 31.29
N ARG A 662 -9.43 -29.83 30.38
CA ARG A 662 -9.45 -30.39 29.03
C ARG A 662 -8.16 -31.15 28.76
N PHE A 663 -7.32 -31.32 29.78
CA PHE A 663 -6.08 -32.09 29.69
C PHE A 663 -5.12 -31.49 28.67
N VAL A 664 -5.01 -30.16 28.68
CA VAL A 664 -3.93 -29.48 28.00
C VAL A 664 -3.31 -28.52 29.01
N PRO A 665 -2.02 -28.20 28.92
CA PRO A 665 -1.40 -27.33 29.93
C PRO A 665 -2.07 -25.97 29.97
N LYS A 666 -2.24 -25.45 31.18
CA LYS A 666 -2.92 -24.17 31.36
C LYS A 666 -2.08 -23.04 30.79
N THR A 667 -2.73 -22.18 30.01
CA THR A 667 -2.07 -21.01 29.46
C THR A 667 -2.19 -19.84 30.43
N LEU A 668 -1.45 -18.77 30.12
CA LEU A 668 -1.37 -17.64 31.04
C LEU A 668 -2.73 -16.94 31.17
N LYS A 669 -3.48 -16.84 30.07
CA LYS A 669 -4.76 -16.17 30.12
C LYS A 669 -5.72 -16.87 31.07
N GLU A 670 -5.73 -18.20 31.06
CA GLU A 670 -6.57 -18.93 32.01
C GLU A 670 -6.12 -18.71 33.44
N ARG A 671 -4.80 -18.66 33.66
CA ARG A 671 -4.28 -18.45 35.01
C ARG A 671 -4.71 -17.09 35.56
N VAL A 672 -4.67 -16.05 34.73
CA VAL A 672 -5.09 -14.74 35.22
C VAL A 672 -6.62 -14.62 35.22
N ALA A 673 -7.32 -15.41 34.40
CA ALA A 673 -8.77 -15.41 34.46
C ALA A 673 -9.27 -16.04 35.76
N SER A 674 -8.58 -17.05 36.27
CA SER A 674 -8.93 -17.63 37.55
C SER A 674 -8.74 -16.66 38.70
N ILE A 675 -8.07 -15.54 38.48
CA ILE A 675 -7.80 -14.57 39.54
C ILE A 675 -8.53 -13.24 39.30
N ALA A 676 -9.00 -12.98 38.07
CA ALA A 676 -9.63 -11.71 37.75
C ALA A 676 -10.73 -11.32 38.73
N ASP A 677 -11.53 -12.29 39.16
CA ASP A 677 -12.66 -11.97 40.03
C ASP A 677 -12.25 -11.77 41.49
N VAL A 678 -11.00 -12.03 41.84
CA VAL A 678 -10.53 -11.93 43.22
C VAL A 678 -9.74 -10.64 43.45
N HIS A 679 -8.88 -10.28 42.49
CA HIS A 679 -8.04 -9.10 42.64
C HIS A 679 -8.49 -7.92 41.81
N PHE A 680 -9.26 -8.15 40.75
CA PHE A 680 -9.67 -7.12 39.81
C PHE A 680 -11.19 -7.03 39.75
N GLU A 681 -11.83 -7.18 40.91
CA GLU A 681 -13.29 -7.14 40.96
C GLU A 681 -13.82 -5.74 40.72
N HIS A 682 -13.11 -4.70 41.16
CA HIS A 682 -13.57 -3.34 41.00
C HIS A 682 -13.58 -2.87 39.55
N TRP A 683 -12.97 -3.64 38.64
CA TRP A 683 -12.96 -3.26 37.24
C TRP A 683 -14.35 -3.30 36.60
N ASN A 684 -15.29 -4.05 37.17
CA ASN A 684 -16.53 -4.33 36.46
C ASN A 684 -17.47 -3.12 36.45
N LYS A 685 -17.38 -2.26 37.46
CA LYS A 685 -18.24 -1.08 37.48
C LYS A 685 -17.88 -0.10 36.36
N TYR A 686 -16.68 -0.20 35.79
CA TYR A 686 -16.26 0.68 34.72
C TYR A 686 -16.30 0.00 33.36
N GLY A 687 -16.91 -1.18 33.26
CA GLY A 687 -17.07 -1.83 31.98
C GLY A 687 -15.81 -2.38 31.37
N ASP A 688 -14.78 -2.61 32.17
CA ASP A 688 -13.53 -3.18 31.71
C ASP A 688 -13.19 -4.40 32.53
N SER A 689 -12.51 -5.35 31.90
CA SER A 689 -12.04 -6.55 32.58
C SER A 689 -10.58 -6.79 32.21
N VAL A 690 -9.83 -7.31 33.19
CA VAL A 690 -8.40 -7.53 33.00
C VAL A 690 -8.14 -8.59 31.94
N THR A 691 -9.12 -9.47 31.68
CA THR A 691 -8.92 -10.51 30.66
C THR A 691 -8.86 -9.90 29.27
N ALA A 692 -9.79 -9.01 28.94
CA ALA A 692 -9.89 -8.48 27.59
C ALA A 692 -8.69 -7.61 27.25
N THR A 693 -8.22 -7.74 26.00
CA THR A 693 -7.04 -7.02 25.53
C THR A 693 -7.39 -5.87 24.58
N VAL A 694 -8.68 -5.54 24.45
CA VAL A 694 -9.09 -4.50 23.51
C VAL A 694 -8.62 -3.12 24.00
N ASN A 695 -8.68 -2.87 25.30
CA ASN A 695 -8.35 -1.57 25.88
C ASN A 695 -6.86 -1.41 26.17
N LYS A 696 -6.03 -2.33 25.70
CA LYS A 696 -4.58 -2.19 25.86
C LYS A 696 -3.96 -1.34 24.75
N ALA A 697 -4.70 -1.10 23.67
CA ALA A 697 -4.18 -0.28 22.58
C ALA A 697 -4.15 1.20 22.94
N ASP A 698 -5.22 1.70 23.56
CA ASP A 698 -5.36 3.13 23.82
C ASP A 698 -4.68 3.47 25.15
N LYS A 699 -3.36 3.46 25.13
CA LYS A 699 -2.57 3.78 26.33
C LYS A 699 -2.57 5.26 26.64
N SER A 700 -2.99 6.10 25.69
CA SER A 700 -2.94 7.56 25.85
C SER A 700 -4.33 8.17 26.05
N LYS A 701 -5.21 7.49 26.77
CA LYS A 701 -6.56 7.98 26.99
C LYS A 701 -6.59 9.00 28.13
N ASP A 702 -7.78 9.56 28.38
CA ASP A 702 -8.01 10.46 29.50
C ASP A 702 -9.50 10.54 29.76
N ARG A 703 -9.86 11.06 30.93
CA ARG A 703 -11.24 11.06 31.39
C ARG A 703 -11.60 12.43 31.99
N THR A 704 -12.89 12.70 32.04
CA THR A 704 -13.40 13.98 32.54
C THR A 704 -13.91 13.80 33.96
N TYR A 705 -13.41 14.62 34.88
CA TYR A 705 -13.72 14.51 36.29
C TYR A 705 -14.41 15.78 36.78
N LYS A 706 -15.45 15.60 37.57
CA LYS A 706 -16.15 16.73 38.19
C LYS A 706 -15.36 17.19 39.39
N THR A 707 -14.70 18.34 39.29
CA THR A 707 -13.93 18.86 40.40
C THR A 707 -14.86 19.30 41.53
N GLU A 708 -14.36 19.18 42.75
CA GLU A 708 -15.09 19.58 43.95
C GLU A 708 -14.19 20.43 44.83
N CYS A 709 -14.76 21.49 45.40
CA CYS A 709 -14.01 22.40 46.24
C CYS A 709 -13.71 21.75 47.59
N PRO A 710 -12.75 22.30 48.35
CA PRO A 710 -12.56 21.83 49.71
C PRO A 710 -13.81 22.04 50.55
N LEU A 711 -13.98 21.17 51.55
CA LEU A 711 -15.18 21.22 52.38
C LEU A 711 -15.33 22.58 53.06
N GLU A 712 -14.22 23.24 53.40
CA GLU A 712 -14.30 24.54 54.04
C GLU A 712 -14.94 25.57 53.12
N PHE A 713 -14.57 25.56 51.84
CA PHE A 713 -15.06 26.58 50.92
C PHE A 713 -16.51 26.33 50.53
N TYR A 714 -17.02 25.12 50.72
CA TYR A 714 -18.41 24.85 50.40
C TYR A 714 -19.33 25.47 51.46
N ASP A 715 -20.37 26.16 51.00
CA ASP A 715 -21.35 26.79 51.88
C ASP A 715 -20.68 27.74 52.86
N ALA A 716 -19.65 28.45 52.39
CA ALA A 716 -18.85 29.31 53.24
C ALA A 716 -19.26 30.78 53.15
N LEU A 717 -20.30 31.09 52.40
CA LEU A 717 -20.75 32.47 52.26
C LEU A 717 -21.27 33.00 53.59
N PRO A 718 -20.73 34.10 54.11
CA PRO A 718 -21.20 34.61 55.40
C PRO A 718 -22.66 35.07 55.32
N ARG A 719 -23.34 34.98 56.46
CA ARG A 719 -24.76 35.28 56.53
C ARG A 719 -25.02 36.33 57.59
N VAL A 720 -26.22 36.92 57.52
CA VAL A 720 -26.62 37.92 58.50
C VAL A 720 -27.06 37.25 59.80
N GLY A 721 -26.48 37.73 60.90
CA GLY A 721 -26.82 37.21 62.21
C GLY A 721 -26.15 35.91 62.56
N GLU A 722 -25.06 35.56 61.86
CA GLU A 722 -24.25 34.42 62.19
C GLU A 722 -22.81 34.87 62.38
N ILE A 723 -22.03 34.05 63.10
CA ILE A 723 -20.63 34.36 63.31
C ILE A 723 -19.84 33.93 62.08
N CYS A 724 -19.00 34.83 61.56
CA CYS A 724 -18.13 34.55 60.44
C CYS A 724 -16.70 34.87 60.84
N TYR A 725 -15.76 34.18 60.21
CA TYR A 725 -14.35 34.23 60.58
C TYR A 725 -13.53 34.81 59.44
N ALA A 726 -12.67 35.78 59.77
CA ALA A 726 -11.80 36.42 58.81
C ALA A 726 -10.35 36.10 59.14
N TYR A 727 -9.62 35.59 58.14
CA TYR A 727 -8.21 35.23 58.28
C TYR A 727 -7.37 36.21 57.48
N GLU A 728 -6.63 37.06 58.18
CA GLU A 728 -5.83 38.08 57.52
C GLU A 728 -4.67 37.44 56.76
N ILE A 729 -4.37 37.98 55.59
CA ILE A 729 -3.28 37.51 54.75
C ILE A 729 -2.10 38.44 54.92
N PHE A 730 -0.99 37.90 55.40
CA PHE A 730 0.22 38.68 55.63
C PHE A 730 1.25 38.33 54.57
N LEU A 731 1.83 39.35 53.95
CA LEU A 731 2.86 39.18 52.94
C LEU A 731 4.18 39.69 53.49
N GLU A 732 5.21 38.85 53.48
CA GLU A 732 6.52 39.22 53.98
C GLU A 732 7.51 39.28 52.84
N PRO A 733 7.99 40.45 52.44
CA PRO A 733 8.97 40.52 51.36
C PRO A 733 10.32 40.00 51.82
N GLN A 734 10.87 39.06 51.07
CA GLN A 734 12.14 38.45 51.40
C GLN A 734 13.34 39.17 50.81
N PHE A 735 13.17 39.81 49.65
CA PHE A 735 14.29 40.44 48.97
C PHE A 735 14.81 41.64 49.76
N GLU A 736 16.11 41.89 49.64
CA GLU A 736 16.72 43.01 50.32
C GLU A 736 16.26 44.32 49.71
N SER A 737 15.98 45.30 50.56
CA SER A 737 15.53 46.61 50.08
C SER A 737 16.65 47.33 49.34
N CYS A 738 16.29 47.99 48.25
CA CYS A 738 17.23 48.77 47.46
C CYS A 738 16.46 49.86 46.75
N GLU A 739 17.20 50.70 46.00
CA GLU A 739 16.59 51.81 45.29
C GLU A 739 15.56 51.33 44.28
N TYR A 740 15.80 50.19 43.64
CA TYR A 740 14.85 49.68 42.66
C TYR A 740 13.65 49.02 43.32
N THR A 741 13.86 48.35 44.46
CA THR A 741 12.82 47.56 45.10
C THR A 741 12.31 48.17 46.40
N GLU A 742 12.54 49.47 46.61
CA GLU A 742 12.11 50.10 47.85
C GLU A 742 10.58 50.12 47.95
N HIS A 743 9.90 50.44 46.86
CA HIS A 743 8.44 50.61 46.93
C HIS A 743 7.75 49.28 47.23
N MET A 744 8.15 48.21 46.54
CA MET A 744 7.55 46.90 46.75
C MET A 744 7.84 46.40 48.16
N TYR A 745 9.07 46.61 48.64
CA TYR A 745 9.43 46.18 49.98
C TYR A 745 8.64 46.94 51.04
N LEU A 746 8.50 48.25 50.89
CA LEU A 746 7.86 49.05 51.92
C LEU A 746 6.35 48.86 51.93
N ASN A 747 5.74 48.83 50.75
CA ASN A 747 4.27 48.77 50.69
C ASN A 747 3.72 47.46 51.25
N LEU A 748 4.34 46.33 50.91
CA LEU A 748 3.80 45.04 51.31
C LEU A 748 3.84 44.83 52.82
N GLN A 749 4.68 45.57 53.54
CA GLN A 749 4.79 45.43 54.98
C GLN A 749 3.78 46.28 55.74
N THR A 750 3.03 47.13 55.05
CA THR A 750 2.07 47.98 55.72
C THR A 750 0.95 47.14 56.33
N PRO A 751 0.43 47.53 57.49
CA PRO A 751 -0.57 46.70 58.18
C PRO A 751 -1.98 46.80 57.60
N ARG A 752 -2.15 47.44 56.45
CA ARG A 752 -3.46 47.52 55.80
C ARG A 752 -3.58 46.32 54.86
N ASN A 753 -3.78 45.15 55.45
CA ASN A 753 -3.93 43.91 54.70
C ASN A 753 -5.41 43.62 54.48
N TYR A 754 -5.66 42.55 53.72
CA TYR A 754 -7.00 42.03 53.54
C TYR A 754 -7.10 40.64 54.15
N ALA A 755 -8.33 40.21 54.38
CA ALA A 755 -8.58 38.90 54.95
C ALA A 755 -9.46 38.10 54.01
N ILE A 756 -9.77 36.88 54.42
CA ILE A 756 -10.70 36.02 53.71
C ILE A 756 -11.83 35.67 54.68
N LEU A 757 -13.06 35.88 54.25
CA LEU A 757 -14.22 35.82 55.13
C LEU A 757 -15.02 34.56 54.85
N LEU A 758 -15.21 33.73 55.87
CA LEU A 758 -15.90 32.47 55.72
C LEU A 758 -16.84 32.26 56.90
N ARG A 759 -17.89 31.46 56.65
CA ARG A 759 -18.62 30.87 57.76
C ARG A 759 -17.84 29.72 58.39
N ASN A 760 -17.13 28.96 57.56
CA ASN A 760 -16.42 27.77 58.01
C ASN A 760 -15.04 28.14 58.53
N LYS A 761 -14.51 27.30 59.42
CA LYS A 761 -13.26 27.55 60.10
C LYS A 761 -12.12 26.85 59.36
N LEU A 762 -11.06 27.59 59.07
CA LEU A 762 -9.91 27.05 58.36
C LEU A 762 -8.98 26.31 59.31
N PRO A 763 -8.28 25.30 58.82
CA PRO A 763 -7.19 24.68 59.58
C PRO A 763 -5.93 25.52 59.44
N ARG A 764 -4.89 25.11 60.16
CA ARG A 764 -3.60 25.75 60.03
C ARG A 764 -3.01 25.49 58.66
N LEU A 765 -2.49 26.54 58.03
CA LEU A 765 -2.00 26.47 56.66
C LEU A 765 -0.50 26.75 56.63
N ALA A 766 0.20 26.02 55.77
CA ALA A 766 1.65 26.19 55.65
C ALA A 766 1.98 27.52 55.00
N GLU A 767 3.07 28.13 55.46
CA GLU A 767 3.56 29.35 54.82
C GLU A 767 4.01 29.03 53.41
N MET A 768 3.71 29.94 52.48
CA MET A 768 3.78 29.67 51.05
C MET A 768 4.66 30.70 50.35
N PRO A 769 5.45 30.28 49.36
CA PRO A 769 6.32 31.22 48.64
C PRO A 769 5.71 31.74 47.35
N LEU A 770 5.93 33.03 47.10
CA LEU A 770 5.55 33.68 45.86
C LEU A 770 6.77 34.40 45.30
N PHE A 771 6.84 34.48 43.97
CA PHE A 771 7.99 35.08 43.28
C PHE A 771 7.52 36.31 42.51
N SER A 772 7.70 37.48 43.09
CA SER A 772 7.42 38.73 42.39
C SER A 772 8.63 39.12 41.53
N ASN A 773 8.45 40.18 40.75
CA ASN A 773 9.56 40.68 39.93
C ASN A 773 10.68 41.25 40.77
N GLN A 774 10.41 41.64 42.01
CA GLN A 774 11.44 42.16 42.89
C GLN A 774 12.16 41.08 43.68
N GLY A 775 11.61 39.87 43.75
CA GLY A 775 12.23 38.78 44.47
C GLY A 775 11.19 37.82 44.99
N LYS A 776 11.55 37.12 46.06
CA LYS A 776 10.70 36.11 46.67
C LYS A 776 9.83 36.72 47.75
N LEU A 777 8.66 36.12 47.96
CA LEU A 777 7.71 36.56 48.96
C LEU A 777 7.33 35.41 49.86
N HIS A 778 6.97 35.73 51.10
CA HIS A 778 6.45 34.75 52.04
C HIS A 778 5.04 35.18 52.43
N VAL A 779 4.08 34.26 52.29
CA VAL A 779 2.69 34.54 52.58
C VAL A 779 2.22 33.57 53.66
N ARG A 780 1.61 34.10 54.71
CA ARG A 780 1.09 33.28 55.78
C ARG A 780 -0.34 33.72 56.08
N VAL A 781 -1.16 32.76 56.48
CA VAL A 781 -2.53 33.01 56.89
C VAL A 781 -2.60 32.91 58.40
N ALA A 782 -3.18 33.92 59.05
CA ALA A 782 -3.21 33.95 60.51
C ALA A 782 -3.99 32.75 61.03
N ASN A 783 -3.41 32.07 62.03
CA ASN A 783 -4.08 30.92 62.61
C ASN A 783 -5.28 31.31 63.47
N ALA A 784 -5.23 32.49 64.07
CA ALA A 784 -6.33 32.96 64.90
C ALA A 784 -7.27 33.82 64.06
N PRO A 785 -8.49 33.38 63.80
CA PRO A 785 -9.41 34.16 62.97
C PRO A 785 -9.93 35.40 63.68
N LEU A 786 -10.37 36.35 62.89
CA LEU A 786 -11.12 37.52 63.37
C LEU A 786 -12.60 37.14 63.35
N GLU A 787 -13.24 37.21 64.51
CA GLU A 787 -14.64 36.82 64.65
C GLU A 787 -15.51 38.08 64.68
N VAL A 788 -16.37 38.21 63.68
CA VAL A 788 -17.32 39.32 63.58
C VAL A 788 -18.69 38.78 63.19
N ILE A 789 -19.69 39.63 63.34
CA ILE A 789 -21.06 39.29 62.99
C ILE A 789 -21.61 40.36 62.07
N ILE A 790 -22.28 39.94 61.01
CA ILE A 790 -22.90 40.87 60.06
C ILE A 790 -24.35 41.06 60.46
N GLN A 791 -24.70 42.30 60.82
CA GLN A 791 -26.01 42.62 61.38
C GLN A 791 -26.86 43.45 60.42
N ASN A 792 -26.42 43.59 59.17
CA ASN A 792 -27.17 44.37 58.19
C ASN A 792 -27.10 43.67 56.84
N SER A 793 -28.25 43.47 56.21
CA SER A 793 -28.26 42.90 54.87
C SER A 793 -27.53 43.81 53.88
N GLU A 794 -27.71 45.12 54.02
CA GLU A 794 -27.00 46.07 53.16
C GLU A 794 -25.50 46.02 53.42
N GLN A 795 -25.10 45.72 54.64
CA GLN A 795 -23.68 45.57 54.95
C GLN A 795 -23.08 44.38 54.19
N LEU A 796 -23.79 43.24 54.21
CA LEU A 796 -23.36 42.08 53.44
C LEU A 796 -23.36 42.38 51.95
N GLU A 797 -24.35 43.15 51.48
CA GLU A 797 -24.39 43.54 50.08
C GLU A 797 -23.18 44.37 49.72
N LEU A 798 -22.79 45.30 50.59
CA LEU A 798 -21.59 46.11 50.36
C LEU A 798 -20.35 45.24 50.31
N LEU A 799 -20.26 44.27 51.22
CA LEU A 799 -19.11 43.35 51.22
C LEU A 799 -19.02 42.61 49.90
N HIS A 800 -20.14 42.03 49.45
CA HIS A 800 -20.11 41.24 48.23
C HIS A 800 -19.88 42.13 47.01
N GLN A 801 -20.39 43.36 47.03
CA GLN A 801 -20.15 44.28 45.93
C GLN A 801 -18.67 44.63 45.81
N PHE A 802 -18.02 44.90 46.94
CA PHE A 802 -16.58 45.16 46.91
C PHE A 802 -15.81 43.93 46.43
N HIS A 803 -16.22 42.74 46.88
CA HIS A 803 -15.55 41.53 46.44
C HIS A 803 -15.65 41.36 44.93
N GLY A 804 -16.84 41.59 44.38
CA GLY A 804 -16.99 41.52 42.93
C GLY A 804 -16.22 42.63 42.23
N MET A 805 -16.14 43.80 42.85
CA MET A 805 -15.44 44.93 42.25
C MET A 805 -13.96 44.61 42.07
N VAL A 806 -13.35 43.98 43.07
CA VAL A 806 -11.92 43.69 42.99
C VAL A 806 -11.61 42.91 41.73
N PHE A 807 -12.36 41.83 41.49
CA PHE A 807 -12.12 41.00 40.31
C PHE A 807 -12.55 41.69 39.03
N ARG A 808 -13.62 42.47 39.09
CA ARG A 808 -14.14 43.09 37.87
C ARG A 808 -13.21 44.19 37.37
N ASP A 809 -12.59 44.94 38.27
CA ASP A 809 -11.84 46.13 37.92
C ASP A 809 -10.35 46.05 38.23
N ILE A 810 -9.99 45.71 39.46
CA ILE A 810 -8.57 45.77 39.84
C ILE A 810 -7.78 44.69 39.15
N LEU A 811 -8.33 43.47 39.09
CA LEU A 811 -7.64 42.34 38.48
C LEU A 811 -8.15 42.02 37.08
N LYS A 812 -9.31 42.54 36.69
CA LYS A 812 -9.87 42.35 35.35
C LYS A 812 -10.01 40.88 35.01
N ILE A 813 -10.41 40.08 36.00
CA ILE A 813 -10.71 38.66 35.78
C ILE A 813 -12.10 38.48 35.20
N TRP A 814 -12.91 39.54 35.17
CA TRP A 814 -14.32 39.42 34.84
C TRP A 814 -14.52 38.91 33.41
N HIS A 815 -15.68 38.31 33.20
CA HIS A 815 -16.13 37.81 31.91
C HIS A 815 -17.54 38.34 31.66
N PRO A 816 -17.96 38.42 30.40
CA PRO A 816 -19.30 38.97 30.13
C PRO A 816 -20.42 38.25 30.85
N PHE A 817 -20.31 36.93 31.03
CA PHE A 817 -21.39 36.15 31.61
C PHE A 817 -21.30 35.98 33.11
N PHE A 818 -20.23 36.43 33.77
CA PHE A 818 -20.13 36.27 35.20
C PHE A 818 -21.23 37.02 35.94
N VAL A 819 -21.66 36.43 37.05
CA VAL A 819 -22.70 36.98 37.91
C VAL A 819 -22.22 36.86 39.35
N LEU A 820 -22.49 37.89 40.15
CA LEU A 820 -22.24 37.77 41.58
C LEU A 820 -23.13 36.68 42.17
N ASP A 821 -22.51 35.76 42.89
CA ASP A 821 -23.16 34.51 43.30
C ASP A 821 -23.61 34.64 44.75
N ARG A 822 -24.88 34.36 44.99
CA ARG A 822 -25.44 34.33 46.34
C ARG A 822 -25.97 32.96 46.72
N ARG A 823 -25.71 31.94 45.90
CA ARG A 823 -26.31 30.63 46.12
C ARG A 823 -25.81 29.96 47.38
N SER A 824 -24.67 30.40 47.92
CA SER A 824 -24.04 29.78 49.09
C SER A 824 -23.82 28.29 48.85
N LYS A 825 -22.96 28.01 47.88
CA LYS A 825 -22.70 26.66 47.41
C LYS A 825 -21.19 26.59 47.16
N GLU A 826 -20.75 25.61 46.36
CA GLU A 826 -19.33 25.34 46.17
C GLU A 826 -18.53 26.62 45.91
N ASN A 827 -17.37 26.71 46.55
CA ASN A 827 -16.39 27.77 46.31
C ASN A 827 -17.00 29.16 46.52
N SER A 828 -17.63 29.38 47.66
CA SER A 828 -18.30 30.63 47.96
C SER A 828 -17.74 31.23 49.25
N TYR A 829 -16.84 32.20 49.11
CA TYR A 829 -16.28 32.91 50.25
C TYR A 829 -15.94 34.32 49.79
N LEU A 830 -15.69 35.20 50.75
CA LEU A 830 -15.49 36.61 50.44
C LEU A 830 -14.09 37.06 50.83
N VAL A 831 -13.71 38.23 50.31
CA VAL A 831 -12.43 38.87 50.60
C VAL A 831 -12.72 40.30 51.05
N VAL A 832 -12.18 40.67 52.20
CA VAL A 832 -12.48 41.97 52.80
C VAL A 832 -11.20 42.69 53.19
N PRO A 833 -11.10 43.99 52.96
CA PRO A 833 -9.93 44.75 53.44
C PRO A 833 -10.05 45.07 54.92
N LEU A 834 -8.91 45.32 55.54
CA LEU A 834 -8.83 45.56 56.97
C LEU A 834 -8.00 46.81 57.26
N ILE A 835 -8.36 47.48 58.35
CA ILE A 835 -7.66 48.67 58.83
C ILE A 835 -7.57 48.58 60.35
N LEU A 836 -6.54 49.21 60.92
CA LEU A 836 -6.37 49.23 62.35
C LEU A 836 -7.48 50.04 63.02
N GLY A 837 -8.00 49.51 64.13
CA GLY A 837 -9.03 50.19 64.87
C GLY A 837 -8.56 50.64 66.24
N ALA A 838 -9.16 50.09 67.29
CA ALA A 838 -8.79 50.41 68.67
C ALA A 838 -7.87 49.32 69.19
N GLY A 839 -6.69 49.72 69.67
CA GLY A 839 -5.71 48.74 70.10
C GLY A 839 -5.11 48.00 68.91
N GLU A 840 -4.57 46.82 69.19
CA GLU A 840 -3.96 46.02 68.12
C GLU A 840 -5.00 45.31 67.27
N GLN A 841 -6.27 45.31 67.69
CA GLN A 841 -7.31 44.65 66.94
C GLN A 841 -7.55 45.35 65.61
N LYS A 842 -7.97 44.56 64.61
CA LYS A 842 -8.28 45.09 63.29
C LYS A 842 -9.78 44.96 63.03
N CYS A 843 -10.24 45.70 62.02
CA CYS A 843 -11.66 45.75 61.70
C CYS A 843 -11.84 45.81 60.19
N PHE A 844 -13.09 45.70 59.76
CA PHE A 844 -13.42 45.85 58.35
C PHE A 844 -13.24 47.29 57.90
N ASP A 845 -12.87 47.46 56.63
CA ASP A 845 -12.63 48.77 56.04
C ASP A 845 -13.94 49.22 55.39
N TRP A 846 -14.88 49.67 56.24
CA TRP A 846 -16.21 50.02 55.74
C TRP A 846 -16.18 51.22 54.81
N GLU A 847 -15.35 52.22 55.12
CA GLU A 847 -15.31 53.43 54.29
C GLU A 847 -14.83 53.12 52.87
N LEU A 848 -13.80 52.29 52.74
CA LEU A 848 -13.30 51.96 51.41
C LEU A 848 -14.33 51.20 50.60
N MET A 849 -15.07 50.29 51.24
CA MET A 849 -16.05 49.51 50.52
C MET A 849 -17.29 50.34 50.16
N THR A 850 -17.69 51.26 51.02
CA THR A 850 -18.83 52.11 50.69
C THR A 850 -18.44 53.20 49.70
N ASN A 851 -17.15 53.48 49.55
CA ASN A 851 -16.71 54.42 48.52
C ASN A 851 -16.48 53.74 47.17
N PHE A 852 -15.74 52.64 47.16
CA PHE A 852 -15.37 51.98 45.91
C PHE A 852 -16.28 50.79 45.62
N ARG A 853 -17.52 51.10 45.24
CA ARG A 853 -18.38 50.06 44.69
C ARG A 853 -17.97 49.71 43.26
N ARG A 854 -17.51 50.70 42.49
CA ARG A 854 -16.90 50.47 41.19
C ARG A 854 -15.72 51.42 41.08
N LEU A 855 -14.70 51.02 40.34
CA LEU A 855 -13.59 51.94 40.08
C LEU A 855 -14.06 53.08 39.19
N PRO A 856 -13.80 54.33 39.57
CA PRO A 856 -14.13 55.44 38.67
C PRO A 856 -13.37 55.33 37.36
N GLN A 857 -14.04 55.66 36.27
CA GLN A 857 -13.41 55.61 34.96
C GLN A 857 -12.48 56.80 34.80
N SER A 858 -11.27 56.54 34.32
CA SER A 858 -10.29 57.61 34.16
C SER A 858 -10.69 58.51 32.99
N HIS A 859 -10.97 59.78 33.28
CA HIS A 859 -11.32 60.76 32.28
C HIS A 859 -10.43 61.98 32.44
N GLY A 860 -9.98 62.54 31.32
CA GLY A 860 -9.11 63.69 31.36
C GLY A 860 -9.88 64.97 31.62
N SER A 861 -9.12 66.03 31.91
CA SER A 861 -9.67 67.35 32.15
C SER A 861 -9.05 68.33 31.17
N ASN A 862 -9.90 69.12 30.51
CA ASN A 862 -9.44 70.19 29.64
C ASN A 862 -9.13 71.43 30.47
N VAL A 863 -8.45 72.40 29.84
CA VAL A 863 -8.02 73.60 30.54
C VAL A 863 -9.20 74.32 31.16
N GLN A 864 -10.33 74.40 30.44
CA GLN A 864 -11.48 75.14 30.94
C GLN A 864 -11.98 74.56 32.26
N GLN A 865 -12.24 73.26 32.31
CA GLN A 865 -12.74 72.68 33.55
C GLN A 865 -11.63 72.43 34.57
N ARG A 866 -10.37 72.40 34.15
CA ARG A 866 -9.27 72.31 35.11
C ARG A 866 -9.10 73.59 35.90
N GLU A 867 -9.57 74.72 35.37
CA GLU A 867 -9.33 76.01 36.01
C GLU A 867 -10.00 76.10 37.37
N GLN A 868 -11.27 75.71 37.47
CA GLN A 868 -11.97 75.84 38.74
C GLN A 868 -11.91 74.59 39.60
N GLN A 869 -11.29 73.51 39.12
CA GLN A 869 -11.06 72.38 39.99
C GLN A 869 -10.07 72.76 41.09
N PRO A 870 -10.33 72.34 42.32
CA PRO A 870 -9.50 72.77 43.45
C PRO A 870 -8.05 72.34 43.29
N ALA A 871 -7.16 73.17 43.84
CA ALA A 871 -5.75 72.91 43.72
C ALA A 871 -5.40 71.56 44.36
N PRO A 872 -4.69 70.68 43.66
CA PRO A 872 -4.35 69.39 44.24
C PRO A 872 -3.48 69.56 45.48
N ARG A 873 -3.74 68.71 46.47
CA ARG A 873 -3.02 68.73 47.72
C ARG A 873 -2.11 67.50 47.82
N PRO A 874 -0.89 67.66 48.31
CA PRO A 874 0.03 66.52 48.37
C PRO A 874 -0.51 65.36 49.18
N GLU A 875 -1.26 65.63 50.25
CA GLU A 875 -1.86 64.55 51.02
C GLU A 875 -2.86 63.75 50.19
N ASP A 876 -3.48 64.38 49.19
CA ASP A 876 -4.43 63.67 48.34
C ASP A 876 -3.75 62.77 47.32
N PHE A 877 -2.44 62.88 47.15
CA PHE A 877 -1.70 62.06 46.20
C PHE A 877 -0.74 61.08 46.86
N GLU A 878 -0.46 61.23 48.15
CA GLU A 878 0.55 60.42 48.81
C GLU A 878 0.03 58.99 49.02
N GLY A 879 0.76 58.02 48.47
CA GLY A 879 0.36 56.63 48.63
C GLY A 879 -0.89 56.23 47.89
N LYS A 880 -1.23 56.92 46.82
CA LYS A 880 -2.43 56.63 46.05
C LYS A 880 -2.07 56.10 44.66
N ILE A 881 -3.10 55.81 43.89
CA ILE A 881 -2.95 55.30 42.52
C ILE A 881 -3.36 56.37 41.55
N VAL A 882 -2.49 56.64 40.57
CA VAL A 882 -2.73 57.64 39.53
C VAL A 882 -2.49 56.99 38.18
N THR A 883 -2.90 57.69 37.13
CA THR A 883 -2.73 57.19 35.78
C THR A 883 -2.65 58.35 34.79
N GLN A 884 -1.86 58.14 33.74
CA GLN A 884 -1.69 59.14 32.68
C GLN A 884 -2.80 58.95 31.65
N TRP A 885 -3.81 59.82 31.71
CA TRP A 885 -4.91 59.74 30.75
C TRP A 885 -4.54 60.33 29.40
N TYR A 886 -3.50 61.16 29.34
CA TYR A 886 -3.14 61.80 28.08
C TYR A 886 -2.20 60.94 27.24
N ALA A 887 -1.40 60.08 27.87
CA ALA A 887 -0.48 59.24 27.13
C ALA A 887 -1.21 58.03 26.55
N ASN A 888 -0.60 57.44 25.52
CA ASN A 888 -1.10 56.20 24.97
C ASN A 888 -0.96 55.03 25.94
N TYR A 889 -0.18 55.20 27.01
CA TYR A 889 -0.07 54.20 28.07
C TYR A 889 -1.16 54.48 29.10
N ASP A 890 -2.30 53.82 28.95
CA ASP A 890 -3.47 54.08 29.80
C ASP A 890 -3.49 53.14 31.01
N LYS A 891 -2.39 52.43 31.25
CA LYS A 891 -2.32 51.54 32.39
C LYS A 891 -2.29 52.33 33.70
N PRO A 892 -2.93 51.82 34.75
CA PRO A 892 -2.80 52.44 36.06
C PRO A 892 -1.42 52.19 36.64
N MET A 893 -1.02 53.06 37.58
CA MET A 893 0.32 53.01 38.11
C MET A 893 0.34 53.64 39.50
N LEU A 894 1.41 53.40 40.23
CA LEU A 894 1.51 53.77 41.63
C LEU A 894 2.50 54.91 41.80
N VAL A 895 2.07 55.97 42.48
CA VAL A 895 2.95 57.07 42.84
C VAL A 895 3.61 56.72 44.17
N THR A 896 4.94 56.87 44.23
CA THR A 896 5.69 56.49 45.42
C THR A 896 5.87 57.66 46.38
N LYS A 897 6.25 58.83 45.87
CA LYS A 897 6.49 59.98 46.73
C LYS A 897 6.18 61.25 45.95
N VAL A 898 5.94 62.33 46.69
CA VAL A 898 5.67 63.64 46.12
C VAL A 898 6.87 64.54 46.40
N HIS A 899 7.28 65.30 45.40
CA HIS A 899 8.46 66.16 45.49
C HIS A 899 7.98 67.60 45.69
N ARG A 900 7.82 67.99 46.95
CA ARG A 900 7.38 69.34 47.27
C ARG A 900 8.38 70.38 46.79
N GLU A 901 9.68 70.10 46.95
CA GLU A 901 10.71 71.02 46.47
C GLU A 901 10.76 71.10 44.95
N LEU A 902 10.27 70.08 44.26
CA LEU A 902 10.21 70.12 42.81
C LEU A 902 9.00 70.93 42.34
N THR A 903 9.07 71.37 41.09
CA THR A 903 8.02 72.16 40.48
C THR A 903 8.22 72.13 38.97
N PRO A 904 7.16 72.30 38.19
CA PRO A 904 7.34 72.42 36.74
C PRO A 904 8.31 73.55 36.39
N LEU A 905 8.84 73.47 35.17
CA LEU A 905 9.93 74.29 34.64
C LEU A 905 11.28 73.88 35.20
N SER A 906 11.37 72.79 35.96
CA SER A 906 12.65 72.32 36.47
C SER A 906 13.36 71.46 35.43
N TYR A 907 14.69 71.59 35.41
CA TYR A 907 15.51 70.87 34.44
C TYR A 907 15.50 69.37 34.74
N MET A 908 15.41 68.57 33.68
CA MET A 908 15.49 67.12 33.83
C MET A 908 16.90 66.72 34.28
N GLU A 909 16.95 65.85 35.30
CA GLU A 909 18.21 65.57 35.97
C GLU A 909 19.20 64.87 35.05
N LYS A 910 18.73 63.91 34.26
CA LYS A 910 19.61 63.08 33.44
C LYS A 910 19.28 63.25 31.97
N ASN A 911 20.31 63.55 31.17
CA ASN A 911 20.27 63.49 29.71
C ASN A 911 19.36 64.54 29.08
N GLN A 912 18.64 65.33 29.90
CA GLN A 912 17.79 66.37 29.35
C GLN A 912 17.84 67.64 30.21
N GLN A 913 19.05 68.06 30.60
CA GLN A 913 19.17 69.25 31.45
C GLN A 913 18.67 70.51 30.77
N ASP A 914 18.74 70.58 29.43
CA ASP A 914 18.21 71.72 28.70
C ASP A 914 16.70 71.66 28.53
N LYS A 915 16.08 70.55 28.93
CA LYS A 915 14.64 70.35 28.74
C LYS A 915 13.96 70.33 30.09
N THR A 916 12.83 71.04 30.20
CA THR A 916 12.07 71.08 31.43
C THR A 916 10.81 70.25 31.30
N TYR A 917 10.21 69.93 32.44
CA TYR A 917 8.99 69.12 32.45
C TYR A 917 7.86 69.82 31.71
N TYR A 918 7.73 71.14 31.91
CA TYR A 918 6.63 71.87 31.31
C TYR A 918 6.73 71.89 29.78
N GLU A 919 7.87 72.32 29.24
CA GLU A 919 7.98 72.43 27.80
C GLU A 919 7.99 71.06 27.14
N PHE A 920 8.57 70.06 27.79
CA PHE A 920 8.52 68.71 27.25
C PHE A 920 7.09 68.20 27.20
N THR A 921 6.30 68.49 28.24
CA THR A 921 4.89 68.10 28.22
C THR A 921 4.14 68.80 27.10
N MET A 922 4.39 70.10 26.90
CA MET A 922 3.72 70.79 25.80
C MET A 922 4.17 70.26 24.44
N SER A 923 5.44 69.94 24.28
CA SER A 923 5.94 69.48 23.00
C SER A 923 5.52 68.04 22.71
N LYS A 924 5.18 67.27 23.74
CA LYS A 924 4.78 65.89 23.53
C LYS A 924 3.27 65.69 23.46
N TYR A 925 2.52 66.31 24.39
CA TYR A 925 1.07 66.19 24.40
C TYR A 925 0.39 67.54 24.63
N GLY A 926 1.06 68.65 24.28
CA GLY A 926 0.47 69.96 24.52
C GLY A 926 -0.78 70.21 23.70
N ASN A 927 -0.81 69.70 22.46
CA ASN A 927 -2.01 69.80 21.66
C ASN A 927 -3.15 68.98 22.24
N ARG A 928 -2.86 68.10 23.20
CA ARG A 928 -3.87 67.27 23.83
C ARG A 928 -4.32 67.84 25.17
N ILE A 929 -3.42 68.51 25.88
CA ILE A 929 -3.76 69.10 27.17
C ILE A 929 -4.05 70.60 27.09
N GLY A 930 -3.54 71.28 26.06
CA GLY A 930 -3.72 72.72 25.94
C GLY A 930 -2.75 73.51 26.80
N ASP A 931 -2.88 73.38 28.12
CA ASP A 931 -2.06 74.15 29.05
C ASP A 931 -2.01 73.42 30.38
N VAL A 932 -1.15 73.92 31.26
CA VAL A 932 -0.98 73.37 32.61
C VAL A 932 -1.32 74.46 33.62
N VAL A 933 -2.15 74.11 34.60
CA VAL A 933 -2.57 75.04 35.63
C VAL A 933 -1.85 74.69 36.93
N HIS A 934 -1.73 75.67 37.82
CA HIS A 934 -0.94 75.54 39.05
C HIS A 934 0.51 75.17 38.72
N LYS A 935 1.17 76.07 37.98
CA LYS A 935 2.49 75.78 37.45
C LYS A 935 3.57 75.76 38.53
N ASP A 936 3.34 76.37 39.68
CA ASP A 936 4.34 76.45 40.73
C ASP A 936 4.16 75.39 41.81
N LYS A 937 3.16 74.53 41.70
CA LYS A 937 2.84 73.58 42.75
C LYS A 937 3.79 72.38 42.67
N PHE A 938 3.57 71.39 43.55
CA PHE A 938 4.43 70.24 43.65
C PHE A 938 4.27 69.33 42.43
N MET A 939 5.04 68.24 42.42
CA MET A 939 4.95 67.21 41.41
C MET A 939 5.12 65.85 42.06
N ILE A 940 4.92 64.79 41.29
CA ILE A 940 4.89 63.43 41.81
C ILE A 940 5.86 62.57 41.03
N GLU A 941 6.34 61.52 41.69
CA GLU A 941 7.18 60.50 41.07
C GLU A 941 6.48 59.15 41.18
N VAL A 942 6.35 58.46 40.06
CA VAL A 942 5.53 57.27 39.97
C VAL A 942 6.39 56.09 39.55
N ARG A 943 5.92 54.89 39.88
CA ARG A 943 6.52 53.64 39.45
C ARG A 943 5.45 52.73 38.91
N ASP A 944 5.83 51.89 37.95
CA ASP A 944 4.87 51.05 37.26
C ASP A 944 4.65 49.74 38.00
N LEU A 945 3.51 49.12 37.72
CA LEU A 945 3.14 47.84 38.28
C LEU A 945 3.26 46.76 37.22
N THR A 946 3.48 45.53 37.68
CA THR A 946 3.49 44.41 36.75
C THR A 946 2.08 44.11 36.25
N GLU A 947 2.01 43.55 35.05
CA GLU A 947 0.74 43.15 34.46
C GLU A 947 0.42 41.68 34.68
N GLN A 948 1.33 40.94 35.32
CA GLN A 948 1.17 39.51 35.48
C GLN A 948 0.19 39.18 36.61
N LEU A 949 -0.31 37.94 36.58
CA LEU A 949 -1.20 37.45 37.62
C LEU A 949 -0.79 36.10 38.19
N THR A 950 0.20 35.43 37.62
CA THR A 950 0.72 34.17 38.14
C THR A 950 2.17 34.41 38.57
N PHE A 951 2.47 34.17 39.84
CA PHE A 951 3.78 34.46 40.42
C PHE A 951 4.45 33.20 40.98
N TYR A 952 4.03 32.03 40.53
CA TYR A 952 4.58 30.78 41.05
C TYR A 952 5.97 30.48 40.50
N VAL A 953 6.25 30.86 39.27
CA VAL A 953 7.52 30.53 38.63
C VAL A 953 8.49 31.69 38.81
N HIS A 954 9.76 31.36 38.93
CA HIS A 954 10.79 32.38 38.99
C HIS A 954 10.93 33.07 37.63
N ASN A 955 10.97 34.40 37.65
CA ASN A 955 11.20 35.18 36.44
C ASN A 955 12.70 35.38 36.30
N ARG A 956 13.38 34.32 35.85
CA ARG A 956 14.82 34.36 35.65
C ARG A 956 15.14 35.09 34.36
N GLY A 957 16.06 36.04 34.44
CA GLY A 957 16.46 36.79 33.26
C GLY A 957 17.47 37.85 33.62
N LYS A 958 18.10 38.40 32.58
CA LYS A 958 19.09 39.47 32.74
C LYS A 958 18.39 40.82 32.65
N PHE A 959 17.89 41.27 33.80
CA PHE A 959 17.09 42.48 33.85
C PHE A 959 17.91 43.76 33.74
N ASN A 960 19.19 43.73 34.15
CA ASN A 960 20.01 44.94 34.25
C ASN A 960 19.32 45.98 35.13
N ALA A 961 19.23 45.63 36.41
CA ALA A 961 18.39 46.35 37.36
C ALA A 961 18.72 47.85 37.41
N LYS A 962 19.99 48.21 37.29
CA LYS A 962 20.33 49.62 37.28
C LYS A 962 19.71 50.34 36.09
N SER A 963 19.77 49.72 34.91
CA SER A 963 19.12 50.31 33.74
C SER A 963 17.60 50.31 33.91
N LYS A 964 17.05 49.27 34.54
CA LYS A 964 15.61 49.23 34.79
C LYS A 964 15.17 50.39 35.67
N ALA A 965 15.93 50.67 36.73
CA ALA A 965 15.62 51.80 37.61
C ALA A 965 16.05 53.12 37.00
N LYS A 966 16.78 53.10 35.89
CA LYS A 966 17.22 54.34 35.27
C LYS A 966 16.04 55.20 34.81
N MET A 967 15.00 54.58 34.26
CA MET A 967 13.86 55.36 33.80
C MET A 967 13.00 55.82 34.97
N LYS A 968 13.42 56.91 35.62
CA LYS A 968 12.61 57.54 36.64
C LYS A 968 11.61 58.50 36.00
N VAL A 969 10.37 58.44 36.46
CA VAL A 969 9.26 59.17 35.84
C VAL A 969 8.79 60.25 36.80
N ILE A 970 8.77 61.49 36.33
CA ILE A 970 8.30 62.64 37.10
C ILE A 970 7.10 63.23 36.38
N LEU A 971 5.99 63.40 37.09
CA LEU A 971 4.72 63.72 36.48
C LEU A 971 4.09 64.96 37.12
N ILE A 972 3.32 65.68 36.31
CA ILE A 972 2.53 66.82 36.75
C ILE A 972 1.24 66.31 37.38
N PRO A 973 0.91 66.73 38.61
CA PRO A 973 -0.24 66.12 39.30
C PRO A 973 -1.57 66.34 38.58
N GLU A 974 -1.88 67.57 38.17
CA GLU A 974 -3.18 67.83 37.56
C GLU A 974 -3.37 67.15 36.22
N LEU A 975 -2.30 66.62 35.62
CA LEU A 975 -2.40 66.00 34.31
C LEU A 975 -2.68 64.49 34.38
N CYS A 976 -2.75 63.93 35.59
CA CYS A 976 -2.97 62.50 35.75
C CYS A 976 -4.17 62.25 36.64
N PHE A 977 -5.06 61.37 36.18
CA PHE A 977 -6.28 61.04 36.91
C PHE A 977 -5.90 60.28 38.18
N ASN A 978 -6.51 60.67 39.29
CA ASN A 978 -6.18 60.13 40.61
C ASN A 978 -7.39 59.36 41.17
N PHE A 979 -7.19 58.07 41.43
CA PHE A 979 -8.15 57.32 42.22
C PHE A 979 -7.92 57.60 43.70
N ASN A 980 -8.93 57.33 44.51
CA ASN A 980 -8.78 57.42 45.95
C ASN A 980 -8.32 56.12 46.58
N PHE A 981 -8.04 55.10 45.77
CA PHE A 981 -7.72 53.77 46.24
C PHE A 981 -6.25 53.70 46.68
N PRO A 982 -5.99 53.15 47.87
CA PRO A 982 -4.60 53.08 48.35
C PRO A 982 -3.74 52.18 47.49
N GLY A 983 -2.47 52.56 47.37
CA GLY A 983 -1.54 51.87 46.50
C GLY A 983 -1.01 50.57 47.07
N ASP A 984 -0.73 50.56 48.37
CA ASP A 984 -0.25 49.34 49.00
C ASP A 984 -1.28 48.23 48.94
N LEU A 985 -2.56 48.56 49.15
CA LEU A 985 -3.61 47.55 49.04
C LEU A 985 -3.77 47.06 47.61
N TRP A 986 -3.56 47.94 46.62
CA TRP A 986 -3.56 47.51 45.22
C TRP A 986 -2.42 46.52 44.96
N LEU A 987 -1.23 46.82 45.47
CA LEU A 987 -0.11 45.91 45.30
C LEU A 987 -0.39 44.57 45.96
N LYS A 988 -1.00 44.58 47.14
CA LYS A 988 -1.32 43.34 47.83
C LYS A 988 -2.40 42.57 47.10
N LEU A 989 -3.38 43.26 46.53
CA LEU A 989 -4.45 42.60 45.79
C LEU A 989 -4.00 42.05 44.46
N ILE A 990 -2.86 42.53 43.95
CA ILE A 990 -2.31 41.94 42.73
C ILE A 990 -2.06 40.45 42.91
N PHE A 991 -1.59 40.03 44.08
CA PHE A 991 -1.23 38.64 44.33
C PHE A 991 -2.38 37.78 44.80
N LEU A 992 -3.59 38.33 44.92
CA LEU A 992 -4.70 37.59 45.52
C LEU A 992 -5.06 36.30 44.78
N PRO A 993 -5.20 36.28 43.44
CA PRO A 993 -5.58 35.01 42.79
C PRO A 993 -4.62 33.87 43.04
N SER A 994 -3.31 34.14 43.06
CA SER A 994 -2.34 33.10 43.32
C SER A 994 -2.49 32.55 44.73
N ILE A 995 -2.68 33.44 45.70
CA ILE A 995 -2.86 33.02 47.08
C ILE A 995 -4.11 32.15 47.21
N LEU A 996 -5.21 32.55 46.58
CA LEU A 996 -6.43 31.76 46.67
C LEU A 996 -6.27 30.40 46.00
N ASN A 997 -5.60 30.35 44.84
CA ASN A 997 -5.41 29.09 44.15
C ASN A 997 -4.50 28.15 44.92
N ARG A 998 -3.53 28.69 45.66
CA ARG A 998 -2.73 27.81 46.52
C ARG A 998 -3.52 27.36 47.73
N MET A 999 -4.35 28.24 48.30
CA MET A 999 -5.13 27.87 49.47
C MET A 999 -6.10 26.74 49.16
N TYR A 1000 -6.71 26.78 47.97
CA TYR A 1000 -7.58 25.71 47.51
C TYR A 1000 -6.93 24.34 47.68
N PHE A 1001 -5.80 24.13 47.01
CA PHE A 1001 -5.15 22.83 47.04
C PHE A 1001 -4.43 22.55 48.34
N LEU A 1002 -4.06 23.59 49.11
CA LEU A 1002 -3.56 23.35 50.45
C LEU A 1002 -4.64 22.77 51.34
N LEU A 1003 -5.88 23.24 51.19
CA LEU A 1003 -6.98 22.65 51.95
C LEU A 1003 -7.26 21.23 51.52
N HIS A 1004 -7.21 20.97 50.21
CA HIS A 1004 -7.31 19.58 49.75
C HIS A 1004 -6.22 18.69 50.35
N ALA A 1005 -4.99 19.19 50.38
CA ALA A 1005 -3.89 18.42 50.95
C ALA A 1005 -4.09 18.18 52.43
N GLU A 1006 -4.60 19.18 53.16
CA GLU A 1006 -4.89 18.98 54.58
C GLU A 1006 -5.95 17.91 54.78
N ALA A 1007 -6.98 17.92 53.94
CA ALA A 1007 -8.01 16.88 54.03
C ALA A 1007 -7.42 15.51 53.82
N LEU A 1008 -6.59 15.35 52.77
CA LEU A 1008 -5.96 14.05 52.53
C LEU A 1008 -5.06 13.65 53.70
N ARG A 1009 -4.28 14.59 54.22
CA ARG A 1009 -3.37 14.31 55.33
C ARG A 1009 -4.14 13.79 56.54
N LYS A 1010 -5.20 14.49 56.93
CA LYS A 1010 -5.98 14.07 58.09
C LYS A 1010 -6.63 12.72 57.85
N ARG A 1011 -7.17 12.51 56.66
CA ARG A 1011 -7.85 11.25 56.35
C ARG A 1011 -6.88 10.07 56.44
N PHE A 1012 -5.69 10.20 55.85
CA PHE A 1012 -4.73 9.10 55.90
C PHE A 1012 -4.18 8.89 57.29
N ASN A 1013 -3.93 9.98 58.04
CA ASN A 1013 -3.44 9.84 59.40
C ASN A 1013 -4.46 9.10 60.28
N THR A 1014 -5.74 9.44 60.13
CA THR A 1014 -6.77 8.77 60.91
C THR A 1014 -6.88 7.30 60.53
N TYR A 1015 -6.79 7.00 59.23
CA TYR A 1015 -6.91 5.60 58.80
C TYR A 1015 -5.81 4.73 59.41
N LEU A 1016 -4.64 5.29 59.66
CA LEU A 1016 -3.52 4.55 60.23
C LEU A 1016 -3.49 4.59 61.75
N ASN A 1017 -4.51 5.18 62.38
CA ASN A 1017 -4.57 5.36 63.83
C ASN A 1017 -3.39 6.16 64.37
N LEU A 1018 -2.77 6.97 63.52
CA LEU A 1018 -1.65 7.81 63.91
C LEU A 1018 -2.09 9.22 64.27
N HIS A 1019 -3.39 9.52 64.20
CA HIS A 1019 -3.87 10.88 64.40
C HIS A 1019 -3.82 11.32 65.86
N LEU A 1020 -3.61 10.40 66.79
CA LEU A 1020 -3.53 10.73 68.20
C LEU A 1020 -2.11 11.06 68.64
N LEU A 1021 -1.14 11.01 67.72
CA LEU A 1021 0.23 11.32 68.06
C LEU A 1021 0.37 12.80 68.39
N PRO A 1022 1.39 13.18 69.17
CA PRO A 1022 1.61 14.61 69.41
C PRO A 1022 1.86 15.40 68.15
N PHE A 1023 2.54 14.81 67.15
CA PHE A 1023 2.82 15.53 65.92
C PHE A 1023 1.54 15.82 65.14
N ASN A 1024 0.67 14.81 65.01
CA ASN A 1024 -0.44 14.86 64.07
C ASN A 1024 -1.75 15.29 64.71
N GLY A 1025 -1.77 15.54 66.01
CA GLY A 1025 -3.00 15.92 66.68
C GLY A 1025 -3.42 17.35 66.41
N THR A 1026 -4.13 17.95 67.36
CA THR A 1026 -4.54 19.34 67.22
C THR A 1026 -3.36 20.30 67.23
N ASP A 1027 -2.18 19.84 67.64
CA ASP A 1027 -0.99 20.68 67.71
C ASP A 1027 -0.13 20.60 66.46
N TYR A 1028 -0.71 20.24 65.33
CA TYR A 1028 0.08 20.13 64.11
C TYR A 1028 0.57 21.49 63.66
N MET A 1029 1.87 21.61 63.46
CA MET A 1029 2.51 22.84 62.98
C MET A 1029 3.01 22.59 61.56
N PRO A 1030 2.26 22.99 60.54
CA PRO A 1030 2.69 22.71 59.16
C PRO A 1030 3.97 23.46 58.84
N ARG A 1031 4.92 22.73 58.27
CA ARG A 1031 6.16 23.36 57.85
C ARG A 1031 5.95 24.10 56.53
N PRO A 1032 6.68 25.18 56.30
CA PRO A 1032 6.51 25.93 55.06
C PRO A 1032 6.87 25.09 53.86
N LEU A 1033 6.19 25.34 52.74
CA LEU A 1033 6.49 24.64 51.50
C LEU A 1033 7.92 24.95 51.09
N GLU A 1034 8.58 23.95 50.51
CA GLU A 1034 9.98 24.09 50.09
C GLU A 1034 10.08 24.04 48.58
N ILE A 1035 10.89 24.95 48.04
CA ILE A 1035 11.15 25.00 46.60
C ILE A 1035 11.98 23.79 46.20
N ASP A 1036 11.52 23.08 45.18
CA ASP A 1036 12.25 21.93 44.64
C ASP A 1036 13.16 22.44 43.53
N TYR A 1037 14.39 22.79 43.90
CA TYR A 1037 15.31 23.45 42.99
C TYR A 1037 15.84 22.53 41.90
N SER A 1038 15.61 21.23 42.00
CA SER A 1038 16.02 20.33 40.92
C SER A 1038 15.17 20.52 39.68
N LEU A 1039 13.95 21.03 39.83
CA LEU A 1039 13.06 21.21 38.69
C LEU A 1039 13.68 22.17 37.68
N LYS A 1040 13.47 21.85 36.40
CA LYS A 1040 14.16 22.56 35.32
C LYS A 1040 13.80 24.05 35.30
N ARG A 1041 12.55 24.39 35.57
CA ARG A 1041 12.12 25.78 35.58
C ARG A 1041 12.24 26.43 36.95
N ASN A 1042 13.18 25.96 37.78
CA ASN A 1042 13.43 26.59 39.07
C ASN A 1042 14.85 27.13 39.13
N GLY A 1169 34.47 1.37 54.36
CA GLY A 1169 34.54 1.44 55.80
C GLY A 1169 33.22 1.16 56.49
N LYS A 1170 32.28 2.09 56.37
CA LYS A 1170 30.97 1.94 56.98
C LYS A 1170 29.92 2.42 56.00
N VAL A 1171 28.73 1.82 56.07
CA VAL A 1171 27.61 2.18 55.22
C VAL A 1171 26.62 3.01 56.02
N LYS A 1172 26.21 4.13 55.47
CA LYS A 1172 25.22 4.97 56.13
C LYS A 1172 23.89 4.22 56.22
N PRO A 1173 23.29 4.13 57.41
CA PRO A 1173 21.99 3.45 57.51
C PRO A 1173 20.94 4.16 56.67
N LEU A 1174 20.04 3.36 56.11
CA LEU A 1174 18.97 3.90 55.27
C LEU A 1174 17.84 4.41 56.16
N LEU A 1175 17.31 5.59 55.82
CA LEU A 1175 16.37 6.26 56.71
C LEU A 1175 15.03 5.54 56.80
N ILE A 1176 14.49 5.11 55.65
CA ILE A 1176 13.17 4.49 55.64
C ILE A 1176 13.19 3.20 56.46
N LEU A 1177 14.22 2.39 56.29
CA LEU A 1177 14.35 1.19 57.10
C LEU A 1177 14.62 1.54 58.56
N GLN A 1178 15.33 2.63 58.81
CA GLN A 1178 15.61 3.03 60.19
C GLN A 1178 14.33 3.35 60.93
N LYS A 1179 13.40 4.04 60.29
CA LYS A 1179 12.13 4.36 60.94
C LYS A 1179 11.07 3.28 60.72
N THR A 1180 11.35 2.25 59.93
CA THR A 1180 10.42 1.14 59.79
C THR A 1180 10.41 0.27 61.04
N VAL A 1181 11.59 0.00 61.61
CA VAL A 1181 11.69 -0.90 62.74
C VAL A 1181 11.59 -0.18 64.08
N SER A 1182 12.04 1.07 64.17
CA SER A 1182 11.97 1.85 65.40
C SER A 1182 11.07 3.06 65.17
N LYS A 1183 10.13 3.26 66.08
CA LYS A 1183 9.14 4.32 65.94
C LYS A 1183 9.64 5.68 66.38
N GLU A 1184 10.82 5.75 67.01
CA GLU A 1184 11.32 7.04 67.48
C GLU A 1184 11.72 7.95 66.34
N HIS A 1185 11.88 7.43 65.13
CA HIS A 1185 12.24 8.22 63.98
C HIS A 1185 11.05 8.57 63.11
N ILE A 1186 9.83 8.32 63.59
CA ILE A 1186 8.64 8.65 62.82
C ILE A 1186 8.45 10.15 62.79
N THR A 1187 8.26 10.70 61.59
CA THR A 1187 8.06 12.12 61.37
C THR A 1187 6.64 12.39 60.87
N PRO A 1188 6.04 13.51 61.25
CA PRO A 1188 4.67 13.80 60.80
C PRO A 1188 4.61 13.98 59.29
N ALA A 1189 3.56 13.42 58.69
CA ALA A 1189 3.35 13.58 57.25
C ALA A 1189 3.00 15.02 56.96
N GLU A 1190 3.84 15.69 56.18
CA GLU A 1190 3.72 17.12 55.97
C GLU A 1190 2.61 17.44 54.98
N GLN A 1191 1.87 18.52 55.28
CA GLN A 1191 0.84 19.01 54.37
C GLN A 1191 1.43 19.45 53.05
N GLY A 1192 2.59 20.09 53.09
CA GLY A 1192 3.26 20.46 51.85
C GLY A 1192 3.64 19.26 51.01
N GLU A 1193 4.04 18.16 51.66
CA GLU A 1193 4.37 16.94 50.91
C GLU A 1193 3.15 16.38 50.20
N PHE A 1194 1.99 16.40 50.87
CA PHE A 1194 0.76 15.95 50.21
C PHE A 1194 0.38 16.86 49.06
N LEU A 1195 0.56 18.18 49.23
CA LEU A 1195 0.30 19.11 48.14
C LEU A 1195 1.20 18.81 46.95
N ALA A 1196 2.48 18.56 47.21
CA ALA A 1196 3.39 18.19 46.12
C ALA A 1196 2.95 16.89 45.47
N ALA A 1197 2.44 15.95 46.27
CA ALA A 1197 1.94 14.69 45.71
C ALA A 1197 0.73 14.92 44.82
N ILE A 1198 -0.07 15.93 45.11
CA ILE A 1198 -1.27 16.19 44.31
C ILE A 1198 -0.93 17.00 43.07
N THR A 1199 -0.03 17.97 43.19
CA THR A 1199 0.27 18.89 42.11
C THR A 1199 0.96 18.16 40.96
N ALA A 1200 0.32 18.15 39.79
CA ALA A 1200 0.94 17.55 38.62
C ALA A 1200 1.96 18.49 38.01
N SER A 1201 2.81 17.95 37.15
CA SER A 1201 3.78 18.77 36.44
C SER A 1201 3.14 19.68 35.42
N SER A 1202 1.98 19.29 34.85
CA SER A 1202 1.30 20.13 33.88
C SER A 1202 0.91 21.47 34.50
N ALA A 1203 0.46 21.46 35.75
CA ALA A 1203 0.32 22.70 36.49
C ALA A 1203 1.71 23.25 36.75
N ALA A 1204 2.08 24.31 36.03
CA ALA A 1204 3.47 24.78 36.01
C ALA A 1204 3.79 25.50 37.32
N ASP A 1205 3.69 24.75 38.40
CA ASP A 1205 3.99 25.26 39.73
C ASP A 1205 5.47 24.99 40.03
N VAL A 1206 5.87 25.26 41.27
CA VAL A 1206 7.28 25.14 41.66
C VAL A 1206 7.59 23.74 42.20
N PHE A 1207 6.61 22.84 42.21
CA PHE A 1207 6.83 21.46 42.62
C PHE A 1207 5.83 20.57 41.89
N ASP A 1208 6.12 19.28 41.88
CA ASP A 1208 5.22 18.33 41.24
C ASP A 1208 5.24 17.02 42.03
N MET A 1209 4.64 15.99 41.44
CA MET A 1209 4.52 14.67 42.02
C MET A 1209 5.59 13.71 41.52
N GLU A 1210 6.59 14.20 40.79
CA GLU A 1210 7.50 13.30 40.09
C GLU A 1210 8.46 12.60 41.04
N ARG A 1211 9.06 13.33 41.97
CA ARG A 1211 10.06 12.70 42.84
C ARG A 1211 9.41 11.72 43.81
N LEU A 1212 8.25 12.08 44.35
CA LEU A 1212 7.55 11.14 45.23
C LEU A 1212 7.08 9.91 44.47
N GLU A 1213 6.80 10.06 43.18
CA GLU A 1213 6.27 8.95 42.40
C GLU A 1213 7.29 7.84 42.25
N ILE A 1214 8.58 8.18 42.17
CA ILE A 1214 9.59 7.15 42.02
C ILE A 1214 9.60 6.21 43.22
N LEU A 1215 9.65 6.79 44.43
CA LEU A 1215 9.64 5.98 45.64
C LEU A 1215 8.31 5.25 45.80
N GLY A 1216 7.20 5.91 45.46
CA GLY A 1216 5.92 5.25 45.54
C GLY A 1216 5.80 4.06 44.60
N ASN A 1217 6.31 4.21 43.38
CA ASN A 1217 6.29 3.12 42.42
C ASN A 1217 7.15 1.96 42.89
N SER A 1218 8.34 2.27 43.41
CA SER A 1218 9.20 1.20 43.92
C SER A 1218 8.55 0.47 45.07
N PHE A 1219 7.93 1.21 46.00
CA PHE A 1219 7.28 0.56 47.13
C PHE A 1219 6.09 -0.28 46.67
N LEU A 1220 5.31 0.24 45.72
CA LEU A 1220 4.17 -0.53 45.23
C LEU A 1220 4.64 -1.82 44.56
N LYS A 1221 5.70 -1.75 43.76
CA LYS A 1221 6.23 -2.95 43.13
C LYS A 1221 6.70 -3.95 44.17
N LEU A 1222 7.49 -3.50 45.14
CA LEU A 1222 8.00 -4.41 46.17
C LEU A 1222 6.87 -5.05 46.95
N SER A 1223 5.86 -4.25 47.34
CA SER A 1223 4.76 -4.77 48.13
C SER A 1223 3.93 -5.77 47.33
N ALA A 1224 3.63 -5.47 46.07
CA ALA A 1224 2.87 -6.41 45.25
C ALA A 1224 3.66 -7.70 45.05
N THR A 1225 4.97 -7.59 44.83
CA THR A 1225 5.80 -8.78 44.68
C THR A 1225 5.73 -9.66 45.91
N LEU A 1226 5.95 -9.08 47.10
CA LEU A 1226 5.91 -9.88 48.32
C LEU A 1226 4.52 -10.44 48.59
N TYR A 1227 3.48 -9.65 48.31
CA TYR A 1227 2.12 -10.13 48.52
C TYR A 1227 1.81 -11.33 47.64
N LEU A 1228 2.17 -11.27 46.36
CA LEU A 1228 1.91 -12.38 45.46
C LEU A 1228 2.76 -13.58 45.82
N ALA A 1229 4.02 -13.35 46.20
CA ALA A 1229 4.89 -14.47 46.58
C ALA A 1229 4.37 -15.20 47.80
N SER A 1230 3.85 -14.45 48.78
CA SER A 1230 3.30 -15.10 49.97
C SER A 1230 1.95 -15.73 49.70
N LYS A 1231 1.18 -15.14 48.78
CA LYS A 1231 -0.17 -15.63 48.52
C LYS A 1231 -0.17 -16.85 47.59
N TYR A 1232 0.69 -16.86 46.58
CA TYR A 1232 0.65 -17.84 45.50
C TYR A 1232 2.01 -18.51 45.34
N SER A 1233 2.54 -19.01 46.47
CA SER A 1233 3.90 -19.52 46.49
C SER A 1233 4.12 -20.74 45.60
N ASP A 1234 3.04 -21.39 45.14
CA ASP A 1234 3.17 -22.57 44.29
C ASP A 1234 2.86 -22.26 42.83
N TRP A 1235 3.28 -21.11 42.34
CA TRP A 1235 3.18 -20.76 40.92
C TRP A 1235 4.57 -20.56 40.33
N ASN A 1236 4.67 -20.78 39.03
CA ASN A 1236 5.91 -20.51 38.31
C ASN A 1236 6.14 -19.01 38.19
N GLU A 1237 7.39 -18.65 37.94
CA GLU A 1237 7.77 -17.24 37.92
C GLU A 1237 7.03 -16.45 36.85
N GLY A 1238 6.69 -17.10 35.73
CA GLY A 1238 6.06 -16.38 34.63
C GLY A 1238 4.69 -15.82 34.99
N THR A 1239 3.84 -16.65 35.60
CA THR A 1239 2.51 -16.18 35.92
C THR A 1239 2.54 -15.17 37.07
N LEU A 1240 3.48 -15.33 38.01
CA LEU A 1240 3.63 -14.34 39.05
C LEU A 1240 4.02 -12.99 38.46
N THR A 1241 4.96 -12.98 37.52
CA THR A 1241 5.36 -11.74 36.89
C THR A 1241 4.20 -11.11 36.13
N GLU A 1242 3.42 -11.93 35.42
CA GLU A 1242 2.27 -11.40 34.69
C GLU A 1242 1.24 -10.78 35.62
N VAL A 1243 0.89 -11.49 36.70
CA VAL A 1243 -0.10 -10.96 37.63
C VAL A 1243 0.41 -9.69 38.29
N LYS A 1244 1.69 -9.64 38.62
CA LYS A 1244 2.25 -8.43 39.20
C LYS A 1244 2.18 -7.27 38.22
N SER A 1245 2.51 -7.50 36.95
CA SER A 1245 2.41 -6.45 35.96
C SER A 1245 0.96 -5.97 35.83
N LYS A 1246 0.00 -6.87 35.98
CA LYS A 1246 -1.39 -6.45 35.97
C LYS A 1246 -1.72 -5.60 37.19
N LEU A 1247 -1.18 -5.96 38.36
CA LEU A 1247 -1.52 -5.25 39.59
C LEU A 1247 -1.01 -3.81 39.58
N VAL A 1248 0.22 -3.60 39.10
CA VAL A 1248 0.82 -2.28 39.09
C VAL A 1248 0.59 -1.57 37.75
N SER A 1249 -0.32 -2.06 36.94
CA SER A 1249 -0.60 -1.44 35.65
C SER A 1249 -1.32 -0.11 35.85
N ASN A 1250 -1.32 0.70 34.79
CA ASN A 1250 -1.98 2.00 34.86
C ASN A 1250 -3.47 1.85 35.07
N ARG A 1251 -4.10 0.88 34.43
CA ARG A 1251 -5.54 0.73 34.52
C ARG A 1251 -5.98 0.39 35.94
N ASN A 1252 -5.25 -0.52 36.60
CA ASN A 1252 -5.62 -0.92 37.96
C ASN A 1252 -5.50 0.25 38.93
N LEU A 1253 -4.36 0.96 38.88
CA LEU A 1253 -4.18 2.11 39.77
C LEU A 1253 -5.18 3.20 39.46
N LEU A 1254 -5.47 3.43 38.18
CA LEU A 1254 -6.49 4.40 37.79
C LEU A 1254 -7.83 4.06 38.41
N PHE A 1255 -8.27 2.81 38.27
CA PHE A 1255 -9.58 2.43 38.80
C PHE A 1255 -9.61 2.54 40.32
N CYS A 1256 -8.56 2.06 40.98
CA CYS A 1256 -8.57 2.03 42.43
C CYS A 1256 -8.27 3.37 43.07
N LEU A 1257 -7.86 4.37 42.29
CA LEU A 1257 -7.87 5.75 42.79
C LEU A 1257 -9.14 6.50 42.42
N ILE A 1258 -9.76 6.18 41.28
CA ILE A 1258 -11.05 6.78 40.94
C ILE A 1258 -12.09 6.39 41.96
N ASP A 1259 -12.13 5.11 42.35
CA ASP A 1259 -13.10 4.75 43.38
C ASP A 1259 -12.71 5.26 44.78
N ALA A 1260 -11.68 6.08 44.92
CA ALA A 1260 -11.37 6.71 46.19
C ALA A 1260 -11.69 8.20 46.21
N ASP A 1261 -12.25 8.74 45.12
CA ASP A 1261 -12.69 10.14 45.05
C ASP A 1261 -11.52 11.11 45.19
N ILE A 1262 -10.33 10.68 44.80
CA ILE A 1262 -9.16 11.54 44.80
C ILE A 1262 -9.10 12.42 43.54
N PRO A 1263 -9.38 11.92 42.33
CA PRO A 1263 -9.19 12.76 41.14
C PRO A 1263 -10.07 13.99 41.08
N LYS A 1264 -11.01 14.16 42.00
CA LYS A 1264 -11.78 15.40 42.05
C LYS A 1264 -11.07 16.51 42.80
N THR A 1265 -9.87 16.24 43.33
CA THR A 1265 -9.13 17.23 44.12
C THR A 1265 -7.71 17.43 43.61
N LEU A 1266 -7.41 17.00 42.39
CA LEU A 1266 -6.05 17.08 41.86
C LEU A 1266 -5.77 18.47 41.29
N ASN A 1267 -4.50 18.87 41.38
CA ASN A 1267 -4.01 20.14 40.84
C ASN A 1267 -3.21 19.84 39.59
N THR A 1268 -3.86 19.95 38.43
CA THR A 1268 -3.29 19.45 37.19
C THR A 1268 -3.39 20.40 36.02
N ILE A 1269 -3.87 21.64 36.21
CA ILE A 1269 -4.02 22.59 35.12
C ILE A 1269 -3.25 23.86 35.47
N GLN A 1270 -2.60 24.43 34.47
CA GLN A 1270 -1.86 25.68 34.67
C GLN A 1270 -2.79 26.79 35.09
N PHE A 1271 -2.32 27.62 36.03
CA PHE A 1271 -3.15 28.70 36.57
C PHE A 1271 -3.10 29.90 35.65
N THR A 1272 -4.15 30.06 34.84
CA THR A 1272 -4.36 31.24 33.99
C THR A 1272 -5.61 31.94 34.50
N PRO A 1273 -5.47 32.78 35.52
CA PRO A 1273 -6.65 33.30 36.23
C PRO A 1273 -7.61 34.08 35.33
N ARG A 1274 -7.06 34.84 34.38
CA ARG A 1274 -7.89 35.72 33.56
C ARG A 1274 -8.73 34.93 32.55
N TYR A 1275 -8.26 33.75 32.16
CA TYR A 1275 -8.89 33.02 31.07
C TYR A 1275 -9.73 31.85 31.55
N THR A 1276 -9.16 30.92 32.31
CA THR A 1276 -9.81 29.65 32.62
C THR A 1276 -10.02 29.48 34.12
N TRP A 1277 -10.35 30.56 34.82
CA TRP A 1277 -10.55 30.50 36.26
C TRP A 1277 -11.83 31.22 36.64
N LEU A 1278 -12.56 30.66 37.59
CA LEU A 1278 -13.83 31.19 38.05
C LEU A 1278 -13.68 31.72 39.46
N PRO A 1279 -13.77 33.03 39.69
CA PRO A 1279 -13.50 33.60 41.02
C PRO A 1279 -14.48 33.08 42.06
N PRO A 1280 -14.13 33.16 43.35
CA PRO A 1280 -14.95 32.53 44.39
C PRO A 1280 -16.39 33.02 44.46
N GLY A 1281 -16.61 34.30 44.72
CA GLY A 1281 -17.95 34.78 44.89
C GLY A 1281 -18.69 35.05 43.60
N ILE A 1282 -18.13 34.62 42.47
CA ILE A 1282 -18.61 34.96 41.14
C ILE A 1282 -18.86 33.67 40.38
N SER A 1283 -19.95 33.60 39.63
CA SER A 1283 -20.30 32.37 38.93
C SER A 1283 -21.13 32.69 37.70
N LEU A 1284 -21.44 31.66 36.93
CA LEU A 1284 -22.34 31.77 35.80
C LEU A 1284 -23.75 32.08 36.29
N PRO A 1285 -24.62 32.58 35.41
CA PRO A 1285 -26.02 32.80 35.82
C PRO A 1285 -26.65 31.49 36.27
N HIS A 1286 -27.58 31.60 37.21
CA HIS A 1286 -28.09 30.41 37.86
C HIS A 1286 -28.92 29.54 36.92
N ASN A 1287 -29.78 30.15 36.11
CA ASN A 1287 -30.66 29.38 35.25
C ASN A 1287 -29.88 28.67 34.14
N VAL A 1288 -28.87 29.34 33.56
CA VAL A 1288 -28.08 28.66 32.54
C VAL A 1288 -27.28 27.53 33.17
N LEU A 1289 -26.82 27.68 34.42
CA LEU A 1289 -26.17 26.56 35.10
C LEU A 1289 -27.12 25.41 35.30
N ALA A 1290 -28.36 25.70 35.71
CA ALA A 1290 -29.34 24.63 35.89
C ALA A 1290 -29.56 23.89 34.58
N LEU A 1291 -29.73 24.62 33.49
CA LEU A 1291 -29.90 24.00 32.19
C LEU A 1291 -28.68 23.19 31.79
N TRP A 1292 -27.48 23.72 32.03
CA TRP A 1292 -26.26 23.08 31.60
C TRP A 1292 -26.02 21.78 32.34
N ARG A 1293 -26.14 21.82 33.67
CA ARG A 1293 -25.85 20.63 34.46
C ARG A 1293 -26.97 19.61 34.38
N GLU A 1294 -28.22 20.06 34.32
CA GLU A 1294 -29.38 19.17 34.38
C GLU A 1294 -29.89 18.77 33.01
N ASN A 1295 -29.00 18.70 32.02
CA ASN A 1295 -29.39 18.23 30.70
C ASN A 1295 -28.17 17.68 29.97
N PRO A 1296 -27.82 16.42 30.20
CA PRO A 1296 -26.58 15.88 29.63
C PRO A 1296 -26.54 15.91 28.12
N GLU A 1297 -27.67 15.71 27.45
CA GLU A 1297 -27.69 15.77 25.99
C GLU A 1297 -27.48 17.19 25.49
N PHE A 1298 -27.91 18.18 26.26
CA PHE A 1298 -27.81 19.58 25.88
C PHE A 1298 -26.50 20.21 26.32
N ALA A 1299 -25.72 19.54 27.15
CA ALA A 1299 -24.48 20.10 27.66
C ALA A 1299 -23.31 19.95 26.70
N LYS A 1300 -23.47 19.20 25.62
CA LYS A 1300 -22.39 18.95 24.68
C LYS A 1300 -22.41 19.88 23.48
N ILE A 1301 -23.32 20.85 23.45
CA ILE A 1301 -23.43 21.77 22.32
C ILE A 1301 -23.14 23.21 22.69
N ILE A 1302 -23.02 23.53 23.98
CA ILE A 1302 -22.72 24.89 24.39
C ILE A 1302 -21.24 25.15 24.16
N GLY A 1303 -20.94 26.27 23.49
CA GLY A 1303 -19.57 26.62 23.19
C GLY A 1303 -19.27 28.06 23.54
N PRO A 1304 -18.01 28.47 23.37
CA PRO A 1304 -17.66 29.86 23.68
C PRO A 1304 -18.41 30.87 22.84
N HIS A 1305 -18.68 30.56 21.57
CA HIS A 1305 -19.44 31.48 20.74
C HIS A 1305 -20.89 31.60 21.23
N ASN A 1306 -21.45 30.51 21.76
CA ASN A 1306 -22.76 30.60 22.37
C ASN A 1306 -22.71 31.31 23.71
N LEU A 1307 -21.56 31.29 24.37
CA LEU A 1307 -21.38 32.05 25.60
C LEU A 1307 -21.23 33.54 25.35
N ARG A 1308 -20.76 33.93 24.17
CA ARG A 1308 -20.69 35.35 23.85
C ARG A 1308 -22.06 36.02 23.88
N ASP A 1309 -23.12 35.25 23.63
CA ASP A 1309 -24.47 35.81 23.61
C ASP A 1309 -24.95 36.23 24.99
N LEU A 1310 -24.26 35.84 26.06
CA LEU A 1310 -24.67 36.17 27.41
C LEU A 1310 -23.96 37.44 27.90
N ALA A 1311 -24.30 38.55 27.25
CA ALA A 1311 -23.76 39.86 27.63
C ALA A 1311 -24.71 40.50 28.62
N LEU A 1312 -24.51 40.16 29.90
CA LEU A 1312 -25.41 40.63 30.94
C LEU A 1312 -25.11 42.06 31.33
N GLY A 1313 -26.16 42.80 31.70
CA GLY A 1313 -26.00 44.14 32.21
C GLY A 1313 -25.68 44.17 33.69
N ASP A 1314 -25.58 45.38 34.22
CA ASP A 1314 -25.25 45.54 35.63
C ASP A 1314 -26.33 44.96 36.53
N GLU A 1315 -27.60 45.20 36.22
CA GLU A 1315 -28.67 44.74 37.10
C GLU A 1315 -28.72 43.23 37.13
N GLU A 1316 -28.67 42.58 35.95
CA GLU A 1316 -28.72 41.13 35.90
C GLU A 1316 -27.55 40.51 36.66
N SER A 1317 -26.35 41.06 36.48
CA SER A 1317 -25.17 40.49 37.12
C SER A 1317 -25.17 40.73 38.62
N LEU A 1318 -25.67 41.87 39.06
CA LEU A 1318 -25.49 42.24 40.45
C LEU A 1318 -26.65 41.79 41.35
N VAL A 1319 -27.90 42.04 40.94
CA VAL A 1319 -29.02 41.76 41.82
C VAL A 1319 -29.74 40.50 41.38
N LYS A 1320 -30.20 40.47 40.12
CA LYS A 1320 -31.11 39.42 39.68
C LYS A 1320 -30.46 38.04 39.77
N GLY A 1321 -29.22 37.92 39.32
CA GLY A 1321 -28.48 36.68 39.43
C GLY A 1321 -28.49 35.82 38.19
N ASN A 1322 -29.43 36.01 37.27
CA ASN A 1322 -29.51 35.17 36.09
C ASN A 1322 -30.05 35.98 34.90
N CYS A 1323 -29.82 35.46 33.71
CA CYS A 1323 -30.18 36.16 32.49
C CYS A 1323 -31.69 36.29 32.36
N SER A 1324 -32.12 37.34 31.66
CA SER A 1324 -33.54 37.60 31.47
C SER A 1324 -34.14 36.61 30.47
N ASP A 1325 -35.46 36.69 30.34
CA ASP A 1325 -36.18 35.75 29.47
C ASP A 1325 -35.74 35.89 28.01
N ILE A 1326 -35.61 37.12 27.52
CA ILE A 1326 -35.21 37.30 26.13
C ILE A 1326 -33.79 36.80 25.92
N ASN A 1327 -32.88 37.12 26.85
CA ASN A 1327 -31.50 36.65 26.75
C ASN A 1327 -31.44 35.13 26.84
N TYR A 1328 -32.23 34.55 27.74
CA TYR A 1328 -32.23 33.10 27.90
C TYR A 1328 -32.71 32.41 26.62
N ASN A 1329 -33.81 32.91 26.05
CA ASN A 1329 -34.33 32.31 24.83
C ASN A 1329 -33.36 32.45 23.67
N ARG A 1330 -32.74 33.63 23.54
CA ARG A 1330 -31.75 33.82 22.49
C ARG A 1330 -30.59 32.85 22.65
N PHE A 1331 -30.10 32.71 23.89
CA PHE A 1331 -28.97 31.81 24.14
C PHE A 1331 -29.32 30.37 23.84
N VAL A 1332 -30.50 29.92 24.26
CA VAL A 1332 -30.85 28.51 24.06
C VAL A 1332 -31.08 28.22 22.58
N GLU A 1333 -31.70 29.16 21.85
CA GLU A 1333 -31.87 28.92 20.42
C GLU A 1333 -30.54 28.94 19.69
N GLY A 1334 -29.62 29.80 20.11
CA GLY A 1334 -28.29 29.78 19.54
C GLY A 1334 -27.58 28.46 19.79
N CYS A 1335 -27.74 27.90 20.99
CA CYS A 1335 -27.14 26.60 21.28
C CYS A 1335 -27.78 25.49 20.46
N ARG A 1336 -29.11 25.53 20.30
CA ARG A 1336 -29.80 24.50 19.53
C ARG A 1336 -29.39 24.56 18.06
N ALA A 1337 -29.23 25.77 17.52
CA ALA A 1337 -28.83 25.92 16.12
C ALA A 1337 -27.43 25.39 15.85
N ASN A 1338 -26.63 25.12 16.88
CA ASN A 1338 -25.33 24.50 16.68
C ASN A 1338 -25.44 23.13 16.04
N GLY A 1339 -26.59 22.48 16.13
CA GLY A 1339 -26.76 21.17 15.56
C GLY A 1339 -26.86 21.12 14.06
N GLN A 1340 -27.00 22.28 13.42
CA GLN A 1340 -27.09 22.35 11.97
C GLN A 1340 -26.02 23.21 11.32
N SER A 1341 -25.37 24.10 12.05
CA SER A 1341 -24.32 24.94 11.48
C SER A 1341 -23.04 24.11 11.32
N PHE A 1342 -21.94 24.77 10.95
CA PHE A 1342 -20.67 24.07 10.82
C PHE A 1342 -20.08 23.67 12.17
N TYR A 1343 -20.70 24.09 13.26
CA TYR A 1343 -20.26 23.71 14.60
C TYR A 1343 -20.79 22.35 15.04
N ALA A 1344 -21.62 21.70 14.22
CA ALA A 1344 -22.23 20.44 14.62
C ALA A 1344 -21.16 19.38 14.82
N GLY A 1345 -21.24 18.66 15.95
CA GLY A 1345 -20.30 17.62 16.28
C GLY A 1345 -19.00 18.10 16.89
N ALA A 1346 -18.86 19.39 17.15
CA ALA A 1346 -17.62 19.91 17.69
C ALA A 1346 -17.49 19.58 19.17
N ASP A 1347 -16.29 19.76 19.70
CA ASP A 1347 -15.99 19.52 21.10
C ASP A 1347 -15.56 20.85 21.72
N PHE A 1348 -16.50 21.53 22.38
CA PHE A 1348 -16.23 22.80 23.04
C PHE A 1348 -15.72 22.62 24.46
N SER A 1349 -15.61 21.37 24.93
CA SER A 1349 -15.29 21.13 26.34
C SER A 1349 -13.94 21.73 26.73
N SER A 1350 -12.96 21.68 25.83
CA SER A 1350 -11.62 22.17 26.14
C SER A 1350 -11.60 23.66 26.46
N GLU A 1351 -12.64 24.41 26.09
CA GLU A 1351 -12.69 25.84 26.34
C GLU A 1351 -13.87 26.29 27.19
N VAL A 1352 -14.77 25.37 27.57
CA VAL A 1352 -15.90 25.73 28.42
C VAL A 1352 -16.01 24.86 29.66
N ASN A 1353 -15.06 23.94 29.89
CA ASN A 1353 -15.18 23.07 31.04
C ASN A 1353 -15.08 23.85 32.35
N PHE A 1354 -14.22 24.86 32.41
CA PHE A 1354 -14.04 25.60 33.65
C PHE A 1354 -15.31 26.27 34.14
N CYS A 1355 -16.26 26.54 33.23
CA CYS A 1355 -17.53 27.13 33.65
C CYS A 1355 -18.33 26.19 34.53
N VAL A 1356 -18.28 24.89 34.25
CA VAL A 1356 -19.07 23.91 34.97
C VAL A 1356 -18.26 23.10 35.96
N GLY A 1357 -16.97 23.39 36.10
CA GLY A 1357 -16.14 22.72 37.08
C GLY A 1357 -15.50 21.44 36.62
N LEU A 1358 -15.84 20.93 35.44
CA LEU A 1358 -15.23 19.71 34.96
C LEU A 1358 -13.79 19.98 34.50
N VAL A 1359 -13.01 18.90 34.42
CA VAL A 1359 -11.64 18.96 33.94
C VAL A 1359 -11.29 17.60 33.38
N THR A 1360 -10.36 17.57 32.43
CA THR A 1360 -9.85 16.33 31.88
C THR A 1360 -8.43 16.10 32.40
N ILE A 1361 -8.18 14.89 32.89
CA ILE A 1361 -6.89 14.52 33.45
C ILE A 1361 -6.43 13.22 32.80
N PRO A 1362 -5.18 13.13 32.35
CA PRO A 1362 -4.70 11.88 31.77
C PRO A 1362 -4.67 10.76 32.81
N ASN A 1363 -4.80 9.52 32.31
CA ASN A 1363 -4.74 8.37 33.20
C ASN A 1363 -3.39 8.25 33.88
N LYS A 1364 -2.32 8.64 33.18
CA LYS A 1364 -1.00 8.57 33.77
C LYS A 1364 -0.90 9.48 34.99
N VAL A 1365 -1.53 10.65 34.93
CA VAL A 1365 -1.46 11.57 36.07
C VAL A 1365 -2.13 10.94 37.29
N ILE A 1366 -3.25 10.27 37.08
CA ILE A 1366 -3.94 9.59 38.18
C ILE A 1366 -3.04 8.50 38.77
N ALA A 1367 -2.41 7.71 37.89
CA ALA A 1367 -1.55 6.65 38.40
C ALA A 1367 -0.38 7.22 39.21
N ASP A 1368 0.31 8.22 38.68
CA ASP A 1368 1.44 8.79 39.40
C ASP A 1368 1.01 9.49 40.68
N THR A 1369 -0.18 10.07 40.74
CA THR A 1369 -0.55 10.67 42.03
C THR A 1369 -0.91 9.62 43.06
N LEU A 1370 -1.48 8.48 42.65
CA LEU A 1370 -1.66 7.38 43.59
C LEU A 1370 -0.32 6.91 44.13
N GLU A 1371 0.65 6.70 43.23
CA GLU A 1371 1.97 6.27 43.67
C GLU A 1371 2.66 7.34 44.51
N ALA A 1372 2.38 8.62 44.26
CA ALA A 1372 2.98 9.68 45.05
C ALA A 1372 2.42 9.72 46.46
N LEU A 1373 1.12 9.47 46.61
CA LEU A 1373 0.57 9.33 47.95
C LEU A 1373 1.20 8.15 48.67
N LEU A 1374 1.37 7.03 47.96
CA LEU A 1374 2.11 5.91 48.56
C LEU A 1374 3.51 6.33 48.97
N GLY A 1375 4.17 7.12 48.13
CA GLY A 1375 5.54 7.52 48.42
C GLY A 1375 5.66 8.42 49.64
N VAL A 1376 4.73 9.36 49.79
CA VAL A 1376 4.78 10.23 50.96
C VAL A 1376 4.49 9.42 52.22
N ILE A 1377 3.54 8.48 52.15
CA ILE A 1377 3.28 7.62 53.31
C ILE A 1377 4.51 6.80 53.66
N VAL A 1378 5.19 6.26 52.65
CA VAL A 1378 6.40 5.46 52.89
C VAL A 1378 7.47 6.32 53.52
N LYS A 1379 7.70 7.51 52.96
CA LYS A 1379 8.78 8.37 53.43
C LYS A 1379 8.54 8.80 54.87
N ASN A 1380 7.27 8.94 55.27
CA ASN A 1380 7.01 9.45 56.61
C ASN A 1380 6.80 8.37 57.66
N TYR A 1381 6.33 7.17 57.29
CA TYR A 1381 5.94 6.19 58.29
C TYR A 1381 6.55 4.81 58.08
N GLY A 1382 7.47 4.64 57.14
CA GLY A 1382 8.07 3.34 56.96
C GLY A 1382 7.15 2.37 56.24
N LEU A 1383 7.66 1.14 56.07
CA LEU A 1383 6.93 0.13 55.30
C LEU A 1383 5.77 -0.47 56.09
N GLN A 1384 5.94 -0.66 57.39
CA GLN A 1384 4.93 -1.35 58.18
C GLN A 1384 3.60 -0.62 58.14
N HIS A 1385 3.63 0.72 58.27
CA HIS A 1385 2.40 1.49 58.16
C HIS A 1385 1.96 1.66 56.72
N ALA A 1386 2.91 1.78 55.79
CA ALA A 1386 2.56 1.98 54.40
C ALA A 1386 1.88 0.77 53.78
N PHE A 1387 2.07 -0.42 54.36
CA PHE A 1387 1.37 -1.61 53.87
C PHE A 1387 -0.13 -1.46 54.01
N LYS A 1388 -0.60 -0.77 55.05
CA LYS A 1388 -2.04 -0.64 55.27
C LYS A 1388 -2.71 0.14 54.16
N MET A 1389 -1.97 1.02 53.48
CA MET A 1389 -2.56 1.85 52.44
C MET A 1389 -3.07 1.01 51.28
N LEU A 1390 -2.38 -0.08 50.95
CA LEU A 1390 -2.83 -0.95 49.88
C LEU A 1390 -4.13 -1.65 50.24
N GLU A 1391 -4.45 -1.76 51.53
CA GLU A 1391 -5.79 -2.20 51.91
C GLU A 1391 -6.81 -1.11 51.64
N TYR A 1392 -6.42 0.15 51.83
CA TYR A 1392 -7.31 1.27 51.57
C TYR A 1392 -7.66 1.38 50.09
N PHE A 1393 -6.67 1.22 49.22
CA PHE A 1393 -6.89 1.36 47.78
C PHE A 1393 -7.32 0.07 47.13
N LYS A 1394 -7.47 -1.01 47.89
CA LYS A 1394 -7.94 -2.31 47.39
C LYS A 1394 -7.01 -2.88 46.33
N ILE A 1395 -5.75 -2.44 46.31
CA ILE A 1395 -4.77 -3.04 45.41
C ILE A 1395 -4.43 -4.45 45.85
N CYS A 1396 -4.18 -4.64 47.14
CA CYS A 1396 -3.90 -5.95 47.70
C CYS A 1396 -5.05 -6.31 48.64
N ARG A 1397 -5.79 -7.34 48.29
CA ARG A 1397 -6.90 -7.80 49.11
C ARG A 1397 -6.37 -8.49 50.37
N ALA A 1398 -6.91 -8.10 51.52
CA ALA A 1398 -6.47 -8.65 52.79
C ALA A 1398 -7.10 -10.00 53.05
N ASP A 1399 -6.57 -10.69 54.06
CA ASP A 1399 -7.10 -11.98 54.49
C ASP A 1399 -6.85 -12.16 55.98
N ILE A 1400 -7.64 -13.03 56.60
CA ILE A 1400 -7.48 -13.32 58.02
C ILE A 1400 -6.13 -13.98 58.29
N ASP A 1401 -5.67 -14.84 57.39
CA ASP A 1401 -4.44 -15.59 57.63
C ASP A 1401 -3.20 -14.71 57.48
N LYS A 1402 -3.17 -13.83 56.49
CA LYS A 1402 -1.99 -13.04 56.16
C LYS A 1402 -2.36 -11.57 56.07
N PRO A 1403 -2.17 -10.81 57.16
CA PRO A 1403 -2.40 -9.37 57.08
C PRO A 1403 -1.37 -8.68 56.20
N LEU A 1404 -1.76 -7.52 55.67
CA LEU A 1404 -0.84 -6.76 54.81
C LEU A 1404 0.35 -6.22 55.58
N THR A 1405 0.21 -6.02 56.89
CA THR A 1405 1.33 -5.49 57.66
C THR A 1405 2.48 -6.49 57.78
N GLN A 1406 2.28 -7.76 57.41
CA GLN A 1406 3.27 -8.79 57.65
C GLN A 1406 3.93 -9.30 56.37
N LEU A 1407 3.88 -8.53 55.28
CA LEU A 1407 4.60 -8.92 54.08
C LEU A 1407 6.11 -8.98 54.30
N LEU A 1408 6.62 -8.29 55.33
CA LEU A 1408 8.03 -8.45 55.68
C LEU A 1408 8.34 -9.83 56.23
N ASN A 1409 7.32 -10.61 56.58
CA ASN A 1409 7.45 -11.97 57.09
C ASN A 1409 7.21 -13.01 56.01
N LEU A 1410 7.69 -12.73 54.80
CA LEU A 1410 7.52 -13.62 53.65
C LEU A 1410 7.89 -15.05 53.99
N GLU A 1411 7.02 -15.98 53.59
CA GLU A 1411 7.25 -17.40 53.81
C GLU A 1411 7.62 -18.06 52.48
N LEU A 1412 8.80 -18.67 52.44
CA LEU A 1412 9.24 -19.43 51.27
C LEU A 1412 8.63 -20.84 51.35
N GLY A 1413 7.31 -20.87 51.48
CA GLY A 1413 6.58 -22.09 51.68
C GLY A 1413 6.32 -22.83 50.38
N GLY A 1414 5.35 -23.74 50.44
CA GLY A 1414 5.02 -24.58 49.33
C GLY A 1414 5.79 -25.89 49.34
N LYS A 1415 5.43 -26.76 48.39
CA LYS A 1415 6.11 -28.05 48.26
C LYS A 1415 7.53 -27.92 47.76
N LYS A 1416 7.94 -26.73 47.31
CA LYS A 1416 9.23 -26.57 46.65
C LYS A 1416 10.40 -26.59 47.64
N MET A 1417 10.13 -26.61 48.94
CA MET A 1417 11.18 -26.63 49.95
C MET A 1417 11.04 -27.86 50.82
N ARG A 1418 12.18 -28.43 51.22
CA ARG A 1418 12.23 -29.61 52.08
C ARG A 1418 13.09 -29.27 53.29
N ALA A 1419 12.42 -29.01 54.42
CA ALA A 1419 13.10 -28.54 55.63
C ALA A 1419 13.75 -29.66 56.42
N ASN A 1420 13.50 -30.93 56.08
CA ASN A 1420 14.02 -32.05 56.85
C ASN A 1420 15.37 -32.56 56.34
N VAL A 1421 15.89 -31.99 55.26
CA VAL A 1421 17.12 -32.49 54.66
C VAL A 1421 18.32 -32.09 55.51
N ASN A 1422 19.18 -33.05 55.82
CA ASN A 1422 20.40 -32.78 56.56
C ASN A 1422 21.37 -31.95 55.73
N THR A 1423 22.15 -31.13 56.42
CA THR A 1423 22.98 -30.13 55.74
C THR A 1423 24.15 -30.76 54.98
N THR A 1424 24.49 -32.02 55.27
CA THR A 1424 25.59 -32.67 54.56
C THR A 1424 25.30 -32.79 53.07
N GLU A 1425 24.05 -33.14 52.71
CA GLU A 1425 23.69 -33.25 51.32
C GLU A 1425 23.81 -31.90 50.60
N ILE A 1426 23.42 -30.82 51.28
CA ILE A 1426 23.58 -29.49 50.71
C ILE A 1426 25.06 -29.15 50.54
N ASP A 1427 25.85 -29.37 51.59
CA ASP A 1427 27.28 -29.09 51.52
C ASP A 1427 27.98 -29.88 50.44
N GLY A 1428 27.43 -31.03 50.06
CA GLY A 1428 27.95 -31.75 48.91
C GLY A 1428 27.87 -30.91 47.64
N PHE A 1429 26.72 -30.29 47.40
CA PHE A 1429 26.54 -29.45 46.21
C PHE A 1429 27.35 -28.17 46.28
N LEU A 1430 27.51 -27.59 47.47
CA LEU A 1430 28.20 -26.31 47.63
C LEU A 1430 29.69 -26.58 47.79
N ILE A 1431 30.46 -26.28 46.76
CA ILE A 1431 31.91 -26.41 46.79
C ILE A 1431 32.52 -25.02 46.89
N ASN A 1432 33.63 -24.91 47.62
CA ASN A 1432 34.27 -23.63 47.91
C ASN A 1432 33.27 -22.67 48.55
N HIS A 1433 32.57 -23.17 49.57
CA HIS A 1433 31.52 -22.39 50.23
C HIS A 1433 32.09 -21.12 50.86
N TYR A 1434 33.23 -21.24 51.55
CA TYR A 1434 33.82 -20.11 52.24
C TYR A 1434 34.21 -19.01 51.26
N TYR A 1435 34.74 -19.39 50.09
CA TYR A 1435 35.13 -18.41 49.09
C TYR A 1435 33.91 -17.60 48.63
N LEU A 1436 32.81 -18.29 48.34
CA LEU A 1436 31.59 -17.59 47.91
C LEU A 1436 31.08 -16.68 49.01
N GLU A 1437 31.05 -17.16 50.26
CA GLU A 1437 30.54 -16.33 51.34
C GLU A 1437 31.41 -15.09 51.55
N LYS A 1438 32.73 -15.25 51.48
CA LYS A 1438 33.62 -14.12 51.67
C LYS A 1438 33.48 -13.11 50.54
N ASN A 1439 33.41 -13.58 49.30
CA ASN A 1439 33.27 -12.65 48.17
C ASN A 1439 31.92 -11.93 48.22
N LEU A 1440 30.85 -12.64 48.58
CA LEU A 1440 29.55 -12.00 48.69
C LEU A 1440 29.48 -11.05 49.88
N GLY A 1441 30.14 -11.39 50.98
CA GLY A 1441 30.12 -10.57 52.16
C GLY A 1441 29.12 -10.98 53.23
N TYR A 1442 28.50 -12.14 53.10
CA TYR A 1442 27.51 -12.61 54.05
C TYR A 1442 27.82 -14.05 54.44
N THR A 1443 27.60 -14.37 55.72
CA THR A 1443 27.80 -15.71 56.25
C THR A 1443 26.43 -16.30 56.58
N PHE A 1444 26.06 -17.36 55.86
CA PHE A 1444 24.72 -17.90 55.98
C PHE A 1444 24.56 -18.76 57.24
N LYS A 1445 23.35 -18.76 57.79
CA LYS A 1445 23.00 -19.67 58.86
C LYS A 1445 22.28 -20.91 58.34
N ASP A 1446 21.41 -20.74 57.36
CA ASP A 1446 20.76 -21.85 56.67
C ASP A 1446 21.22 -21.84 55.22
N ARG A 1447 21.79 -22.94 54.77
CA ARG A 1447 22.44 -22.97 53.46
C ARG A 1447 21.51 -23.39 52.32
N ARG A 1448 20.28 -23.83 52.63
CA ARG A 1448 19.39 -24.21 51.55
C ARG A 1448 18.93 -22.99 50.74
N TYR A 1449 18.88 -21.81 51.37
CA TYR A 1449 18.60 -20.60 50.61
C TYR A 1449 19.69 -20.34 49.58
N LEU A 1450 20.95 -20.51 49.97
CA LEU A 1450 22.05 -20.34 49.02
C LEU A 1450 21.97 -21.34 47.89
N LEU A 1451 21.67 -22.60 48.23
CA LEU A 1451 21.54 -23.63 47.20
C LEU A 1451 20.44 -23.27 46.21
N GLN A 1452 19.28 -22.84 46.71
CA GLN A 1452 18.20 -22.44 45.82
C GLN A 1452 18.61 -21.23 44.98
N ALA A 1453 19.43 -20.35 45.55
CA ALA A 1453 19.86 -19.16 44.82
C ALA A 1453 20.79 -19.53 43.67
N LEU A 1454 21.62 -20.55 43.85
CA LEU A 1454 22.61 -20.90 42.83
C LEU A 1454 22.11 -21.91 41.80
N THR A 1455 20.89 -22.43 41.95
CA THR A 1455 20.43 -23.55 41.14
C THR A 1455 19.72 -23.04 39.88
N HIS A 1456 20.39 -23.18 38.74
CA HIS A 1456 19.75 -22.89 37.46
C HIS A 1456 18.70 -23.96 37.15
N PRO A 1457 17.64 -23.61 36.43
CA PRO A 1457 16.61 -24.61 36.10
C PRO A 1457 17.11 -25.78 35.27
N SER A 1458 18.22 -25.65 34.56
CA SER A 1458 18.71 -26.76 33.75
C SER A 1458 19.57 -27.73 34.53
N TYR A 1459 19.80 -27.49 35.82
CA TYR A 1459 20.58 -28.43 36.63
C TYR A 1459 19.69 -29.57 37.09
N PRO A 1460 20.01 -30.82 36.75
CA PRO A 1460 19.09 -31.92 37.04
C PRO A 1460 19.27 -32.59 38.40
N THR A 1461 20.44 -32.45 39.01
CA THR A 1461 20.81 -33.28 40.15
C THR A 1461 20.37 -32.71 41.50
N ASN A 1462 19.68 -31.58 41.52
CA ASN A 1462 19.20 -30.99 42.76
C ASN A 1462 17.72 -31.30 42.90
N ARG A 1463 17.39 -32.22 43.81
CA ARG A 1463 16.02 -32.66 44.01
C ARG A 1463 15.49 -32.31 45.40
N ILE A 1464 16.14 -31.38 46.09
CA ILE A 1464 15.68 -30.96 47.40
C ILE A 1464 15.21 -29.52 47.43
N THR A 1465 15.63 -28.67 46.49
CA THR A 1465 15.22 -27.29 46.40
C THR A 1465 14.91 -26.96 44.95
N GLY A 1466 14.07 -25.96 44.75
CA GLY A 1466 13.69 -25.53 43.42
C GLY A 1466 14.78 -24.70 42.76
N SER A 1467 14.47 -24.24 41.55
CA SER A 1467 15.38 -23.37 40.83
C SER A 1467 15.39 -21.98 41.46
N TYR A 1468 16.24 -21.10 40.94
CA TYR A 1468 16.36 -19.78 41.53
C TYR A 1468 15.33 -18.79 41.04
N GLN A 1469 14.41 -19.19 40.17
CA GLN A 1469 13.43 -18.25 39.65
C GLN A 1469 12.56 -17.67 40.77
N GLU A 1470 12.14 -18.54 41.68
CA GLU A 1470 11.30 -18.10 42.79
C GLU A 1470 12.03 -17.08 43.66
N LEU A 1471 13.33 -17.28 43.90
CA LEU A 1471 14.07 -16.32 44.71
C LEU A 1471 14.33 -15.03 43.96
N GLU A 1472 14.77 -15.11 42.70
CA GLU A 1472 15.09 -13.90 41.97
C GLU A 1472 13.87 -13.05 41.73
N PHE A 1473 12.67 -13.64 41.70
CA PHE A 1473 11.45 -12.84 41.67
C PHE A 1473 11.38 -11.86 42.83
N ILE A 1474 11.62 -12.34 44.05
CA ILE A 1474 11.60 -11.47 45.22
C ILE A 1474 12.81 -10.54 45.24
N GLY A 1475 13.97 -11.07 44.87
CA GLY A 1475 15.20 -10.30 44.97
C GLY A 1475 15.22 -9.10 44.03
N ASN A 1476 14.64 -9.24 42.84
CA ASN A 1476 14.58 -8.13 41.92
C ASN A 1476 13.85 -6.94 42.55
N ALA A 1477 12.67 -7.20 43.13
CA ALA A 1477 11.91 -6.13 43.75
C ALA A 1477 12.62 -5.56 44.96
N ILE A 1478 13.24 -6.40 45.78
CA ILE A 1478 13.92 -5.90 46.98
C ILE A 1478 15.08 -4.98 46.58
N LEU A 1479 15.90 -5.43 45.64
CA LEU A 1479 17.02 -4.60 45.21
C LEU A 1479 16.55 -3.32 44.56
N ASP A 1480 15.49 -3.39 43.76
CA ASP A 1480 14.95 -2.19 43.13
C ASP A 1480 14.49 -1.18 44.17
N PHE A 1481 13.75 -1.64 45.17
CA PHE A 1481 13.27 -0.71 46.20
C PHE A 1481 14.43 -0.11 46.98
N LEU A 1482 15.42 -0.93 47.34
CA LEU A 1482 16.52 -0.39 48.13
C LEU A 1482 17.33 0.63 47.34
N ILE A 1483 17.59 0.35 46.05
CA ILE A 1483 18.31 1.31 45.22
C ILE A 1483 17.52 2.60 45.10
N SER A 1484 16.20 2.50 44.88
CA SER A 1484 15.39 3.69 44.75
C SER A 1484 15.38 4.49 46.05
N ALA A 1485 15.30 3.82 47.19
CA ALA A 1485 15.33 4.52 48.46
C ALA A 1485 16.64 5.25 48.67
N TYR A 1486 17.76 4.61 48.33
CA TYR A 1486 19.05 5.26 48.51
C TYR A 1486 19.18 6.49 47.61
N ILE A 1487 18.82 6.34 46.33
CA ILE A 1487 18.97 7.47 45.41
C ILE A 1487 17.97 8.58 45.75
N PHE A 1488 16.80 8.22 46.28
CA PHE A 1488 15.83 9.24 46.67
C PHE A 1488 16.30 9.98 47.91
N GLU A 1489 16.95 9.29 48.84
CA GLU A 1489 17.40 9.95 50.06
C GLU A 1489 18.63 10.82 49.81
N ASN A 1490 19.58 10.33 49.02
CA ASN A 1490 20.86 11.03 48.92
C ASN A 1490 20.94 11.95 47.69
N ASN A 1491 20.50 11.48 46.53
CA ASN A 1491 20.62 12.26 45.29
C ASN A 1491 19.42 13.19 45.17
N THR A 1492 19.41 14.23 46.01
CA THR A 1492 18.37 15.24 45.97
C THR A 1492 18.67 16.38 45.01
N LYS A 1493 19.89 16.44 44.47
CA LYS A 1493 20.26 17.54 43.58
C LYS A 1493 19.72 17.35 42.18
N MET A 1494 19.61 16.11 41.73
CA MET A 1494 19.24 15.81 40.35
C MET A 1494 17.73 15.76 40.19
N ASN A 1495 17.26 16.26 39.05
CA ASN A 1495 15.83 16.31 38.78
C ASN A 1495 15.28 14.91 38.56
N PRO A 1496 13.97 14.73 38.73
CA PRO A 1496 13.40 13.38 38.64
C PRO A 1496 13.67 12.67 37.33
N GLY A 1497 13.77 13.39 36.21
CA GLY A 1497 14.11 12.74 34.96
C GLY A 1497 15.48 12.08 35.00
N ALA A 1498 16.43 12.69 35.70
CA ALA A 1498 17.74 12.08 35.89
C ALA A 1498 17.73 11.03 36.99
N LEU A 1499 16.90 11.21 38.02
CA LEU A 1499 16.77 10.22 39.08
C LEU A 1499 16.26 8.89 38.52
N THR A 1500 15.26 8.93 37.65
CA THR A 1500 14.73 7.70 37.09
C THR A 1500 15.71 7.04 36.12
N ASP A 1501 16.51 7.84 35.40
CA ASP A 1501 17.55 7.26 34.57
C ASP A 1501 18.60 6.55 35.41
N LEU A 1502 19.00 7.17 36.52
CA LEU A 1502 19.96 6.51 37.41
C LEU A 1502 19.38 5.23 37.99
N ARG A 1503 18.10 5.26 38.37
CA ARG A 1503 17.46 4.05 38.88
C ARG A 1503 17.42 2.95 37.83
N SER A 1504 17.05 3.29 36.59
CA SER A 1504 16.96 2.28 35.55
C SER A 1504 18.33 1.75 35.16
N ALA A 1505 19.37 2.56 35.30
CA ALA A 1505 20.71 2.07 35.02
C ALA A 1505 21.26 1.20 36.15
N LEU A 1506 20.88 1.47 37.39
CA LEU A 1506 21.41 0.69 38.50
C LEU A 1506 20.77 -0.69 38.60
N VAL A 1507 19.55 -0.86 38.10
CA VAL A 1507 18.87 -2.15 38.13
C VAL A 1507 18.89 -2.82 36.76
N ASN A 1508 19.73 -2.35 35.85
CA ASN A 1508 19.85 -2.97 34.54
C ASN A 1508 20.41 -4.38 34.68
N ASN A 1509 20.05 -5.26 33.75
CA ASN A 1509 20.57 -6.61 33.79
C ASN A 1509 22.06 -6.64 33.48
N THR A 1510 22.52 -5.78 32.57
CA THR A 1510 23.94 -5.74 32.24
C THR A 1510 24.77 -5.31 33.44
N THR A 1511 24.27 -4.34 34.21
CA THR A 1511 24.98 -3.92 35.41
C THR A 1511 25.09 -5.06 36.40
N LEU A 1512 24.00 -5.81 36.59
CA LEU A 1512 24.01 -6.95 37.50
C LEU A 1512 24.97 -8.02 37.01
N ALA A 1513 25.01 -8.27 35.70
CA ALA A 1513 25.95 -9.25 35.17
C ALA A 1513 27.38 -8.83 35.43
N CYS A 1514 27.69 -7.55 35.19
CA CYS A 1514 29.04 -7.06 35.44
C CYS A 1514 29.42 -7.17 36.91
N ILE A 1515 28.47 -6.88 37.80
CA ILE A 1515 28.74 -7.01 39.23
C ILE A 1515 28.93 -8.49 39.61
N CYS A 1516 28.13 -9.38 39.04
CA CYS A 1516 28.25 -10.79 39.36
C CYS A 1516 29.60 -11.34 38.90
N VAL A 1517 30.05 -10.94 37.72
CA VAL A 1517 31.37 -11.35 37.25
C VAL A 1517 32.45 -10.75 38.14
N ARG A 1518 32.35 -9.46 38.44
CA ARG A 1518 33.40 -8.78 39.20
C ARG A 1518 33.62 -9.41 40.57
N HIS A 1519 32.58 -9.99 41.16
CA HIS A 1519 32.68 -10.60 42.47
C HIS A 1519 32.82 -12.12 42.40
N ARG A 1520 33.03 -12.67 41.20
CA ARG A 1520 33.32 -14.09 41.03
C ARG A 1520 32.23 -14.97 41.61
N LEU A 1521 30.98 -14.58 41.39
CA LEU A 1521 29.85 -15.41 41.77
C LEU A 1521 29.43 -16.39 40.67
N HIS A 1522 29.92 -16.20 39.45
CA HIS A 1522 29.57 -17.10 38.35
C HIS A 1522 30.23 -18.46 38.47
N PHE A 1523 31.23 -18.61 39.34
CA PHE A 1523 31.88 -19.90 39.52
C PHE A 1523 30.94 -20.92 40.13
N PHE A 1524 30.00 -20.46 40.95
CA PHE A 1524 29.17 -21.35 41.75
C PHE A 1524 27.79 -21.59 41.16
N ILE A 1525 27.55 -21.18 39.91
CA ILE A 1525 26.26 -21.43 39.29
C ILE A 1525 26.14 -22.91 38.97
N LEU A 1526 25.03 -23.51 39.38
CA LEU A 1526 24.77 -24.93 39.14
C LEU A 1526 23.92 -25.04 37.88
N ALA A 1527 24.56 -25.37 36.77
CA ALA A 1527 23.87 -25.48 35.49
C ALA A 1527 24.55 -26.54 34.63
N GLU A 1528 23.81 -27.06 33.65
CA GLU A 1528 24.35 -28.11 32.80
C GLU A 1528 24.08 -27.87 31.31
N ASN A 1529 23.78 -26.65 30.91
CA ASN A 1529 23.62 -26.36 29.48
C ASN A 1529 24.95 -25.97 28.87
N ALA A 1530 25.19 -26.38 27.62
CA ALA A 1530 26.45 -26.07 26.96
C ALA A 1530 26.48 -24.63 26.47
N LYS A 1531 25.40 -24.18 25.82
CA LYS A 1531 25.37 -22.84 25.26
C LYS A 1531 25.40 -21.78 26.35
N LEU A 1532 24.70 -22.03 27.46
CA LEU A 1532 24.75 -21.10 28.58
C LEU A 1532 26.16 -20.96 29.11
N SER A 1533 26.85 -22.08 29.29
CA SER A 1533 28.22 -22.04 29.79
C SER A 1533 29.15 -21.33 28.81
N GLU A 1534 28.95 -21.57 27.51
CA GLU A 1534 29.78 -20.90 26.51
C GLU A 1534 29.58 -19.39 26.56
N ILE A 1535 28.33 -18.94 26.66
CA ILE A 1535 28.07 -17.51 26.75
C ILE A 1535 28.67 -16.93 28.02
N ILE A 1536 28.53 -17.65 29.14
CA ILE A 1536 29.09 -17.18 30.40
C ILE A 1536 30.60 -17.02 30.31
N SER A 1537 31.27 -18.03 29.76
CA SER A 1537 32.73 -17.97 29.64
C SER A 1537 33.17 -16.85 28.70
N LYS A 1538 32.49 -16.71 27.57
CA LYS A 1538 32.85 -15.63 26.65
C LYS A 1538 32.65 -14.26 27.29
N PHE A 1539 31.56 -14.10 28.05
CA PHE A 1539 31.30 -12.82 28.70
C PHE A 1539 32.34 -12.52 29.78
N VAL A 1540 32.70 -13.51 30.59
CA VAL A 1540 33.67 -13.25 31.65
C VAL A 1540 35.04 -12.95 31.03
N ASN A 1541 35.37 -13.62 29.92
CA ASN A 1541 36.61 -13.30 29.23
C ASN A 1541 36.59 -11.88 28.69
N PHE A 1542 35.46 -11.43 28.15
CA PHE A 1542 35.39 -10.05 27.68
C PHE A 1542 35.48 -9.06 28.83
N GLN A 1543 34.86 -9.38 29.96
CA GLN A 1543 34.90 -8.47 31.11
C GLN A 1543 36.30 -8.36 31.67
N GLU A 1544 37.05 -9.46 31.71
CA GLU A 1544 38.43 -9.39 32.18
C GLU A 1544 39.28 -8.49 31.28
N SER A 1545 38.89 -8.34 30.02
CA SER A 1545 39.58 -7.38 29.15
C SER A 1545 39.41 -5.96 29.67
N GLN A 1546 38.22 -5.62 30.16
CA GLN A 1546 37.93 -4.28 30.65
C GLN A 1546 38.26 -4.10 32.13
N GLY A 1547 38.79 -5.12 32.79
CA GLY A 1547 39.02 -5.04 34.21
C GLY A 1547 37.76 -4.93 35.04
N HIS A 1548 36.71 -5.64 34.66
CA HIS A 1548 35.43 -5.65 35.37
C HIS A 1548 34.82 -4.26 35.49
N ARG A 1549 35.18 -3.36 34.58
CA ARG A 1549 34.60 -2.03 34.52
C ARG A 1549 33.39 -2.05 33.61
N VAL A 1550 32.30 -1.42 34.04
CA VAL A 1550 31.09 -1.37 33.23
C VAL A 1550 31.37 -0.51 32.00
N THR A 1551 31.48 -1.15 30.84
CA THR A 1551 31.76 -0.45 29.59
C THR A 1551 30.46 0.17 29.11
N ASN A 1552 30.40 0.64 27.86
CA ASN A 1552 29.20 1.32 27.41
C ASN A 1552 28.05 0.33 27.28
N TYR A 1553 27.28 0.20 28.36
CA TYR A 1553 26.17 -0.75 28.46
C TYR A 1553 26.61 -2.17 28.11
N VAL A 1554 27.81 -2.55 28.53
CA VAL A 1554 28.32 -3.90 28.28
C VAL A 1554 29.56 -4.16 29.15
N ASN A 1605 28.96 -5.85 22.18
CA ASN A 1605 28.97 -6.66 20.97
C ASN A 1605 29.03 -8.14 21.32
N VAL A 1606 28.89 -8.45 22.60
CA VAL A 1606 28.86 -9.83 23.07
C VAL A 1606 27.53 -10.06 23.81
N ASP A 1607 26.95 -11.23 23.61
CA ASP A 1607 25.72 -11.57 24.30
C ASP A 1607 25.97 -11.63 25.81
N VAL A 1608 25.10 -11.00 26.57
CA VAL A 1608 25.18 -10.97 28.02
C VAL A 1608 24.17 -11.97 28.57
N PRO A 1609 24.59 -12.94 29.40
CA PRO A 1609 23.65 -13.94 29.92
C PRO A 1609 22.77 -13.35 31.01
N LYS A 1610 21.45 -13.43 30.81
CA LYS A 1610 20.53 -12.97 31.83
C LYS A 1610 20.63 -13.78 33.10
N ALA A 1611 21.13 -15.01 33.02
CA ALA A 1611 21.20 -15.88 34.18
C ALA A 1611 22.13 -15.31 35.25
N LEU A 1612 23.14 -14.54 34.86
CA LEU A 1612 24.04 -13.94 35.83
C LEU A 1612 23.33 -12.89 36.68
N GLY A 1613 22.61 -11.97 36.04
CA GLY A 1613 21.81 -11.02 36.79
C GLY A 1613 20.75 -11.71 37.63
N ASP A 1614 20.13 -12.76 37.08
CA ASP A 1614 19.10 -13.47 37.83
C ASP A 1614 19.67 -14.13 39.07
N VAL A 1615 20.85 -14.74 38.97
CA VAL A 1615 21.42 -15.39 40.14
C VAL A 1615 21.90 -14.36 41.15
N LEU A 1616 22.33 -13.18 40.70
CA LEU A 1616 22.67 -12.13 41.66
C LEU A 1616 21.43 -11.65 42.42
N GLU A 1617 20.32 -11.45 41.71
CA GLU A 1617 19.09 -11.06 42.37
C GLU A 1617 18.61 -12.13 43.34
N ALA A 1618 18.68 -13.40 42.93
CA ALA A 1618 18.30 -14.48 43.83
C ALA A 1618 19.22 -14.56 45.03
N LEU A 1619 20.50 -14.25 44.85
CA LEU A 1619 21.42 -14.23 45.98
C LEU A 1619 21.04 -13.15 46.97
N ILE A 1620 20.68 -11.97 46.49
CA ILE A 1620 20.22 -10.91 47.38
C ILE A 1620 18.96 -11.36 48.13
N ALA A 1621 18.03 -12.00 47.42
CA ALA A 1621 16.81 -12.47 48.07
C ALA A 1621 17.11 -13.50 49.14
N ALA A 1622 18.02 -14.44 48.85
CA ALA A 1622 18.38 -15.44 49.83
C ALA A 1622 19.05 -14.82 51.04
N VAL A 1623 19.90 -13.81 50.82
CA VAL A 1623 20.50 -13.10 51.94
C VAL A 1623 19.43 -12.46 52.81
N TYR A 1624 18.43 -11.83 52.19
CA TYR A 1624 17.36 -11.24 52.99
C TYR A 1624 16.61 -12.30 53.78
N LEU A 1625 16.12 -13.35 53.09
CA LEU A 1625 15.31 -14.36 53.75
C LEU A 1625 16.04 -15.07 54.87
N ASP A 1626 17.37 -15.15 54.79
CA ASP A 1626 18.11 -15.83 55.85
C ASP A 1626 18.13 -15.00 57.13
N CYS A 1627 18.34 -13.69 57.02
CA CYS A 1627 18.49 -12.84 58.20
C CYS A 1627 17.21 -12.10 58.58
N ARG A 1628 16.28 -11.93 57.64
CA ARG A 1628 15.04 -11.20 57.90
C ARG A 1628 15.32 -9.79 58.41
N ASP A 1629 16.29 -9.13 57.78
CA ASP A 1629 16.69 -7.77 58.15
C ASP A 1629 17.03 -7.04 56.86
N LEU A 1630 16.23 -6.03 56.51
CA LEU A 1630 16.52 -5.25 55.32
C LEU A 1630 17.74 -4.36 55.48
N GLN A 1631 18.14 -4.06 56.72
CA GLN A 1631 19.32 -3.24 56.92
C GLN A 1631 20.59 -4.02 56.58
N ARG A 1632 20.69 -5.26 57.03
CA ARG A 1632 21.82 -6.12 56.66
C ARG A 1632 21.85 -6.38 55.16
N THR A 1633 20.68 -6.60 54.57
CA THR A 1633 20.59 -6.78 53.12
C THR A 1633 21.08 -5.54 52.39
N TRP A 1634 20.70 -4.36 52.89
CA TRP A 1634 21.19 -3.14 52.27
C TRP A 1634 22.70 -3.00 52.42
N GLU A 1635 23.24 -3.42 53.56
CA GLU A 1635 24.69 -3.39 53.73
C GLU A 1635 25.36 -4.25 52.66
N VAL A 1636 24.84 -5.45 52.44
CA VAL A 1636 25.39 -6.32 51.41
C VAL A 1636 25.29 -5.67 50.04
N ILE A 1637 24.12 -5.14 49.71
CA ILE A 1637 23.89 -4.56 48.39
C ILE A 1637 24.80 -3.37 48.15
N PHE A 1638 24.94 -2.50 49.16
CA PHE A 1638 25.82 -1.35 49.03
C PHE A 1638 27.27 -1.76 48.85
N ASN A 1639 27.71 -2.76 49.61
CA ASN A 1639 29.09 -3.22 49.45
C ASN A 1639 29.33 -3.75 48.04
N LEU A 1640 28.34 -4.46 47.49
CA LEU A 1640 28.49 -4.94 46.11
C LEU A 1640 28.47 -3.80 45.10
N PHE A 1641 27.57 -2.83 45.26
CA PHE A 1641 27.31 -1.83 44.24
C PHE A 1641 28.12 -0.55 44.39
N GLU A 1642 28.96 -0.43 45.42
CA GLU A 1642 29.60 0.85 45.72
C GLU A 1642 30.32 1.49 44.53
N PRO A 1643 31.14 0.78 43.76
CA PRO A 1643 31.76 1.45 42.60
C PRO A 1643 30.74 1.98 41.61
N GLU A 1644 29.69 1.21 41.34
CA GLU A 1644 28.70 1.63 40.37
C GLU A 1644 27.81 2.73 40.92
N LEU A 1645 27.46 2.66 42.21
CA LEU A 1645 26.70 3.75 42.82
C LEU A 1645 27.49 5.05 42.77
N GLN A 1646 28.78 5.00 43.11
CA GLN A 1646 29.58 6.23 43.10
C GLN A 1646 29.79 6.75 41.69
N GLU A 1647 30.00 5.86 40.72
CA GLU A 1647 30.25 6.29 39.35
C GLU A 1647 29.00 6.86 38.71
N PHE A 1648 27.86 6.17 38.85
CA PHE A 1648 26.65 6.58 38.16
C PHE A 1648 26.03 7.81 38.81
N THR A 1649 26.44 8.15 40.03
CA THR A 1649 26.01 9.40 40.64
C THR A 1649 26.85 10.58 40.15
N ARG A 1650 27.94 10.33 39.44
CA ARG A 1650 28.74 11.38 38.84
C ARG A 1650 28.34 11.63 37.39
N LYS A 1651 28.05 10.57 36.63
CA LYS A 1651 27.51 10.68 35.29
C LYS A 1651 26.32 9.75 35.17
N VAL A 1652 25.32 10.17 34.40
CA VAL A 1652 24.07 9.42 34.27
C VAL A 1652 24.09 8.70 32.92
N PRO A 1653 24.12 7.37 32.90
CA PRO A 1653 24.15 6.64 31.62
C PRO A 1653 22.86 6.88 30.84
N ILE A 1654 22.98 7.57 29.71
CA ILE A 1654 21.83 7.99 28.92
C ILE A 1654 21.98 7.44 27.51
N ASN A 1655 20.96 6.74 27.03
CA ASN A 1655 20.98 6.16 25.70
C ASN A 1655 19.61 6.31 25.04
N ILE B 344 42.12 -55.73 -8.07
CA ILE B 344 41.02 -55.77 -9.03
C ILE B 344 40.95 -54.48 -9.85
N ASP B 345 40.90 -53.33 -9.17
CA ASP B 345 41.01 -52.01 -9.77
C ASP B 345 39.90 -51.70 -10.78
N ARG B 346 39.12 -52.70 -11.16
CA ARG B 346 38.17 -52.57 -12.27
C ARG B 346 36.91 -53.36 -11.93
N TYR B 347 35.76 -52.70 -12.01
CA TYR B 347 34.51 -53.42 -11.92
C TYR B 347 34.28 -54.23 -13.19
N GLU B 348 33.86 -55.48 -13.03
CA GLU B 348 33.62 -56.32 -14.19
C GLU B 348 32.43 -55.79 -14.97
N GLN B 349 32.56 -55.77 -16.29
CA GLN B 349 31.50 -55.23 -17.14
C GLN B 349 30.41 -56.25 -17.35
N VAL B 350 29.25 -55.77 -17.77
CA VAL B 350 28.11 -56.61 -18.06
C VAL B 350 27.90 -56.62 -19.56
N SER B 351 27.24 -57.67 -20.05
CA SER B 351 26.93 -57.77 -21.46
C SER B 351 25.71 -56.90 -21.78
N LYS B 352 25.51 -56.68 -23.08
CA LYS B 352 24.38 -55.90 -23.56
C LYS B 352 23.17 -56.75 -23.94
N ASP B 353 23.26 -58.07 -23.80
CA ASP B 353 22.17 -58.94 -24.24
C ASP B 353 21.22 -59.33 -23.13
N PHE B 354 21.02 -58.47 -22.13
CA PHE B 354 20.00 -58.73 -21.13
C PHE B 354 18.62 -58.39 -21.68
N GLU B 355 17.61 -59.09 -21.16
CA GLU B 355 16.23 -58.93 -21.60
C GLU B 355 15.31 -58.94 -20.39
N PHE B 356 14.08 -58.49 -20.60
CA PHE B 356 13.09 -58.40 -19.52
C PHE B 356 12.39 -59.74 -19.39
N ILE B 357 12.89 -60.58 -18.49
CA ILE B 357 12.24 -61.85 -18.21
C ILE B 357 10.94 -61.59 -17.45
N LYS B 358 9.86 -62.21 -17.92
CA LYS B 358 8.58 -62.04 -17.27
C LYS B 358 8.55 -62.75 -15.92
N ILE B 359 7.95 -62.09 -14.92
CA ILE B 359 7.77 -62.69 -13.61
C ILE B 359 6.30 -62.96 -13.34
N ILE E 344 5.94 70.05 6.61
CA ILE E 344 5.00 69.44 7.55
C ILE E 344 5.71 68.34 8.36
N ASP E 345 6.16 67.29 7.67
CA ASP E 345 7.05 66.27 8.22
C ASP E 345 6.38 65.42 9.29
N ARG E 346 5.15 65.74 9.69
CA ARG E 346 4.46 64.94 10.70
C ARG E 346 2.97 64.99 10.46
N TYR E 347 2.32 63.84 10.53
CA TYR E 347 0.86 63.82 10.55
C TYR E 347 0.37 64.40 11.86
N GLU E 348 -0.64 65.27 11.76
CA GLU E 348 -1.19 65.88 12.95
C GLU E 348 -1.83 64.83 13.84
N GLN E 349 -1.52 64.88 15.13
CA GLN E 349 -2.01 63.89 16.07
C GLN E 349 -3.47 64.15 16.43
N VAL E 350 -4.14 63.09 16.84
CA VAL E 350 -5.53 63.17 17.24
C VAL E 350 -5.60 63.08 18.76
N SER E 351 -6.66 63.66 19.32
CA SER E 351 -6.89 63.57 20.75
C SER E 351 -7.45 62.20 21.11
N LYS E 352 -7.39 61.89 22.41
CA LYS E 352 -7.92 60.64 22.92
C LYS E 352 -9.35 60.74 23.43
N ASP E 353 -9.98 61.91 23.31
CA ASP E 353 -11.32 62.10 23.86
C ASP E 353 -12.43 61.90 22.82
N PHE E 354 -12.20 61.05 21.82
CA PHE E 354 -13.28 60.71 20.90
C PHE E 354 -14.23 59.70 21.53
N GLU E 355 -15.49 59.76 21.10
CA GLU E 355 -16.52 58.87 21.61
C GLU E 355 -17.35 58.35 20.44
N PHE E 356 -18.14 57.30 20.73
CA PHE E 356 -18.98 56.68 19.71
C PHE E 356 -20.31 57.43 19.65
N ILE E 357 -20.39 58.40 18.75
CA ILE E 357 -21.64 59.11 18.55
C ILE E 357 -22.64 58.18 17.88
N LYS E 358 -23.85 58.13 18.42
CA LYS E 358 -24.89 57.29 17.86
C LYS E 358 -25.38 57.85 16.53
N ILE E 359 -25.60 56.96 15.57
CA ILE E 359 -26.16 57.34 14.28
C ILE E 359 -27.56 56.77 14.12
N GLU H 2 -36.56 22.18 26.86
CA GLU H 2 -35.53 21.25 27.30
C GLU H 2 -35.35 20.11 26.30
N ASP H 3 -34.87 20.44 25.11
CA ASP H 3 -34.60 19.44 24.09
C ASP H 3 -33.50 19.94 23.16
N VAL H 4 -32.86 19.00 22.48
CA VAL H 4 -31.76 19.34 21.57
C VAL H 4 -32.28 19.66 20.18
N GLU H 5 -33.06 18.76 19.60
CA GLU H 5 -33.57 18.95 18.26
C GLU H 5 -34.42 20.22 18.18
N ILE H 6 -34.26 20.95 17.10
CA ILE H 6 -35.00 22.18 16.88
C ILE H 6 -36.33 21.86 16.23
N LYS H 7 -37.38 22.50 16.71
CA LYS H 7 -38.69 22.34 16.12
C LYS H 7 -38.98 23.52 15.21
N PRO H 8 -39.68 23.31 14.10
CA PRO H 8 -40.12 24.45 13.29
C PRO H 8 -41.05 25.35 14.07
N ARG H 9 -40.92 26.65 13.84
CA ARG H 9 -41.76 27.63 14.50
C ARG H 9 -43.03 27.85 13.70
N GLY H 10 -43.91 28.71 14.23
CA GLY H 10 -45.17 28.98 13.55
C GLY H 10 -44.96 29.69 12.23
N TYR H 11 -44.09 30.69 12.20
CA TYR H 11 -43.88 31.44 10.97
C TYR H 11 -43.22 30.57 9.90
N GLN H 12 -42.30 29.68 10.30
CA GLN H 12 -41.68 28.79 9.33
C GLN H 12 -42.72 27.84 8.73
N LEU H 13 -43.62 27.30 9.55
CA LEU H 13 -44.67 26.44 9.02
C LEU H 13 -45.61 27.20 8.10
N ARG H 14 -45.96 28.44 8.47
CA ARG H 14 -46.81 29.24 7.60
C ARG H 14 -46.13 29.51 6.25
N LEU H 15 -44.83 29.81 6.28
CA LEU H 15 -44.10 30.03 5.04
C LEU H 15 -44.09 28.77 4.19
N VAL H 16 -43.87 27.61 4.82
CA VAL H 16 -43.85 26.35 4.07
C VAL H 16 -45.22 26.07 3.46
N ASP H 17 -46.29 26.32 4.22
CA ASP H 17 -47.65 26.08 3.72
C ASP H 17 -47.96 27.00 2.54
N HIS H 18 -47.53 28.25 2.61
CA HIS H 18 -47.75 29.16 1.48
C HIS H 18 -46.92 28.74 0.27
N LEU H 19 -45.68 28.32 0.49
CA LEU H 19 -44.80 27.96 -0.62
C LEU H 19 -45.25 26.70 -1.32
N THR H 20 -45.75 25.70 -0.58
CA THR H 20 -46.09 24.43 -1.22
C THR H 20 -47.26 24.57 -2.19
N LYS H 21 -48.11 25.56 -2.00
CA LYS H 21 -49.24 25.76 -2.90
C LYS H 21 -48.92 26.75 -4.00
N SER H 22 -48.16 27.80 -3.70
CA SER H 22 -47.79 28.79 -4.69
C SER H 22 -46.32 29.16 -4.50
N ASN H 23 -45.56 29.16 -5.59
CA ASN H 23 -44.14 29.50 -5.50
C ASN H 23 -43.97 30.98 -5.18
N GLY H 24 -42.86 31.30 -4.53
CA GLY H 24 -42.63 32.68 -4.14
C GLY H 24 -41.23 32.88 -3.60
N ILE H 25 -41.02 34.07 -3.05
CA ILE H 25 -39.73 34.49 -2.49
C ILE H 25 -39.92 34.78 -1.02
N VAL H 26 -39.07 34.19 -0.19
CA VAL H 26 -39.08 34.43 1.25
C VAL H 26 -38.00 35.46 1.57
N TYR H 27 -38.39 36.53 2.24
CA TYR H 27 -37.48 37.63 2.59
C TYR H 27 -37.40 37.67 4.10
N LEU H 28 -36.39 37.02 4.66
CA LEU H 28 -36.16 36.97 6.09
C LEU H 28 -34.76 37.45 6.40
N PRO H 29 -34.52 37.97 7.60
CA PRO H 29 -33.16 38.35 7.98
C PRO H 29 -32.23 37.16 7.96
N THR H 30 -30.96 37.42 7.62
CA THR H 30 -29.98 36.36 7.51
C THR H 30 -29.80 35.63 8.84
N GLY H 31 -29.81 34.31 8.78
CA GLY H 31 -29.61 33.50 9.96
C GLY H 31 -30.12 32.09 9.75
N SER H 32 -30.28 31.37 10.86
CA SER H 32 -30.73 29.99 10.79
C SER H 32 -32.19 29.87 10.39
N GLY H 33 -32.97 30.94 10.54
CA GLY H 33 -34.35 30.91 10.09
C GLY H 33 -34.48 30.79 8.59
N LYS H 34 -33.59 31.46 7.85
CA LYS H 34 -33.70 31.50 6.39
C LYS H 34 -33.26 30.19 5.75
N THR H 35 -32.43 29.39 6.42
CA THR H 35 -32.02 28.10 5.87
C THR H 35 -32.91 26.97 6.33
N PHE H 36 -33.47 27.05 7.53
CA PHE H 36 -34.37 26.00 7.99
C PHE H 36 -35.63 25.96 7.14
N VAL H 37 -36.13 27.13 6.72
CA VAL H 37 -37.30 27.15 5.87
C VAL H 37 -36.98 26.52 4.51
N ALA H 38 -35.77 26.74 4.01
CA ALA H 38 -35.36 26.09 2.77
C ALA H 38 -35.31 24.58 2.93
N ILE H 39 -34.76 24.11 4.05
CA ILE H 39 -34.71 22.66 4.28
C ILE H 39 -36.11 22.08 4.39
N LEU H 40 -37.00 22.78 5.10
CA LEU H 40 -38.38 22.29 5.22
C LEU H 40 -39.08 22.26 3.86
N VAL H 41 -38.87 23.28 3.03
CA VAL H 41 -39.46 23.27 1.69
C VAL H 41 -38.92 22.11 0.88
N LEU H 42 -37.62 21.85 0.98
CA LEU H 42 -37.04 20.70 0.30
C LEU H 42 -37.69 19.40 0.77
N LYS H 43 -37.89 19.27 2.08
CA LYS H 43 -38.52 18.07 2.62
C LYS H 43 -39.95 17.93 2.15
N ARG H 44 -40.65 19.05 1.95
CA ARG H 44 -42.06 19.00 1.57
C ARG H 44 -42.24 18.36 0.20
N PHE H 45 -41.34 18.66 -0.74
CA PHE H 45 -41.45 18.18 -2.12
C PHE H 45 -40.62 16.93 -2.37
N SER H 46 -40.49 16.05 -1.37
CA SER H 46 -39.64 14.87 -1.47
C SER H 46 -40.44 13.60 -1.73
N GLN H 47 -41.61 13.72 -2.36
CA GLN H 47 -42.47 12.55 -2.53
C GLN H 47 -41.97 11.63 -3.65
N ASP H 48 -41.41 12.19 -4.71
CA ASP H 48 -40.98 11.42 -5.87
C ASP H 48 -39.45 11.29 -5.94
N PHE H 49 -38.76 11.43 -4.80
CA PHE H 49 -37.31 11.38 -4.81
C PHE H 49 -36.79 9.99 -5.20
N ASP H 50 -37.38 8.95 -4.62
CA ASP H 50 -36.81 7.60 -4.77
C ASP H 50 -37.08 7.01 -6.15
N LYS H 51 -38.26 7.25 -6.71
CA LYS H 51 -38.60 6.67 -7.99
C LYS H 51 -37.71 7.25 -9.09
N PRO H 52 -37.15 6.42 -9.97
CA PRO H 52 -36.27 6.93 -11.02
C PRO H 52 -37.04 7.77 -12.03
N ILE H 53 -36.29 8.58 -12.78
CA ILE H 53 -36.88 9.54 -13.69
C ILE H 53 -37.70 8.84 -14.77
N GLU H 54 -37.17 7.74 -15.31
CA GLU H 54 -37.89 7.01 -16.35
C GLU H 54 -39.20 6.43 -15.84
N SER H 55 -39.39 6.34 -14.52
CA SER H 55 -40.61 5.85 -13.92
C SER H 55 -41.46 6.99 -13.35
N GLY H 56 -41.29 8.21 -13.87
CA GLY H 56 -42.01 9.35 -13.37
C GLY H 56 -41.44 10.01 -12.14
N GLY H 57 -40.19 9.73 -11.79
CA GLY H 57 -39.59 10.32 -10.61
C GLY H 57 -39.26 11.78 -10.81
N LYS H 58 -38.80 12.40 -9.72
CA LYS H 58 -38.43 13.80 -9.72
C LYS H 58 -37.25 14.00 -8.79
N ARG H 59 -36.64 15.18 -8.89
CA ARG H 59 -35.49 15.55 -8.08
C ARG H 59 -35.68 16.95 -7.54
N ALA H 60 -34.70 17.42 -6.77
CA ALA H 60 -34.71 18.75 -6.20
C ALA H 60 -33.41 19.45 -6.55
N LEU H 61 -33.45 20.78 -6.60
CA LEU H 61 -32.34 21.57 -7.08
C LEU H 61 -32.09 22.72 -6.12
N PHE H 62 -30.90 22.77 -5.53
CA PHE H 62 -30.49 23.84 -4.64
C PHE H 62 -29.39 24.63 -5.33
N MET H 63 -29.76 25.75 -5.94
CA MET H 63 -28.89 26.48 -6.86
C MET H 63 -28.35 27.71 -6.15
N CYS H 64 -27.03 27.77 -6.00
CA CYS H 64 -26.39 28.79 -5.19
C CYS H 64 -25.59 29.76 -6.06
N ASN H 65 -25.20 30.87 -5.46
CA ASN H 65 -24.57 31.95 -6.21
C ASN H 65 -23.08 31.70 -6.41
N THR H 66 -22.37 31.37 -5.34
CA THR H 66 -20.94 31.10 -5.41
C THR H 66 -20.65 29.66 -5.00
N VAL H 67 -19.42 29.22 -5.27
CA VAL H 67 -19.05 27.82 -5.05
C VAL H 67 -19.00 27.49 -3.57
N GLU H 68 -18.44 28.39 -2.76
CA GLU H 68 -18.30 28.09 -1.33
C GLU H 68 -19.65 28.07 -0.64
N LEU H 69 -20.55 28.95 -1.05
CA LEU H 69 -21.91 28.91 -0.53
C LEU H 69 -22.60 27.61 -0.94
N ALA H 70 -22.35 27.15 -2.17
CA ALA H 70 -22.92 25.87 -2.61
C ALA H 70 -22.38 24.72 -1.77
N ARG H 71 -21.08 24.75 -1.46
CA ARG H 71 -20.51 23.71 -0.60
C ARG H 71 -21.14 23.74 0.78
N GLN H 72 -21.31 24.93 1.35
CA GLN H 72 -21.93 25.03 2.67
C GLN H 72 -23.36 24.52 2.65
N GLN H 73 -24.12 24.88 1.62
CA GLN H 73 -25.52 24.45 1.57
C GLN H 73 -25.62 22.95 1.34
N ALA H 74 -24.73 22.39 0.52
CA ALA H 74 -24.72 20.94 0.34
C ALA H 74 -24.42 20.24 1.65
N MET H 75 -23.42 20.74 2.39
CA MET H 75 -23.10 20.14 3.69
C MET H 75 -24.26 20.26 4.66
N ALA H 76 -24.94 21.41 4.68
CA ALA H 76 -26.05 21.60 5.59
C ALA H 76 -27.21 20.65 5.26
N VAL H 77 -27.55 20.54 3.98
CA VAL H 77 -28.64 19.64 3.59
C VAL H 77 -28.25 18.19 3.85
N ARG H 78 -26.97 17.86 3.69
CA ARG H 78 -26.53 16.51 3.97
C ARG H 78 -26.58 16.18 5.45
N ARG H 79 -26.19 17.10 6.31
CA ARG H 79 -26.12 16.84 7.74
C ARG H 79 -27.43 17.09 8.47
N CYS H 80 -28.41 17.72 7.82
CA CYS H 80 -29.68 18.02 8.47
C CYS H 80 -30.82 17.17 7.97
N THR H 81 -30.65 16.44 6.87
CA THR H 81 -31.71 15.62 6.30
C THR H 81 -31.19 14.21 6.06
N ASN H 82 -32.13 13.30 5.82
CA ASN H 82 -31.80 11.92 5.55
C ASN H 82 -31.56 11.64 4.07
N PHE H 83 -31.64 12.67 3.21
CA PHE H 83 -31.35 12.48 1.80
C PHE H 83 -29.85 12.41 1.55
N LYS H 84 -29.50 12.19 0.29
CA LYS H 84 -28.11 12.23 -0.17
C LYS H 84 -27.99 13.30 -1.25
N VAL H 85 -26.99 14.15 -1.13
CA VAL H 85 -26.87 15.34 -1.96
C VAL H 85 -25.55 15.31 -2.72
N GLY H 86 -25.58 15.81 -3.95
CA GLY H 86 -24.37 15.93 -4.74
C GLY H 86 -23.94 17.37 -4.89
N PHE H 87 -22.63 17.55 -5.12
CA PHE H 87 -22.02 18.87 -5.23
C PHE H 87 -21.47 19.03 -6.64
N TYR H 88 -21.99 20.00 -7.38
CA TYR H 88 -21.70 20.13 -8.81
C TYR H 88 -21.22 21.55 -9.10
N VAL H 89 -19.91 21.73 -9.22
CA VAL H 89 -19.32 23.02 -9.54
C VAL H 89 -18.24 22.80 -10.59
N GLY H 90 -17.69 23.91 -11.09
CA GLY H 90 -16.75 23.82 -12.19
C GLY H 90 -15.42 23.16 -11.83
N GLU H 91 -15.07 23.17 -10.54
CA GLU H 91 -13.82 22.55 -10.12
C GLU H 91 -13.83 21.05 -10.37
N GLN H 92 -15.01 20.44 -10.45
CA GLN H 92 -15.15 19.01 -10.66
C GLN H 92 -14.78 18.57 -12.07
N GLY H 93 -14.56 19.50 -12.99
CA GLY H 93 -14.42 19.15 -14.39
C GLY H 93 -15.73 18.65 -14.98
N VAL H 94 -16.83 19.31 -14.64
CA VAL H 94 -18.15 18.91 -15.11
C VAL H 94 -18.29 19.08 -16.62
N ASP H 95 -17.43 19.89 -17.24
CA ASP H 95 -17.61 20.22 -18.65
C ASP H 95 -17.52 18.99 -19.54
N ASP H 96 -16.60 18.07 -19.24
CA ASP H 96 -16.41 16.89 -20.06
C ASP H 96 -17.18 15.67 -19.55
N TRP H 97 -18.34 15.89 -18.92
CA TRP H 97 -19.18 14.79 -18.48
C TRP H 97 -20.10 14.36 -19.61
N THR H 98 -20.08 13.06 -19.94
CA THR H 98 -20.94 12.54 -20.98
C THR H 98 -22.37 12.38 -20.48
N ARG H 99 -23.24 11.90 -21.38
CA ARG H 99 -24.64 11.70 -21.04
C ARG H 99 -24.81 10.68 -19.93
N GLY H 100 -24.06 9.58 -20.00
CA GLY H 100 -24.18 8.54 -18.99
C GLY H 100 -23.71 8.98 -17.62
N MET H 101 -22.60 9.73 -17.56
CA MET H 101 -22.09 10.19 -16.28
C MET H 101 -23.01 11.21 -15.61
N TRP H 102 -23.89 11.86 -16.37
CA TRP H 102 -24.94 12.66 -15.77
C TRP H 102 -26.16 11.83 -15.40
N SER H 103 -26.55 10.88 -16.25
CA SER H 103 -27.70 10.05 -15.96
C SER H 103 -27.51 9.27 -14.67
N ASP H 104 -26.38 8.58 -14.52
CA ASP H 104 -26.14 7.85 -13.28
C ASP H 104 -25.95 8.81 -12.12
N GLU H 105 -25.54 10.05 -12.39
CA GLU H 105 -25.33 11.01 -11.32
C GLU H 105 -26.65 11.44 -10.69
N ILE H 106 -27.64 11.79 -11.52
CA ILE H 106 -28.98 12.04 -11.00
C ILE H 106 -29.57 10.77 -10.40
N LYS H 107 -29.26 9.61 -11.00
CA LYS H 107 -29.80 8.36 -10.48
C LYS H 107 -29.36 8.13 -9.04
N LYS H 108 -28.15 8.56 -8.68
CA LYS H 108 -27.65 8.36 -7.32
C LYS H 108 -28.25 9.36 -6.35
N ASN H 109 -28.10 10.66 -6.62
CA ASN H 109 -28.38 11.71 -5.65
C ASN H 109 -29.80 12.23 -5.83
N GLN H 110 -30.53 12.36 -4.72
CA GLN H 110 -31.86 12.93 -4.77
C GLN H 110 -31.85 14.45 -4.89
N VAL H 111 -30.90 15.12 -4.24
CA VAL H 111 -30.82 16.58 -4.23
C VAL H 111 -29.50 17.00 -4.84
N LEU H 112 -29.54 17.96 -5.75
CA LEU H 112 -28.35 18.43 -6.46
C LEU H 112 -28.06 19.87 -6.05
N VAL H 113 -26.87 20.12 -5.55
CA VAL H 113 -26.44 21.44 -5.09
C VAL H 113 -25.23 21.86 -5.89
N GLY H 114 -25.27 23.08 -6.42
CA GLY H 114 -24.13 23.60 -7.17
C GLY H 114 -24.42 24.99 -7.65
N THR H 115 -23.41 25.56 -8.32
CA THR H 115 -23.52 26.93 -8.81
C THR H 115 -24.52 27.02 -9.95
N ALA H 116 -24.98 28.24 -10.21
CA ALA H 116 -26.06 28.45 -11.18
C ALA H 116 -25.62 28.06 -12.58
N GLN H 117 -24.37 28.37 -12.95
CA GLN H 117 -23.91 28.09 -14.30
C GLN H 117 -23.90 26.60 -14.59
N VAL H 118 -23.50 25.78 -13.62
CA VAL H 118 -23.43 24.34 -13.83
C VAL H 118 -24.80 23.79 -14.16
N PHE H 119 -25.82 24.19 -13.40
CA PHE H 119 -27.17 23.73 -13.67
C PHE H 119 -27.75 24.34 -14.94
N LEU H 120 -27.39 25.58 -15.27
CA LEU H 120 -27.84 26.18 -16.52
C LEU H 120 -27.32 25.39 -17.72
N ASP H 121 -26.02 25.07 -17.69
CA ASP H 121 -25.44 24.25 -18.75
C ASP H 121 -26.04 22.85 -18.76
N MET H 122 -26.32 22.31 -17.57
CA MET H 122 -26.89 20.97 -17.48
C MET H 122 -28.28 20.90 -18.10
N VAL H 123 -29.11 21.92 -17.85
CA VAL H 123 -30.46 21.91 -18.40
C VAL H 123 -30.45 22.25 -19.90
N THR H 124 -29.70 23.28 -20.30
CA THR H 124 -29.72 23.68 -21.69
C THR H 124 -29.15 22.61 -22.63
N GLN H 125 -28.37 21.67 -22.10
CA GLN H 125 -27.86 20.56 -22.89
C GLN H 125 -28.72 19.31 -22.76
N THR H 126 -29.92 19.46 -22.21
CA THR H 126 -30.92 18.39 -22.10
C THR H 126 -30.45 17.21 -21.27
N TYR H 127 -29.54 17.43 -20.31
CA TYR H 127 -29.18 16.37 -19.39
C TYR H 127 -30.30 16.09 -18.40
N VAL H 128 -31.08 17.12 -18.06
CA VAL H 128 -32.36 16.95 -17.37
C VAL H 128 -33.36 17.87 -18.05
N ALA H 129 -34.63 17.62 -17.78
CA ALA H 129 -35.71 18.49 -18.21
C ALA H 129 -36.35 19.11 -16.99
N LEU H 130 -36.97 20.28 -17.19
CA LEU H 130 -37.63 20.94 -16.07
C LEU H 130 -38.78 20.11 -15.51
N SER H 131 -39.33 19.19 -16.31
CA SER H 131 -40.32 18.24 -15.79
C SER H 131 -39.71 17.20 -14.87
N SER H 132 -38.38 17.10 -14.81
CA SER H 132 -37.71 16.10 -13.99
C SER H 132 -37.37 16.62 -12.60
N LEU H 133 -37.66 17.88 -12.32
CA LEU H 133 -37.34 18.50 -11.04
C LEU H 133 -38.63 18.87 -10.31
N SER H 134 -38.76 18.43 -9.06
CA SER H 134 -39.94 18.76 -8.28
C SER H 134 -39.88 20.20 -7.77
N VAL H 135 -38.70 20.66 -7.37
CA VAL H 135 -38.56 21.97 -6.74
C VAL H 135 -37.18 22.52 -7.02
N VAL H 136 -37.11 23.85 -7.20
CA VAL H 136 -35.86 24.56 -7.42
C VAL H 136 -35.75 25.61 -6.32
N ILE H 137 -34.61 25.64 -5.64
CA ILE H 137 -34.34 26.59 -4.56
C ILE H 137 -33.21 27.51 -4.98
N ILE H 138 -33.47 28.81 -4.96
CA ILE H 138 -32.49 29.82 -5.32
C ILE H 138 -32.22 30.67 -4.10
N ASP H 139 -31.00 30.59 -3.56
CA ASP H 139 -30.61 31.35 -2.39
C ASP H 139 -29.77 32.55 -2.82
N GLU H 140 -29.96 33.67 -2.12
CA GLU H 140 -29.46 34.97 -2.55
C GLU H 140 -30.03 35.31 -3.93
N CYS H 141 -31.36 35.33 -3.99
CA CYS H 141 -32.07 35.51 -5.26
C CYS H 141 -32.03 36.95 -5.74
N HIS H 142 -31.59 37.90 -4.92
CA HIS H 142 -31.47 39.28 -5.35
C HIS H 142 -30.40 39.47 -6.41
N HIS H 143 -29.51 38.49 -6.59
CA HIS H 143 -28.49 38.57 -7.62
C HIS H 143 -29.05 38.35 -9.02
N GLY H 144 -30.30 37.89 -9.14
CA GLY H 144 -30.89 37.57 -10.42
C GLY H 144 -31.43 38.77 -11.16
N THR H 145 -30.54 39.58 -11.72
CA THR H 145 -30.93 40.72 -12.54
C THR H 145 -30.02 40.79 -13.75
N GLY H 146 -30.52 41.39 -14.82
CA GLY H 146 -29.75 41.48 -16.04
C GLY H 146 -29.45 40.10 -16.60
N HIS H 147 -28.18 39.86 -16.90
CA HIS H 147 -27.76 38.60 -17.51
C HIS H 147 -27.07 37.69 -16.51
N HIS H 148 -27.35 37.88 -15.22
CA HIS H 148 -26.85 36.95 -14.21
C HIS H 148 -27.45 35.57 -14.47
N PRO H 149 -26.70 34.50 -14.21
CA PRO H 149 -27.20 33.16 -14.55
C PRO H 149 -28.50 32.79 -13.86
N PHE H 150 -28.85 33.42 -12.74
CA PHE H 150 -30.16 33.20 -12.14
C PHE H 150 -31.27 33.60 -13.10
N ARG H 151 -31.17 34.79 -13.69
CA ARG H 151 -32.18 35.23 -14.64
C ARG H 151 -32.16 34.40 -15.91
N GLU H 152 -30.98 33.98 -16.36
CA GLU H 152 -30.91 33.12 -17.54
C GLU H 152 -31.61 31.78 -17.28
N PHE H 153 -31.40 31.21 -16.10
CA PHE H 153 -32.09 29.99 -15.75
C PHE H 153 -33.59 30.21 -15.70
N MET H 154 -34.03 31.33 -15.10
CA MET H 154 -35.46 31.62 -15.07
C MET H 154 -36.03 31.80 -16.47
N ARG H 155 -35.20 32.26 -17.40
CA ARG H 155 -35.65 32.41 -18.79
C ARG H 155 -36.03 31.07 -19.40
N LEU H 156 -35.43 29.97 -18.93
CA LEU H 156 -35.76 28.65 -19.47
C LEU H 156 -37.17 28.23 -19.10
N PHE H 157 -37.81 28.90 -18.16
CA PHE H 157 -39.19 28.58 -17.82
C PHE H 157 -40.17 29.10 -18.86
N THR H 158 -39.79 30.10 -19.65
CA THR H 158 -40.68 30.66 -20.65
C THR H 158 -40.75 29.83 -21.92
N ILE H 159 -39.93 28.80 -22.05
CA ILE H 159 -39.85 28.01 -23.26
C ILE H 159 -40.40 26.60 -23.06
N ALA H 160 -40.09 25.98 -21.92
CA ALA H 160 -40.44 24.60 -21.69
C ALA H 160 -41.95 24.45 -21.51
N ASN H 161 -42.37 23.21 -21.23
CA ASN H 161 -43.78 22.94 -20.98
C ASN H 161 -44.25 23.69 -19.75
N GLN H 162 -45.40 24.35 -19.86
CA GLN H 162 -45.90 25.17 -18.76
C GLN H 162 -46.62 24.36 -17.69
N THR H 163 -47.08 23.16 -18.02
CA THR H 163 -47.78 22.32 -17.06
C THR H 163 -46.86 21.39 -16.28
N LYS H 164 -45.56 21.41 -16.57
CA LYS H 164 -44.59 20.58 -15.89
C LYS H 164 -43.55 21.40 -15.15
N LEU H 165 -43.84 22.67 -14.87
CA LEU H 165 -42.86 23.54 -14.23
C LEU H 165 -42.69 23.17 -12.76
N PRO H 166 -41.48 23.26 -12.23
CA PRO H 166 -41.26 23.00 -10.82
C PRO H 166 -41.66 24.19 -9.96
N ARG H 167 -41.48 24.03 -8.66
CA ARG H 167 -41.60 25.14 -7.72
C ARG H 167 -40.29 25.89 -7.63
N VAL H 168 -40.36 27.22 -7.68
CA VAL H 168 -39.20 28.08 -7.49
C VAL H 168 -39.34 28.75 -6.14
N VAL H 169 -38.31 28.62 -5.31
CA VAL H 169 -38.29 29.23 -3.98
C VAL H 169 -37.05 30.09 -3.91
N GLY H 170 -37.23 31.37 -3.57
CA GLY H 170 -36.15 32.32 -3.53
C GLY H 170 -35.84 32.76 -2.12
N LEU H 171 -34.61 32.53 -1.69
CA LEU H 171 -34.13 32.95 -0.38
C LEU H 171 -33.32 34.22 -0.55
N THR H 172 -33.55 35.19 0.33
CA THR H 172 -32.79 36.43 0.30
C THR H 172 -32.88 37.12 1.65
N GLY H 173 -31.82 37.85 2.00
CA GLY H 173 -31.81 38.64 3.21
C GLY H 173 -31.95 40.11 2.87
N VAL H 174 -31.64 40.45 1.64
CA VAL H 174 -31.84 41.79 1.10
C VAL H 174 -32.40 41.65 -0.30
N LEU H 175 -33.39 42.49 -0.64
CA LEU H 175 -34.05 42.36 -1.93
C LEU H 175 -33.42 43.20 -3.02
N ILE H 176 -32.88 44.35 -2.68
CA ILE H 176 -32.27 45.24 -3.67
C ILE H 176 -30.78 44.93 -3.74
N LYS H 177 -30.18 45.22 -4.90
CA LYS H 177 -28.76 44.97 -5.11
C LYS H 177 -27.93 46.24 -5.08
N GLY H 178 -28.30 47.25 -5.86
CA GLY H 178 -27.56 48.48 -5.98
C GLY H 178 -28.14 49.59 -5.14
N ASN H 179 -27.99 50.81 -5.63
CA ASN H 179 -28.46 52.00 -4.91
C ASN H 179 -29.81 52.48 -5.41
N GLU H 180 -30.52 51.68 -6.19
CA GLU H 180 -31.83 52.06 -6.71
C GLU H 180 -32.89 51.93 -5.61
N ILE H 181 -32.67 52.70 -4.54
CA ILE H 181 -33.52 52.61 -3.36
C ILE H 181 -34.79 53.43 -3.49
N THR H 182 -34.82 54.42 -4.39
CA THR H 182 -36.05 55.15 -4.64
C THR H 182 -37.00 54.31 -5.48
N ASN H 183 -38.31 54.50 -5.27
CA ASN H 183 -39.34 53.73 -5.97
C ASN H 183 -39.14 52.24 -5.75
N VAL H 184 -39.26 51.84 -4.48
CA VAL H 184 -39.04 50.46 -4.08
C VAL H 184 -40.03 49.52 -4.78
N ALA H 185 -41.27 49.97 -4.98
CA ALA H 185 -42.31 49.10 -5.52
C ALA H 185 -41.96 48.60 -6.91
N THR H 186 -41.41 49.47 -7.75
CA THR H 186 -41.06 49.06 -9.12
C THR H 186 -40.00 47.96 -9.11
N LYS H 187 -38.95 48.15 -8.31
CA LYS H 187 -37.89 47.16 -8.23
C LYS H 187 -38.40 45.84 -7.67
N LEU H 188 -39.23 45.91 -6.63
CA LEU H 188 -39.77 44.68 -6.05
C LEU H 188 -40.67 43.95 -7.05
N LYS H 189 -41.50 44.68 -7.79
CA LYS H 189 -42.34 44.05 -8.79
C LYS H 189 -41.51 43.43 -9.91
N GLU H 190 -40.44 44.11 -10.32
CA GLU H 190 -39.54 43.53 -11.31
C GLU H 190 -38.93 42.22 -10.82
N LEU H 191 -38.50 42.20 -9.55
CA LEU H 191 -37.92 40.98 -9.00
C LEU H 191 -38.96 39.87 -8.91
N GLU H 192 -40.19 40.21 -8.52
CA GLU H 192 -41.25 39.21 -8.46
C GLU H 192 -41.65 38.71 -9.83
N ILE H 193 -41.41 39.49 -10.88
CA ILE H 193 -41.67 39.02 -12.23
C ILE H 193 -40.50 38.19 -12.78
N THR H 194 -39.27 38.49 -12.36
CA THR H 194 -38.14 37.66 -12.78
C THR H 194 -38.32 36.23 -12.35
N TYR H 195 -38.69 36.02 -11.10
CA TYR H 195 -39.20 34.73 -10.66
C TYR H 195 -40.70 34.67 -10.92
N ARG H 196 -41.34 33.62 -10.42
CA ARG H 196 -42.74 33.38 -10.74
C ARG H 196 -43.64 33.45 -9.51
N GLY H 197 -43.32 34.33 -8.57
CA GLY H 197 -44.11 34.43 -7.35
C GLY H 197 -43.97 35.81 -6.73
N ASN H 198 -44.73 36.01 -5.66
CA ASN H 198 -44.68 37.25 -4.90
C ASN H 198 -43.94 37.04 -3.59
N ILE H 199 -43.50 38.14 -3.01
CA ILE H 199 -42.67 38.12 -1.81
C ILE H 199 -43.54 37.85 -0.60
N ILE H 200 -43.06 37.00 0.30
CA ILE H 200 -43.71 36.75 1.58
C ILE H 200 -42.72 36.98 2.70
N THR H 201 -43.20 37.55 3.80
CA THR H 201 -42.37 37.78 4.97
C THR H 201 -43.26 37.85 6.20
N VAL H 202 -42.64 37.72 7.37
CA VAL H 202 -43.39 37.69 8.62
C VAL H 202 -44.01 39.05 8.87
N SER H 203 -45.24 39.06 9.40
CA SER H 203 -45.95 40.30 9.71
C SER H 203 -46.63 40.30 11.07
N ASP H 204 -46.87 39.15 11.68
CA ASP H 204 -47.42 39.13 13.03
C ASP H 204 -46.36 39.48 14.06
N THR H 205 -46.79 40.17 15.12
CA THR H 205 -45.86 40.56 16.18
C THR H 205 -45.25 39.34 16.85
N LYS H 206 -46.05 38.29 17.04
CA LYS H 206 -45.50 37.02 17.50
C LYS H 206 -44.48 36.48 16.51
N GLU H 207 -44.77 36.59 15.22
CA GLU H 207 -43.83 36.11 14.21
C GLU H 207 -42.53 36.91 14.24
N MET H 208 -42.62 38.24 14.34
CA MET H 208 -41.39 39.02 14.40
C MET H 208 -40.60 38.71 15.66
N GLU H 209 -41.27 38.56 16.79
CA GLU H 209 -40.52 38.28 18.01
C GLU H 209 -39.87 36.91 17.93
N ASN H 210 -40.54 35.92 17.32
CA ASN H 210 -39.90 34.63 17.10
C ASN H 210 -38.72 34.74 16.15
N VAL H 211 -38.82 35.57 15.13
CA VAL H 211 -37.69 35.77 14.21
C VAL H 211 -36.51 36.38 14.95
N MET H 212 -36.79 37.31 15.87
CA MET H 212 -35.70 38.01 16.54
C MET H 212 -34.91 37.13 17.50
N LEU H 213 -35.29 35.87 17.67
CA LEU H 213 -34.45 34.95 18.45
C LEU H 213 -33.23 34.48 17.69
N TYR H 214 -33.13 34.74 16.39
CA TYR H 214 -31.89 34.50 15.66
C TYR H 214 -31.34 35.73 14.96
N ALA H 215 -32.18 36.69 14.60
CA ALA H 215 -31.72 37.96 14.06
C ALA H 215 -31.55 38.97 15.19
N THR H 216 -30.64 39.92 14.97
CA THR H 216 -30.35 40.91 15.99
C THR H 216 -30.07 42.25 15.31
N LYS H 217 -30.58 43.33 15.91
CA LYS H 217 -30.34 44.68 15.43
C LYS H 217 -29.16 45.27 16.19
N PRO H 218 -27.96 45.26 15.63
CA PRO H 218 -26.81 45.81 16.36
C PRO H 218 -26.94 47.31 16.54
N THR H 219 -26.37 47.80 17.63
CA THR H 219 -26.29 49.24 17.83
C THR H 219 -25.20 49.81 16.92
N GLU H 220 -25.53 50.87 16.20
CA GLU H 220 -24.64 51.42 15.21
C GLU H 220 -24.20 52.82 15.60
N VAL H 221 -22.90 53.06 15.54
CA VAL H 221 -22.29 54.31 15.99
C VAL H 221 -21.34 54.80 14.91
N MET H 222 -20.94 56.06 15.04
CA MET H 222 -20.04 56.70 14.10
C MET H 222 -18.85 57.28 14.85
N VAL H 223 -17.66 57.15 14.27
CA VAL H 223 -16.42 57.58 14.90
C VAL H 223 -15.76 58.57 13.94
N SER H 224 -16.01 59.86 14.15
CA SER H 224 -15.46 60.88 13.28
C SER H 224 -13.97 61.06 13.54
N PHE H 225 -13.23 61.34 12.47
CA PHE H 225 -11.81 61.63 12.55
C PHE H 225 -11.49 62.81 11.66
N PRO H 226 -10.45 63.59 12.00
CA PRO H 226 -10.11 64.77 11.19
C PRO H 226 -9.45 64.38 9.88
N HIS H 227 -10.00 64.86 8.77
CA HIS H 227 -9.37 64.66 7.48
C HIS H 227 -8.44 65.82 7.16
N GLN H 228 -7.26 65.50 6.63
CA GLN H 228 -6.29 66.50 6.25
C GLN H 228 -5.77 66.18 4.86
N GLU H 229 -5.25 67.21 4.17
CA GLU H 229 -4.82 67.07 2.79
C GLU H 229 -3.31 67.17 2.59
N GLN H 230 -2.59 67.84 3.49
CA GLN H 230 -1.15 68.03 3.31
C GLN H 230 -0.43 66.69 3.34
N VAL H 231 0.69 66.62 2.61
CA VAL H 231 1.39 65.37 2.38
C VAL H 231 2.89 65.60 2.56
N LEU H 232 3.62 64.52 2.81
CA LEU H 232 5.03 64.59 3.14
C LEU H 232 5.88 64.79 1.87
N THR H 233 7.17 65.03 2.08
CA THR H 233 8.09 65.23 0.96
C THR H 233 8.56 63.91 0.37
N VAL H 234 8.79 62.90 1.22
CA VAL H 234 9.16 61.58 0.71
C VAL H 234 8.08 61.06 -0.21
N THR H 235 6.82 61.40 0.05
CA THR H 235 5.73 61.05 -0.84
C THR H 235 5.93 61.66 -2.22
N ARG H 236 6.34 62.93 -2.26
CA ARG H 236 6.61 63.58 -3.54
C ARG H 236 7.76 62.90 -4.27
N LEU H 237 8.81 62.52 -3.55
CA LEU H 237 9.92 61.82 -4.19
C LEU H 237 9.47 60.47 -4.77
N ILE H 238 8.66 59.73 -4.00
CA ILE H 238 8.16 58.44 -4.48
C ILE H 238 7.30 58.61 -5.72
N SER H 239 6.42 59.63 -5.70
CA SER H 239 5.55 59.87 -6.85
C SER H 239 6.37 60.24 -8.08
N ALA H 240 7.41 61.07 -7.91
CA ALA H 240 8.25 61.42 -9.05
C ALA H 240 8.97 60.18 -9.59
N GLU H 241 9.46 59.32 -8.70
CA GLU H 241 10.10 58.09 -9.14
C GLU H 241 9.14 57.21 -9.92
N ILE H 242 7.90 57.11 -9.46
CA ILE H 242 6.92 56.27 -10.15
C ILE H 242 6.56 56.87 -11.50
N GLU H 243 6.46 58.19 -11.60
CA GLU H 243 6.22 58.82 -12.89
C GLU H 243 7.35 58.53 -13.87
N LYS H 244 8.60 58.66 -13.39
CA LYS H 244 9.75 58.38 -14.26
C LYS H 244 9.75 56.91 -14.68
N PHE H 245 9.40 56.01 -13.76
CA PHE H 245 9.36 54.60 -14.09
C PHE H 245 8.27 54.31 -15.12
N TYR H 246 7.11 54.96 -15.01
CA TYR H 246 6.07 54.78 -16.02
C TYR H 246 6.54 55.25 -17.39
N VAL H 247 7.22 56.40 -17.44
CA VAL H 247 7.73 56.91 -18.70
C VAL H 247 8.73 55.92 -19.31
N SER H 248 9.60 55.36 -18.48
CA SER H 248 10.53 54.35 -18.97
C SER H 248 9.80 53.07 -19.40
N LEU H 249 8.78 52.66 -18.64
CA LEU H 249 8.08 51.40 -18.89
C LEU H 249 7.28 51.45 -20.19
N ASP H 250 6.78 52.62 -20.57
CA ASP H 250 6.07 52.71 -21.84
C ASP H 250 6.94 52.29 -23.02
N LEU H 251 8.26 52.33 -22.85
CA LEU H 251 9.21 51.88 -23.87
C LEU H 251 9.94 50.61 -23.44
N MET H 252 9.29 49.78 -22.63
CA MET H 252 9.96 48.59 -22.11
C MET H 252 10.33 47.62 -23.22
N ASN H 253 9.53 47.54 -24.29
CA ASN H 253 9.81 46.70 -25.44
C ASN H 253 9.89 45.22 -25.04
N ILE H 254 8.84 44.74 -24.40
CA ILE H 254 8.63 43.31 -24.21
C ILE H 254 8.21 42.74 -25.56
N GLY H 255 8.18 41.41 -25.66
CA GLY H 255 7.80 40.77 -26.91
C GLY H 255 6.43 41.22 -27.39
N VAL H 256 6.09 40.77 -28.60
CA VAL H 256 4.80 41.12 -29.16
C VAL H 256 3.68 40.54 -28.30
N GLN H 257 2.72 41.39 -27.96
CA GLN H 257 1.69 41.08 -26.98
C GLN H 257 0.31 41.12 -27.62
N PRO H 258 -0.65 40.37 -27.09
CA PRO H 258 -2.01 40.43 -27.62
C PRO H 258 -2.59 41.84 -27.48
N ILE H 259 -3.43 42.20 -28.45
CA ILE H 259 -4.05 43.52 -28.48
C ILE H 259 -5.15 43.57 -27.43
N ARG H 260 -5.09 44.59 -26.57
CA ARG H 260 -6.11 44.82 -25.56
C ARG H 260 -6.82 46.14 -25.85
N ARG H 261 -8.14 46.10 -25.89
CA ARG H 261 -8.96 47.27 -26.15
C ARG H 261 -9.98 47.43 -25.03
N SER H 262 -10.70 48.55 -25.07
CA SER H 262 -11.64 48.87 -24.01
C SER H 262 -12.86 47.95 -24.07
N LYS H 263 -13.81 48.19 -23.18
CA LYS H 263 -14.97 47.30 -23.06
C LYS H 263 -15.83 47.34 -24.32
N SER H 264 -16.01 48.53 -24.90
CA SER H 264 -16.81 48.70 -26.10
C SER H 264 -15.95 48.83 -27.36
N LEU H 265 -14.68 48.44 -27.30
CA LEU H 265 -13.76 48.39 -28.43
C LEU H 265 -13.48 49.75 -29.05
N GLN H 266 -13.85 50.84 -28.37
CA GLN H 266 -13.61 52.17 -28.94
C GLN H 266 -12.16 52.60 -28.82
N CYS H 267 -11.51 52.31 -27.69
CA CYS H 267 -10.18 52.84 -27.40
C CYS H 267 -9.19 51.72 -27.11
N LEU H 268 -7.94 51.93 -27.54
CA LEU H 268 -6.88 50.98 -27.30
C LEU H 268 -6.41 51.03 -25.86
N ARG H 269 -5.63 50.01 -25.47
CA ARG H 269 -5.15 49.89 -24.10
C ARG H 269 -3.77 49.26 -24.11
N ASP H 270 -3.07 49.40 -22.99
CA ASP H 270 -1.75 48.80 -22.84
C ASP H 270 -1.87 47.29 -22.71
N PRO H 271 -0.79 46.56 -23.03
CA PRO H 271 -0.80 45.11 -22.81
C PRO H 271 -1.00 44.78 -21.33
N SER H 272 -1.67 43.66 -21.08
CA SER H 272 -2.06 43.32 -19.72
C SER H 272 -0.86 43.16 -18.79
N LYS H 273 0.29 42.75 -19.34
CA LYS H 273 1.47 42.60 -18.50
C LYS H 273 1.94 43.95 -17.97
N LYS H 274 1.86 45.00 -18.78
CA LYS H 274 2.16 46.34 -18.30
C LYS H 274 1.03 46.89 -17.44
N SER H 275 -0.20 46.52 -17.76
CA SER H 275 -1.34 46.98 -16.96
C SER H 275 -1.26 46.48 -15.54
N PHE H 276 -0.77 45.25 -15.36
CA PHE H 276 -0.64 44.70 -14.01
C PHE H 276 0.34 45.50 -13.17
N VAL H 277 1.50 45.84 -13.76
CA VAL H 277 2.49 46.62 -13.04
C VAL H 277 1.95 48.01 -12.70
N LYS H 278 1.33 48.65 -13.69
CA LYS H 278 0.77 49.98 -13.44
C LYS H 278 -0.30 49.94 -12.37
N GLN H 279 -1.16 48.91 -12.40
CA GLN H 279 -2.22 48.79 -11.41
C GLN H 279 -1.65 48.62 -10.02
N LEU H 280 -0.62 47.77 -9.86
CA LEU H 280 -0.02 47.60 -8.54
C LEU H 280 0.58 48.90 -8.03
N PHE H 281 1.31 49.62 -8.89
CA PHE H 281 1.97 50.83 -8.41
C PHE H 281 0.96 51.92 -8.09
N ASN H 282 -0.09 52.07 -8.91
CA ASN H 282 -1.12 53.04 -8.59
C ASN H 282 -1.83 52.70 -7.28
N ASP H 283 -2.08 51.40 -7.05
CA ASP H 283 -2.65 50.99 -5.78
C ASP H 283 -1.73 51.35 -4.62
N PHE H 284 -0.43 51.15 -4.79
CA PHE H 284 0.52 51.52 -3.75
C PHE H 284 0.45 53.01 -3.45
N LEU H 285 0.37 53.83 -4.50
CA LEU H 285 0.27 55.28 -4.29
C LEU H 285 -1.01 55.62 -3.54
N TYR H 286 -2.10 54.93 -3.86
CA TYR H 286 -3.35 55.16 -3.13
C TYR H 286 -3.22 54.81 -1.66
N GLN H 287 -2.62 53.65 -1.35
CA GLN H 287 -2.46 53.26 0.05
C GLN H 287 -1.57 54.24 0.79
N MET H 288 -0.50 54.68 0.14
CA MET H 288 0.39 55.68 0.74
C MET H 288 -0.35 56.98 1.03
N LYS H 289 -1.19 57.43 0.11
CA LYS H 289 -1.93 58.67 0.34
C LYS H 289 -2.98 58.51 1.43
N GLU H 290 -3.59 57.33 1.54
CA GLU H 290 -4.74 57.17 2.41
C GLU H 290 -4.37 56.79 3.84
N TYR H 291 -3.34 55.97 4.04
CA TYR H 291 -3.10 55.40 5.36
C TYR H 291 -1.76 55.77 5.98
N GLY H 292 -0.83 56.36 5.24
CA GLY H 292 0.38 56.90 5.83
C GLY H 292 1.64 56.18 5.39
N ILE H 293 2.75 56.62 5.97
CA ILE H 293 4.07 56.12 5.56
C ILE H 293 4.26 54.68 6.00
N TYR H 294 3.84 54.33 7.21
CA TYR H 294 3.99 52.96 7.69
C TYR H 294 3.18 51.99 6.84
N ALA H 295 1.94 52.35 6.53
CA ALA H 295 1.12 51.52 5.66
C ALA H 295 1.79 51.33 4.31
N ALA H 296 2.41 52.38 3.79
CA ALA H 296 3.19 52.24 2.56
C ALA H 296 4.38 51.31 2.77
N SER H 297 4.96 51.29 3.97
CA SER H 297 6.07 50.38 4.24
C SER H 297 5.64 48.93 4.14
N ILE H 298 4.46 48.59 4.66
CA ILE H 298 3.96 47.22 4.46
C ILE H 298 3.55 46.99 3.00
N ALA H 299 2.94 47.98 2.37
CA ALA H 299 2.47 47.80 1.00
C ALA H 299 3.63 47.54 0.05
N ILE H 300 4.77 48.17 0.27
CA ILE H 300 5.90 47.98 -0.62
C ILE H 300 6.48 46.58 -0.47
N ILE H 301 6.42 46.01 0.72
CA ILE H 301 6.82 44.61 0.89
C ILE H 301 5.85 43.70 0.15
N SER H 302 4.56 44.00 0.22
CA SER H 302 3.58 43.21 -0.54
C SER H 302 3.87 43.28 -2.03
N LEU H 303 4.23 44.46 -2.53
CA LEU H 303 4.58 44.59 -3.94
C LEU H 303 5.85 43.85 -4.28
N ILE H 304 6.84 43.89 -3.39
CA ILE H 304 8.06 43.11 -3.59
C ILE H 304 7.71 41.64 -3.79
N VAL H 305 6.85 41.12 -2.91
CA VAL H 305 6.46 39.71 -3.00
C VAL H 305 5.75 39.44 -4.32
N GLU H 306 4.82 40.31 -4.69
CA GLU H 306 4.04 40.06 -5.91
C GLU H 306 4.92 40.10 -7.15
N PHE H 307 5.81 41.09 -7.25
CA PHE H 307 6.70 41.15 -8.41
C PHE H 307 7.70 40.00 -8.41
N ASP H 308 8.14 39.53 -7.25
CA ASP H 308 9.01 38.36 -7.24
C ASP H 308 8.28 37.12 -7.75
N ILE H 309 7.04 36.93 -7.33
CA ILE H 309 6.25 35.81 -7.83
C ILE H 309 6.05 35.92 -9.33
N LYS H 310 5.73 37.12 -9.81
CA LYS H 310 5.56 37.33 -11.25
C LYS H 310 6.84 37.05 -12.02
N ARG H 311 7.99 37.48 -11.48
CA ARG H 311 9.26 37.26 -12.15
C ARG H 311 9.59 35.78 -12.23
N ARG H 312 9.33 35.04 -11.15
CA ARG H 312 9.57 33.60 -11.20
C ARG H 312 8.62 32.92 -12.17
N GLN H 313 7.36 33.35 -12.22
CA GLN H 313 6.40 32.74 -13.13
C GLN H 313 6.56 33.19 -14.57
N ALA H 314 7.30 34.26 -14.82
CA ALA H 314 7.46 34.76 -16.18
C ALA H 314 8.26 33.78 -17.04
N GLU H 315 7.90 33.70 -18.31
CA GLU H 315 8.51 32.75 -19.24
C GLU H 315 9.49 33.37 -20.21
N THR H 316 9.30 34.65 -20.55
CA THR H 316 10.16 35.34 -21.50
C THR H 316 11.26 36.09 -20.76
N LEU H 317 12.42 36.21 -21.42
CA LEU H 317 13.52 36.99 -20.83
C LEU H 317 13.15 38.45 -20.67
N SER H 318 12.47 39.04 -21.66
CA SER H 318 12.13 40.45 -21.56
C SER H 318 11.14 40.71 -20.43
N VAL H 319 10.18 39.80 -20.23
CA VAL H 319 9.26 39.96 -19.11
C VAL H 319 10.00 39.83 -17.79
N LYS H 320 10.98 38.92 -17.73
CA LYS H 320 11.80 38.81 -16.53
C LYS H 320 12.56 40.09 -16.25
N LEU H 321 13.10 40.73 -17.31
CA LEU H 321 13.79 42.01 -17.14
C LEU H 321 12.82 43.10 -16.67
N MET H 322 11.62 43.11 -17.23
CA MET H 322 10.57 44.03 -16.79
C MET H 322 10.33 43.90 -15.29
N HIS H 323 10.11 42.67 -14.83
CA HIS H 323 9.86 42.47 -13.41
C HIS H 323 11.09 42.78 -12.56
N ARG H 324 12.30 42.58 -13.11
CA ARG H 324 13.50 42.96 -12.38
C ARG H 324 13.56 44.47 -12.17
N THR H 325 13.27 45.24 -13.22
CA THR H 325 13.26 46.70 -13.08
C THR H 325 12.18 47.14 -12.09
N ALA H 326 11.01 46.52 -12.14
CA ALA H 326 9.96 46.85 -11.20
C ALA H 326 10.37 46.53 -9.76
N LEU H 327 11.02 45.39 -9.56
CA LEU H 327 11.50 45.03 -8.23
C LEU H 327 12.56 45.99 -7.74
N THR H 328 13.44 46.44 -8.64
CA THR H 328 14.47 47.41 -8.26
C THR H 328 13.83 48.73 -7.81
N LEU H 329 12.82 49.20 -8.55
CA LEU H 329 12.13 50.41 -8.14
C LEU H 329 11.43 50.22 -6.80
N CYS H 330 10.79 49.06 -6.60
CA CYS H 330 10.13 48.79 -5.33
C CYS H 330 11.13 48.79 -4.18
N GLU H 331 12.32 48.22 -4.41
CA GLU H 331 13.34 48.19 -3.38
C GLU H 331 13.84 49.59 -3.04
N LYS H 332 14.01 50.45 -4.06
CA LYS H 332 14.39 51.82 -3.79
C LYS H 332 13.32 52.53 -2.96
N ILE H 333 12.05 52.33 -3.31
CA ILE H 333 10.97 52.95 -2.54
C ILE H 333 10.98 52.45 -1.10
N ARG H 334 11.19 51.14 -0.92
CA ARG H 334 11.22 50.58 0.42
C ARG H 334 12.37 51.17 1.23
N HIS H 335 13.54 51.32 0.62
CA HIS H 335 14.66 51.93 1.33
C HIS H 335 14.35 53.37 1.71
N LEU H 336 13.72 54.12 0.82
CA LEU H 336 13.35 55.50 1.14
C LEU H 336 12.38 55.55 2.32
N LEU H 337 11.34 54.71 2.30
CA LEU H 337 10.36 54.72 3.37
C LEU H 337 10.98 54.29 4.69
N VAL H 338 11.84 53.27 4.66
CA VAL H 338 12.50 52.80 5.87
C VAL H 338 13.40 53.88 6.43
N GLN H 339 14.13 54.59 5.58
CA GLN H 339 14.96 55.69 6.06
C GLN H 339 14.11 56.77 6.72
N LYS H 340 12.96 57.10 6.10
CA LYS H 340 12.08 58.08 6.70
C LYS H 340 11.59 57.62 8.07
N LEU H 341 11.22 56.34 8.19
CA LEU H 341 10.79 55.83 9.49
C LEU H 341 11.91 55.89 10.51
N GLN H 342 13.13 55.50 10.12
CA GLN H 342 14.25 55.46 11.06
C GLN H 342 14.73 56.85 11.46
N ASP H 343 14.47 57.87 10.65
CA ASP H 343 14.92 59.21 11.02
C ASP H 343 13.94 59.83 12.02
N MET H 344 13.58 59.08 13.06
CA MET H 344 12.85 59.61 14.20
C MET H 344 13.33 59.05 15.54
N THR H 345 14.05 57.93 15.55
CA THR H 345 14.34 57.09 16.71
C THR H 345 15.13 57.80 17.80
N TYR H 346 15.46 59.08 17.69
CA TYR H 346 16.17 59.78 18.74
C TYR H 346 15.31 60.02 19.98
N ASP H 347 14.01 59.75 19.91
CA ASP H 347 13.13 60.04 21.04
C ASP H 347 13.51 59.23 22.28
N ASP H 348 13.73 57.93 22.11
CA ASP H 348 14.07 57.07 23.24
C ASP H 348 14.74 55.80 22.74
N ASP H 349 15.13 54.96 23.68
CA ASP H 349 15.76 53.68 23.37
C ASP H 349 14.82 52.50 23.46
N ASP H 350 13.74 52.59 24.24
CA ASP H 350 12.82 51.48 24.44
C ASP H 350 12.08 51.22 23.14
N ASP H 351 12.39 50.08 22.51
CA ASP H 351 11.84 49.79 21.18
C ASP H 351 10.37 49.42 21.22
N ASN H 352 9.92 48.80 22.32
CA ASN H 352 8.55 48.29 22.36
C ASN H 352 7.54 49.43 22.28
N VAL H 353 7.75 50.50 23.04
CA VAL H 353 6.92 51.69 22.90
C VAL H 353 7.34 52.56 21.72
N ASN H 354 8.59 52.42 21.25
CA ASN H 354 9.01 53.16 20.06
C ASN H 354 8.22 52.72 18.84
N THR H 355 7.90 51.43 18.73
CA THR H 355 7.10 50.96 17.60
C THR H 355 5.72 51.62 17.61
N GLU H 356 5.07 51.66 18.77
CA GLU H 356 3.77 52.31 18.86
C GLU H 356 3.88 53.80 18.56
N GLU H 357 4.95 54.44 19.04
CA GLU H 357 5.13 55.86 18.79
C GLU H 357 5.29 56.14 17.29
N VAL H 358 6.12 55.35 16.60
CA VAL H 358 6.31 55.58 15.18
C VAL H 358 5.04 55.26 14.40
N ILE H 359 4.30 54.24 14.83
CA ILE H 359 3.06 53.90 14.12
C ILE H 359 2.05 55.03 14.26
N MET H 360 1.91 55.59 15.46
CA MET H 360 0.95 56.67 15.66
C MET H 360 1.41 57.98 15.05
N ASN H 361 2.71 58.20 14.92
CA ASN H 361 3.20 59.43 14.31
C ASN H 361 3.27 59.37 12.80
N PHE H 362 3.35 58.18 12.22
CA PHE H 362 3.56 57.98 10.79
C PHE H 362 2.30 57.48 10.10
N SER H 363 1.14 57.91 10.59
CA SER H 363 -0.13 57.43 10.06
C SER H 363 -1.13 58.57 10.00
N THR H 364 -2.02 58.51 9.02
CA THR H 364 -3.07 59.50 8.90
C THR H 364 -4.05 59.38 10.05
N PRO H 365 -4.79 60.45 10.36
CA PRO H 365 -5.73 60.38 11.49
C PRO H 365 -6.73 59.24 11.36
N LYS H 366 -7.03 58.79 10.14
CA LYS H 366 -7.90 57.63 9.98
C LYS H 366 -7.31 56.41 10.66
N VAL H 367 -6.05 56.10 10.37
CA VAL H 367 -5.40 54.94 10.97
C VAL H 367 -5.23 55.13 12.46
N GLN H 368 -4.87 56.33 12.91
CA GLN H 368 -4.69 56.58 14.34
C GLN H 368 -5.99 56.37 15.10
N ARG H 369 -7.10 56.91 14.57
CA ARG H 369 -8.39 56.73 15.23
C ARG H 369 -8.84 55.28 15.18
N PHE H 370 -8.56 54.57 14.08
CA PHE H 370 -8.88 53.15 14.03
C PHE H 370 -8.14 52.37 15.11
N LEU H 371 -6.83 52.61 15.23
CA LEU H 371 -6.04 51.91 16.23
C LEU H 371 -6.47 52.27 17.65
N MET H 372 -6.79 53.53 17.90
CA MET H 372 -7.23 53.92 19.24
C MET H 372 -8.58 53.30 19.58
N SER H 373 -9.51 53.26 18.62
CA SER H 373 -10.79 52.60 18.87
C SER H 373 -10.60 51.12 19.12
N LEU H 374 -9.68 50.49 18.37
CA LEU H 374 -9.35 49.09 18.63
C LEU H 374 -8.80 48.90 20.03
N LYS H 375 -7.89 49.78 20.46
CA LYS H 375 -7.28 49.64 21.78
C LYS H 375 -8.30 49.80 22.89
N VAL H 376 -9.18 50.80 22.78
CA VAL H 376 -10.16 51.02 23.83
C VAL H 376 -11.28 50.00 23.76
N SER H 377 -11.46 49.33 22.62
CA SER H 377 -12.51 48.32 22.50
C SER H 377 -12.11 47.01 23.19
N PHE H 378 -10.84 46.62 23.09
CA PHE H 378 -10.36 45.31 23.54
C PHE H 378 -9.13 45.47 24.42
N ALA H 379 -9.19 46.39 25.39
CA ALA H 379 -8.00 46.74 26.17
C ALA H 379 -7.38 45.52 26.83
N ASP H 380 -8.10 44.90 27.77
CA ASP H 380 -7.53 43.76 28.48
C ASP H 380 -8.46 42.54 28.50
N LYS H 381 -9.18 42.28 27.42
CA LYS H 381 -10.23 41.26 27.44
C LYS H 381 -9.67 39.89 27.11
N ASP H 382 -10.54 38.89 27.25
CA ASP H 382 -10.22 37.52 26.92
C ASP H 382 -10.30 37.31 25.41
N PRO H 383 -9.27 36.76 24.76
CA PRO H 383 -9.33 36.56 23.31
C PRO H 383 -10.51 35.71 22.86
N LYS H 384 -11.02 34.83 23.71
CA LYS H 384 -12.22 34.07 23.37
C LYS H 384 -13.50 34.89 23.49
N ASP H 385 -13.44 36.07 24.12
CA ASP H 385 -14.64 36.87 24.35
C ASP H 385 -14.90 37.87 23.24
N ILE H 386 -14.04 37.95 22.23
CA ILE H 386 -14.18 38.92 21.16
C ILE H 386 -14.11 38.21 19.82
N CYS H 387 -14.91 38.70 18.88
CA CYS H 387 -14.95 38.16 17.53
C CYS H 387 -15.41 39.29 16.62
N CYS H 388 -14.48 39.87 15.86
CA CYS H 388 -14.76 41.10 15.15
C CYS H 388 -14.29 41.02 13.71
N LEU H 389 -14.93 41.82 12.86
CA LEU H 389 -14.61 41.94 11.45
C LEU H 389 -14.25 43.38 11.12
N VAL H 390 -13.36 43.56 10.15
CA VAL H 390 -13.01 44.87 9.63
C VAL H 390 -13.24 44.85 8.14
N PHE H 391 -14.09 45.74 7.65
CA PHE H 391 -14.44 45.82 6.25
C PHE H 391 -13.69 47.00 5.62
N VAL H 392 -12.82 46.70 4.65
CA VAL H 392 -12.13 47.72 3.88
C VAL H 392 -12.40 47.47 2.41
N GLU H 393 -12.14 48.48 1.59
CA GLU H 393 -12.55 48.41 0.19
C GLU H 393 -11.54 47.64 -0.66
N ARG H 394 -10.32 48.15 -0.77
CA ARG H 394 -9.38 47.59 -1.72
C ARG H 394 -8.80 46.28 -1.23
N ARG H 395 -8.33 45.47 -2.19
CA ARG H 395 -7.74 44.18 -1.85
C ARG H 395 -6.45 44.34 -1.07
N TYR H 396 -5.53 45.17 -1.58
CA TYR H 396 -4.23 45.30 -0.93
C TYR H 396 -4.33 46.09 0.37
N THR H 397 -5.42 46.83 0.58
CA THR H 397 -5.64 47.45 1.88
C THR H 397 -5.81 46.40 2.96
N CYS H 398 -6.42 45.26 2.64
CA CYS H 398 -6.54 44.17 3.60
C CYS H 398 -5.17 43.71 4.08
N LYS H 399 -4.26 43.42 3.15
CA LYS H 399 -2.94 42.94 3.54
C LYS H 399 -2.15 44.03 4.24
N CYS H 400 -2.27 45.27 3.79
CA CYS H 400 -1.56 46.38 4.41
C CYS H 400 -2.00 46.56 5.86
N ILE H 401 -3.31 46.59 6.10
CA ILE H 401 -3.82 46.74 7.46
C ILE H 401 -3.52 45.51 8.29
N TYR H 402 -3.52 44.32 7.69
CA TYR H 402 -3.16 43.12 8.43
C TYR H 402 -1.71 43.19 8.93
N GLY H 403 -0.79 43.63 8.08
CA GLY H 403 0.59 43.80 8.52
C GLY H 403 0.75 44.87 9.56
N LEU H 404 0.07 46.02 9.37
CA LEU H 404 0.15 47.08 10.36
C LEU H 404 -0.40 46.61 11.70
N LEU H 405 -1.47 45.81 11.69
CA LEU H 405 -2.05 45.32 12.92
C LEU H 405 -1.16 44.28 13.58
N LEU H 406 -0.50 43.44 12.79
CA LEU H 406 0.47 42.52 13.38
C LEU H 406 1.56 43.28 14.13
N ASN H 407 2.14 44.28 13.48
CA ASN H 407 3.19 45.06 14.13
C ASN H 407 2.67 45.81 15.35
N TYR H 408 1.45 46.36 15.26
CA TYR H 408 0.91 47.12 16.38
C TYR H 408 0.56 46.21 17.56
N ILE H 409 0.02 45.02 17.27
CA ILE H 409 -0.32 44.07 18.33
C ILE H 409 0.94 43.60 19.05
N GLN H 410 1.99 43.29 18.29
CA GLN H 410 3.26 43.01 18.97
C GLN H 410 4.03 44.31 19.23
N SER H 411 3.31 45.31 19.73
CA SER H 411 3.93 46.54 20.23
C SER H 411 3.30 47.06 21.51
N THR H 412 2.07 46.69 21.82
CA THR H 412 1.31 47.20 22.96
C THR H 412 1.24 46.13 24.05
N PRO H 413 1.54 46.49 25.30
CA PRO H 413 1.44 45.50 26.38
C PRO H 413 0.05 44.93 26.57
N GLU H 414 -1.00 45.72 26.32
CA GLU H 414 -2.35 45.27 26.63
C GLU H 414 -3.00 44.47 25.52
N LEU H 415 -2.65 44.71 24.26
CA LEU H 415 -3.26 44.00 23.14
C LEU H 415 -2.43 42.83 22.66
N ARG H 416 -1.30 42.53 23.32
CA ARG H 416 -0.37 41.54 22.78
C ARG H 416 -0.96 40.14 22.78
N ASN H 417 -1.80 39.82 23.77
CA ASN H 417 -2.30 38.46 23.94
C ASN H 417 -3.82 38.37 23.84
N VAL H 418 -4.46 39.31 23.14
CA VAL H 418 -5.91 39.32 22.99
C VAL H 418 -6.33 39.27 21.53
N LEU H 419 -5.65 40.00 20.66
CA LEU H 419 -6.03 40.09 19.25
C LEU H 419 -5.12 39.23 18.39
N THR H 420 -5.73 38.50 17.45
CA THR H 420 -5.02 37.65 16.51
C THR H 420 -5.51 37.98 15.11
N PRO H 421 -4.87 38.94 14.43
CA PRO H 421 -5.38 39.39 13.14
C PRO H 421 -5.25 38.34 12.05
N GLN H 422 -6.14 38.44 11.07
CA GLN H 422 -6.18 37.56 9.91
C GLN H 422 -6.89 38.30 8.80
N PHE H 423 -6.67 37.87 7.56
CA PHE H 423 -7.23 38.57 6.41
C PHE H 423 -7.55 37.59 5.30
N MET H 424 -8.54 37.96 4.48
CA MET H 424 -8.87 37.22 3.27
C MET H 424 -9.51 38.17 2.27
N VAL H 425 -9.35 37.87 0.99
CA VAL H 425 -9.86 38.68 -0.10
C VAL H 425 -10.57 37.78 -1.10
N GLY H 426 -11.08 38.39 -2.17
CA GLY H 426 -11.90 37.68 -3.14
C GLY H 426 -11.10 36.79 -4.05
N ARG H 427 -11.59 36.65 -5.29
CA ARG H 427 -10.87 35.88 -6.29
C ARG H 427 -9.58 36.58 -6.67
N ASN H 428 -8.71 35.86 -7.37
CA ASN H 428 -7.34 36.30 -7.63
C ASN H 428 -6.63 36.62 -6.31
N ASN H 429 -6.49 35.58 -5.50
CA ASN H 429 -6.00 35.75 -4.15
C ASN H 429 -4.60 36.34 -4.13
N ILE H 430 -4.40 37.33 -3.26
CA ILE H 430 -3.08 37.91 -3.05
C ILE H 430 -2.29 36.95 -2.17
N SER H 431 -0.96 36.98 -2.34
CA SER H 431 -0.10 36.09 -1.60
C SER H 431 -0.10 36.47 -0.12
N PRO H 432 -0.33 35.52 0.79
CA PRO H 432 -0.49 35.88 2.20
C PRO H 432 0.83 35.99 2.96
N ASP H 433 1.95 36.08 2.24
CA ASP H 433 3.25 36.14 2.88
C ASP H 433 3.91 37.48 2.64
N PHE H 434 4.83 37.83 3.53
CA PHE H 434 5.66 39.02 3.37
C PHE H 434 7.12 38.67 3.10
N GLU H 435 7.41 37.40 2.81
CA GLU H 435 8.79 36.94 2.63
C GLU H 435 9.06 36.31 1.27
N SER H 436 8.03 36.05 0.47
CA SER H 436 8.19 35.52 -0.88
C SER H 436 8.96 34.20 -0.90
N VAL H 437 8.66 33.33 0.07
CA VAL H 437 9.28 32.02 0.11
C VAL H 437 8.60 31.12 -0.91
N LEU H 438 9.36 30.17 -1.47
CA LEU H 438 8.82 29.33 -2.55
C LEU H 438 7.72 28.40 -2.05
N GLU H 439 7.73 28.04 -0.76
CA GLU H 439 6.64 27.25 -0.21
C GLU H 439 6.66 27.37 1.30
N ARG H 440 5.47 27.33 1.91
CA ARG H 440 5.31 27.40 3.35
C ARG H 440 4.46 26.24 3.84
N LYS H 441 4.72 25.80 5.08
CA LYS H 441 4.03 24.65 5.66
C LYS H 441 2.73 25.03 6.34
N TRP H 442 2.41 26.33 6.45
CA TRP H 442 1.10 26.72 6.97
C TRP H 442 0.02 26.43 5.94
N GLN H 443 -1.05 25.77 6.39
CA GLN H 443 -2.04 25.24 5.46
C GLN H 443 -3.46 25.71 5.79
N LYS H 444 -3.74 25.95 7.07
CA LYS H 444 -5.10 26.28 7.49
C LYS H 444 -5.52 27.62 6.91
N SER H 445 -6.72 27.67 6.35
CA SER H 445 -7.19 28.87 5.69
C SER H 445 -7.63 29.92 6.71
N ALA H 446 -7.69 31.17 6.25
CA ALA H 446 -8.05 32.26 7.15
C ALA H 446 -9.45 32.11 7.70
N ILE H 447 -10.41 31.73 6.85
CA ILE H 447 -11.79 31.62 7.31
C ILE H 447 -11.94 30.44 8.25
N GLN H 448 -11.21 29.34 8.00
CA GLN H 448 -11.24 28.22 8.93
C GLN H 448 -10.64 28.60 10.28
N GLN H 449 -9.55 29.38 10.27
CA GLN H 449 -8.97 29.85 11.52
C GLN H 449 -9.94 30.75 12.28
N PHE H 450 -10.64 31.63 11.56
CA PHE H 450 -11.65 32.47 12.20
C PHE H 450 -12.77 31.64 12.80
N ARG H 451 -13.23 30.62 12.07
CA ARG H 451 -14.30 29.78 12.59
C ARG H 451 -13.86 29.01 13.83
N ASP H 452 -12.63 28.50 13.83
CA ASP H 452 -12.17 27.63 14.91
C ASP H 452 -11.77 28.40 16.17
N GLY H 453 -11.81 29.72 16.14
CA GLY H 453 -11.46 30.52 17.30
C GLY H 453 -10.01 30.92 17.40
N ASN H 454 -9.16 30.41 16.52
CA ASN H 454 -7.74 30.77 16.56
C ASN H 454 -7.53 32.26 16.31
N ALA H 455 -8.28 32.82 15.37
CA ALA H 455 -8.23 34.24 15.06
C ALA H 455 -9.55 34.90 15.45
N ASN H 456 -9.45 36.13 15.92
CA ASN H 456 -10.63 36.91 16.30
C ASN H 456 -10.68 38.28 15.67
N LEU H 457 -9.70 38.63 14.83
CA LEU H 457 -9.67 39.92 14.15
C LEU H 457 -9.58 39.66 12.65
N MET H 458 -10.69 39.90 11.96
CA MET H 458 -10.85 39.55 10.54
C MET H 458 -10.80 40.84 9.73
N ILE H 459 -9.83 40.94 8.83
CA ILE H 459 -9.74 42.07 7.92
C ILE H 459 -10.14 41.56 6.53
N CYS H 460 -11.37 41.86 6.13
CA CYS H 460 -11.95 41.34 4.91
C CYS H 460 -12.44 42.48 4.04
N SER H 461 -12.57 42.21 2.74
CA SER H 461 -13.00 43.21 1.75
C SER H 461 -14.20 42.65 1.00
N SER H 462 -15.39 42.85 1.57
CA SER H 462 -16.66 42.57 0.90
C SER H 462 -16.84 41.09 0.59
N VAL H 463 -15.85 40.27 0.93
CA VAL H 463 -15.97 38.84 0.65
C VAL H 463 -16.91 38.19 1.65
N LEU H 464 -16.79 38.54 2.93
CA LEU H 464 -17.57 37.94 3.99
C LEU H 464 -18.89 38.65 4.22
N GLU H 465 -19.22 39.65 3.41
CA GLU H 465 -20.54 40.24 3.47
C GLU H 465 -21.61 39.24 3.08
N GLU H 466 -21.34 38.42 2.08
CA GLU H 466 -22.32 37.56 1.45
C GLU H 466 -21.89 36.10 1.50
N GLY H 467 -22.87 35.21 1.65
CA GLY H 467 -22.64 33.80 1.41
C GLY H 467 -21.93 33.03 2.50
N ILE H 468 -20.65 33.35 2.73
CA ILE H 468 -19.81 32.52 3.58
C ILE H 468 -20.33 32.54 5.01
N ASP H 469 -20.51 31.35 5.58
CA ASP H 469 -21.03 31.20 6.94
C ASP H 469 -19.93 31.52 7.95
N VAL H 470 -20.18 32.53 8.78
CA VAL H 470 -19.30 32.90 9.87
C VAL H 470 -20.14 33.03 11.14
N GLN H 471 -19.50 32.85 12.28
CA GLN H 471 -20.23 32.92 13.53
C GLN H 471 -20.59 34.37 13.86
N ALA H 472 -21.45 34.53 14.86
CA ALA H 472 -21.87 35.86 15.28
C ALA H 472 -20.66 36.68 15.73
N CYS H 473 -20.64 37.95 15.33
CA CYS H 473 -19.50 38.83 15.57
C CYS H 473 -19.92 39.95 16.51
N ASN H 474 -19.13 40.17 17.56
CA ASN H 474 -19.45 41.21 18.53
C ASN H 474 -19.31 42.60 17.90
N HIS H 475 -18.20 42.85 17.23
CA HIS H 475 -17.92 44.14 16.62
C HIS H 475 -17.73 43.98 15.13
N VAL H 476 -18.23 44.95 14.37
CA VAL H 476 -18.00 45.02 12.93
C VAL H 476 -17.56 46.43 12.63
N PHE H 477 -16.30 46.61 12.22
CA PHE H 477 -15.74 47.92 11.94
C PHE H 477 -15.77 48.16 10.43
N ILE H 478 -16.59 49.10 10.00
CA ILE H 478 -16.62 49.53 8.60
C ILE H 478 -15.62 50.68 8.49
N LEU H 479 -14.34 50.34 8.32
CA LEU H 479 -13.29 51.34 8.28
C LEU H 479 -13.46 52.26 7.07
N ASP H 480 -13.73 51.69 5.90
CA ASP H 480 -13.97 52.47 4.71
C ASP H 480 -15.44 52.91 4.63
N PRO H 481 -15.73 54.00 3.92
CA PRO H 481 -17.12 54.45 3.83
C PRO H 481 -18.01 53.43 3.15
N VAL H 482 -19.23 53.29 3.66
CA VAL H 482 -20.20 52.37 3.07
C VAL H 482 -20.67 52.94 1.74
N LYS H 483 -20.91 52.06 0.77
CA LYS H 483 -21.24 52.48 -0.58
C LYS H 483 -22.60 52.06 -1.07
N THR H 484 -23.09 50.87 -0.70
CA THR H 484 -24.28 50.33 -1.32
C THR H 484 -25.27 49.88 -0.23
N PHE H 485 -26.55 49.94 -0.57
CA PHE H 485 -27.61 49.57 0.36
C PHE H 485 -27.46 48.12 0.82
N ASN H 486 -27.19 47.21 -0.10
CA ASN H 486 -27.06 45.81 0.27
C ASN H 486 -25.86 45.59 1.19
N MET H 487 -24.75 46.26 0.93
CA MET H 487 -23.58 46.13 1.79
C MET H 487 -23.90 46.59 3.20
N TYR H 488 -24.55 47.74 3.34
CA TYR H 488 -24.93 48.24 4.66
C TYR H 488 -25.84 47.24 5.37
N VAL H 489 -26.90 46.79 4.70
CA VAL H 489 -27.87 45.91 5.35
C VAL H 489 -27.24 44.58 5.72
N GLN H 490 -26.36 44.04 4.88
CA GLN H 490 -25.83 42.70 5.11
C GLN H 490 -24.63 42.68 6.05
N SER H 491 -23.72 43.65 5.94
CA SER H 491 -22.68 43.76 6.95
C SER H 491 -23.26 44.11 8.31
N LYS H 492 -24.38 44.83 8.34
CA LYS H 492 -25.08 45.06 9.59
C LYS H 492 -25.62 43.75 10.16
N GLY H 493 -25.88 42.76 9.30
CA GLY H 493 -26.33 41.46 9.74
C GLY H 493 -25.24 40.54 10.24
N ARG H 494 -23.97 40.88 10.00
CA ARG H 494 -22.89 40.09 10.55
C ARG H 494 -22.79 40.26 12.06
N ALA H 495 -23.07 41.46 12.56
CA ALA H 495 -23.10 41.72 14.00
C ALA H 495 -24.40 41.15 14.57
N ARG H 496 -24.50 39.82 14.53
CA ARG H 496 -25.72 39.12 14.87
C ARG H 496 -25.80 38.74 16.35
N THR H 497 -24.75 38.94 17.13
CA THR H 497 -24.81 38.59 18.53
C THR H 497 -25.59 39.65 19.30
N THR H 498 -26.00 39.30 20.52
CA THR H 498 -26.76 40.23 21.34
C THR H 498 -25.91 41.44 21.71
N GLU H 499 -26.51 42.62 21.67
CA GLU H 499 -25.85 43.87 22.06
C GLU H 499 -24.58 44.11 21.25
N ALA H 500 -24.58 43.67 20.00
CA ALA H 500 -23.41 43.81 19.15
C ALA H 500 -23.19 45.27 18.79
N LYS H 501 -21.93 45.60 18.49
CA LYS H 501 -21.52 46.97 18.18
C LYS H 501 -21.16 47.07 16.70
N PHE H 502 -21.78 48.03 16.02
CA PHE H 502 -21.54 48.31 14.61
C PHE H 502 -20.94 49.71 14.52
N VAL H 503 -19.71 49.80 14.02
CA VAL H 503 -18.92 51.02 14.07
C VAL H 503 -18.61 51.48 12.65
N LEU H 504 -18.89 52.76 12.37
CA LEU H 504 -18.59 53.40 11.10
C LEU H 504 -17.52 54.45 11.31
N PHE H 505 -16.50 54.43 10.46
CA PHE H 505 -15.45 55.45 10.45
C PHE H 505 -15.74 56.42 9.31
N THR H 506 -15.98 57.69 9.66
CA THR H 506 -16.31 58.71 8.68
C THR H 506 -15.43 59.93 8.88
N ALA H 507 -15.05 60.56 7.77
CA ALA H 507 -14.25 61.77 7.82
C ALA H 507 -15.12 62.95 8.24
N ASP H 508 -14.47 63.99 8.75
CA ASP H 508 -15.19 65.18 9.22
C ASP H 508 -15.91 65.87 8.06
N LYS H 509 -15.24 66.01 6.92
CA LYS H 509 -15.82 66.71 5.79
C LYS H 509 -16.94 65.92 5.14
N GLU H 510 -17.08 64.64 5.49
CA GLU H 510 -18.03 63.75 4.83
C GLU H 510 -19.13 63.25 5.77
N ARG H 511 -19.24 63.84 6.96
CA ARG H 511 -20.17 63.30 7.95
C ARG H 511 -21.62 63.48 7.50
N GLU H 512 -21.96 64.65 6.97
CA GLU H 512 -23.33 64.91 6.55
C GLU H 512 -23.75 63.99 5.42
N LYS H 513 -22.86 63.78 4.44
CA LYS H 513 -23.18 62.91 3.31
C LYS H 513 -23.49 61.50 3.77
N THR H 514 -22.62 60.92 4.60
CA THR H 514 -22.83 59.55 5.02
C THR H 514 -24.02 59.43 5.96
N ILE H 515 -24.28 60.44 6.78
CA ILE H 515 -25.47 60.41 7.63
C ILE H 515 -26.73 60.40 6.78
N GLN H 516 -26.77 61.27 5.75
CA GLN H 516 -27.92 61.29 4.85
C GLN H 516 -28.07 59.97 4.11
N GLN H 517 -26.94 59.37 3.70
CA GLN H 517 -27.00 58.10 2.99
C GLN H 517 -27.54 56.99 3.90
N ILE H 518 -27.10 56.94 5.15
CA ILE H 518 -27.59 55.92 6.07
C ILE H 518 -29.07 56.14 6.36
N TYR H 519 -29.49 57.41 6.49
CA TYR H 519 -30.89 57.71 6.68
C TYR H 519 -31.72 57.25 5.47
N GLN H 520 -31.18 57.44 4.27
CA GLN H 520 -31.86 56.96 3.07
C GLN H 520 -31.99 55.43 3.08
N TYR H 521 -30.93 54.73 3.50
CA TYR H 521 -31.01 53.28 3.56
C TYR H 521 -32.05 52.81 4.56
N ARG H 522 -32.10 53.46 5.74
CA ARG H 522 -33.11 53.09 6.73
C ARG H 522 -34.51 53.37 6.20
N LYS H 523 -34.69 54.50 5.52
CA LYS H 523 -35.99 54.80 4.94
C LYS H 523 -36.38 53.76 3.91
N ALA H 524 -35.44 53.36 3.05
CA ALA H 524 -35.75 52.36 2.02
C ALA H 524 -36.13 51.03 2.65
N HIS H 525 -35.45 50.64 3.72
CA HIS H 525 -35.84 49.44 4.44
C HIS H 525 -37.25 49.56 4.99
N ASN H 526 -37.58 50.73 5.54
CA ASN H 526 -38.94 50.94 6.04
C ASN H 526 -39.97 50.85 4.92
N ASP H 527 -39.67 51.43 3.75
CA ASP H 527 -40.59 51.32 2.62
C ASP H 527 -40.74 49.89 2.15
N ILE H 528 -39.66 49.12 2.12
CA ILE H 528 -39.78 47.71 1.76
C ILE H 528 -40.73 47.00 2.73
N ALA H 529 -40.51 47.22 4.03
CA ALA H 529 -41.34 46.54 5.03
C ALA H 529 -42.80 46.91 4.88
N GLU H 530 -43.09 48.22 4.76
CA GLU H 530 -44.48 48.65 4.73
C GLU H 530 -45.16 48.27 3.41
N TYR H 531 -44.41 48.28 2.32
CA TYR H 531 -44.96 47.84 1.03
C TYR H 531 -45.29 46.36 1.06
N LEU H 532 -44.44 45.55 1.67
CA LEU H 532 -44.75 44.13 1.78
C LEU H 532 -45.94 43.90 2.70
N LYS H 533 -46.05 44.69 3.77
CA LYS H 533 -47.14 44.50 4.73
C LYS H 533 -48.49 44.91 4.14
N ASP H 534 -48.56 46.10 3.56
CA ASP H 534 -49.86 46.66 3.17
C ASP H 534 -50.40 46.03 1.89
N ARG H 535 -49.54 45.58 0.99
CA ARG H 535 -50.00 45.07 -0.29
C ARG H 535 -50.73 43.75 -0.11
N VAL H 536 -51.93 43.66 -0.69
CA VAL H 536 -52.74 42.45 -0.67
C VAL H 536 -53.06 42.08 -2.11
N LEU H 537 -52.87 40.80 -2.44
CA LEU H 537 -53.07 40.32 -3.80
C LEU H 537 -53.58 38.89 -3.76
N GLU H 538 -54.71 38.65 -4.42
CA GLU H 538 -55.32 37.33 -4.40
C GLU H 538 -54.57 36.35 -5.31
N LYS H 539 -54.10 36.82 -6.46
CA LYS H 539 -53.48 35.91 -7.42
C LYS H 539 -52.08 35.50 -6.97
N THR H 540 -51.40 36.35 -6.21
CA THR H 540 -50.12 36.12 -5.54
C THR H 540 -49.05 35.55 -6.47
N GLU H 541 -49.28 35.61 -7.78
CA GLU H 541 -48.32 35.19 -8.79
C GLU H 541 -48.49 36.10 -9.99
N PRO H 542 -47.39 36.58 -10.58
CA PRO H 542 -47.51 37.38 -11.81
C PRO H 542 -48.08 36.56 -12.95
N GLU H 543 -48.82 37.23 -13.83
CA GLU H 543 -49.48 36.52 -14.92
C GLU H 543 -48.51 36.26 -16.06
N LEU H 544 -49.04 35.64 -17.13
CA LEU H 544 -48.20 35.24 -18.24
C LEU H 544 -47.75 36.42 -19.09
N TYR H 545 -48.63 37.42 -19.28
CA TYR H 545 -48.31 38.50 -20.21
C TYR H 545 -47.10 39.31 -19.73
N GLU H 546 -47.07 39.66 -18.45
CA GLU H 546 -45.94 40.43 -17.94
C GLU H 546 -44.67 39.60 -17.89
N ILE H 547 -44.79 38.30 -17.59
CA ILE H 547 -43.62 37.44 -17.59
C ILE H 547 -43.01 37.37 -18.98
N LYS H 548 -43.86 37.21 -20.00
CA LYS H 548 -43.36 37.21 -21.37
C LYS H 548 -42.78 38.56 -21.75
N GLY H 549 -43.38 39.65 -21.26
CA GLY H 549 -42.87 40.98 -21.57
C GLY H 549 -41.56 41.30 -20.87
N HIS H 550 -41.25 40.59 -19.79
CA HIS H 550 -40.02 40.86 -19.06
C HIS H 550 -38.80 40.33 -19.81
N PHE H 551 -38.94 39.18 -20.46
CA PHE H 551 -37.83 38.52 -21.14
C PHE H 551 -37.77 38.83 -22.63
N GLN H 552 -38.73 39.58 -23.18
CA GLN H 552 -38.83 39.71 -24.63
C GLN H 552 -37.92 40.79 -25.20
N ASP H 553 -37.20 41.54 -24.38
CA ASP H 553 -36.34 42.60 -24.91
C ASP H 553 -35.16 42.01 -25.66
N ASP H 554 -34.53 40.97 -25.12
CA ASP H 554 -33.28 40.47 -25.65
C ASP H 554 -33.52 39.62 -26.90
N ILE H 555 -32.42 39.12 -27.46
CA ILE H 555 -32.50 38.24 -28.62
C ILE H 555 -33.19 36.95 -28.24
N ASP H 556 -34.12 36.52 -29.09
CA ASP H 556 -34.83 35.28 -28.83
C ASP H 556 -33.87 34.09 -28.91
N PRO H 557 -34.06 33.08 -28.08
CA PRO H 557 -33.15 31.93 -28.09
C PRO H 557 -33.37 31.06 -29.33
N PHE H 558 -32.58 30.00 -29.42
CA PHE H 558 -32.64 29.05 -30.52
C PHE H 558 -32.70 27.64 -29.96
N THR H 559 -33.68 26.86 -30.43
CA THR H 559 -33.85 25.48 -30.00
C THR H 559 -33.93 24.59 -31.23
N ASN H 560 -33.33 23.41 -31.14
CA ASN H 560 -33.39 22.42 -32.21
C ASN H 560 -34.45 21.38 -31.88
N GLU H 561 -34.53 20.35 -32.74
CA GLU H 561 -35.50 19.28 -32.56
C GLU H 561 -35.22 18.46 -31.32
N ASN H 562 -33.97 18.44 -30.85
CA ASN H 562 -33.61 17.60 -29.71
C ASN H 562 -33.94 18.24 -28.37
N GLY H 563 -34.29 19.53 -28.34
CA GLY H 563 -34.61 20.21 -27.10
C GLY H 563 -33.52 21.09 -26.56
N ALA H 564 -32.30 21.01 -27.10
CA ALA H 564 -31.22 21.86 -26.65
C ALA H 564 -31.53 23.32 -26.95
N VAL H 565 -31.11 24.21 -26.05
CA VAL H 565 -31.33 25.64 -26.21
C VAL H 565 -29.98 26.34 -26.29
N LEU H 566 -29.82 27.17 -27.30
CA LEU H 566 -28.64 28.01 -27.46
C LEU H 566 -29.03 29.41 -26.99
N LEU H 567 -28.70 29.72 -25.75
CA LEU H 567 -29.04 31.03 -25.20
C LEU H 567 -28.11 32.09 -25.78
N PRO H 568 -28.66 33.21 -26.27
CA PRO H 568 -27.78 34.23 -26.88
C PRO H 568 -26.74 34.78 -25.92
N ASN H 569 -26.99 34.77 -24.63
CA ASN H 569 -25.99 35.24 -23.68
C ASN H 569 -24.91 34.20 -23.40
N ASN H 570 -25.13 32.95 -23.78
CA ASN H 570 -24.10 31.93 -23.73
C ASN H 570 -23.34 31.80 -25.05
N ALA H 571 -23.67 32.62 -26.05
CA ALA H 571 -23.06 32.49 -27.36
C ALA H 571 -21.56 32.81 -27.30
N LEU H 572 -21.19 33.89 -26.61
CA LEU H 572 -19.78 34.23 -26.50
C LEU H 572 -19.00 33.14 -25.78
N ALA H 573 -19.56 32.61 -24.70
CA ALA H 573 -18.89 31.53 -23.97
C ALA H 573 -18.72 30.30 -24.83
N ILE H 574 -19.76 29.91 -25.58
CA ILE H 574 -19.65 28.72 -26.41
C ILE H 574 -18.63 28.95 -27.53
N LEU H 575 -18.61 30.16 -28.09
CA LEU H 575 -17.67 30.48 -29.15
C LEU H 575 -16.23 30.38 -28.66
N HIS H 576 -15.93 31.02 -27.53
CA HIS H 576 -14.57 30.98 -27.02
C HIS H 576 -14.19 29.59 -26.52
N ARG H 577 -15.14 28.86 -25.93
CA ARG H 577 -14.85 27.50 -25.50
C ARG H 577 -14.53 26.59 -26.68
N TYR H 578 -15.24 26.76 -27.80
CA TYR H 578 -14.90 26.01 -29.00
C TYR H 578 -13.53 26.43 -29.53
N CYS H 579 -13.26 27.73 -29.55
CA CYS H 579 -11.95 28.19 -30.02
C CYS H 579 -10.80 27.74 -29.12
N GLN H 580 -11.08 27.39 -27.86
CA GLN H 580 -10.06 26.84 -26.99
C GLN H 580 -9.77 25.37 -27.24
N THR H 581 -10.55 24.70 -28.09
CA THR H 581 -10.32 23.29 -28.40
C THR H 581 -9.70 23.06 -29.77
N ILE H 582 -9.85 24.00 -30.71
CA ILE H 582 -9.26 23.82 -32.03
C ILE H 582 -7.75 23.69 -32.02
N PRO H 583 -6.98 24.48 -31.26
CA PRO H 583 -5.52 24.41 -31.42
C PRO H 583 -4.97 23.06 -31.00
N THR H 584 -3.92 22.63 -31.69
CA THR H 584 -3.21 21.41 -31.37
C THR H 584 -1.76 21.69 -30.99
N ASP H 585 -1.54 22.78 -30.25
CA ASP H 585 -0.23 23.15 -29.74
C ASP H 585 -0.42 24.10 -28.57
N ALA H 586 0.66 24.30 -27.81
CA ALA H 586 0.61 25.27 -26.73
C ALA H 586 0.51 26.69 -27.26
N PHE H 587 1.13 26.98 -28.40
CA PHE H 587 1.20 28.32 -28.95
C PHE H 587 0.20 28.57 -30.06
N GLY H 588 -0.72 27.63 -30.31
CA GLY H 588 -1.71 27.76 -31.35
C GLY H 588 -3.03 28.39 -30.92
N PHE H 589 -3.12 28.91 -29.71
CA PHE H 589 -4.39 29.42 -29.17
C PHE H 589 -4.54 30.89 -29.53
N VAL H 590 -5.55 31.21 -30.33
CA VAL H 590 -5.92 32.58 -30.65
C VAL H 590 -7.44 32.69 -30.62
N ILE H 591 -7.93 33.76 -29.99
CA ILE H 591 -9.37 33.98 -29.84
C ILE H 591 -9.91 34.70 -31.06
N PRO H 592 -11.22 34.68 -31.31
CA PRO H 592 -11.77 35.42 -32.46
C PRO H 592 -11.48 36.90 -32.35
N TRP H 593 -11.27 37.53 -33.50
CA TRP H 593 -10.98 38.95 -33.59
C TRP H 593 -12.28 39.71 -33.81
N PHE H 594 -12.74 40.41 -32.77
CA PHE H 594 -13.95 41.21 -32.86
C PHE H 594 -13.61 42.58 -33.39
N HIS H 595 -14.26 42.97 -34.49
CA HIS H 595 -14.02 44.25 -35.13
C HIS H 595 -15.35 44.96 -35.32
N VAL H 596 -15.40 46.22 -34.92
CA VAL H 596 -16.60 47.05 -35.08
C VAL H 596 -16.50 47.79 -36.40
N LEU H 597 -17.56 47.68 -37.21
CA LEU H 597 -17.55 48.25 -38.55
C LEU H 597 -17.68 49.77 -38.49
N GLN H 598 -16.97 50.44 -39.39
CA GLN H 598 -17.04 51.89 -39.50
C GLN H 598 -18.29 52.30 -40.28
N GLU H 599 -18.52 53.61 -40.38
CA GLU H 599 -19.74 54.09 -41.02
C GLU H 599 -19.76 53.76 -42.51
N ASP H 600 -18.66 54.02 -43.22
CA ASP H 600 -18.63 53.76 -44.66
C ASP H 600 -18.78 52.28 -44.96
N GLU H 601 -18.08 51.43 -44.22
CA GLU H 601 -18.19 49.99 -44.43
C GLU H 601 -19.60 49.49 -44.12
N ARG H 602 -20.18 49.96 -43.02
CA ARG H 602 -21.54 49.56 -42.67
C ARG H 602 -22.54 49.97 -43.74
N ASP H 603 -22.40 51.19 -44.26
CA ASP H 603 -23.30 51.63 -45.32
C ASP H 603 -23.08 50.82 -46.59
N ARG H 604 -21.83 50.43 -46.85
CA ARG H 604 -21.53 49.63 -48.04
C ARG H 604 -22.13 48.23 -47.93
N ILE H 605 -22.19 47.67 -46.72
CA ILE H 605 -22.62 46.28 -46.56
C ILE H 605 -24.12 46.20 -46.30
N PHE H 606 -24.61 46.90 -45.27
CA PHE H 606 -26.01 46.81 -44.90
C PHE H 606 -26.87 47.89 -45.53
N GLY H 607 -26.28 48.84 -46.26
CA GLY H 607 -27.09 49.89 -46.84
C GLY H 607 -27.64 50.82 -45.77
N VAL H 608 -28.72 51.53 -46.14
CA VAL H 608 -29.36 52.48 -45.23
C VAL H 608 -30.18 51.80 -44.16
N SER H 609 -30.36 50.48 -44.24
CA SER H 609 -31.14 49.76 -43.24
C SER H 609 -30.41 49.66 -41.90
N ALA H 610 -29.15 50.05 -41.84
CA ALA H 610 -28.39 50.09 -40.59
C ALA H 610 -27.84 51.49 -40.33
N LYS H 611 -28.66 52.51 -40.54
CA LYS H 611 -28.27 53.88 -40.27
C LYS H 611 -28.62 54.22 -38.82
N GLY H 612 -27.62 54.65 -38.06
CA GLY H 612 -27.81 54.93 -36.64
C GLY H 612 -27.76 53.73 -35.74
N LYS H 613 -27.27 52.59 -36.22
CA LYS H 613 -27.18 51.37 -35.43
C LYS H 613 -25.78 50.79 -35.53
N HIS H 614 -25.43 49.97 -34.54
CA HIS H 614 -24.12 49.36 -34.44
C HIS H 614 -24.13 47.95 -35.03
N VAL H 615 -23.03 47.58 -35.68
CA VAL H 615 -22.83 46.25 -36.23
C VAL H 615 -21.43 45.79 -35.86
N ILE H 616 -21.30 44.48 -35.64
CA ILE H 616 -20.03 43.86 -35.25
C ILE H 616 -19.71 42.75 -36.23
N SER H 617 -18.50 42.78 -36.77
CA SER H 617 -17.97 41.72 -37.63
C SER H 617 -16.96 40.92 -36.83
N ILE H 618 -16.97 39.60 -37.02
CA ILE H 618 -16.09 38.69 -36.28
C ILE H 618 -15.28 37.87 -37.27
N ASN H 619 -13.98 37.78 -37.02
CA ASN H 619 -13.06 36.99 -37.84
C ASN H 619 -12.54 35.83 -37.01
N MET H 620 -12.85 34.62 -37.44
CA MET H 620 -12.41 33.42 -36.75
C MET H 620 -10.93 33.15 -37.02
N PRO H 621 -10.27 32.36 -36.18
CA PRO H 621 -8.87 32.02 -36.40
C PRO H 621 -8.69 31.19 -37.67
N VAL H 622 -7.42 31.02 -38.04
CA VAL H 622 -7.10 30.40 -39.33
C VAL H 622 -7.42 28.91 -39.33
N ASN H 623 -7.33 28.24 -38.18
CA ASN H 623 -7.58 26.80 -38.15
C ASN H 623 -9.05 26.46 -38.34
N CYS H 624 -9.95 27.32 -37.88
CA CYS H 624 -11.37 27.00 -37.89
C CYS H 624 -11.91 26.92 -39.31
N MET H 625 -13.00 26.17 -39.48
CA MET H 625 -13.69 26.10 -40.75
C MET H 625 -14.38 27.41 -41.12
N LEU H 626 -14.73 28.24 -40.13
CA LEU H 626 -15.38 29.50 -40.39
C LEU H 626 -14.33 30.50 -40.88
N ARG H 627 -14.49 30.95 -42.12
CA ARG H 627 -13.64 31.99 -42.67
C ARG H 627 -14.48 32.95 -43.50
N ASP H 628 -15.66 33.28 -43.00
CA ASP H 628 -16.62 34.08 -43.76
C ASP H 628 -16.96 35.41 -43.10
N THR H 629 -16.32 35.76 -41.98
CA THR H 629 -16.50 37.05 -41.32
C THR H 629 -17.98 37.31 -41.01
N ILE H 630 -18.52 36.49 -40.09
CA ILE H 630 -19.91 36.63 -39.68
C ILE H 630 -20.19 38.07 -39.28
N TYR H 631 -21.30 38.61 -39.77
CA TYR H 631 -21.73 39.97 -39.47
C TYR H 631 -22.93 39.94 -38.54
N SER H 632 -22.88 40.75 -37.49
CA SER H 632 -24.00 40.85 -36.57
C SER H 632 -25.15 41.63 -37.19
N ASP H 633 -26.35 41.40 -36.68
CA ASP H 633 -27.49 42.17 -37.08
C ASP H 633 -27.33 43.62 -36.61
N PRO H 634 -27.95 44.58 -37.29
CA PRO H 634 -27.85 45.97 -36.83
C PRO H 634 -28.52 46.17 -35.48
N MET H 635 -27.73 46.43 -34.45
CA MET H 635 -28.23 46.57 -33.09
C MET H 635 -28.02 47.99 -32.57
N ASP H 636 -28.71 48.28 -31.48
CA ASP H 636 -28.71 49.63 -30.92
C ASP H 636 -27.34 50.03 -30.40
N ASN H 637 -26.68 49.14 -29.68
CA ASN H 637 -25.43 49.44 -29.01
C ASN H 637 -24.44 48.29 -29.18
N VAL H 638 -23.20 48.54 -28.78
CA VAL H 638 -22.10 47.66 -29.13
C VAL H 638 -22.23 46.30 -28.44
N LYS H 639 -22.69 46.30 -27.19
CA LYS H 639 -22.81 45.04 -26.47
C LYS H 639 -23.81 44.09 -27.13
N THR H 640 -24.97 44.62 -27.53
CA THR H 640 -25.96 43.79 -28.20
C THR H 640 -25.44 43.28 -29.55
N ALA H 641 -24.71 44.13 -30.28
CA ALA H 641 -24.16 43.71 -31.56
C ALA H 641 -23.12 42.61 -31.38
N LYS H 642 -22.28 42.73 -30.35
CA LYS H 642 -21.32 41.68 -30.04
C LYS H 642 -22.03 40.37 -29.74
N ILE H 643 -23.09 40.43 -28.93
CA ILE H 643 -23.87 39.24 -28.62
C ILE H 643 -24.46 38.64 -29.89
N SER H 644 -24.98 39.49 -30.77
CA SER H 644 -25.59 39.00 -32.01
C SER H 644 -24.57 38.32 -32.90
N ALA H 645 -23.38 38.91 -33.04
CA ALA H 645 -22.35 38.30 -33.86
C ALA H 645 -21.93 36.95 -33.31
N ALA H 646 -21.75 36.86 -31.99
CA ALA H 646 -21.42 35.58 -31.38
C ALA H 646 -22.53 34.56 -31.58
N PHE H 647 -23.78 35.00 -31.46
CA PHE H 647 -24.92 34.10 -31.64
C PHE H 647 -24.95 33.55 -33.07
N LYS H 648 -24.76 34.41 -34.05
CA LYS H 648 -24.75 33.95 -35.44
C LYS H 648 -23.59 33.00 -35.71
N ALA H 649 -22.40 33.31 -35.16
CA ALA H 649 -21.27 32.42 -35.35
C ALA H 649 -21.53 31.06 -34.73
N CYS H 650 -22.15 31.01 -33.56
CA CYS H 650 -22.46 29.73 -32.93
C CYS H 650 -23.50 28.96 -33.72
N LYS H 651 -24.50 29.66 -34.26
CA LYS H 651 -25.50 28.98 -35.09
C LYS H 651 -24.86 28.38 -36.33
N VAL H 652 -23.96 29.12 -36.97
CA VAL H 652 -23.28 28.60 -38.16
C VAL H 652 -22.41 27.41 -37.79
N LEU H 653 -21.73 27.47 -36.64
CA LEU H 653 -20.93 26.34 -36.19
C LEU H 653 -21.80 25.11 -35.97
N TYR H 654 -22.97 25.29 -35.37
CA TYR H 654 -23.89 24.16 -35.18
C TYR H 654 -24.35 23.60 -36.52
N SER H 655 -24.63 24.47 -37.49
CA SER H 655 -25.04 24.00 -38.80
C SER H 655 -23.92 23.24 -39.50
N LEU H 656 -22.67 23.62 -39.25
CA LEU H 656 -21.53 22.96 -39.88
C LEU H 656 -21.11 21.70 -39.14
N GLY H 657 -21.78 21.35 -38.04
CA GLY H 657 -21.48 20.13 -37.34
C GLY H 657 -20.39 20.20 -36.30
N GLU H 658 -19.85 21.40 -36.03
CA GLU H 658 -18.86 21.55 -34.97
C GLU H 658 -19.45 21.51 -33.57
N LEU H 659 -20.75 21.77 -33.44
CA LEU H 659 -21.46 21.64 -32.16
C LEU H 659 -22.33 20.40 -32.23
N ASN H 660 -22.23 19.55 -31.21
CA ASN H 660 -22.78 18.20 -31.26
C ASN H 660 -24.24 18.16 -30.81
N GLU H 661 -25.09 18.90 -31.53
CA GLU H 661 -26.55 18.89 -31.36
C GLU H 661 -26.95 19.16 -29.91
N ARG H 662 -25.98 19.52 -29.08
CA ARG H 662 -26.21 20.00 -27.73
C ARG H 662 -25.52 21.34 -27.53
N PHE H 663 -24.97 21.92 -28.59
CA PHE H 663 -24.33 23.23 -28.58
C PHE H 663 -23.13 23.25 -27.64
N VAL H 664 -22.33 22.19 -27.67
CA VAL H 664 -21.00 22.22 -27.08
C VAL H 664 -20.04 21.72 -28.15
N PRO H 665 -18.78 22.15 -28.16
CA PRO H 665 -17.86 21.73 -29.22
C PRO H 665 -17.70 20.22 -29.24
N LYS H 666 -17.64 19.66 -30.45
CA LYS H 666 -17.54 18.22 -30.61
C LYS H 666 -16.19 17.72 -30.11
N THR H 667 -16.23 16.66 -29.32
CA THR H 667 -15.00 16.03 -28.84
C THR H 667 -14.53 14.97 -29.82
N LEU H 668 -13.33 14.45 -29.57
CA LEU H 668 -12.72 13.52 -30.51
C LEU H 668 -13.49 12.21 -30.57
N LYS H 669 -14.00 11.74 -29.42
CA LYS H 669 -14.74 10.48 -29.40
C LYS H 669 -15.97 10.55 -30.29
N GLU H 670 -16.69 11.67 -30.25
CA GLU H 670 -17.86 11.83 -31.12
C GLU H 670 -17.45 11.85 -32.59
N ARG H 671 -16.33 12.51 -32.90
CA ARG H 671 -15.87 12.59 -34.28
C ARG H 671 -15.54 11.20 -34.83
N VAL H 672 -14.89 10.36 -34.02
CA VAL H 672 -14.58 9.02 -34.51
C VAL H 672 -15.79 8.10 -34.40
N ALA H 673 -16.75 8.41 -33.53
CA ALA H 673 -17.98 7.62 -33.49
C ALA H 673 -18.82 7.85 -34.73
N SER H 674 -18.81 9.07 -35.27
CA SER H 674 -19.52 9.34 -36.52
C SER H 674 -18.92 8.59 -37.70
N ILE H 675 -17.72 8.03 -37.55
CA ILE H 675 -17.05 7.32 -38.63
C ILE H 675 -16.94 5.83 -38.36
N ALA H 676 -17.11 5.38 -37.12
CA ALA H 676 -16.93 3.97 -36.77
C ALA H 676 -17.71 3.04 -37.68
N ASP H 677 -18.94 3.41 -38.05
CA ASP H 677 -19.77 2.52 -38.84
C ASP H 677 -19.43 2.54 -40.32
N VAL H 678 -18.53 3.42 -40.76
CA VAL H 678 -18.17 3.55 -42.16
C VAL H 678 -16.85 2.89 -42.47
N HIS H 679 -15.86 3.08 -41.59
CA HIS H 679 -14.53 2.53 -41.82
C HIS H 679 -14.22 1.31 -40.97
N PHE H 680 -14.92 1.11 -39.86
CA PHE H 680 -14.65 0.04 -38.92
C PHE H 680 -15.87 -0.85 -38.76
N GLU H 681 -16.57 -1.09 -39.87
CA GLU H 681 -17.78 -1.91 -39.83
C GLU H 681 -17.46 -3.37 -39.57
N HIS H 682 -16.33 -3.87 -40.08
CA HIS H 682 -15.98 -5.27 -39.91
C HIS H 682 -15.64 -5.63 -38.48
N TRP H 683 -15.48 -4.65 -37.59
CA TRP H 683 -15.17 -4.94 -36.20
C TRP H 683 -16.32 -5.62 -35.47
N ASN H 684 -17.55 -5.51 -35.96
CA ASN H 684 -18.70 -5.92 -35.17
C ASN H 684 -18.84 -7.45 -35.12
N LYS H 685 -18.37 -8.15 -36.14
CA LYS H 685 -18.46 -9.60 -36.13
C LYS H 685 -17.56 -10.22 -35.06
N TYR H 686 -16.56 -9.48 -34.58
CA TYR H 686 -15.66 -9.97 -33.54
C TYR H 686 -15.97 -9.40 -32.17
N GLY H 687 -17.11 -8.73 -32.01
CA GLY H 687 -17.51 -8.24 -30.71
C GLY H 687 -16.70 -7.09 -30.18
N ASP H 688 -16.02 -6.36 -31.05
CA ASP H 688 -15.23 -5.20 -30.65
C ASP H 688 -15.66 -3.99 -31.48
N SER H 689 -15.55 -2.82 -30.87
CA SER H 689 -15.85 -1.57 -31.55
C SER H 689 -14.73 -0.57 -31.28
N VAL H 690 -14.43 0.24 -32.30
CA VAL H 690 -13.34 1.20 -32.19
C VAL H 690 -13.62 2.26 -31.13
N THR H 691 -14.89 2.48 -30.80
CA THR H 691 -15.22 3.48 -29.78
C THR H 691 -14.74 3.03 -28.40
N ALA H 692 -15.02 1.78 -28.04
CA ALA H 692 -14.74 1.31 -26.68
C ALA H 692 -13.24 1.23 -26.44
N THR H 693 -12.83 1.60 -25.23
CA THR H 693 -11.42 1.63 -24.85
C THR H 693 -11.04 0.50 -23.91
N VAL H 694 -11.93 -0.46 -23.69
CA VAL H 694 -11.65 -1.54 -22.76
C VAL H 694 -10.55 -2.46 -23.29
N ASN H 695 -10.55 -2.72 -24.59
CA ASN H 695 -9.62 -3.66 -25.21
C ASN H 695 -8.30 -3.01 -25.61
N LYS H 696 -8.06 -1.77 -25.19
CA LYS H 696 -6.78 -1.12 -25.44
C LYS H 696 -5.73 -1.47 -24.39
N ALA H 697 -6.14 -2.06 -23.27
CA ALA H 697 -5.19 -2.44 -22.23
C ALA H 697 -4.41 -3.68 -22.62
N ASP H 698 -5.07 -4.70 -23.18
CA ASP H 698 -4.44 -5.98 -23.47
C ASP H 698 -3.78 -5.94 -24.85
N LYS H 699 -2.67 -5.22 -24.90
CA LYS H 699 -1.92 -5.08 -26.16
C LYS H 699 -1.14 -6.35 -26.50
N SER H 700 -0.97 -7.25 -25.55
CA SER H 700 -0.17 -8.47 -25.73
C SER H 700 -1.03 -9.72 -25.86
N LYS H 701 -2.18 -9.64 -26.51
CA LYS H 701 -3.07 -10.78 -26.64
C LYS H 701 -2.62 -11.68 -27.78
N ASP H 702 -3.33 -12.80 -27.97
CA ASP H 702 -3.12 -13.70 -29.09
C ASP H 702 -4.35 -14.57 -29.24
N ARG H 703 -4.46 -15.23 -30.41
CA ARG H 703 -5.64 -15.99 -30.77
C ARG H 703 -5.24 -17.33 -31.36
N THR H 704 -6.19 -18.27 -31.33
CA THR H 704 -5.98 -19.62 -31.83
C THR H 704 -6.60 -19.77 -33.21
N TYR H 705 -5.79 -20.21 -34.17
CA TYR H 705 -6.22 -20.32 -35.55
C TYR H 705 -6.15 -21.76 -36.02
N LYS H 706 -7.18 -22.20 -36.73
CA LYS H 706 -7.21 -23.53 -37.32
C LYS H 706 -6.37 -23.51 -38.59
N THR H 707 -5.20 -24.13 -38.55
CA THR H 707 -4.35 -24.18 -39.73
C THR H 707 -4.97 -25.07 -40.80
N GLU H 708 -4.68 -24.75 -42.05
CA GLU H 708 -5.16 -25.50 -43.20
C GLU H 708 -4.00 -25.75 -44.16
N CYS H 709 -3.96 -26.95 -44.71
CA CYS H 709 -2.90 -27.33 -45.62
C CYS H 709 -3.08 -26.65 -46.97
N PRO H 710 -2.04 -26.62 -47.81
CA PRO H 710 -2.22 -26.14 -49.18
C PRO H 710 -3.22 -27.00 -49.93
N LEU H 711 -3.90 -26.38 -50.89
CA LEU H 711 -4.93 -27.09 -51.65
C LEU H 711 -4.38 -28.32 -52.35
N GLU H 712 -3.11 -28.28 -52.77
CA GLU H 712 -2.53 -29.44 -53.42
C GLU H 712 -2.45 -30.63 -52.48
N PHE H 713 -2.05 -30.40 -51.24
CA PHE H 713 -1.86 -31.51 -50.30
C PHE H 713 -3.19 -32.08 -49.81
N TYR H 714 -4.28 -31.33 -49.94
CA TYR H 714 -5.57 -31.84 -49.53
C TYR H 714 -6.08 -32.87 -50.52
N ASP H 715 -6.56 -34.00 -50.00
CA ASP H 715 -7.10 -35.09 -50.83
C ASP H 715 -6.09 -35.54 -51.88
N ALA H 716 -4.82 -35.57 -51.49
CA ALA H 716 -3.74 -35.89 -52.41
C ALA H 716 -3.29 -37.34 -52.32
N LEU H 717 -3.95 -38.15 -51.51
CA LEU H 717 -3.58 -39.55 -51.37
C LEU H 717 -3.82 -40.31 -52.67
N PRO H 718 -2.81 -40.96 -53.24
CA PRO H 718 -3.03 -41.67 -54.51
C PRO H 718 -4.00 -42.82 -54.34
N ARG H 719 -4.70 -43.14 -55.43
CA ARG H 719 -5.73 -44.16 -55.41
C ARG H 719 -5.47 -45.21 -56.47
N VAL H 720 -6.15 -46.35 -56.33
CA VAL H 720 -6.02 -47.43 -57.29
C VAL H 720 -6.82 -47.12 -58.55
N GLY H 721 -6.16 -47.23 -59.70
CA GLY H 721 -6.81 -47.00 -60.97
C GLY H 721 -6.97 -45.55 -61.34
N GLU H 722 -6.19 -44.66 -60.72
CA GLU H 722 -6.14 -43.26 -61.07
C GLU H 722 -4.70 -42.88 -61.38
N ILE H 723 -4.54 -41.79 -62.13
CA ILE H 723 -3.21 -41.29 -62.44
C ILE H 723 -2.69 -40.48 -61.27
N CYS H 724 -1.48 -40.80 -60.81
CA CYS H 724 -0.83 -40.05 -59.75
C CYS H 724 0.52 -39.56 -60.25
N TYR H 725 1.00 -38.48 -59.66
CA TYR H 725 2.19 -37.77 -60.13
C TYR H 725 3.26 -37.80 -59.05
N ALA H 726 4.48 -38.16 -59.45
CA ALA H 726 5.63 -38.21 -58.57
C ALA H 726 6.65 -37.17 -58.99
N TYR H 727 7.07 -36.34 -58.05
CA TYR H 727 8.04 -35.28 -58.27
C TYR H 727 9.33 -35.64 -57.55
N GLU H 728 10.37 -35.97 -58.32
CA GLU H 728 11.63 -36.40 -57.74
C GLU H 728 12.32 -35.22 -57.05
N ILE H 729 12.93 -35.50 -55.90
CA ILE H 729 13.65 -34.49 -55.12
C ILE H 729 15.13 -34.65 -55.41
N PHE H 730 15.76 -33.60 -55.95
CA PHE H 730 17.16 -33.61 -56.27
C PHE H 730 17.93 -32.74 -55.28
N LEU H 731 18.98 -33.29 -54.71
CA LEU H 731 19.83 -32.56 -53.77
C LEU H 731 21.18 -32.30 -54.42
N GLU H 732 21.59 -31.05 -54.46
CA GLU H 732 22.86 -30.67 -55.06
C GLU H 732 23.80 -30.17 -53.98
N PRO H 733 24.86 -30.90 -53.65
CA PRO H 733 25.80 -30.41 -52.64
C PRO H 733 26.62 -29.26 -53.18
N GLN H 734 26.63 -28.16 -52.44
CA GLN H 734 27.35 -26.96 -52.87
C GLN H 734 28.78 -26.91 -52.36
N PHE H 735 29.07 -27.50 -51.20
CA PHE H 735 30.40 -27.42 -50.61
C PHE H 735 31.41 -28.18 -51.46
N GLU H 736 32.65 -27.68 -51.43
CA GLU H 736 33.73 -28.32 -52.18
C GLU H 736 34.09 -29.66 -51.55
N SER H 737 34.32 -30.66 -52.40
CA SER H 737 34.67 -31.98 -51.92
C SER H 737 36.05 -31.98 -51.28
N CYS H 738 36.17 -32.72 -50.17
CA CYS H 738 37.44 -32.84 -49.47
C CYS H 738 37.43 -34.18 -48.72
N GLU H 739 38.55 -34.46 -48.06
CA GLU H 739 38.68 -35.72 -47.32
C GLU H 739 37.62 -35.86 -46.24
N TYR H 740 37.26 -34.74 -45.59
CA TYR H 740 36.25 -34.80 -44.53
C TYR H 740 34.84 -34.90 -45.11
N THR H 741 34.58 -34.25 -46.23
CA THR H 741 33.24 -34.14 -46.79
C THR H 741 33.06 -34.97 -48.06
N GLU H 742 33.93 -35.94 -48.31
CA GLU H 742 33.82 -36.72 -49.53
C GLU H 742 32.54 -37.56 -49.55
N HIS H 743 32.21 -38.18 -48.41
CA HIS H 743 31.07 -39.10 -48.38
C HIS H 743 29.75 -38.36 -48.61
N MET H 744 29.56 -37.23 -47.92
CA MET H 744 28.34 -36.45 -48.08
C MET H 744 28.22 -35.89 -49.48
N TYR H 745 29.33 -35.42 -50.05
CA TYR H 745 29.32 -34.90 -51.41
C TYR H 745 28.98 -35.98 -52.42
N LEU H 746 29.59 -37.16 -52.28
CA LEU H 746 29.41 -38.21 -53.29
C LEU H 746 28.04 -38.84 -53.19
N ASN H 747 27.57 -39.14 -51.98
CA ASN H 747 26.32 -39.87 -51.81
C ASN H 747 25.12 -39.07 -52.31
N LEU H 748 25.06 -37.77 -51.99
CA LEU H 748 23.88 -36.99 -52.33
C LEU H 748 23.70 -36.82 -53.83
N GLN H 749 24.76 -37.00 -54.62
CA GLN H 749 24.68 -36.85 -56.06
C GLN H 749 24.23 -38.12 -56.77
N THR H 750 24.10 -39.23 -56.04
CA THR H 750 23.70 -40.47 -56.67
C THR H 750 22.27 -40.37 -57.18
N PRO H 751 21.95 -41.00 -58.31
CA PRO H 751 20.62 -40.87 -58.91
C PRO H 751 19.54 -41.69 -58.25
N ARG H 752 19.80 -42.30 -57.10
CA ARG H 752 18.80 -43.06 -56.36
C ARG H 752 18.10 -42.09 -55.39
N ASN H 753 17.30 -41.22 -55.96
CA ASN H 753 16.54 -40.24 -55.17
C ASN H 753 15.16 -40.78 -54.85
N TYR H 754 14.43 -40.01 -54.06
CA TYR H 754 13.03 -40.28 -53.76
C TYR H 754 12.16 -39.16 -54.33
N ALA H 755 10.88 -39.48 -54.50
CA ALA H 755 9.93 -38.52 -55.01
C ALA H 755 8.84 -38.29 -53.99
N ILE H 756 7.88 -37.45 -54.36
CA ILE H 756 6.69 -37.18 -53.56
C ILE H 756 5.48 -37.49 -54.43
N LEU H 757 4.59 -38.33 -53.91
CA LEU H 757 3.52 -38.91 -54.71
C LEU H 757 2.19 -38.27 -54.35
N LEU H 758 1.52 -37.69 -55.34
CA LEU H 758 0.26 -37.00 -55.14
C LEU H 758 -0.72 -37.37 -56.25
N ARG H 759 -2.01 -37.25 -55.93
CA ARG H 759 -3.01 -37.17 -56.98
C ARG H 759 -3.01 -35.80 -57.63
N ASN H 760 -2.77 -34.76 -56.84
CA ASN H 760 -2.84 -33.39 -57.31
C ASN H 760 -1.52 -32.97 -57.93
N LYS H 761 -1.59 -31.99 -58.82
CA LYS H 761 -0.44 -31.54 -59.60
C LYS H 761 0.18 -30.32 -58.92
N LEU H 762 1.49 -30.37 -58.71
CA LEU H 762 2.22 -29.29 -58.07
C LEU H 762 2.55 -28.18 -59.07
N PRO H 763 2.62 -26.94 -58.61
CA PRO H 763 3.16 -25.86 -59.43
C PRO H 763 4.68 -25.88 -59.40
N ARG H 764 5.29 -24.99 -60.17
CA ARG H 764 6.73 -24.85 -60.15
C ARG H 764 7.18 -24.27 -58.81
N LEU H 765 8.21 -24.87 -58.23
CA LEU H 765 8.69 -24.52 -56.91
C LEU H 765 10.10 -23.96 -56.98
N ALA H 766 10.36 -22.95 -56.17
CA ALA H 766 11.67 -22.31 -56.14
C ALA H 766 12.71 -23.24 -55.53
N GLU H 767 13.92 -23.20 -56.09
CA GLU H 767 15.02 -23.94 -55.51
C GLU H 767 15.33 -23.40 -54.11
N MET H 768 15.63 -24.31 -53.19
CA MET H 768 15.64 -24.03 -51.77
C MET H 768 16.98 -24.40 -51.15
N PRO H 769 17.48 -23.60 -50.20
CA PRO H 769 18.76 -23.91 -49.56
C PRO H 769 18.62 -24.65 -48.25
N LEU H 770 19.52 -25.62 -48.04
CA LEU H 770 19.63 -26.34 -46.78
C LEU H 770 21.08 -26.30 -46.32
N PHE H 771 21.28 -26.30 -45.01
CA PHE H 771 22.61 -26.18 -44.41
C PHE H 771 22.92 -27.44 -43.62
N SER H 772 23.66 -28.35 -44.25
CA SER H 772 24.14 -29.53 -43.55
C SER H 772 25.43 -29.20 -42.79
N ASN H 773 25.90 -30.18 -42.01
CA ASN H 773 27.16 -30.00 -41.28
C ASN H 773 28.35 -29.88 -42.20
N GLN H 774 28.24 -30.38 -43.44
CA GLN H 774 29.34 -30.28 -44.40
C GLN H 774 29.31 -28.99 -45.20
N GLY H 775 28.19 -28.28 -45.21
CA GLY H 775 28.08 -27.04 -45.96
C GLY H 775 26.64 -26.80 -46.38
N LYS H 776 26.51 -26.04 -47.46
CA LYS H 776 25.21 -25.65 -48.00
C LYS H 776 24.73 -26.66 -49.03
N LEU H 777 23.41 -26.78 -49.14
CA LEU H 777 22.79 -27.69 -50.08
C LEU H 777 21.77 -26.93 -50.93
N HIS H 778 21.57 -27.41 -52.14
CA HIS H 778 20.54 -26.89 -53.03
C HIS H 778 19.56 -28.01 -53.34
N VAL H 779 18.27 -27.75 -53.11
CA VAL H 779 17.22 -28.74 -53.31
C VAL H 779 16.24 -28.19 -54.33
N ARG H 780 15.95 -28.98 -55.36
CA ARG H 780 14.99 -28.60 -56.38
C ARG H 780 14.00 -29.74 -56.59
N VAL H 781 12.77 -29.38 -56.91
CA VAL H 781 11.73 -30.34 -57.22
C VAL H 781 11.51 -30.32 -58.73
N ALA H 782 11.53 -31.49 -59.35
CA ALA H 782 11.41 -31.57 -60.80
C ALA H 782 10.08 -30.98 -61.25
N ASN H 783 10.13 -30.12 -62.27
CA ASN H 783 8.91 -29.50 -62.79
C ASN H 783 8.07 -30.49 -63.57
N ALA H 784 8.70 -31.48 -64.20
CA ALA H 784 7.96 -32.48 -64.96
C ALA H 784 7.69 -33.69 -64.08
N PRO H 785 6.44 -33.97 -63.73
CA PRO H 785 6.15 -35.11 -62.85
C PRO H 785 6.32 -36.44 -63.56
N LEU H 786 6.50 -37.48 -62.74
CA LEU H 786 6.46 -38.86 -63.21
C LEU H 786 5.02 -39.34 -63.10
N GLU H 787 4.44 -39.75 -64.22
CA GLU H 787 3.05 -40.17 -64.25
C GLU H 787 2.99 -41.70 -64.24
N VAL H 788 2.38 -42.26 -63.20
CA VAL H 788 2.20 -43.69 -63.05
C VAL H 788 0.78 -43.96 -62.58
N ILE H 789 0.39 -45.24 -62.64
CA ILE H 789 -0.92 -45.68 -62.20
C ILE H 789 -0.72 -46.86 -61.25
N ILE H 790 -1.44 -46.85 -60.14
CA ILE H 790 -1.40 -47.95 -59.17
C ILE H 790 -2.55 -48.90 -59.48
N GLN H 791 -2.21 -50.14 -59.84
CA GLN H 791 -3.18 -51.11 -60.30
C GLN H 791 -3.39 -52.24 -59.31
N ASN H 792 -2.86 -52.11 -58.10
CA ASN H 792 -3.00 -53.15 -57.08
C ASN H 792 -3.22 -52.48 -55.73
N SER H 793 -4.24 -52.93 -55.01
CA SER H 793 -4.45 -52.43 -53.66
C SER H 793 -3.29 -52.79 -52.76
N GLU H 794 -2.74 -53.99 -52.92
CA GLU H 794 -1.58 -54.40 -52.14
C GLU H 794 -0.36 -53.55 -52.49
N GLN H 795 -0.26 -53.12 -53.75
CA GLN H 795 0.83 -52.24 -54.14
C GLN H 795 0.74 -50.90 -53.40
N LEU H 796 -0.46 -50.32 -53.35
CA LEU H 796 -0.67 -49.10 -52.59
C LEU H 796 -0.40 -49.32 -51.11
N GLU H 797 -0.79 -50.48 -50.59
CA GLU H 797 -0.52 -50.79 -49.19
C GLU H 797 0.97 -50.84 -48.93
N LEU H 798 1.73 -51.45 -49.84
CA LEU H 798 3.18 -51.51 -49.70
C LEU H 798 3.78 -50.11 -49.72
N LEU H 799 3.32 -49.26 -50.65
CA LEU H 799 3.81 -47.89 -50.72
C LEU H 799 3.57 -47.16 -49.41
N HIS H 800 2.34 -47.24 -48.89
CA HIS H 800 2.00 -46.47 -47.71
C HIS H 800 2.68 -47.04 -46.47
N GLN H 801 2.89 -48.36 -46.46
CA GLN H 801 3.63 -48.99 -45.36
C GLN H 801 5.08 -48.52 -45.34
N PHE H 802 5.71 -48.42 -46.51
CA PHE H 802 7.07 -47.90 -46.56
C PHE H 802 7.11 -46.44 -46.12
N HIS H 803 6.11 -45.66 -46.53
CA HIS H 803 6.04 -44.27 -46.11
C HIS H 803 5.96 -44.16 -44.59
N GLY H 804 5.12 -44.97 -43.97
CA GLY H 804 5.05 -44.99 -42.52
C GLY H 804 6.33 -45.49 -41.88
N MET H 805 6.99 -46.45 -42.53
CA MET H 805 8.22 -47.01 -41.99
C MET H 805 9.32 -45.97 -41.91
N VAL H 806 9.43 -45.12 -42.93
CA VAL H 806 10.49 -44.12 -42.94
C VAL H 806 10.42 -43.25 -41.69
N PHE H 807 9.23 -42.74 -41.38
CA PHE H 807 9.06 -41.89 -40.21
C PHE H 807 9.16 -42.68 -38.92
N ARG H 808 8.66 -43.92 -38.91
CA ARG H 808 8.64 -44.71 -37.68
C ARG H 808 10.05 -45.11 -37.27
N ASP H 809 10.91 -45.43 -38.22
CA ASP H 809 12.21 -46.02 -37.94
C ASP H 809 13.39 -45.16 -38.34
N ILE H 810 13.44 -44.70 -39.59
CA ILE H 810 14.64 -44.02 -40.07
C ILE H 810 14.77 -42.65 -39.40
N LEU H 811 13.65 -41.92 -39.29
CA LEU H 811 13.67 -40.58 -38.71
C LEU H 811 13.16 -40.56 -37.27
N LYS H 812 12.50 -41.62 -36.82
CA LYS H 812 12.02 -41.73 -35.43
C LYS H 812 11.13 -40.55 -35.05
N ILE H 813 10.30 -40.11 -36.01
CA ILE H 813 9.31 -39.08 -35.72
C ILE H 813 8.07 -39.65 -35.05
N TRP H 814 7.96 -40.97 -34.99
CA TRP H 814 6.74 -41.64 -34.56
C TRP H 814 6.39 -41.29 -33.11
N HIS H 815 5.11 -41.38 -32.81
CA HIS H 815 4.55 -41.18 -31.48
C HIS H 815 3.66 -42.37 -31.15
N PRO H 816 3.43 -42.65 -29.86
CA PRO H 816 2.62 -43.83 -29.52
C PRO H 816 1.25 -43.83 -30.14
N PHE H 817 0.63 -42.66 -30.30
CA PHE H 817 -0.74 -42.59 -30.78
C PHE H 817 -0.86 -42.41 -32.29
N PHE H 818 0.24 -42.24 -33.01
CA PHE H 818 0.14 -42.09 -34.46
C PHE H 818 -0.44 -43.33 -35.13
N VAL H 819 -1.20 -43.09 -36.18
CA VAL H 819 -1.83 -44.14 -36.98
C VAL H 819 -1.60 -43.80 -38.45
N LEU H 820 -1.35 -44.84 -39.25
CA LEU H 820 -1.31 -44.65 -40.69
C LEU H 820 -2.68 -44.20 -41.18
N ASP H 821 -2.70 -43.08 -41.90
CA ASP H 821 -3.94 -42.37 -42.25
C ASP H 821 -4.32 -42.73 -43.68
N ARG H 822 -5.55 -43.24 -43.84
CA ARG H 822 -6.10 -43.54 -45.15
C ARG H 822 -7.30 -42.67 -45.48
N ARG H 823 -7.58 -41.66 -44.65
CA ARG H 823 -8.80 -40.88 -44.81
C ARG H 823 -8.82 -40.07 -46.09
N SER H 824 -7.68 -39.84 -46.72
CA SER H 824 -7.57 -39.01 -47.92
C SER H 824 -8.17 -37.62 -47.67
N LYS H 825 -7.52 -36.91 -46.75
CA LYS H 825 -8.00 -35.61 -46.28
C LYS H 825 -6.75 -34.74 -46.12
N GLU H 826 -6.86 -33.66 -45.34
CA GLU H 826 -5.79 -32.66 -45.24
C GLU H 826 -4.42 -33.31 -45.06
N ASN H 827 -3.44 -32.76 -45.79
CA ASN H 827 -2.03 -33.14 -45.64
C ASN H 827 -1.81 -34.64 -45.82
N SER H 828 -2.30 -35.18 -46.94
CA SER H 828 -2.21 -36.62 -47.21
C SER H 828 -1.51 -36.84 -48.55
N TYR H 829 -0.22 -37.16 -48.50
CA TYR H 829 0.56 -37.49 -49.68
C TYR H 829 1.63 -38.48 -49.27
N LEU H 830 2.26 -39.11 -50.26
CA LEU H 830 3.21 -40.19 -50.00
C LEU H 830 4.60 -39.81 -50.48
N VAL H 831 5.58 -40.58 -49.99
CA VAL H 831 6.98 -40.44 -50.37
C VAL H 831 7.48 -41.80 -50.81
N VAL H 832 8.06 -41.87 -52.01
CA VAL H 832 8.46 -43.15 -52.60
C VAL H 832 9.89 -43.08 -53.11
N PRO H 833 10.71 -44.11 -52.91
CA PRO H 833 12.04 -44.14 -53.50
C PRO H 833 11.98 -44.51 -54.98
N LEU H 834 13.03 -44.11 -55.70
CA LEU H 834 13.12 -44.31 -57.14
C LEU H 834 14.47 -44.92 -57.51
N ILE H 835 14.47 -45.69 -58.60
CA ILE H 835 15.66 -46.32 -59.14
C ILE H 835 15.60 -46.22 -60.65
N LEU H 836 16.77 -46.23 -61.29
CA LEU H 836 16.84 -46.18 -62.74
C LEU H 836 16.27 -47.47 -63.35
N GLY H 837 15.48 -47.31 -64.41
CA GLY H 837 14.91 -48.45 -65.11
C GLY H 837 15.46 -48.61 -66.51
N ALA H 838 14.59 -48.49 -67.50
CA ALA H 838 14.98 -48.60 -68.91
C ALA H 838 15.13 -47.20 -69.49
N GLY H 839 16.31 -46.91 -70.03
CA GLY H 839 16.57 -45.58 -70.52
C GLY H 839 16.78 -44.61 -69.36
N GLU H 840 16.58 -43.31 -69.65
CA GLU H 840 16.74 -42.30 -68.61
C GLU H 840 15.54 -42.24 -67.68
N GLN H 841 14.45 -42.93 -68.01
CA GLN H 841 13.26 -42.90 -67.19
C GLN H 841 13.51 -43.58 -65.84
N LYS H 842 12.80 -43.13 -64.82
CA LYS H 842 12.88 -43.72 -63.49
C LYS H 842 11.55 -44.37 -63.14
N CYS H 843 11.57 -45.20 -62.10
CA CYS H 843 10.40 -45.97 -61.71
C CYS H 843 10.38 -46.12 -60.19
N PHE H 844 9.27 -46.67 -59.70
CA PHE H 844 9.20 -47.02 -58.29
C PHE H 844 10.15 -48.15 -57.98
N ASP H 845 10.75 -48.09 -56.79
CA ASP H 845 11.75 -49.07 -56.37
C ASP H 845 11.02 -50.09 -55.51
N TRP H 846 10.35 -51.04 -56.17
CA TRP H 846 9.46 -51.98 -55.48
C TRP H 846 10.22 -52.92 -54.55
N GLU H 847 11.45 -53.31 -54.91
CA GLU H 847 12.13 -54.35 -54.14
C GLU H 847 12.43 -53.88 -52.72
N LEU H 848 12.90 -52.64 -52.56
CA LEU H 848 13.20 -52.14 -51.22
C LEU H 848 11.93 -52.04 -50.38
N MET H 849 10.82 -51.60 -50.98
CA MET H 849 9.59 -51.46 -50.22
C MET H 849 8.99 -52.81 -49.84
N THR H 850 9.12 -53.81 -50.72
CA THR H 850 8.66 -55.14 -50.34
C THR H 850 9.62 -55.84 -49.39
N ASN H 851 10.86 -55.35 -49.28
CA ASN H 851 11.79 -55.88 -48.30
C ASN H 851 11.72 -55.15 -46.97
N PHE H 852 11.78 -53.81 -46.99
CA PHE H 852 11.82 -53.03 -45.77
C PHE H 852 10.44 -52.48 -45.41
N ARG H 853 9.59 -53.40 -44.95
CA ARG H 853 8.35 -52.97 -44.31
C ARG H 853 8.60 -52.43 -42.91
N ARG H 854 9.57 -52.99 -42.20
CA ARG H 854 10.05 -52.46 -40.94
C ARG H 854 11.57 -52.63 -40.93
N LEU H 855 12.26 -51.73 -40.24
CA LEU H 855 13.71 -51.91 -40.09
C LEU H 855 13.99 -53.11 -39.19
N PRO H 856 14.85 -54.02 -39.60
CA PRO H 856 15.23 -55.12 -38.71
C PRO H 856 15.90 -54.59 -37.46
N GLN H 857 15.59 -55.21 -36.33
CA GLN H 857 16.18 -54.80 -35.07
C GLN H 857 17.62 -55.31 -34.99
N SER H 858 18.53 -54.44 -34.60
CA SER H 858 19.94 -54.81 -34.52
C SER H 858 20.15 -55.76 -33.35
N HIS H 859 20.59 -56.97 -33.65
CA HIS H 859 20.89 -57.98 -32.63
C HIS H 859 22.28 -58.54 -32.87
N GLY H 860 23.02 -58.73 -31.80
CA GLY H 860 24.37 -59.25 -31.92
C GLY H 860 24.39 -60.75 -32.16
N SER H 861 25.58 -61.23 -32.51
CA SER H 861 25.81 -62.65 -32.74
C SER H 861 26.93 -63.13 -31.82
N ASN H 862 26.67 -64.23 -31.13
CA ASN H 862 27.69 -64.87 -30.31
C ASN H 862 28.57 -65.77 -31.18
N VAL H 863 29.68 -66.21 -30.61
CA VAL H 863 30.65 -67.00 -31.37
C VAL H 863 30.01 -68.27 -31.92
N GLN H 864 29.15 -68.91 -31.13
CA GLN H 864 28.54 -70.17 -31.56
C GLN H 864 27.72 -69.98 -32.83
N GLN H 865 26.80 -69.01 -32.85
CA GLN H 865 25.98 -68.82 -34.03
C GLN H 865 26.72 -68.05 -35.13
N ARG H 866 27.79 -67.33 -34.80
CA ARG H 866 28.60 -66.68 -35.82
C ARG H 866 29.38 -67.68 -36.64
N GLU H 867 29.62 -68.88 -36.11
CA GLU H 867 30.48 -69.85 -36.79
C GLU H 867 29.86 -70.31 -38.11
N GLN H 868 28.58 -70.67 -38.11
CA GLN H 868 27.98 -71.19 -39.34
C GLN H 868 27.30 -70.11 -40.16
N GLN H 869 27.28 -68.86 -39.71
CA GLN H 869 26.80 -67.79 -40.56
C GLN H 869 27.77 -67.61 -41.74
N PRO H 870 27.24 -67.41 -42.95
CA PRO H 870 28.09 -67.35 -44.13
C PRO H 870 29.09 -66.22 -44.07
N ALA H 871 30.25 -66.44 -44.69
CA ALA H 871 31.31 -65.46 -44.67
C ALA H 871 30.83 -64.15 -45.31
N PRO H 872 31.00 -63.02 -44.62
CA PRO H 872 30.56 -61.75 -45.21
C PRO H 872 31.29 -61.46 -46.50
N ARG H 873 30.55 -60.90 -47.46
CA ARG H 873 31.09 -60.55 -48.75
C ARG H 873 31.19 -59.03 -48.89
N PRO H 874 32.27 -58.52 -49.47
CA PRO H 874 32.42 -57.06 -49.56
C PRO H 874 31.29 -56.39 -50.31
N GLU H 875 30.74 -57.04 -51.33
CA GLU H 875 29.59 -56.47 -52.04
C GLU H 875 28.39 -56.32 -51.13
N ASP H 876 28.27 -57.16 -50.10
CA ASP H 876 27.15 -57.05 -49.17
C ASP H 876 27.30 -55.91 -48.18
N PHE H 877 28.48 -55.29 -48.10
CA PHE H 877 28.73 -54.18 -47.20
C PHE H 877 28.97 -52.85 -47.89
N GLU H 878 29.19 -52.87 -49.20
CA GLU H 878 29.56 -51.65 -49.91
C GLU H 878 28.35 -50.72 -50.06
N GLY H 879 28.47 -49.50 -49.54
CA GLY H 879 27.40 -48.54 -49.64
C GLY H 879 26.17 -48.86 -48.82
N LYS H 880 26.33 -49.61 -47.73
CA LYS H 880 25.21 -49.98 -46.89
C LYS H 880 25.32 -49.32 -45.53
N ILE H 881 24.35 -49.62 -44.66
CA ILE H 881 24.29 -49.08 -43.32
C ILE H 881 24.59 -50.20 -42.33
N VAL H 882 25.54 -49.94 -41.43
CA VAL H 882 25.95 -50.89 -40.40
C VAL H 882 25.89 -50.20 -39.05
N THR H 883 26.00 -50.99 -37.99
CA THR H 883 25.95 -50.45 -36.64
C THR H 883 26.71 -51.36 -35.69
N GLN H 884 27.33 -50.74 -34.69
CA GLN H 884 28.08 -51.45 -33.66
C GLN H 884 27.11 -51.89 -32.56
N TRP H 885 26.74 -53.16 -32.54
CA TRP H 885 25.84 -53.65 -31.51
C TRP H 885 26.55 -53.94 -30.20
N TYR H 886 27.88 -54.06 -30.22
CA TYR H 886 28.61 -54.37 -29.00
C TYR H 886 29.01 -53.13 -28.21
N ALA H 887 29.16 -51.99 -28.87
CA ALA H 887 29.53 -50.77 -28.19
C ALA H 887 28.31 -50.13 -27.53
N ASN H 888 28.58 -49.28 -26.54
CA ASN H 888 27.52 -48.49 -25.94
C ASN H 888 26.94 -47.45 -26.89
N TYR H 889 27.62 -47.20 -28.01
CA TYR H 889 27.12 -46.32 -29.06
C TYR H 889 26.28 -47.17 -30.01
N ASP H 890 24.97 -47.22 -29.78
CA ASP H 890 24.07 -48.07 -30.55
C ASP H 890 23.46 -47.31 -31.74
N LYS H 891 23.99 -46.14 -32.05
CA LYS H 891 23.49 -45.38 -33.17
C LYS H 891 23.86 -46.05 -34.49
N PRO H 892 22.97 -45.99 -35.48
CA PRO H 892 23.33 -46.47 -36.82
C PRO H 892 24.31 -45.53 -37.49
N MET H 893 25.05 -46.06 -38.45
CA MET H 893 26.12 -45.31 -39.08
C MET H 893 26.38 -45.86 -40.48
N LEU H 894 27.10 -45.09 -41.28
CA LEU H 894 27.29 -45.38 -42.69
C LEU H 894 28.72 -45.81 -42.95
N VAL H 895 28.88 -46.95 -43.62
CA VAL H 895 30.19 -47.41 -44.06
C VAL H 895 30.47 -46.79 -45.42
N THR H 896 31.66 -46.20 -45.58
CA THR H 896 32.00 -45.51 -46.82
C THR H 896 32.72 -46.43 -47.80
N LYS H 897 33.70 -47.19 -47.33
CA LYS H 897 34.46 -48.05 -48.23
C LYS H 897 34.94 -49.27 -47.46
N VAL H 898 35.26 -50.32 -48.21
CA VAL H 898 35.78 -51.57 -47.65
C VAL H 898 37.25 -51.70 -48.03
N HIS H 899 38.07 -52.10 -47.06
CA HIS H 899 39.52 -52.19 -47.25
C HIS H 899 39.88 -53.66 -47.44
N ARG H 900 39.86 -54.10 -48.70
CA ARG H 900 40.19 -55.48 -49.02
C ARG H 900 41.63 -55.81 -48.62
N GLU H 901 42.56 -54.90 -48.87
CA GLU H 901 43.95 -55.11 -48.48
C GLU H 901 44.14 -55.11 -46.97
N LEU H 902 43.23 -54.49 -46.22
CA LEU H 902 43.29 -54.53 -44.77
C LEU H 902 42.75 -55.86 -44.25
N THR H 903 43.13 -56.16 -43.01
CA THR H 903 42.70 -57.38 -42.34
C THR H 903 42.96 -57.22 -40.85
N PRO H 904 42.22 -57.93 -40.00
CA PRO H 904 42.52 -57.90 -38.56
C PRO H 904 43.97 -58.32 -38.31
N LEU H 905 44.47 -57.95 -37.13
CA LEU H 905 45.85 -58.04 -36.69
C LEU H 905 46.74 -56.99 -37.34
N SER H 906 46.18 -56.05 -38.09
CA SER H 906 46.96 -54.98 -38.68
C SER H 906 47.18 -53.86 -37.67
N TYR H 907 48.37 -53.26 -37.73
CA TYR H 907 48.74 -52.18 -36.82
C TYR H 907 47.92 -50.94 -37.09
N MET H 908 47.47 -50.29 -36.02
CA MET H 908 46.75 -49.03 -36.16
C MET H 908 47.68 -47.94 -36.68
N GLU H 909 47.18 -47.18 -37.66
CA GLU H 909 48.03 -46.28 -38.41
C GLU H 909 48.58 -45.14 -37.55
N LYS H 910 47.72 -44.54 -36.72
CA LYS H 910 48.09 -43.34 -35.99
C LYS H 910 48.10 -43.60 -34.49
N ASN H 911 49.24 -43.34 -33.85
CA ASN H 911 49.39 -43.28 -32.41
C ASN H 911 49.23 -44.63 -31.72
N GLN H 912 48.86 -45.66 -32.48
CA GLN H 912 48.62 -46.98 -31.89
C GLN H 912 49.28 -48.09 -32.71
N GLN H 913 50.49 -47.84 -33.21
CA GLN H 913 51.16 -48.82 -34.07
C GLN H 913 51.44 -50.14 -33.35
N ASP H 914 51.63 -50.10 -32.03
CA ASP H 914 51.84 -51.33 -31.26
C ASP H 914 50.55 -52.08 -30.99
N LYS H 915 49.40 -51.50 -31.31
CA LYS H 915 48.10 -52.08 -31.02
C LYS H 915 47.42 -52.45 -32.33
N THR H 916 46.85 -53.65 -32.38
CA THR H 916 46.15 -54.12 -33.56
C THR H 916 44.65 -54.10 -33.33
N TYR H 917 43.90 -54.18 -34.43
CA TYR H 917 42.44 -54.15 -34.34
C TYR H 917 41.93 -55.33 -33.53
N TYR H 918 42.50 -56.52 -33.76
CA TYR H 918 41.99 -57.72 -33.09
C TYR H 918 42.20 -57.65 -31.58
N GLU H 919 43.42 -57.39 -31.13
CA GLU H 919 43.67 -57.40 -29.70
C GLU H 919 42.99 -56.22 -29.01
N PHE H 920 42.89 -55.08 -29.69
CA PHE H 920 42.17 -53.95 -29.11
C PHE H 920 40.70 -54.29 -28.96
N THR H 921 40.11 -54.98 -29.95
CA THR H 921 38.73 -55.39 -29.83
C THR H 921 38.53 -56.37 -28.67
N MET H 922 39.45 -57.33 -28.50
CA MET H 922 39.34 -58.25 -27.38
C MET H 922 39.52 -57.54 -26.04
N SER H 923 40.44 -56.57 -25.97
CA SER H 923 40.70 -55.90 -24.71
C SER H 923 39.60 -54.91 -24.36
N LYS H 924 38.83 -54.46 -25.35
CA LYS H 924 37.76 -53.49 -25.09
C LYS H 924 36.40 -54.15 -24.92
N TYR H 925 36.03 -55.09 -25.80
CA TYR H 925 34.75 -55.77 -25.71
C TYR H 925 34.88 -57.27 -25.93
N GLY H 926 36.06 -57.84 -25.65
CA GLY H 926 36.26 -59.27 -25.88
C GLY H 926 35.40 -60.13 -24.98
N ASN H 927 35.18 -59.69 -23.73
CA ASN H 927 34.27 -60.40 -22.85
C ASN H 927 32.83 -60.33 -23.33
N ARG H 928 32.54 -59.45 -24.29
CA ARG H 928 31.20 -59.31 -24.83
C ARG H 928 31.04 -60.06 -26.16
N ILE H 929 32.11 -60.16 -26.93
CA ILE H 929 32.05 -60.86 -28.20
C ILE H 929 32.62 -62.28 -28.14
N GLY H 930 33.48 -62.56 -27.16
CA GLY H 930 34.10 -63.87 -27.06
C GLY H 930 35.28 -64.03 -28.00
N ASP H 931 35.03 -64.02 -29.30
CA ASP H 931 36.07 -64.24 -30.29
C ASP H 931 35.63 -63.63 -31.61
N VAL H 932 36.56 -63.61 -32.57
CA VAL H 932 36.31 -63.09 -33.91
C VAL H 932 36.54 -64.20 -34.92
N VAL H 933 35.60 -64.38 -35.83
CA VAL H 933 35.67 -65.41 -36.85
C VAL H 933 35.99 -64.74 -38.18
N HIS H 934 36.56 -65.53 -39.11
CA HIS H 934 37.07 -65.01 -40.38
C HIS H 934 38.11 -63.92 -40.14
N LYS H 935 39.21 -64.31 -39.47
CA LYS H 935 40.20 -63.35 -39.02
C LYS H 935 41.03 -62.77 -40.16
N ASP H 936 41.09 -63.44 -41.31
CA ASP H 936 41.89 -62.98 -42.43
C ASP H 936 41.10 -62.22 -43.48
N LYS H 937 39.81 -62.01 -43.28
CA LYS H 937 38.95 -61.40 -44.29
C LYS H 937 39.12 -59.88 -44.25
N PHE H 938 38.33 -59.19 -45.08
CA PHE H 938 38.44 -57.75 -45.22
C PHE H 938 37.89 -57.04 -43.99
N MET H 939 37.96 -55.71 -44.01
CA MET H 939 37.41 -54.87 -42.96
C MET H 939 36.78 -53.64 -43.60
N ILE H 940 36.08 -52.86 -42.79
CA ILE H 940 35.30 -51.74 -43.29
C ILE H 940 35.70 -50.46 -42.56
N GLU H 941 35.50 -49.33 -43.24
CA GLU H 941 35.71 -48.01 -42.65
C GLU H 941 34.39 -47.26 -42.69
N VAL H 942 33.99 -46.72 -41.54
CA VAL H 942 32.66 -46.15 -41.37
C VAL H 942 32.77 -44.69 -40.98
N ARG H 943 31.72 -43.93 -41.27
CA ARG H 943 31.60 -42.54 -40.86
C ARG H 943 30.24 -42.33 -40.22
N ASP H 944 30.18 -41.40 -39.27
CA ASP H 944 28.96 -41.20 -38.50
C ASP H 944 28.02 -40.22 -39.20
N LEU H 945 26.75 -40.30 -38.82
CA LEU H 945 25.71 -39.43 -39.34
C LEU H 945 25.31 -38.43 -38.26
N THR H 946 24.79 -37.29 -38.70
CA THR H 946 24.27 -36.32 -37.76
C THR H 946 22.97 -36.82 -37.14
N GLU H 947 22.69 -36.34 -35.93
CA GLU H 947 21.45 -36.68 -35.24
C GLU H 947 20.37 -35.61 -35.42
N GLN H 948 20.67 -34.53 -36.13
CA GLN H 948 19.77 -33.40 -36.26
C GLN H 948 18.69 -33.68 -37.30
N LEU H 949 17.61 -32.89 -37.23
CA LEU H 949 16.53 -32.98 -38.19
C LEU H 949 16.11 -31.63 -38.75
N THR H 950 16.62 -30.52 -38.25
CA THR H 950 16.35 -29.18 -38.76
C THR H 950 17.67 -28.61 -39.29
N PHE H 951 17.70 -28.31 -40.59
CA PHE H 951 18.91 -27.85 -41.26
C PHE H 951 18.77 -26.45 -41.84
N TYR H 952 17.82 -25.67 -41.33
CA TYR H 952 17.58 -24.34 -41.87
C TYR H 952 18.61 -23.33 -41.42
N VAL H 953 19.14 -23.45 -40.21
CA VAL H 953 20.07 -22.48 -39.66
C VAL H 953 21.49 -22.94 -39.92
N HIS H 954 22.40 -21.98 -40.08
CA HIS H 954 23.80 -22.29 -40.23
C HIS H 954 24.37 -22.79 -38.91
N ASN H 955 25.12 -23.88 -38.98
CA ASN H 955 25.82 -24.41 -37.80
C ASN H 955 27.20 -23.75 -37.76
N ARG H 956 27.23 -22.50 -37.34
CA ARG H 956 28.48 -21.75 -37.23
C ARG H 956 29.23 -22.17 -35.99
N GLY H 957 30.51 -22.48 -36.15
CA GLY H 957 31.33 -22.87 -35.01
C GLY H 957 32.73 -23.23 -35.46
N LYS H 958 33.62 -23.34 -34.48
CA LYS H 958 35.02 -23.71 -34.73
C LYS H 958 35.15 -25.22 -34.61
N PHE H 959 34.91 -25.89 -35.74
CA PHE H 959 34.87 -27.35 -35.77
C PHE H 959 36.26 -27.98 -35.73
N ASN H 960 37.29 -27.29 -36.22
CA ASN H 960 38.63 -27.86 -36.40
C ASN H 960 38.54 -29.13 -37.25
N ALA H 961 38.19 -28.91 -38.53
CA ALA H 961 37.80 -29.99 -39.43
C ALA H 961 38.87 -31.07 -39.53
N LYS H 962 40.15 -30.69 -39.49
CA LYS H 962 41.20 -31.71 -39.55
C LYS H 962 41.14 -32.62 -38.33
N SER H 963 40.93 -32.05 -37.13
CA SER H 963 40.78 -32.86 -35.94
C SER H 963 39.49 -33.68 -36.01
N LYS H 964 38.43 -33.12 -36.58
CA LYS H 964 37.18 -33.86 -36.73
C LYS H 964 37.37 -35.09 -37.60
N ALA H 965 38.09 -34.93 -38.71
CA ALA H 965 38.38 -36.07 -39.59
C ALA H 965 39.48 -36.95 -39.05
N LYS H 966 40.16 -36.52 -37.98
CA LYS H 966 41.25 -37.31 -37.41
C LYS H 966 40.74 -38.66 -36.89
N MET H 967 39.57 -38.68 -36.26
CA MET H 967 39.06 -39.94 -35.74
C MET H 967 38.51 -40.82 -36.86
N LYS H 968 39.40 -41.53 -37.56
CA LYS H 968 38.99 -42.51 -38.54
C LYS H 968 38.70 -43.84 -37.84
N VAL H 969 37.59 -44.47 -38.23
CA VAL H 969 37.10 -45.67 -37.55
C VAL H 969 37.22 -46.85 -38.49
N ILE H 970 37.90 -47.90 -38.05
CA ILE H 970 38.07 -49.13 -38.81
C ILE H 970 37.43 -50.26 -38.01
N LEU H 971 36.54 -51.01 -38.66
CA LEU H 971 35.67 -51.95 -37.97
C LEU H 971 35.76 -53.34 -38.58
N ILE H 972 35.55 -54.34 -37.74
CA ILE H 972 35.48 -55.74 -38.15
C ILE H 972 34.07 -56.02 -38.68
N PRO H 973 33.94 -56.58 -39.88
CA PRO H 973 32.59 -56.69 -40.47
C PRO H 973 31.64 -57.57 -39.68
N GLU H 974 32.07 -58.77 -39.26
CA GLU H 974 31.16 -59.68 -38.58
C GLU H 974 30.73 -59.17 -37.21
N LEU H 975 31.38 -58.15 -36.66
CA LEU H 975 31.07 -57.64 -35.34
C LEU H 975 30.02 -56.54 -35.36
N CYS H 976 29.57 -56.12 -36.54
CA CYS H 976 28.60 -55.03 -36.66
C CYS H 976 27.40 -55.48 -37.49
N PHE H 977 26.21 -55.22 -36.96
CA PHE H 977 24.97 -55.63 -37.61
C PHE H 977 24.79 -54.81 -38.88
N ASN H 978 24.39 -55.48 -39.96
CA ASN H 978 24.28 -54.87 -41.28
C ASN H 978 22.83 -54.88 -41.73
N PHE H 979 22.29 -53.69 -41.98
CA PHE H 979 21.03 -53.58 -42.69
C PHE H 979 21.27 -53.73 -44.19
N ASN H 980 20.21 -54.06 -44.92
CA ASN H 980 20.29 -54.11 -46.38
C ASN H 980 19.91 -52.78 -47.02
N PHE H 981 19.67 -51.75 -46.22
CA PHE H 981 19.14 -50.49 -46.70
C PHE H 981 20.28 -49.60 -47.21
N PRO H 982 20.15 -49.03 -48.39
CA PRO H 982 21.26 -48.24 -48.97
C PRO H 982 21.55 -46.99 -48.14
N GLY H 983 22.83 -46.63 -48.12
CA GLY H 983 23.30 -45.54 -47.29
C GLY H 983 23.04 -44.15 -47.86
N ASP H 984 23.21 -44.02 -49.18
CA ASP H 984 22.93 -42.74 -49.82
C ASP H 984 21.46 -42.35 -49.67
N LEU H 985 20.56 -43.33 -49.79
CA LEU H 985 19.14 -43.03 -49.60
C LEU H 985 18.84 -42.68 -48.14
N TRP H 986 19.55 -43.29 -47.19
CA TRP H 986 19.43 -42.88 -45.80
C TRP H 986 19.86 -41.44 -45.60
N LEU H 987 21.00 -41.06 -46.19
CA LEU H 987 21.46 -39.68 -46.09
C LEU H 987 20.46 -38.72 -46.69
N LYS H 988 19.88 -39.08 -47.83
CA LYS H 988 18.90 -38.22 -48.48
C LYS H 988 17.61 -38.13 -47.65
N LEU H 989 17.20 -39.24 -47.03
CA LEU H 989 16.00 -39.25 -46.22
C LEU H 989 16.17 -38.51 -44.90
N ILE H 990 17.42 -38.29 -44.48
CA ILE H 990 17.65 -37.47 -43.29
C ILE H 990 17.05 -36.08 -43.46
N PHE H 991 17.14 -35.50 -44.66
CA PHE H 991 16.69 -34.14 -44.91
C PHE H 991 15.21 -34.04 -45.28
N LEU H 992 14.49 -35.16 -45.31
CA LEU H 992 13.12 -35.13 -45.82
C LEU H 992 12.18 -34.23 -45.04
N PRO H 993 12.14 -34.25 -43.69
CA PRO H 993 11.19 -33.38 -42.99
C PRO H 993 11.37 -31.90 -43.30
N SER H 994 12.62 -31.44 -43.40
CA SER H 994 12.85 -30.03 -43.71
C SER H 994 12.34 -29.69 -45.10
N ILE H 995 12.59 -30.56 -46.06
CA ILE H 995 12.12 -30.33 -47.42
C ILE H 995 10.59 -30.25 -47.45
N LEU H 996 9.93 -31.17 -46.75
CA LEU H 996 8.46 -31.16 -46.74
C LEU H 996 7.92 -29.91 -46.05
N ASN H 997 8.54 -29.51 -44.95
CA ASN H 997 8.06 -28.32 -44.24
C ASN H 997 8.28 -27.06 -45.05
N ARG H 998 9.33 -27.00 -45.87
CA ARG H 998 9.48 -25.85 -46.76
C ARG H 998 8.49 -25.92 -47.92
N MET H 999 8.22 -27.11 -48.44
CA MET H 999 7.28 -27.25 -49.56
C MET H 999 5.89 -26.81 -49.14
N TYR H 1000 5.48 -27.14 -47.93
CA TYR H 1000 4.20 -26.69 -47.38
C TYR H 1000 3.99 -25.19 -47.57
N PHE H 1001 4.88 -24.40 -46.98
CA PHE H 1001 4.73 -22.96 -47.02
C PHE H 1001 5.10 -22.37 -48.37
N LEU H 1002 5.92 -23.05 -49.18
CA LEU H 1002 6.12 -22.60 -50.55
C LEU H 1002 4.83 -22.71 -51.35
N LEU H 1003 4.06 -23.77 -51.13
CA LEU H 1003 2.76 -23.89 -51.80
C LEU H 1003 1.79 -22.82 -51.32
N HIS H 1004 1.78 -22.54 -50.01
CA HIS H 1004 0.98 -21.43 -49.51
C HIS H 1004 1.39 -20.11 -50.17
N ALA H 1005 2.69 -19.87 -50.29
CA ALA H 1005 3.16 -18.64 -50.92
C ALA H 1005 2.76 -18.57 -52.39
N GLU H 1006 2.82 -19.70 -53.09
CA GLU H 1006 2.38 -19.72 -54.49
C GLU H 1006 0.90 -19.39 -54.60
N ALA H 1007 0.09 -19.93 -53.69
CA ALA H 1007 -1.34 -19.61 -53.68
C ALA H 1007 -1.57 -18.12 -53.49
N LEU H 1008 -0.88 -17.52 -52.51
CA LEU H 1008 -1.03 -16.09 -52.28
C LEU H 1008 -0.58 -15.28 -53.49
N ARG H 1009 0.56 -15.67 -54.08
CA ARG H 1009 1.09 -14.97 -55.25
C ARG H 1009 0.09 -14.97 -56.39
N LYS H 1010 -0.46 -16.15 -56.72
CA LYS H 1010 -1.41 -16.23 -57.81
C LYS H 1010 -2.67 -15.43 -57.52
N ARG H 1011 -3.16 -15.51 -56.28
CA ARG H 1011 -4.38 -14.81 -55.89
C ARG H 1011 -4.21 -13.29 -56.03
N PHE H 1012 -3.10 -12.76 -55.52
CA PHE H 1012 -2.88 -11.32 -55.61
C PHE H 1012 -2.62 -10.88 -57.04
N ASN H 1013 -1.88 -11.67 -57.82
CA ASN H 1013 -1.64 -11.32 -59.22
C ASN H 1013 -2.95 -11.27 -60.00
N THR H 1014 -3.83 -12.23 -59.78
CA THR H 1014 -5.11 -12.23 -60.49
C THR H 1014 -5.97 -11.05 -60.05
N TYR H 1015 -5.97 -10.71 -58.76
CA TYR H 1015 -6.79 -9.59 -58.31
C TYR H 1015 -6.37 -8.27 -58.96
N LEU H 1016 -5.11 -8.13 -59.31
CA LEU H 1016 -4.60 -6.91 -59.93
C LEU H 1016 -4.65 -6.97 -61.45
N ASN H 1017 -5.24 -8.02 -62.02
CA ASN H 1017 -5.29 -8.23 -63.47
C ASN H 1017 -3.90 -8.29 -64.10
N LEU H 1018 -2.88 -8.61 -63.31
CA LEU H 1018 -1.52 -8.73 -63.79
C LEU H 1018 -1.15 -10.17 -64.14
N HIS H 1019 -2.08 -11.11 -63.99
CA HIS H 1019 -1.78 -12.52 -64.19
C HIS H 1019 -1.60 -12.89 -65.66
N LEU H 1020 -1.97 -12.03 -66.58
CA LEU H 1020 -1.82 -12.30 -68.01
C LEU H 1020 -0.48 -11.81 -68.54
N LEU H 1021 0.36 -11.24 -67.69
CA LEU H 1021 1.66 -10.76 -68.12
C LEU H 1021 2.55 -11.95 -68.50
N PRO H 1022 3.56 -11.73 -69.35
CA PRO H 1022 4.50 -12.83 -69.64
C PRO H 1022 5.23 -13.34 -68.41
N PHE H 1023 5.54 -12.46 -67.46
CA PHE H 1023 6.24 -12.90 -66.25
C PHE H 1023 5.37 -13.80 -65.40
N ASN H 1024 4.11 -13.42 -65.19
CA ASN H 1024 3.26 -14.04 -64.18
C ASN H 1024 2.35 -15.12 -64.74
N GLY H 1025 2.38 -15.37 -66.03
CA GLY H 1025 1.50 -16.36 -66.62
C GLY H 1025 1.94 -17.77 -66.35
N THR H 1026 1.60 -18.69 -67.27
CA THR H 1026 2.01 -20.08 -67.12
C THR H 1026 3.51 -20.25 -67.23
N ASP H 1027 4.23 -19.25 -67.72
CA ASP H 1027 5.68 -19.32 -67.88
C ASP H 1027 6.45 -18.77 -66.70
N TYR H 1028 5.84 -18.74 -65.51
CA TYR H 1028 6.52 -18.20 -64.35
C TYR H 1028 7.70 -19.08 -63.96
N MET H 1029 8.87 -18.48 -63.85
CA MET H 1029 10.10 -19.16 -63.44
C MET H 1029 10.48 -18.65 -62.05
N PRO H 1030 10.13 -19.37 -60.99
CA PRO H 1030 10.44 -18.89 -59.65
C PRO H 1030 11.94 -18.83 -59.42
N ARG H 1031 12.39 -17.70 -58.91
CA ARG H 1031 13.80 -17.55 -58.59
C ARG H 1031 14.10 -18.25 -57.27
N PRO H 1032 15.31 -18.78 -57.12
CA PRO H 1032 15.66 -19.48 -55.88
C PRO H 1032 15.59 -18.55 -54.68
N LEU H 1033 15.23 -19.11 -53.53
CA LEU H 1033 15.19 -18.33 -52.31
C LEU H 1033 16.60 -17.81 -51.98
N GLU H 1034 16.65 -16.61 -51.43
CA GLU H 1034 17.92 -15.96 -51.12
C GLU H 1034 18.09 -15.84 -49.61
N ILE H 1035 19.29 -16.15 -49.14
CA ILE H 1035 19.63 -16.03 -47.74
C ILE H 1035 19.71 -14.56 -47.37
N ASP H 1036 19.01 -14.18 -46.30
CA ASP H 1036 19.05 -12.82 -45.79
C ASP H 1036 20.16 -12.74 -44.75
N TYR H 1037 21.35 -12.39 -45.22
CA TYR H 1037 22.55 -12.43 -44.39
C TYR H 1037 22.58 -11.35 -43.31
N SER H 1038 21.68 -10.36 -43.37
CA SER H 1038 21.61 -9.38 -42.30
C SER H 1038 21.08 -9.96 -41.01
N LEU H 1039 20.32 -11.05 -41.08
CA LEU H 1039 19.74 -11.66 -39.89
C LEU H 1039 20.85 -12.11 -38.94
N LYS H 1040 20.59 -11.94 -37.64
CA LYS H 1040 21.63 -12.14 -36.64
C LYS H 1040 22.12 -13.58 -36.62
N ARG H 1041 21.23 -14.55 -36.81
CA ARG H 1041 21.62 -15.95 -36.82
C ARG H 1041 21.98 -16.47 -38.21
N ASN H 1042 22.46 -15.59 -39.08
CA ASN H 1042 22.92 -16.01 -40.41
C ASN H 1042 24.40 -15.70 -40.57
N GLY H 1169 26.06 16.26 -56.59
CA GLY H 1169 26.06 16.20 -58.03
C GLY H 1169 24.75 15.73 -58.62
N LYS H 1170 24.47 14.44 -58.45
CA LYS H 1170 23.24 13.85 -58.97
C LYS H 1170 22.69 12.89 -57.93
N VAL H 1171 21.36 12.75 -57.92
CA VAL H 1171 20.66 11.88 -56.99
C VAL H 1171 20.22 10.64 -57.74
N LYS H 1172 20.52 9.47 -57.18
CA LYS H 1172 20.09 8.23 -57.79
C LYS H 1172 18.56 8.14 -57.78
N PRO H 1173 17.93 7.88 -58.92
CA PRO H 1173 16.47 7.74 -58.93
C PRO H 1173 16.02 6.61 -58.04
N LEU H 1174 14.87 6.80 -57.40
CA LEU H 1174 14.31 5.79 -56.50
C LEU H 1174 13.58 4.74 -57.31
N LEU H 1175 13.78 3.47 -56.96
CA LEU H 1175 13.30 2.37 -57.80
C LEU H 1175 11.78 2.27 -57.78
N ILE H 1176 11.17 2.35 -56.59
CA ILE H 1176 9.73 2.17 -56.48
C ILE H 1176 9.00 3.25 -57.27
N LEU H 1177 9.44 4.51 -57.15
CA LEU H 1177 8.85 5.57 -57.96
C LEU H 1177 9.16 5.39 -59.43
N GLN H 1178 10.33 4.84 -59.75
CA GLN H 1178 10.70 4.63 -61.15
C GLN H 1178 9.73 3.66 -61.82
N LYS H 1179 9.36 2.59 -61.13
CA LYS H 1179 8.42 1.63 -61.69
C LYS H 1179 6.97 1.98 -61.39
N THR H 1180 6.71 3.00 -60.59
CA THR H 1180 5.34 3.44 -60.37
C THR H 1180 4.77 4.15 -61.60
N VAL H 1181 5.59 5.00 -62.23
CA VAL H 1181 5.10 5.80 -63.36
C VAL H 1181 5.32 5.10 -64.71
N SER H 1182 6.36 4.30 -64.85
CA SER H 1182 6.64 3.57 -66.08
C SER H 1182 6.54 2.08 -65.81
N LYS H 1183 5.80 1.37 -66.66
CA LYS H 1183 5.55 -0.05 -66.47
C LYS H 1183 6.67 -0.93 -66.98
N GLU H 1184 7.66 -0.37 -67.69
CA GLU H 1184 8.73 -1.19 -68.22
C GLU H 1184 9.64 -1.74 -67.13
N HIS H 1185 9.57 -1.18 -65.93
CA HIS H 1185 10.38 -1.63 -64.80
C HIS H 1185 9.62 -2.55 -63.86
N ILE H 1186 8.44 -3.00 -64.25
CA ILE H 1186 7.65 -3.90 -63.42
C ILE H 1186 8.31 -5.28 -63.40
N THR H 1187 8.53 -5.81 -62.20
CA THR H 1187 9.13 -7.12 -62.00
C THR H 1187 8.12 -8.10 -61.41
N PRO H 1188 8.18 -9.37 -61.78
CA PRO H 1188 7.21 -10.34 -61.24
C PRO H 1188 7.37 -10.50 -59.74
N ALA H 1189 6.23 -10.58 -59.05
CA ALA H 1189 6.22 -10.79 -57.61
C ALA H 1189 6.73 -12.19 -57.31
N GLU H 1190 7.85 -12.28 -56.60
CA GLU H 1190 8.52 -13.55 -56.42
C GLU H 1190 7.83 -14.41 -55.37
N GLN H 1191 7.77 -15.72 -55.64
CA GLN H 1191 7.22 -16.66 -54.68
C GLN H 1191 8.05 -16.69 -53.39
N GLY H 1192 9.36 -16.61 -53.52
CA GLY H 1192 10.21 -16.54 -52.34
C GLY H 1192 9.94 -15.30 -51.51
N GLU H 1193 9.63 -14.17 -52.16
CA GLU H 1193 9.32 -12.96 -51.41
C GLU H 1193 8.03 -13.13 -50.61
N PHE H 1194 7.02 -13.78 -51.20
CA PHE H 1194 5.80 -14.04 -50.44
C PHE H 1194 6.05 -15.00 -49.29
N LEU H 1195 6.89 -16.01 -49.51
CA LEU H 1195 7.24 -16.91 -48.42
C LEU H 1195 7.92 -16.16 -47.28
N ALA H 1196 8.84 -15.25 -47.62
CA ALA H 1196 9.49 -14.44 -46.60
C ALA H 1196 8.47 -13.57 -45.89
N ALA H 1197 7.48 -13.07 -46.63
CA ALA H 1197 6.42 -12.26 -46.02
C ALA H 1197 5.58 -13.07 -45.05
N ILE H 1198 5.43 -14.37 -45.31
CA ILE H 1198 4.61 -15.22 -44.43
C ILE H 1198 5.42 -15.69 -43.23
N THR H 1199 6.69 -16.02 -43.44
CA THR H 1199 7.51 -16.62 -42.39
C THR H 1199 7.78 -15.63 -41.28
N ALA H 1200 7.32 -15.93 -40.08
CA ALA H 1200 7.59 -15.07 -38.93
C ALA H 1200 9.00 -15.31 -38.41
N SER H 1201 9.47 -14.36 -37.60
CA SER H 1201 10.78 -14.52 -36.98
C SER H 1201 10.80 -15.63 -35.92
N SER H 1202 9.65 -15.90 -35.28
CA SER H 1202 9.60 -16.96 -34.28
C SER H 1202 9.95 -18.30 -34.89
N ALA H 1203 9.48 -18.57 -36.11
CA ALA H 1203 9.97 -19.71 -36.88
C ALA H 1203 11.42 -19.43 -37.23
N ALA H 1204 12.35 -20.10 -36.56
CA ALA H 1204 13.77 -19.75 -36.64
C ALA H 1204 14.34 -20.22 -37.98
N ASP H 1205 13.78 -19.67 -39.04
CA ASP H 1205 14.22 -19.95 -40.40
C ASP H 1205 15.30 -18.95 -40.80
N VAL H 1206 15.71 -18.97 -42.06
CA VAL H 1206 16.79 -18.13 -42.54
C VAL H 1206 16.26 -16.80 -43.08
N PHE H 1207 14.96 -16.56 -43.00
CA PHE H 1207 14.37 -15.30 -43.40
C PHE H 1207 13.10 -15.06 -42.60
N ASP H 1208 12.65 -13.81 -42.57
CA ASP H 1208 11.43 -13.47 -41.85
C ASP H 1208 10.69 -12.38 -42.61
N MET H 1209 9.68 -11.83 -41.97
CA MET H 1209 8.83 -10.78 -42.52
C MET H 1209 9.25 -9.39 -42.07
N GLU H 1210 10.40 -9.25 -41.41
CA GLU H 1210 10.73 -8.00 -40.75
C GLU H 1210 11.10 -6.90 -41.76
N ARG H 1211 11.93 -7.21 -42.74
CA ARG H 1211 12.38 -6.17 -43.66
C ARG H 1211 11.24 -5.70 -44.56
N LEU H 1212 10.41 -6.64 -45.03
CA LEU H 1212 9.26 -6.26 -45.85
C LEU H 1212 8.27 -5.44 -45.04
N GLU H 1213 8.18 -5.70 -43.72
CA GLU H 1213 7.20 -5.02 -42.90
C GLU H 1213 7.48 -3.53 -42.79
N ILE H 1214 8.75 -3.13 -42.81
CA ILE H 1214 9.06 -1.71 -42.70
C ILE H 1214 8.48 -0.96 -43.89
N LEU H 1215 8.76 -1.44 -45.10
CA LEU H 1215 8.23 -0.79 -46.29
C LEU H 1215 6.71 -0.88 -46.34
N GLY H 1216 6.16 -2.02 -45.95
CA GLY H 1216 4.70 -2.15 -45.93
C GLY H 1216 4.04 -1.19 -44.96
N ASN H 1217 4.62 -1.03 -43.78
CA ASN H 1217 4.08 -0.09 -42.80
C ASN H 1217 4.17 1.34 -43.31
N SER H 1218 5.29 1.70 -43.91
CA SER H 1218 5.42 3.05 -44.45
C SER H 1218 4.39 3.30 -45.55
N PHE H 1219 4.21 2.33 -46.45
CA PHE H 1219 3.23 2.50 -47.51
C PHE H 1219 1.82 2.58 -46.96
N LEU H 1220 1.50 1.75 -45.96
CA LEU H 1220 0.16 1.80 -45.38
C LEU H 1220 -0.10 3.14 -44.73
N LYS H 1221 0.88 3.66 -44.00
CA LYS H 1221 0.72 4.98 -43.38
C LYS H 1221 0.51 6.06 -44.43
N LEU H 1222 1.36 6.07 -45.46
CA LEU H 1222 1.24 7.09 -46.50
C LEU H 1222 -0.11 7.01 -47.21
N SER H 1223 -0.55 5.79 -47.54
CA SER H 1223 -1.82 5.63 -48.23
C SER H 1223 -3.00 6.04 -47.37
N ALA H 1224 -3.00 5.64 -46.10
CA ALA H 1224 -4.08 6.06 -45.21
C ALA H 1224 -4.10 7.57 -45.03
N THR H 1225 -2.92 8.19 -44.92
CA THR H 1225 -2.85 9.64 -44.78
C THR H 1225 -3.47 10.33 -46.00
N LEU H 1226 -3.05 9.93 -47.20
CA LEU H 1226 -3.59 10.55 -48.40
C LEU H 1226 -5.08 10.28 -48.56
N TYR H 1227 -5.51 9.06 -48.24
CA TYR H 1227 -6.93 8.72 -48.35
C TYR H 1227 -7.77 9.58 -47.42
N LEU H 1228 -7.35 9.75 -46.17
CA LEU H 1228 -8.11 10.58 -45.23
C LEU H 1228 -8.06 12.04 -45.63
N ALA H 1229 -6.90 12.52 -46.10
CA ALA H 1229 -6.79 13.91 -46.50
C ALA H 1229 -7.71 14.22 -47.68
N SER H 1230 -7.81 13.30 -48.63
CA SER H 1230 -8.70 13.53 -49.77
C SER H 1230 -10.16 13.33 -49.40
N LYS H 1231 -10.43 12.44 -48.44
CA LYS H 1231 -11.81 12.15 -48.08
C LYS H 1231 -12.40 13.19 -47.13
N TYR H 1232 -11.61 13.67 -46.17
CA TYR H 1232 -12.09 14.51 -45.08
C TYR H 1232 -11.30 15.81 -45.01
N SER H 1233 -11.20 16.48 -46.14
CA SER H 1233 -10.33 17.65 -46.26
C SER H 1233 -10.74 18.80 -45.35
N ASP H 1234 -11.95 18.78 -44.81
CA ASP H 1234 -12.43 19.87 -43.96
C ASP H 1234 -12.43 19.47 -42.47
N TRP H 1235 -11.42 18.73 -42.03
CA TRP H 1235 -11.22 18.42 -40.63
C TRP H 1235 -9.90 19.00 -40.14
N ASN H 1236 -9.85 19.27 -38.83
CA ASN H 1236 -8.62 19.73 -38.21
C ASN H 1236 -7.62 18.58 -38.14
N GLU H 1237 -6.35 18.95 -37.97
CA GLU H 1237 -5.27 17.97 -38.02
C GLU H 1237 -5.40 16.93 -36.90
N GLY H 1238 -5.96 17.31 -35.75
CA GLY H 1238 -6.02 16.38 -34.63
C GLY H 1238 -6.90 15.17 -34.91
N THR H 1239 -8.10 15.41 -35.43
CA THR H 1239 -8.99 14.28 -35.69
C THR H 1239 -8.51 13.44 -36.85
N LEU H 1240 -7.87 14.06 -37.84
CA LEU H 1240 -7.27 13.27 -38.92
C LEU H 1240 -6.19 12.36 -38.39
N THR H 1241 -5.33 12.88 -37.51
CA THR H 1241 -4.28 12.06 -36.92
C THR H 1241 -4.87 10.92 -36.10
N GLU H 1242 -5.92 11.21 -35.33
CA GLU H 1242 -6.55 10.16 -34.53
C GLU H 1242 -7.15 9.07 -35.40
N VAL H 1243 -7.89 9.45 -36.45
CA VAL H 1243 -8.51 8.46 -37.31
C VAL H 1243 -7.45 7.64 -38.03
N LYS H 1244 -6.36 8.29 -38.45
CA LYS H 1244 -5.28 7.54 -39.09
C LYS H 1244 -4.65 6.54 -38.13
N SER H 1245 -4.41 6.95 -36.89
CA SER H 1245 -3.87 6.03 -35.91
C SER H 1245 -4.82 4.84 -35.69
N LYS H 1246 -6.12 5.10 -35.76
CA LYS H 1246 -7.07 3.99 -35.67
C LYS H 1246 -6.97 3.07 -36.88
N LEU H 1247 -6.78 3.64 -38.07
CA LEU H 1247 -6.77 2.84 -39.29
C LEU H 1247 -5.57 1.90 -39.33
N VAL H 1248 -4.40 2.38 -38.95
CA VAL H 1248 -3.18 1.59 -39.00
C VAL H 1248 -2.89 0.89 -37.67
N SER H 1249 -3.88 0.83 -36.78
CA SER H 1249 -3.68 0.19 -35.50
C SER H 1249 -3.59 -1.33 -35.67
N ASN H 1250 -3.09 -1.99 -34.63
CA ASN H 1250 -2.95 -3.44 -34.67
C ASN H 1250 -4.30 -4.12 -34.79
N ARG H 1251 -5.31 -3.61 -34.08
CA ARG H 1251 -6.61 -4.27 -34.08
C ARG H 1251 -7.26 -4.24 -35.46
N ASN H 1252 -7.17 -3.11 -36.15
CA ASN H 1252 -7.79 -3.00 -37.47
C ASN H 1252 -7.13 -3.92 -38.47
N LEU H 1253 -5.78 -3.93 -38.51
CA LEU H 1253 -5.07 -4.80 -39.43
C LEU H 1253 -5.31 -6.27 -39.08
N LEU H 1254 -5.35 -6.58 -37.79
CA LEU H 1254 -5.66 -7.93 -37.35
C LEU H 1254 -7.00 -8.39 -37.87
N PHE H 1255 -8.04 -7.57 -37.67
CA PHE H 1255 -9.38 -7.96 -38.10
C PHE H 1255 -9.45 -8.09 -39.61
N CYS H 1256 -8.87 -7.14 -40.34
CA CYS H 1256 -8.99 -7.14 -41.80
C CYS H 1256 -8.06 -8.13 -42.48
N LEU H 1257 -7.13 -8.75 -41.75
CA LEU H 1257 -6.43 -9.91 -42.26
C LEU H 1257 -7.06 -11.22 -41.83
N ILE H 1258 -7.69 -11.26 -40.64
CA ILE H 1258 -8.42 -12.45 -40.23
C ILE H 1258 -9.59 -12.71 -41.17
N ASP H 1259 -10.32 -11.66 -41.53
CA ASP H 1259 -11.40 -11.90 -42.48
C ASP H 1259 -10.91 -12.14 -43.91
N ALA H 1260 -9.60 -12.29 -44.14
CA ALA H 1260 -9.09 -12.67 -45.44
C ALA H 1260 -8.55 -14.10 -45.46
N ASP H 1261 -8.68 -14.84 -44.36
CA ASP H 1261 -8.28 -16.25 -44.27
C ASP H 1261 -6.79 -16.44 -44.51
N ILE H 1262 -6.00 -15.43 -44.21
CA ILE H 1262 -4.55 -15.53 -44.29
C ILE H 1262 -3.93 -16.22 -43.07
N PRO H 1263 -4.36 -15.92 -41.83
CA PRO H 1263 -3.67 -16.50 -40.66
C PRO H 1263 -3.75 -18.02 -40.57
N LYS H 1264 -4.51 -18.69 -41.43
CA LYS H 1264 -4.49 -20.14 -41.45
C LYS H 1264 -3.35 -20.71 -42.27
N THR H 1265 -2.53 -19.85 -42.88
CA THR H 1265 -1.43 -20.30 -43.73
C THR H 1265 -0.08 -19.70 -43.32
N LEU H 1266 0.02 -19.15 -42.12
CA LEU H 1266 1.24 -18.49 -41.69
C LEU H 1266 2.26 -19.49 -41.16
N ASN H 1267 3.54 -19.15 -41.34
CA ASN H 1267 4.67 -19.96 -40.87
C ASN H 1267 5.25 -19.24 -39.66
N THR H 1268 4.85 -19.66 -38.47
CA THR H 1268 5.15 -18.91 -37.26
C THR H 1268 5.66 -19.75 -36.09
N ILE H 1269 5.90 -21.04 -36.29
CA ILE H 1269 6.36 -21.92 -35.21
C ILE H 1269 7.66 -22.58 -35.64
N GLN H 1270 8.59 -22.70 -34.69
CA GLN H 1270 9.86 -23.34 -34.96
C GLN H 1270 9.64 -24.80 -35.35
N PHE H 1271 10.42 -25.27 -36.32
CA PHE H 1271 10.27 -26.62 -36.84
C PHE H 1271 11.01 -27.59 -35.94
N THR H 1272 10.27 -28.28 -35.07
CA THR H 1272 10.78 -29.36 -34.23
C THR H 1272 10.08 -30.64 -34.66
N PRO H 1273 10.58 -31.30 -35.70
CA PRO H 1273 9.82 -32.39 -36.34
C PRO H 1273 9.49 -33.54 -35.40
N ARG H 1274 10.42 -33.86 -34.51
CA ARG H 1274 10.25 -35.03 -33.65
C ARG H 1274 9.19 -34.81 -32.56
N TYR H 1275 8.97 -33.55 -32.18
CA TYR H 1275 8.12 -33.24 -31.03
C TYR H 1275 6.76 -32.72 -31.43
N THR H 1276 6.69 -31.65 -32.21
CA THR H 1276 5.44 -30.93 -32.46
C THR H 1276 5.07 -30.93 -33.93
N TRP H 1277 5.33 -32.03 -34.63
CA TRP H 1277 5.03 -32.12 -36.05
C TRP H 1277 4.31 -33.42 -36.35
N LEU H 1278 3.34 -33.34 -37.25
CA LEU H 1278 2.52 -34.49 -37.64
C LEU H 1278 2.84 -34.88 -39.07
N PRO H 1279 3.44 -36.05 -39.31
CA PRO H 1279 3.88 -36.41 -40.67
C PRO H 1279 2.70 -36.50 -41.62
N PRO H 1280 2.96 -36.42 -42.94
CA PRO H 1280 1.85 -36.34 -43.91
C PRO H 1280 0.90 -37.53 -43.89
N GLY H 1281 1.39 -38.74 -44.15
CA GLY H 1281 0.50 -39.87 -44.23
C GLY H 1281 0.12 -40.46 -42.90
N ILE H 1282 0.42 -39.77 -41.80
CA ILE H 1282 0.29 -40.29 -40.46
C ILE H 1282 -0.54 -39.32 -39.65
N SER H 1283 -1.45 -39.83 -38.81
CA SER H 1283 -2.34 -38.96 -38.07
C SER H 1283 -2.78 -39.65 -36.78
N LEU H 1284 -3.55 -38.93 -35.99
CA LEU H 1284 -4.18 -39.49 -34.80
C LEU H 1284 -5.23 -40.52 -35.20
N PRO H 1285 -5.64 -41.40 -34.30
CA PRO H 1285 -6.72 -42.33 -34.61
C PRO H 1285 -7.98 -41.58 -34.99
N HIS H 1286 -8.77 -42.18 -35.87
CA HIS H 1286 -9.89 -41.46 -36.47
C HIS H 1286 -10.98 -41.16 -35.45
N ASN H 1287 -11.31 -42.13 -34.59
CA ASN H 1287 -12.42 -41.92 -33.66
C ASN H 1287 -12.07 -40.89 -32.60
N VAL H 1288 -10.84 -40.90 -32.10
CA VAL H 1288 -10.45 -39.89 -31.12
C VAL H 1288 -10.43 -38.51 -31.77
N LEU H 1289 -10.04 -38.42 -33.06
CA LEU H 1289 -10.14 -37.14 -33.76
C LEU H 1289 -11.58 -36.68 -33.88
N ALA H 1290 -12.50 -37.60 -34.21
CA ALA H 1290 -13.90 -37.22 -34.30
C ALA H 1290 -14.40 -36.69 -32.97
N LEU H 1291 -14.07 -37.39 -31.87
CA LEU H 1291 -14.46 -36.93 -30.55
C LEU H 1291 -13.85 -35.57 -30.22
N TRP H 1292 -12.57 -35.38 -30.56
CA TRP H 1292 -11.85 -34.17 -30.20
C TRP H 1292 -12.40 -32.96 -30.93
N ARG H 1293 -12.57 -33.09 -32.25
CA ARG H 1293 -13.01 -31.94 -33.04
C ARG H 1293 -14.50 -31.68 -32.86
N GLU H 1294 -15.30 -32.74 -32.72
CA GLU H 1294 -16.76 -32.62 -32.68
C GLU H 1294 -17.31 -32.51 -31.27
N ASN H 1295 -16.54 -31.96 -30.35
CA ASN H 1295 -17.03 -31.75 -28.99
C ASN H 1295 -16.24 -30.61 -28.34
N PRO H 1296 -16.64 -29.37 -28.57
CA PRO H 1296 -15.84 -28.23 -28.07
C PRO H 1296 -15.70 -28.20 -26.56
N GLU H 1297 -16.72 -28.63 -25.82
CA GLU H 1297 -16.60 -28.66 -24.37
C GLU H 1297 -15.62 -29.74 -23.91
N PHE H 1298 -15.51 -30.83 -24.67
CA PHE H 1298 -14.65 -31.94 -24.32
C PHE H 1298 -13.24 -31.80 -24.86
N ALA H 1299 -13.00 -30.81 -25.73
CA ALA H 1299 -11.69 -30.63 -26.33
C ALA H 1299 -10.71 -29.87 -25.45
N LYS H 1300 -11.19 -29.29 -24.34
CA LYS H 1300 -10.35 -28.48 -23.47
C LYS H 1300 -9.78 -29.25 -22.30
N ILE H 1301 -10.03 -30.57 -22.22
CA ILE H 1301 -9.54 -31.37 -21.10
C ILE H 1301 -8.55 -32.43 -21.53
N ILE H 1302 -8.37 -32.67 -22.82
CA ILE H 1302 -7.41 -33.66 -23.28
C ILE H 1302 -6.01 -33.09 -23.15
N GLY H 1303 -5.12 -33.85 -22.53
CA GLY H 1303 -3.76 -33.42 -22.32
C GLY H 1303 -2.76 -34.48 -22.73
N PRO H 1304 -1.46 -34.15 -22.65
CA PRO H 1304 -0.44 -35.14 -23.01
C PRO H 1304 -0.47 -36.38 -22.15
N HIS H 1305 -0.78 -36.24 -20.85
CA HIS H 1305 -0.88 -37.41 -20.00
C HIS H 1305 -2.06 -38.29 -20.39
N ASN H 1306 -3.15 -37.68 -20.86
CA ASN H 1306 -4.26 -38.47 -21.38
C ASN H 1306 -3.92 -39.07 -22.72
N LEU H 1307 -3.01 -38.44 -23.46
CA LEU H 1307 -2.53 -39.01 -24.73
C LEU H 1307 -1.59 -40.18 -24.52
N ARG H 1308 -0.90 -40.25 -23.37
CA ARG H 1308 -0.06 -41.40 -23.08
C ARG H 1308 -0.86 -42.69 -23.04
N ASP H 1309 -2.15 -42.61 -22.70
CA ASP H 1309 -2.99 -43.80 -22.61
C ASP H 1309 -3.26 -44.44 -23.96
N LEU H 1310 -2.95 -43.77 -25.05
CA LEU H 1310 -3.21 -44.29 -26.40
C LEU H 1310 -1.97 -44.98 -26.95
N ALA H 1311 -1.60 -46.09 -26.30
CA ALA H 1311 -0.47 -46.91 -26.73
C ALA H 1311 -1.00 -47.99 -27.67
N LEU H 1312 -1.11 -47.63 -28.95
CA LEU H 1312 -1.68 -48.53 -29.93
C LEU H 1312 -0.68 -49.58 -30.37
N GLY H 1313 -1.19 -50.77 -30.68
CA GLY H 1313 -0.38 -51.84 -31.22
C GLY H 1313 -0.20 -51.71 -32.72
N ASP H 1314 0.50 -52.70 -33.29
CA ASP H 1314 0.77 -52.67 -34.73
C ASP H 1314 -0.51 -52.78 -35.54
N GLU H 1315 -1.43 -53.66 -35.14
CA GLU H 1315 -2.63 -53.86 -35.93
C GLU H 1315 -3.51 -52.61 -35.94
N GLU H 1316 -3.73 -52.02 -34.75
CA GLU H 1316 -4.55 -50.81 -34.67
C GLU H 1316 -3.95 -49.68 -35.49
N SER H 1317 -2.62 -49.50 -35.41
CA SER H 1317 -1.98 -48.39 -36.12
C SER H 1317 -1.95 -48.63 -37.62
N LEU H 1318 -1.77 -49.88 -38.05
CA LEU H 1318 -1.52 -50.12 -39.47
C LEU H 1318 -2.79 -50.37 -40.26
N VAL H 1319 -3.68 -51.24 -39.78
CA VAL H 1319 -4.84 -51.62 -40.57
C VAL H 1319 -6.10 -50.92 -40.06
N LYS H 1320 -6.41 -51.12 -38.77
CA LYS H 1320 -7.72 -50.73 -38.26
C LYS H 1320 -7.93 -49.22 -38.37
N GLY H 1321 -6.92 -48.44 -38.00
CA GLY H 1321 -6.98 -47.00 -38.13
C GLY H 1321 -7.37 -46.24 -36.88
N ASN H 1322 -7.98 -46.91 -35.91
CA ASN H 1322 -8.43 -46.22 -34.69
C ASN H 1322 -8.35 -47.16 -33.50
N CYS H 1323 -8.36 -46.57 -32.32
CA CYS H 1323 -8.20 -47.33 -31.09
C CYS H 1323 -9.39 -48.25 -30.86
N SER H 1324 -9.14 -49.35 -30.14
CA SER H 1324 -10.18 -50.34 -29.86
C SER H 1324 -11.15 -49.81 -28.81
N ASP H 1325 -12.22 -50.58 -28.58
CA ASP H 1325 -13.26 -50.15 -27.66
C ASP H 1325 -12.72 -50.00 -26.23
N ILE H 1326 -11.92 -50.96 -25.77
CA ILE H 1326 -11.38 -50.88 -24.42
C ILE H 1326 -10.45 -49.68 -24.30
N ASN H 1327 -9.57 -49.49 -25.29
CA ASN H 1327 -8.67 -48.35 -25.28
C ASN H 1327 -9.44 -47.04 -25.33
N TYR H 1328 -10.47 -46.98 -26.18
CA TYR H 1328 -11.27 -45.76 -26.30
C TYR H 1328 -11.94 -45.42 -24.98
N ASN H 1329 -12.55 -46.42 -24.34
CA ASN H 1329 -13.24 -46.16 -23.08
C ASN H 1329 -12.27 -45.74 -21.99
N ARG H 1330 -11.11 -46.40 -21.93
CA ARG H 1330 -10.10 -46.01 -20.96
C ARG H 1330 -9.65 -44.57 -21.18
N PHE H 1331 -9.40 -44.21 -22.43
CA PHE H 1331 -8.95 -42.87 -22.75
C PHE H 1331 -10.00 -41.82 -22.39
N VAL H 1332 -11.26 -42.07 -22.73
CA VAL H 1332 -12.29 -41.08 -22.47
C VAL H 1332 -12.54 -40.93 -20.97
N GLU H 1333 -12.51 -42.04 -20.22
CA GLU H 1333 -12.69 -41.90 -18.78
C GLU H 1333 -11.50 -41.18 -18.15
N GLY H 1334 -10.30 -41.43 -18.64
CA GLY H 1334 -9.14 -40.68 -18.17
C GLY H 1334 -9.27 -39.20 -18.43
N CYS H 1335 -9.80 -38.83 -19.61
CA CYS H 1335 -10.01 -37.43 -19.91
C CYS H 1335 -11.08 -36.82 -19.02
N ARG H 1336 -12.17 -37.55 -18.78
CA ARG H 1336 -13.24 -37.03 -17.94
C ARG H 1336 -12.77 -36.85 -16.51
N ALA H 1337 -11.95 -37.76 -16.00
CA ALA H 1337 -11.45 -37.66 -14.64
C ALA H 1337 -10.53 -36.45 -14.45
N ASN H 1338 -10.08 -35.82 -15.54
CA ASN H 1338 -9.29 -34.59 -15.41
C ASN H 1338 -10.08 -33.47 -14.73
N GLY H 1339 -11.41 -33.55 -14.74
CA GLY H 1339 -12.22 -32.52 -14.14
C GLY H 1339 -12.22 -32.51 -12.62
N GLN H 1340 -11.67 -33.55 -11.99
CA GLN H 1340 -11.62 -33.62 -10.54
C GLN H 1340 -10.21 -33.77 -9.98
N SER H 1341 -9.23 -34.17 -10.78
CA SER H 1341 -7.86 -34.31 -10.30
C SER H 1341 -7.22 -32.93 -10.21
N PHE H 1342 -5.92 -32.89 -9.93
CA PHE H 1342 -5.22 -31.61 -9.87
C PHE H 1342 -5.02 -30.99 -11.24
N TYR H 1343 -5.40 -31.69 -12.31
CA TYR H 1343 -5.32 -31.16 -13.66
C TYR H 1343 -6.52 -30.31 -14.03
N ALA H 1344 -7.52 -30.19 -13.16
CA ALA H 1344 -8.73 -29.46 -13.49
C ALA H 1344 -8.41 -27.99 -13.74
N GLY H 1345 -8.94 -27.46 -14.84
CA GLY H 1345 -8.73 -26.08 -15.21
C GLY H 1345 -7.42 -25.80 -15.91
N ALA H 1346 -6.62 -26.82 -16.20
CA ALA H 1346 -5.34 -26.61 -16.84
C ALA H 1346 -5.52 -26.27 -18.32
N ASP H 1347 -4.44 -25.79 -18.93
CA ASP H 1347 -4.41 -25.47 -20.35
C ASP H 1347 -3.38 -26.36 -21.03
N PHE H 1348 -3.86 -27.45 -21.63
CA PHE H 1348 -2.98 -28.39 -22.33
C PHE H 1348 -2.75 -28.01 -23.78
N SER H 1349 -3.35 -26.90 -24.23
CA SER H 1349 -3.32 -26.56 -25.65
C SER H 1349 -1.89 -26.34 -26.15
N SER H 1350 -1.02 -25.76 -25.31
CA SER H 1350 0.34 -25.46 -25.72
C SER H 1350 1.14 -26.70 -26.08
N GLU H 1351 0.69 -27.88 -25.65
CA GLU H 1351 1.40 -29.12 -25.92
C GLU H 1351 0.59 -30.15 -26.70
N VAL H 1352 -0.68 -29.88 -27.00
CA VAL H 1352 -1.50 -30.79 -27.78
C VAL H 1352 -2.15 -30.14 -28.99
N ASN H 1353 -1.85 -28.87 -29.26
CA ASN H 1353 -2.50 -28.22 -30.40
C ASN H 1353 -2.09 -28.86 -31.71
N PHE H 1354 -0.82 -29.25 -31.86
CA PHE H 1354 -0.36 -29.79 -33.13
C PHE H 1354 -1.10 -31.05 -33.53
N CYS H 1355 -1.70 -31.77 -32.58
CA CYS H 1355 -2.47 -32.96 -32.91
C CYS H 1355 -3.72 -32.61 -33.72
N VAL H 1356 -4.35 -31.48 -33.42
CA VAL H 1356 -5.59 -31.10 -34.07
C VAL H 1356 -5.41 -29.99 -35.09
N GLY H 1357 -4.18 -29.55 -35.33
CA GLY H 1357 -3.90 -28.55 -36.34
C GLY H 1357 -4.02 -27.12 -35.90
N LEU H 1358 -4.50 -26.85 -34.69
CA LEU H 1358 -4.61 -25.48 -34.23
C LEU H 1358 -3.23 -24.93 -33.87
N VAL H 1359 -3.14 -23.60 -33.82
CA VAL H 1359 -1.92 -22.92 -33.43
C VAL H 1359 -2.32 -21.56 -32.88
N THR H 1360 -1.48 -21.02 -32.00
CA THR H 1360 -1.68 -19.69 -31.45
C THR H 1360 -0.65 -18.74 -32.06
N ILE H 1361 -1.12 -17.60 -32.55
CA ILE H 1361 -0.27 -16.60 -33.19
C ILE H 1361 -0.54 -15.25 -32.54
N PRO H 1362 0.50 -14.49 -32.18
CA PRO H 1362 0.27 -13.16 -31.61
C PRO H 1362 -0.38 -12.22 -32.62
N ASN H 1363 -1.11 -11.25 -32.10
CA ASN H 1363 -1.75 -10.25 -32.96
C ASN H 1363 -0.71 -9.45 -33.73
N LYS H 1364 0.44 -9.19 -33.11
CA LYS H 1364 1.48 -8.44 -33.79
C LYS H 1364 1.96 -9.18 -35.03
N VAL H 1365 2.07 -10.50 -34.96
CA VAL H 1365 2.54 -11.26 -36.11
C VAL H 1365 1.55 -11.11 -37.27
N ILE H 1366 0.26 -11.15 -36.97
CA ILE H 1366 -0.76 -10.95 -38.00
C ILE H 1366 -0.62 -9.58 -38.64
N ALA H 1367 -0.45 -8.55 -37.79
CA ALA H 1367 -0.33 -7.20 -38.32
C ALA H 1367 0.89 -7.07 -39.23
N ASP H 1368 2.05 -7.53 -38.76
CA ASP H 1368 3.26 -7.41 -39.57
C ASP H 1368 3.19 -8.26 -40.84
N THR H 1369 2.49 -9.39 -40.83
CA THR H 1369 2.41 -10.13 -42.09
C THR H 1369 1.48 -9.45 -43.09
N LEU H 1370 0.42 -8.80 -42.60
CA LEU H 1370 -0.39 -7.98 -43.51
C LEU H 1370 0.45 -6.88 -44.14
N GLU H 1371 1.21 -6.16 -43.31
CA GLU H 1371 2.06 -5.10 -43.83
C GLU H 1371 3.16 -5.65 -44.72
N ALA H 1372 3.63 -6.88 -44.48
CA ALA H 1372 4.66 -7.46 -45.32
C ALA H 1372 4.11 -7.83 -46.70
N LEU H 1373 2.87 -8.30 -46.76
CA LEU H 1373 2.24 -8.51 -48.05
C LEU H 1373 2.09 -7.19 -48.80
N LEU H 1374 1.68 -6.14 -48.08
CA LEU H 1374 1.66 -4.82 -48.70
C LEU H 1374 3.03 -4.42 -49.21
N GLY H 1375 4.08 -4.72 -48.44
CA GLY H 1375 5.42 -4.33 -48.83
C GLY H 1375 5.92 -5.05 -50.06
N VAL H 1376 5.63 -6.34 -50.17
CA VAL H 1376 6.06 -7.07 -51.37
C VAL H 1376 5.30 -6.58 -52.59
N ILE H 1377 4.00 -6.28 -52.42
CA ILE H 1377 3.24 -5.72 -53.55
C ILE H 1377 3.81 -4.37 -53.97
N VAL H 1378 4.16 -3.53 -52.99
CA VAL H 1378 4.73 -2.22 -53.29
C VAL H 1378 6.07 -2.38 -54.02
N LYS H 1379 6.93 -3.25 -53.49
CA LYS H 1379 8.26 -3.41 -54.05
C LYS H 1379 8.20 -3.93 -55.48
N ASN H 1380 7.18 -4.73 -55.80
CA ASN H 1380 7.14 -5.32 -57.13
C ASN H 1380 6.31 -4.55 -58.14
N TYR H 1381 5.30 -3.80 -57.72
CA TYR H 1381 4.37 -3.19 -58.67
C TYR H 1381 4.16 -1.69 -58.48
N GLY H 1382 4.91 -1.04 -57.60
CA GLY H 1382 4.73 0.39 -57.43
C GLY H 1382 3.48 0.73 -56.62
N LEU H 1383 3.26 2.04 -56.48
CA LEU H 1383 2.16 2.52 -55.64
C LEU H 1383 0.81 2.39 -56.32
N GLN H 1384 0.76 2.61 -57.64
CA GLN H 1384 -0.51 2.63 -58.34
C GLN H 1384 -1.23 1.30 -58.23
N HIS H 1385 -0.50 0.20 -58.39
CA HIS H 1385 -1.11 -1.12 -58.22
C HIS H 1385 -1.29 -1.47 -56.74
N ALA H 1386 -0.37 -1.04 -55.89
CA ALA H 1386 -0.46 -1.37 -54.47
C ALA H 1386 -1.65 -0.69 -53.79
N PHE H 1387 -2.16 0.40 -54.36
CA PHE H 1387 -3.35 1.03 -53.79
C PHE H 1387 -4.55 0.10 -53.84
N LYS H 1388 -4.64 -0.75 -54.86
CA LYS H 1388 -5.79 -1.64 -54.99
C LYS H 1388 -5.87 -2.64 -53.84
N MET H 1389 -4.73 -2.97 -53.24
CA MET H 1389 -4.71 -3.96 -52.17
C MET H 1389 -5.51 -3.51 -50.96
N LEU H 1390 -5.49 -2.21 -50.66
CA LEU H 1390 -6.28 -1.70 -49.55
C LEU H 1390 -7.77 -1.82 -49.81
N GLU H 1391 -8.18 -1.91 -51.07
CA GLU H 1391 -9.56 -2.27 -51.36
C GLU H 1391 -9.81 -3.74 -51.04
N TYR H 1392 -8.82 -4.59 -51.27
CA TYR H 1392 -8.97 -6.02 -50.98
C TYR H 1392 -9.10 -6.26 -49.48
N PHE H 1393 -8.29 -5.59 -48.67
CA PHE H 1393 -8.30 -5.78 -47.23
C PHE H 1393 -9.32 -4.92 -46.52
N LYS H 1394 -10.08 -4.11 -47.25
CA LYS H 1394 -11.13 -3.26 -46.68
C LYS H 1394 -10.59 -2.26 -45.67
N ILE H 1395 -9.30 -1.95 -45.77
CA ILE H 1395 -8.73 -0.91 -44.91
C ILE H 1395 -9.23 0.47 -45.34
N CYS H 1396 -9.23 0.73 -46.64
CA CYS H 1396 -9.76 1.98 -47.20
C CYS H 1396 -10.99 1.66 -48.03
N ARG H 1397 -12.14 2.15 -47.60
CA ARG H 1397 -13.38 1.93 -48.34
C ARG H 1397 -13.36 2.75 -49.63
N ALA H 1398 -13.70 2.09 -50.75
CA ALA H 1398 -13.69 2.75 -52.04
C ALA H 1398 -14.96 3.58 -52.22
N ASP H 1399 -14.94 4.41 -53.26
CA ASP H 1399 -16.08 5.23 -53.64
C ASP H 1399 -16.06 5.48 -55.14
N ILE H 1400 -17.25 5.79 -55.68
CA ILE H 1400 -17.35 6.08 -57.11
C ILE H 1400 -16.60 7.35 -57.46
N ASP H 1401 -16.61 8.35 -56.58
CA ASP H 1401 -15.99 9.63 -56.89
C ASP H 1401 -14.47 9.56 -56.84
N LYS H 1402 -13.91 8.86 -55.86
CA LYS H 1402 -12.46 8.84 -55.62
C LYS H 1402 -11.98 7.40 -55.54
N PRO H 1403 -11.49 6.84 -56.65
CA PRO H 1403 -10.90 5.50 -56.60
C PRO H 1403 -9.61 5.49 -55.78
N LEU H 1404 -9.28 4.31 -55.25
CA LEU H 1404 -8.04 4.18 -54.47
C LEU H 1404 -6.81 4.35 -55.34
N THR H 1405 -6.90 4.07 -56.63
CA THR H 1405 -5.74 4.21 -57.50
C THR H 1405 -5.31 5.65 -57.68
N GLN H 1406 -6.12 6.63 -57.27
CA GLN H 1406 -5.86 8.03 -57.56
C GLN H 1406 -5.49 8.84 -56.31
N LEU H 1407 -5.05 8.18 -55.24
CA LEU H 1407 -4.56 8.93 -54.09
C LEU H 1407 -3.35 9.78 -54.41
N LEU H 1408 -2.61 9.46 -55.48
CA LEU H 1408 -1.54 10.34 -55.91
C LEU H 1408 -2.06 11.66 -56.46
N ASN H 1409 -3.36 11.77 -56.72
CA ASN H 1409 -4.01 12.97 -57.22
C ASN H 1409 -4.70 13.74 -56.10
N LEU H 1410 -4.06 13.78 -54.92
CA LEU H 1410 -4.60 14.46 -53.76
C LEU H 1410 -5.09 15.87 -54.09
N GLU H 1411 -6.29 16.19 -53.62
CA GLU H 1411 -6.87 17.51 -53.81
C GLU H 1411 -6.82 18.29 -52.51
N LEU H 1412 -6.15 19.43 -52.54
CA LEU H 1412 -6.11 20.34 -51.38
C LEU H 1412 -7.39 21.20 -51.40
N GLY H 1413 -8.52 20.52 -51.43
CA GLY H 1413 -9.80 21.15 -51.56
C GLY H 1413 -10.33 21.66 -50.23
N GLY H 1414 -11.63 21.91 -50.22
CA GLY H 1414 -12.29 22.46 -49.06
C GLY H 1414 -12.35 23.98 -49.10
N LYS H 1415 -13.04 24.54 -48.12
CA LYS H 1415 -13.17 26.00 -48.00
C LYS H 1415 -11.87 26.65 -47.59
N LYS H 1416 -10.85 25.88 -47.20
CA LYS H 1416 -9.64 26.45 -46.64
C LYS H 1416 -8.73 27.08 -47.70
N MET H 1417 -9.06 26.93 -48.98
CA MET H 1417 -8.25 27.48 -50.06
C MET H 1417 -9.09 28.43 -50.90
N ARG H 1418 -8.46 29.51 -51.37
CA ARG H 1418 -9.12 30.52 -52.19
C ARG H 1418 -8.29 30.66 -53.47
N ALA H 1419 -8.79 30.07 -54.55
CA ALA H 1419 -8.05 30.01 -55.81
C ALA H 1419 -8.15 31.29 -56.63
N ASN H 1420 -9.02 32.23 -56.24
CA ASN H 1420 -9.24 33.45 -57.02
C ASN H 1420 -8.34 34.61 -56.60
N VAL H 1421 -7.52 34.43 -55.57
CA VAL H 1421 -6.72 35.53 -55.04
C VAL H 1421 -5.55 35.80 -55.97
N ASN H 1422 -5.36 37.08 -56.33
CA ASN H 1422 -4.24 37.48 -57.16
C ASN H 1422 -2.92 37.31 -56.40
N THR H 1423 -1.87 37.04 -57.16
CA THR H 1423 -0.59 36.65 -56.56
C THR H 1423 0.11 37.82 -55.87
N THR H 1424 -0.31 39.06 -56.15
CA THR H 1424 0.32 40.20 -55.51
C THR H 1424 0.11 40.19 -54.00
N GLU H 1425 -1.10 39.83 -53.56
CA GLU H 1425 -1.37 39.75 -52.13
C GLU H 1425 -0.50 38.69 -51.46
N ILE H 1426 -0.29 37.55 -52.14
CA ILE H 1426 0.60 36.53 -51.59
C ILE H 1426 2.03 37.05 -51.54
N ASP H 1427 2.51 37.64 -52.63
CA ASP H 1427 3.88 38.15 -52.67
C ASP H 1427 4.10 39.23 -51.62
N GLY H 1428 3.05 39.91 -51.19
CA GLY H 1428 3.18 40.81 -50.05
C GLY H 1428 3.64 40.09 -48.80
N PHE H 1429 3.03 38.94 -48.49
CA PHE H 1429 3.41 38.18 -47.32
C PHE H 1429 4.78 37.52 -47.46
N LEU H 1430 5.14 37.09 -48.66
CA LEU H 1430 6.40 36.39 -48.89
C LEU H 1430 7.50 37.41 -49.15
N ILE H 1431 8.38 37.59 -48.18
CA ILE H 1431 9.52 38.48 -48.32
C ILE H 1431 10.77 37.63 -48.47
N ASN H 1432 11.72 38.12 -49.28
CA ASN H 1432 12.92 37.38 -49.64
C ASN H 1432 12.55 36.01 -50.24
N HIS H 1433 11.63 36.04 -51.19
CA HIS H 1433 11.12 34.81 -51.81
C HIS H 1433 12.23 34.04 -52.49
N TYR H 1434 13.07 34.74 -53.25
CA TYR H 1434 14.15 34.08 -53.99
C TYR H 1434 15.13 33.39 -53.07
N TYR H 1435 15.45 34.02 -51.93
CA TYR H 1435 16.36 33.40 -50.97
C TYR H 1435 15.81 32.08 -50.46
N LEU H 1436 14.53 32.08 -50.08
CA LEU H 1436 13.91 30.85 -49.58
C LEU H 1436 13.88 29.77 -50.65
N GLU H 1437 13.53 30.14 -51.89
CA GLU H 1437 13.46 29.15 -52.96
C GLU H 1437 14.84 28.56 -53.25
N LYS H 1438 15.88 29.41 -53.26
CA LYS H 1438 17.22 28.93 -53.53
C LYS H 1438 17.72 28.02 -52.42
N ASN H 1439 17.50 28.41 -51.16
CA ASN H 1439 17.95 27.56 -50.06
C ASN H 1439 17.20 26.23 -50.03
N LEU H 1440 15.89 26.26 -50.30
CA LEU H 1440 15.13 25.02 -50.33
C LEU H 1440 15.50 24.15 -51.53
N GLY H 1441 15.80 24.78 -52.66
CA GLY H 1441 16.15 24.04 -53.87
C GLY H 1441 15.02 23.84 -54.85
N TYR H 1442 13.87 24.48 -54.65
CA TYR H 1442 12.73 24.33 -55.52
C TYR H 1442 12.19 25.70 -55.91
N THR H 1443 11.75 25.82 -57.16
CA THR H 1443 11.16 27.05 -57.68
C THR H 1443 9.67 26.80 -57.90
N PHE H 1444 8.84 27.51 -57.15
CA PHE H 1444 7.41 27.26 -57.17
C PHE H 1444 6.74 27.87 -58.39
N LYS H 1445 5.68 27.21 -58.85
CA LYS H 1445 4.82 27.78 -59.88
C LYS H 1445 3.59 28.45 -59.29
N ASP H 1446 3.00 27.86 -58.26
CA ASP H 1446 1.92 28.46 -57.51
C ASP H 1446 2.41 28.71 -56.08
N ARG H 1447 2.33 29.97 -55.65
CA ARG H 1447 2.95 30.37 -54.39
C ARG H 1447 2.02 30.24 -53.19
N ARG H 1448 0.73 29.95 -53.40
CA ARG H 1448 -0.16 29.80 -52.25
C ARG H 1448 0.16 28.56 -51.44
N TYR H 1449 0.71 27.52 -52.09
CA TYR H 1449 1.18 26.36 -51.35
C TYR H 1449 2.30 26.74 -50.39
N LEU H 1450 3.25 27.55 -50.86
CA LEU H 1450 4.33 28.02 -50.00
C LEU H 1450 3.80 28.85 -48.84
N LEU H 1451 2.85 29.75 -49.12
CA LEU H 1451 2.26 30.56 -48.08
C LEU H 1451 1.59 29.69 -47.02
N GLN H 1452 0.81 28.69 -47.45
CA GLN H 1452 0.18 27.79 -46.49
C GLN H 1452 1.23 27.02 -45.71
N ALA H 1453 2.36 26.68 -46.35
CA ALA H 1453 3.40 25.94 -45.67
C ALA H 1453 4.06 26.76 -44.57
N LEU H 1454 4.21 28.06 -44.79
CA LEU H 1454 4.91 28.92 -43.84
C LEU H 1454 4.03 29.53 -42.76
N THR H 1455 2.71 29.30 -42.82
CA THR H 1455 1.78 30.02 -41.95
C THR H 1455 1.54 29.23 -40.67
N HIS H 1456 2.11 29.72 -39.57
CA HIS H 1456 1.81 29.16 -38.25
C HIS H 1456 0.37 29.51 -37.85
N PRO H 1457 -0.29 28.66 -37.06
CA PRO H 1457 -1.66 28.97 -36.65
C PRO H 1457 -1.82 30.24 -35.83
N SER H 1458 -0.76 30.73 -35.21
CA SER H 1458 -0.88 31.94 -34.40
C SER H 1458 -0.74 33.22 -35.22
N TYR H 1459 -0.51 33.12 -36.52
CA TYR H 1459 -0.41 34.30 -37.37
C TYR H 1459 -1.80 34.79 -37.75
N PRO H 1460 -2.18 36.01 -37.40
CA PRO H 1460 -3.56 36.45 -37.61
C PRO H 1460 -3.86 37.07 -38.97
N THR H 1461 -2.84 37.56 -39.66
CA THR H 1461 -3.06 38.44 -40.81
C THR H 1461 -3.21 37.71 -42.12
N ASN H 1462 -3.18 36.38 -42.13
CA ASN H 1462 -3.35 35.59 -43.34
C ASN H 1462 -4.78 35.07 -43.38
N ARG H 1463 -5.61 35.65 -44.24
CA ARG H 1463 -7.02 35.28 -44.33
C ARG H 1463 -7.37 34.68 -45.69
N ILE H 1464 -6.37 34.23 -46.44
CA ILE H 1464 -6.62 33.60 -47.73
C ILE H 1464 -6.24 32.13 -47.75
N THR H 1465 -5.37 31.67 -46.86
CA THR H 1465 -4.97 30.28 -46.78
C THR H 1465 -4.95 29.86 -45.31
N GLY H 1466 -5.12 28.56 -45.08
CA GLY H 1466 -5.11 28.03 -43.74
C GLY H 1466 -3.70 27.92 -43.18
N SER H 1467 -3.63 27.40 -41.96
CA SER H 1467 -2.35 27.17 -41.31
C SER H 1467 -1.65 25.98 -41.97
N TYR H 1468 -0.42 25.70 -41.52
CA TYR H 1468 0.35 24.64 -42.16
C TYR H 1468 0.05 23.25 -41.61
N GLN H 1469 -0.88 23.13 -40.67
CA GLN H 1469 -1.17 21.81 -40.09
C GLN H 1469 -1.66 20.85 -41.17
N GLU H 1470 -2.54 21.33 -42.04
CA GLU H 1470 -3.09 20.49 -43.10
C GLU H 1470 -1.99 19.99 -44.02
N LEU H 1471 -1.02 20.86 -44.35
CA LEU H 1471 0.06 20.44 -45.23
C LEU H 1471 1.02 19.50 -44.53
N GLU H 1472 1.43 19.83 -43.29
CA GLU H 1472 2.41 19.00 -42.61
C GLU H 1472 1.85 17.61 -42.31
N PHE H 1473 0.53 17.48 -42.20
CA PHE H 1473 -0.07 16.15 -42.08
C PHE H 1473 0.32 15.27 -43.25
N ILE H 1474 0.18 15.77 -44.48
CA ILE H 1474 0.55 15.01 -45.67
C ILE H 1474 2.07 14.87 -45.79
N GLY H 1475 2.78 15.95 -45.49
CA GLY H 1475 4.23 15.95 -45.68
C GLY H 1475 4.95 14.97 -44.77
N ASN H 1476 4.46 14.81 -43.54
CA ASN H 1476 5.06 13.84 -42.63
C ASN H 1476 5.05 12.45 -43.24
N ALA H 1477 3.89 12.02 -43.74
CA ALA H 1477 3.77 10.70 -44.32
C ALA H 1477 4.60 10.56 -45.59
N ILE H 1478 4.61 11.61 -46.43
CA ILE H 1478 5.37 11.53 -47.68
C ILE H 1478 6.86 11.37 -47.40
N LEU H 1479 7.38 12.21 -46.50
CA LEU H 1479 8.79 12.13 -46.16
C LEU H 1479 9.13 10.79 -45.50
N ASP H 1480 8.25 10.30 -44.62
CA ASP H 1480 8.48 9.02 -43.99
C ASP H 1480 8.57 7.90 -45.01
N PHE H 1481 7.63 7.86 -45.95
CA PHE H 1481 7.66 6.81 -46.97
C PHE H 1481 8.90 6.91 -47.83
N LEU H 1482 9.28 8.11 -48.25
CA LEU H 1482 10.44 8.24 -49.13
C LEU H 1482 11.73 7.84 -48.40
N ILE H 1483 11.87 8.23 -47.14
CA ILE H 1483 13.05 7.83 -46.38
C ILE H 1483 13.09 6.31 -46.23
N SER H 1484 11.94 5.70 -45.91
CA SER H 1484 11.90 4.25 -45.76
C SER H 1484 12.24 3.55 -47.06
N ALA H 1485 11.73 4.06 -48.19
CA ALA H 1485 12.04 3.45 -49.48
C ALA H 1485 13.53 3.53 -49.77
N TYR H 1486 14.15 4.68 -49.50
CA TYR H 1486 15.57 4.81 -49.79
C TYR H 1486 16.40 3.88 -48.92
N ILE H 1487 16.10 3.82 -47.62
CA ILE H 1487 16.89 2.97 -46.73
C ILE H 1487 16.63 1.50 -47.02
N PHE H 1488 15.42 1.16 -47.47
CA PHE H 1488 15.11 -0.22 -47.81
C PHE H 1488 15.83 -0.64 -49.09
N GLU H 1489 15.94 0.29 -50.05
CA GLU H 1489 16.59 -0.05 -51.31
C GLU H 1489 18.10 -0.12 -51.16
N ASN H 1490 18.70 0.82 -50.42
CA ASN H 1490 20.15 0.91 -50.42
C ASN H 1490 20.80 0.21 -49.23
N ASN H 1491 20.26 0.39 -48.03
CA ASN H 1491 20.87 -0.18 -46.82
C ASN H 1491 20.36 -1.61 -46.63
N THR H 1492 20.85 -2.50 -47.49
CA THR H 1492 20.51 -3.91 -47.39
C THR H 1492 21.45 -4.70 -46.49
N LYS H 1493 22.54 -4.08 -46.02
CA LYS H 1493 23.51 -4.79 -45.20
C LYS H 1493 23.04 -4.89 -43.74
N MET H 1494 22.32 -3.89 -43.26
CA MET H 1494 21.94 -3.82 -41.87
C MET H 1494 20.65 -4.58 -41.60
N ASN H 1495 20.60 -5.23 -40.44
CA ASN H 1495 19.45 -6.04 -40.08
C ASN H 1495 18.24 -5.15 -39.79
N PRO H 1496 17.03 -5.71 -39.86
CA PRO H 1496 15.83 -4.87 -39.71
C PRO H 1496 15.77 -4.10 -38.40
N GLY H 1497 16.33 -4.63 -37.32
CA GLY H 1497 16.35 -3.88 -36.08
C GLY H 1497 17.13 -2.58 -36.20
N ALA H 1498 18.21 -2.60 -36.97
CA ALA H 1498 18.97 -1.39 -37.25
C ALA H 1498 18.33 -0.52 -38.31
N LEU H 1499 17.66 -1.15 -39.28
CA LEU H 1499 16.95 -0.39 -40.31
C LEU H 1499 15.85 0.47 -39.70
N THR H 1500 15.08 -0.10 -38.76
CA THR H 1500 14.01 0.68 -38.15
C THR H 1500 14.55 1.76 -37.24
N ASP H 1501 15.70 1.53 -36.59
CA ASP H 1501 16.32 2.60 -35.81
C ASP H 1501 16.77 3.75 -36.71
N LEU H 1502 17.36 3.42 -37.86
CA LEU H 1502 17.75 4.46 -38.80
C LEU H 1502 16.54 5.23 -39.30
N ARG H 1503 15.45 4.52 -39.60
CA ARG H 1503 14.23 5.18 -40.05
C ARG H 1503 13.68 6.11 -38.97
N SER H 1504 13.63 5.65 -37.73
CA SER H 1504 13.09 6.47 -36.65
C SER H 1504 13.98 7.66 -36.35
N ALA H 1505 15.29 7.53 -36.58
CA ALA H 1505 16.18 8.67 -36.37
C ALA H 1505 16.09 9.67 -37.51
N LEU H 1506 15.83 9.22 -38.74
CA LEU H 1506 15.78 10.14 -39.87
C LEU H 1506 14.50 10.96 -39.91
N VAL H 1507 13.41 10.46 -39.32
CA VAL H 1507 12.15 11.17 -39.26
C VAL H 1507 11.89 11.78 -37.89
N ASN H 1508 12.91 11.86 -37.05
CA ASN H 1508 12.77 12.47 -35.74
C ASN H 1508 12.48 13.96 -35.90
N ASN H 1509 11.77 14.52 -34.91
CA ASN H 1509 11.48 15.95 -34.96
C ASN H 1509 12.73 16.78 -34.75
N THR H 1510 13.64 16.31 -33.89
CA THR H 1510 14.88 17.04 -33.67
C THR H 1510 15.73 17.10 -34.92
N THR H 1511 15.78 16.01 -35.68
CA THR H 1511 16.52 16.01 -36.93
C THR H 1511 15.94 17.01 -37.92
N LEU H 1512 14.60 17.05 -38.00
CA LEU H 1512 13.95 17.99 -38.89
C LEU H 1512 14.20 19.43 -38.46
N ALA H 1513 14.19 19.69 -37.15
CA ALA H 1513 14.49 21.03 -36.65
C ALA H 1513 15.91 21.44 -37.01
N CYS H 1514 16.87 20.53 -36.84
CA CYS H 1514 18.25 20.82 -37.18
C CYS H 1514 18.41 21.10 -38.66
N ILE H 1515 17.71 20.32 -39.50
CA ILE H 1515 17.76 20.56 -40.95
C ILE H 1515 17.12 21.89 -41.31
N CYS H 1516 16.00 22.22 -40.67
CA CYS H 1516 15.32 23.48 -40.95
C CYS H 1516 16.19 24.67 -40.59
N VAL H 1517 16.87 24.60 -39.44
CA VAL H 1517 17.78 25.67 -39.05
C VAL H 1517 18.96 25.73 -40.02
N ARG H 1518 19.54 24.57 -40.35
CA ARG H 1518 20.74 24.54 -41.19
C ARG H 1518 20.49 25.18 -42.56
N HIS H 1519 19.27 25.09 -43.06
CA HIS H 1519 18.94 25.64 -44.37
C HIS H 1519 18.25 26.99 -44.28
N ARG H 1520 18.21 27.59 -43.09
CA ARG H 1520 17.70 28.95 -42.91
C ARG H 1520 16.27 29.10 -43.40
N LEU H 1521 15.44 28.10 -43.10
CA LEU H 1521 14.02 28.19 -43.39
C LEU H 1521 13.23 28.81 -42.25
N HIS H 1522 13.82 28.94 -41.06
CA HIS H 1522 13.11 29.53 -39.93
C HIS H 1522 12.93 31.03 -40.06
N PHE H 1523 13.64 31.66 -40.99
CA PHE H 1523 13.48 33.10 -41.19
C PHE H 1523 12.10 33.44 -41.72
N PHE H 1524 11.49 32.54 -42.48
CA PHE H 1524 10.27 32.83 -43.21
C PHE H 1524 9.02 32.30 -42.51
N ILE H 1525 9.13 31.85 -41.26
CA ILE H 1525 7.95 31.39 -40.55
C ILE H 1525 7.07 32.59 -40.19
N LEU H 1526 5.79 32.49 -40.50
CA LEU H 1526 4.83 33.55 -40.22
C LEU H 1526 4.14 33.21 -38.90
N ALA H 1527 4.58 33.84 -37.82
CA ALA H 1527 4.01 33.59 -36.51
C ALA H 1527 4.08 34.87 -35.68
N GLU H 1528 3.24 34.94 -34.65
CA GLU H 1528 3.19 36.14 -33.82
C GLU H 1528 3.19 35.82 -32.32
N ASN H 1529 3.62 34.64 -31.91
CA ASN H 1529 3.74 34.33 -30.49
C ASN H 1529 5.12 34.72 -29.98
N ALA H 1530 5.17 35.23 -28.74
CA ALA H 1530 6.45 35.65 -28.16
C ALA H 1530 7.28 34.46 -27.70
N LYS H 1531 6.65 33.52 -27.00
CA LYS H 1531 7.40 32.38 -26.46
C LYS H 1531 7.92 31.49 -27.57
N LEU H 1532 7.12 31.29 -28.62
CA LEU H 1532 7.57 30.51 -29.77
C LEU H 1532 8.80 31.14 -30.40
N SER H 1533 8.77 32.46 -30.61
CA SER H 1533 9.91 33.14 -31.19
C SER H 1533 11.13 33.07 -30.29
N GLU H 1534 10.93 33.17 -28.97
CA GLU H 1534 12.06 33.08 -28.05
C GLU H 1534 12.70 31.70 -28.11
N ILE H 1535 11.88 30.65 -28.13
CA ILE H 1535 12.42 29.29 -28.23
C ILE H 1535 13.15 29.11 -29.55
N ILE H 1536 12.57 29.62 -30.65
CA ILE H 1536 13.21 29.49 -31.96
C ILE H 1536 14.57 30.17 -31.97
N SER H 1537 14.63 31.40 -31.44
CA SER H 1537 15.90 32.14 -31.43
C SER H 1537 16.93 31.45 -30.54
N LYS H 1538 16.51 30.97 -29.37
CA LYS H 1538 17.45 30.28 -28.50
C LYS H 1538 17.97 29.01 -29.16
N PHE H 1539 17.09 28.26 -29.83
CA PHE H 1539 17.52 27.04 -30.49
C PHE H 1539 18.48 27.32 -31.65
N VAL H 1540 18.19 28.34 -32.47
CA VAL H 1540 19.09 28.61 -33.58
C VAL H 1540 20.44 29.11 -33.08
N ASN H 1541 20.43 29.87 -31.98
CA ASN H 1541 21.69 30.28 -31.36
C ASN H 1541 22.48 29.08 -30.87
N PHE H 1542 21.80 28.11 -30.25
CA PHE H 1542 22.51 26.91 -29.81
C PHE H 1542 23.05 26.11 -30.99
N GLN H 1543 22.27 26.01 -32.07
CA GLN H 1543 22.71 25.24 -33.22
C GLN H 1543 23.92 25.88 -33.89
N GLU H 1544 23.96 27.22 -33.95
CA GLU H 1544 25.13 27.90 -34.51
C GLU H 1544 26.37 27.61 -33.70
N SER H 1545 26.22 27.29 -32.41
CA SER H 1545 27.37 26.88 -31.61
C SER H 1545 27.96 25.57 -32.14
N GLN H 1546 27.11 24.65 -32.56
CA GLN H 1546 27.55 23.35 -33.05
C GLN H 1546 27.82 23.35 -34.56
N GLY H 1547 27.68 24.48 -35.22
CA GLY H 1547 27.83 24.52 -36.67
C GLY H 1547 26.78 23.74 -37.41
N HIS H 1548 25.53 23.79 -36.94
CA HIS H 1548 24.40 23.10 -37.56
C HIS H 1548 24.64 21.59 -37.67
N ARG H 1549 25.46 21.03 -36.79
CA ARG H 1549 25.68 19.60 -36.73
C ARG H 1549 24.67 18.99 -35.76
N VAL H 1550 24.10 17.86 -36.12
CA VAL H 1550 23.17 17.17 -35.24
C VAL H 1550 23.94 16.63 -34.05
N THR H 1551 23.77 17.25 -32.88
CA THR H 1551 24.47 16.84 -31.68
C THR H 1551 23.74 15.62 -31.12
N ASN H 1552 24.04 15.22 -29.88
CA ASN H 1552 23.43 14.01 -29.35
C ASN H 1552 21.94 14.23 -29.12
N TYR H 1553 21.14 13.90 -30.15
CA TYR H 1553 19.69 14.11 -30.15
C TYR H 1553 19.32 15.55 -29.81
N VAL H 1554 20.09 16.51 -30.30
CA VAL H 1554 19.83 17.92 -30.06
C VAL H 1554 20.66 18.78 -31.00
N ASN H 1605 19.71 20.02 -23.97
CA ASN H 1605 19.38 20.74 -22.75
C ASN H 1605 18.60 22.02 -23.06
N VAL H 1606 18.25 22.19 -24.34
CA VAL H 1606 17.44 23.33 -24.79
C VAL H 1606 16.17 22.79 -25.41
N ASP H 1607 15.06 23.46 -25.15
CA ASP H 1607 13.79 23.07 -25.75
C ASP H 1607 13.87 23.24 -27.27
N VAL H 1608 13.42 22.21 -27.98
CA VAL H 1608 13.41 22.20 -29.44
C VAL H 1608 11.99 22.49 -29.90
N PRO H 1609 11.76 23.52 -30.73
CA PRO H 1609 10.41 23.86 -31.16
C PRO H 1609 9.91 22.86 -32.20
N LYS H 1610 8.77 22.23 -31.92
CA LYS H 1610 8.17 21.32 -32.87
C LYS H 1610 7.73 22.04 -34.15
N ALA H 1611 7.50 23.35 -34.07
CA ALA H 1611 7.01 24.09 -35.22
C ALA H 1611 8.02 24.08 -36.36
N LEU H 1612 9.31 23.99 -36.05
CA LEU H 1612 10.33 23.95 -37.10
C LEU H 1612 10.23 22.66 -37.92
N GLY H 1613 10.17 21.51 -37.24
CA GLY H 1613 9.95 20.28 -37.95
C GLY H 1613 8.63 20.27 -38.70
N ASP H 1614 7.58 20.83 -38.09
CA ASP H 1614 6.29 20.85 -38.76
C ASP H 1614 6.33 21.70 -40.03
N VAL H 1615 7.00 22.85 -39.99
CA VAL H 1615 7.06 23.68 -41.18
C VAL H 1615 7.94 23.05 -42.24
N LEU H 1616 8.98 22.30 -41.85
CA LEU H 1616 9.75 21.58 -42.85
C LEU H 1616 8.91 20.49 -43.53
N GLU H 1617 8.14 19.74 -42.75
CA GLU H 1617 7.26 18.73 -43.34
C GLU H 1617 6.22 19.37 -44.26
N ALA H 1618 5.63 20.48 -43.83
CA ALA H 1618 4.67 21.18 -44.67
C ALA H 1618 5.32 21.71 -45.94
N LEU H 1619 6.57 22.14 -45.85
CA LEU H 1619 7.28 22.60 -47.03
C LEU H 1619 7.47 21.46 -48.03
N ILE H 1620 7.84 20.27 -47.53
CA ILE H 1620 7.95 19.11 -48.42
C ILE H 1620 6.60 18.81 -49.07
N ALA H 1621 5.53 18.85 -48.29
CA ALA H 1621 4.21 18.58 -48.83
C ALA H 1621 3.83 19.59 -49.91
N ALA H 1622 4.11 20.87 -49.67
CA ALA H 1622 3.81 21.91 -50.65
C ALA H 1622 4.63 21.72 -51.92
N VAL H 1623 5.90 21.32 -51.76
CA VAL H 1623 6.71 21.03 -52.94
C VAL H 1623 6.09 19.90 -53.75
N TYR H 1624 5.63 18.84 -53.07
CA TYR H 1624 5.00 17.75 -53.81
C TYR H 1624 3.74 18.22 -54.52
N LEU H 1625 2.82 18.86 -53.78
CA LEU H 1625 1.54 19.26 -54.36
C LEU H 1625 1.71 20.23 -55.52
N ASP H 1626 2.78 21.01 -55.54
CA ASP H 1626 2.98 21.96 -56.63
C ASP H 1626 3.35 21.25 -57.92
N CYS H 1627 4.23 20.26 -57.85
CA CYS H 1627 4.73 19.60 -59.05
C CYS H 1627 4.03 18.29 -59.37
N ARG H 1628 3.40 17.66 -58.37
CA ARG H 1628 2.72 16.37 -58.56
C ARG H 1628 3.70 15.32 -59.10
N ASP H 1629 4.90 15.30 -58.56
CA ASP H 1629 5.94 14.36 -58.97
C ASP H 1629 6.71 13.95 -57.73
N LEU H 1630 6.61 12.67 -57.36
CA LEU H 1630 7.34 12.20 -56.19
C LEU H 1630 8.83 12.11 -56.45
N GLN H 1631 9.25 12.04 -57.72
CA GLN H 1631 10.68 11.98 -58.03
C GLN H 1631 11.34 13.32 -57.75
N ARG H 1632 10.73 14.42 -58.18
CA ARG H 1632 11.25 15.74 -57.87
C ARG H 1632 11.24 16.00 -56.38
N THR H 1633 10.16 15.59 -55.70
CA THR H 1633 10.09 15.72 -54.25
C THR H 1633 11.22 14.95 -53.58
N TRP H 1634 11.50 13.74 -54.07
CA TRP H 1634 12.61 12.97 -53.52
C TRP H 1634 13.94 13.67 -53.76
N GLU H 1635 14.10 14.29 -54.94
CA GLU H 1635 15.32 15.04 -55.20
C GLU H 1635 15.50 16.14 -54.16
N VAL H 1636 14.43 16.88 -53.88
CA VAL H 1636 14.49 17.94 -52.88
C VAL H 1636 14.85 17.37 -51.51
N ILE H 1637 14.17 16.28 -51.12
CA ILE H 1637 14.38 15.70 -49.79
C ILE H 1637 15.81 15.18 -49.65
N PHE H 1638 16.33 14.52 -50.68
CA PHE H 1638 17.69 14.01 -50.63
C PHE H 1638 18.69 15.15 -50.53
N ASN H 1639 18.48 16.22 -51.31
CA ASN H 1639 19.41 17.34 -51.23
C ASN H 1639 19.42 17.95 -49.84
N LEU H 1640 18.25 18.03 -49.20
CA LEU H 1640 18.20 18.54 -47.83
C LEU H 1640 18.88 17.59 -46.84
N PHE H 1641 18.63 16.29 -46.97
CA PHE H 1641 19.00 15.32 -45.94
C PHE H 1641 20.36 14.67 -46.17
N GLU H 1642 21.07 14.99 -47.25
CA GLU H 1642 22.27 14.25 -47.62
C GLU H 1642 23.30 14.12 -46.51
N PRO H 1643 23.66 15.17 -45.77
CA PRO H 1643 24.62 14.96 -44.67
C PRO H 1643 24.11 13.98 -43.63
N GLU H 1644 22.83 14.09 -43.27
CA GLU H 1644 22.28 13.21 -42.23
C GLU H 1644 22.09 11.80 -42.75
N LEU H 1645 21.68 11.65 -44.01
CA LEU H 1645 21.58 10.31 -44.59
C LEU H 1645 22.94 9.64 -44.62
N GLN H 1646 23.99 10.36 -45.05
CA GLN H 1646 25.31 9.74 -45.12
C GLN H 1646 25.87 9.45 -43.73
N GLU H 1647 25.63 10.34 -42.77
CA GLU H 1647 26.17 10.13 -41.43
C GLU H 1647 25.46 8.98 -40.71
N PHE H 1648 24.12 8.97 -40.76
CA PHE H 1648 23.38 7.98 -39.99
C PHE H 1648 23.46 6.59 -40.63
N THR H 1649 23.90 6.51 -41.88
CA THR H 1649 24.18 5.21 -42.47
C THR H 1649 25.55 4.67 -42.08
N ARG H 1650 26.37 5.50 -41.44
CA ARG H 1650 27.66 5.05 -40.91
C ARG H 1650 27.55 4.64 -39.44
N LYS H 1651 26.79 5.40 -38.65
CA LYS H 1651 26.49 5.05 -37.27
C LYS H 1651 25.00 5.19 -37.05
N VAL H 1652 24.43 4.32 -36.23
CA VAL H 1652 22.99 4.28 -35.99
C VAL H 1652 22.71 4.93 -34.64
N PRO H 1653 22.02 6.07 -34.59
CA PRO H 1653 21.74 6.72 -33.30
C PRO H 1653 20.84 5.84 -32.44
N ILE H 1654 21.39 5.34 -31.34
CA ILE H 1654 20.70 4.39 -30.48
C ILE H 1654 20.63 4.96 -29.07
N ASN H 1655 19.42 5.01 -28.51
CA ASN H 1655 19.22 5.55 -27.17
C ASN H 1655 18.19 4.71 -26.43
#